data_9QC8
#
_entry.id   9QC8
#
_cell.length_a   1.00
_cell.length_b   1.00
_cell.length_c   1.00
_cell.angle_alpha   90.00
_cell.angle_beta   90.00
_cell.angle_gamma   90.00
#
_symmetry.space_group_name_H-M   'P 1'
#
loop_
_entity.id
_entity.type
_entity.pdbx_description
1 polymer 'Botulinum neurotoxin type B'
2 polymer 'Non-toxic non-hemagglutinin component'
3 polymer 'Hemagglutinin component HA70'
#
loop_
_entity_poly.entity_id
_entity_poly.type
_entity_poly.pdbx_seq_one_letter_code
_entity_poly.pdbx_strand_id
1 'polypeptide(L)'
;MGPVTINNFNYNDPIDNNNIIMMEPPFARGTGRYYKAFKITDRIWIIPERYTFGYKPEDFNKSSGIFNRDVCEYYDPDYL
NTNDKKNIFLQTMIKLFNRIKSKPLGEKLLEMIINGIPYLGDRRVPLEEFNTNIASVTVNKLISNPGEVERKKGIFANLI
IFGPGPVLNENETIDIGIQNHFASREGFGGIMQMKFCPEYVSVFNNVQENKGASIFNRRGYFSDPALILMHQLIYVLHGL
YGIKVDDLPIVPNEKKFFMQSTDAIQAEELYTFGGQDPSIITPSTDKSIYDKVLQNFRGIVDRLNKVLVCISDPNININI
YKNKFKDKYKFVEDSEGKYSIDVESFDKLYKSLMFGFTETNIAENYKIKTRASYFSDSLPPVKIKNLLDNEIYTIEEGFN
ISDKDMEKEYRGQNKAINKQAYEEISKEHLAVYKIQMCKSVKAPGICIDVDNEDLFFIADKNSFSDDLSKNERIEYNTQS
NYIENDFPINELILDTDLISKIELPSENTESLTDFNVDVPVYEKQPAIKKIFTDENTIFQYLYSQTFPLDIRDISLTSSF
DDALLFSNKVYSFFSMDYIKTANKVVEAGLFAGWVKQIVNDFVIEANKSNTMDKIADISLIVPYIGLALNVGNETAKGNF
ENAFEIAGASILLEFIPELLIPVVGAFLLESYIDNKNKIIKTIDNALTKRNEKWSDMYGLIVAQWLSTVNTQFYTIKEGM
YKALNYQAQALEEIIKYRYNIYSEKEKSNINIDFNDINSKLNEGINQAIDNINNFINGCSVSYLMKKMIPLAVEKLLDFD
NTLKKNLLNYIDENKLYLIGSAEYEKSKVNKYLKTIMPFDLSIYTNDTILIEMFNKYNSEILNNIILNLRYKDNNLIDLS
GYGAKVEVYDGVELNDKNQFKLTSSANSKIRVTQNQNIIFNSVFLDFSVSFWIRIPKYKNDGIQNYIHNEYTIINCMKNN
SGWKISIRGNRIIWTLIDINGKTKSVFFEYNIREDISEYINRWFFVTITNNLNNAKIYINGKLESNTDIKDIREVIANGE
IIFKLDGDIDRTQFIWMKYFSIFNTELSQSNIEERYKIQSYSEYLKDFWGNPLMYNKEYYMFNAGNKNSYIKLKKDSPVG
EILTRSKYNQNSKYINYRDLYIGEKFIIRRKSNSQSINDDIVRKEDYIYLDFFNLNQEWRVYTYKYFKKEEEKLFLAPIS
DSDEFYNTIQIKEYDEQPTYSCQLLFKKDEESTDEIGLIGIHRFYESGIVFEEYKDYFCISKWYLKEVKRKPYNLKLGCN
WQFIPKDEGWTEHHHHHHHHHH
;
A
2 'polypeptide(L)'
;MNINDNLSINSPVDNKNVVVVRARKTDTVFKAFKVAPNIWVAPERYYGESLSIDEEYKVDGGIYDSNFLSQDSEKDKFLQ
AIITLLKRINSTNAGEKLLSLISTAIPFPYGYIGGGYYAPNMITFGSAPKSNKKLNSLISSTIPFPYAGYRETNYLSSED
NKSFYASNIVIFGPGANIVENNTVFYKKEDAENGMGTMTEIWFQPFLTYKYDEFYIDPAIELIKCLIKSLYFLYGIKPSD
DLVIPYRLRSELENIEYSQLNIVDLLVSGGIDPKFINTDPYWFTDNYFSNAKKVFEDHRNIYETQIEGNNAIGNDIKLRL
KQKFRININDIWELNLNYFSKEFSIMMPDRFNNALKHFYRKQYYKIDYPENYSINGFVNGQINVQLSLSDRNQDIINKPE
EIINLLNGNNVSLMRSNIYGDGLKSTVDDFYSNYKIPYNRAYEYHFNNSNDSSLDNVNIGVIDNIPEIIDVNPYKENCDK
FSPVQKITSTREINTNIPWPINYLQAQNTNNEKFSLSSDFVEVVSSKDKSLVYSFLSNVMFYLDSIKDNSPIDTDKKYYL
WLREIFRNYSFDITATQEINTDCGINKVVTWFGKALNILNTSDSFVEEFQNLGPISLINKKENLSMPIIEIYGIPNDMLG
LPLNDLNEKLFNIYLKNILYFKKVYFNFLDQWWTEYYSQYFDLICMAKQSILAQEKLIKQIIQNKLQDLFKADISMDKLN
LMNLATEKTFIDLSNESQIAINNINDFLNKSAICVFDTNIYPKFISFMEQCINSVNSNVTAFIQKCTNITEDEKLQLIKL
NTFMNIDFEFFDIQSIKDLITSETDLIKEEKESDYNLFLFTLQEDNNKVIEDISGKNTLVKYSDSISLVYGVNGDALYLK
EPDESVSFSNKAFENGLTNSFSICFWLRNLGEDIITSKLIENKADNCGWEIYFENNGLVFSIVDCNGNEENIYLSDVISK
NWYYISISIDRLRNQLLIFINDKLIANQSIEQILNIYSSNTISLVNENNPIYIEGLSILNRSITSEEVVNNYFSYLNNSY
IRDISGERLEYNKTYELYNYVFPENSLYEVTENNNIYLSIKDTNNLNIQGAKFKLINIDANKQYVQKWDEGVVCLLGDEE
KYVDISSENNRIQLVNSKDTAKRIIFNNDIFMPNCLTFAYNNKYLSLSLRDRNYNWMICNNNDNIPKAAHLWALKGI
;
B
3 'polypeptide(L)'
;MNSSIKKIYNHIQEKVINYSDTIDLADGNYVVSRGDGWILSRQNQILGGSVISNGSTGIVGDLRVNDNAIPYYYPTPSFN
EEYIKNNIQTVFANFTEANQIPIGFEFSKTAPSNKNLYMYLQYTYIRYEIIKVLQHEIIERAVLYVPSLGYVKSIEFNPG
EKINKDFYFLTNDKCILNEQFLYKKILETTKNIPTNNIFNSKVSSTQRVLPYSNGLYVINKGDGYIRTNDKDLIGTLLIE
AGSSGSIIQPRLRNTTRPLFTTSNDAKFSQQYTEERLKDAFNVQLFNTSTSLFKFVEEAPSNKNICIKAYNTYEKYELID
YQNGSIVNKAEYYLPSLGYCEVTNAPSPESEVVKTQVAEDGFIQNGPEEEIVVGVIDPSENIQEINTAISDNYTYNIPGI
VNNNPFYILFTVNTTGIYKINAQNNLPSLKIYEAIGSGNRNFQSGNLCDDDIKAINYITGFDSPNAKSYLVVLLNKDKNY
YIRVPQTSSNIENQIKFKREEGDLRNLMNSSVNIIDNLNSTGAHYYTRQSPDVHDYISYEFTIPGNFNNKDTSNIRLYTS
YNQGIGTLFRVTETIDGYNLINIQQNLNLLNSTKSIRLLNGAIYILKVEVTELNNYNIKLHIDITN
;
C,D,E
#
# COMPACT_ATOMS: atom_id res chain seq x y z
N PRO A 3 -25.22 -28.78 -70.66
CA PRO A 3 -26.38 -28.24 -71.36
C PRO A 3 -26.00 -27.30 -72.50
N VAL A 4 -24.91 -26.57 -72.32
CA VAL A 4 -24.41 -25.63 -73.31
C VAL A 4 -23.04 -26.10 -73.76
N THR A 5 -22.86 -26.26 -75.07
CA THR A 5 -21.64 -26.77 -75.65
C THR A 5 -21.06 -25.75 -76.62
N ILE A 6 -19.75 -25.54 -76.55
CA ILE A 6 -19.04 -24.64 -77.45
C ILE A 6 -18.39 -25.48 -78.52
N ASN A 7 -18.76 -25.24 -79.78
CA ASN A 7 -18.20 -25.99 -80.89
C ASN A 7 -16.84 -25.41 -81.30
N ASN A 8 -16.11 -26.18 -82.09
CA ASN A 8 -14.81 -25.78 -82.60
C ASN A 8 -14.78 -25.98 -84.11
N PHE A 9 -14.15 -25.04 -84.81
CA PHE A 9 -14.07 -25.08 -86.26
C PHE A 9 -13.11 -23.98 -86.71
N ASN A 10 -12.94 -23.84 -88.03
CA ASN A 10 -12.08 -22.83 -88.61
C ASN A 10 -12.80 -22.20 -89.79
N TYR A 11 -12.40 -20.98 -90.13
CA TYR A 11 -13.06 -20.23 -91.19
C TYR A 11 -12.97 -20.91 -92.54
N ASN A 12 -12.04 -21.84 -92.73
CA ASN A 12 -11.87 -22.52 -94.00
C ASN A 12 -12.54 -23.89 -94.04
N ASP A 13 -13.28 -24.26 -93.00
CA ASP A 13 -13.94 -25.55 -93.00
C ASP A 13 -14.99 -25.61 -94.11
N PRO A 14 -15.19 -26.75 -94.76
CA PRO A 14 -16.22 -26.83 -95.80
C PRO A 14 -17.61 -26.67 -95.22
N ILE A 15 -18.52 -26.17 -96.05
CA ILE A 15 -19.91 -25.97 -95.63
C ILE A 15 -20.57 -27.32 -95.45
N ASP A 16 -21.28 -27.49 -94.33
CA ASP A 16 -22.04 -28.70 -94.07
C ASP A 16 -23.53 -28.45 -93.95
N ASN A 17 -23.97 -27.20 -94.02
CA ASN A 17 -25.39 -26.84 -93.93
C ASN A 17 -26.01 -27.27 -92.62
N ASN A 18 -25.20 -27.55 -91.61
CA ASN A 18 -25.68 -27.89 -90.28
C ASN A 18 -25.04 -27.02 -89.21
N ASN A 19 -23.78 -26.65 -89.36
CA ASN A 19 -23.11 -25.71 -88.47
C ASN A 19 -22.45 -24.57 -89.22
N ILE A 20 -21.96 -24.82 -90.43
CA ILE A 20 -21.41 -23.79 -91.30
C ILE A 20 -22.38 -23.62 -92.46
N ILE A 21 -22.89 -22.41 -92.64
CA ILE A 21 -23.96 -22.14 -93.60
C ILE A 21 -23.66 -20.85 -94.35
N MET A 22 -24.41 -20.66 -95.46
CA MET A 22 -24.38 -19.42 -96.24
C MET A 22 -25.60 -18.59 -95.83
N MET A 23 -25.44 -17.85 -94.73
CA MET A 23 -26.54 -17.09 -94.15
C MET A 23 -26.84 -15.84 -94.98
N GLU A 24 -28.11 -15.41 -94.92
CA GLU A 24 -28.53 -14.15 -95.50
C GLU A 24 -29.02 -13.23 -94.38
N PRO A 25 -28.23 -12.25 -93.95
CA PRO A 25 -28.65 -11.44 -92.80
C PRO A 25 -29.93 -10.69 -93.11
N PRO A 26 -30.72 -10.38 -92.09
CA PRO A 26 -32.02 -9.71 -92.35
C PRO A 26 -31.89 -8.41 -93.13
N PHE A 27 -30.84 -7.64 -92.86
CA PHE A 27 -30.71 -6.31 -93.47
C PHE A 27 -30.36 -6.36 -94.94
N ALA A 28 -30.05 -7.54 -95.49
CA ALA A 28 -29.80 -7.64 -96.93
C ALA A 28 -31.02 -7.22 -97.73
N ARG A 29 -32.22 -7.32 -97.14
CA ARG A 29 -33.46 -6.94 -97.81
C ARG A 29 -33.60 -7.67 -99.15
N GLY A 30 -33.24 -8.95 -99.16
CA GLY A 30 -33.29 -9.73 -100.39
C GLY A 30 -32.38 -9.20 -101.47
N THR A 31 -31.18 -8.77 -101.10
CA THR A 31 -30.19 -8.25 -102.05
C THR A 31 -28.99 -9.18 -102.17
N GLY A 32 -29.21 -10.48 -102.01
CA GLY A 32 -28.11 -11.42 -102.07
C GLY A 32 -27.10 -11.12 -100.98
N ARG A 33 -25.81 -11.19 -101.35
CA ARG A 33 -24.71 -10.86 -100.46
C ARG A 33 -24.77 -11.74 -99.20
N TYR A 34 -24.61 -13.03 -99.44
CA TYR A 34 -24.60 -13.99 -98.34
C TYR A 34 -23.27 -13.91 -97.58
N TYR A 35 -23.31 -14.34 -96.33
CA TYR A 35 -22.14 -14.38 -95.46
C TYR A 35 -21.95 -15.79 -94.91
N LYS A 36 -20.70 -16.23 -94.82
CA LYS A 36 -20.40 -17.52 -94.22
C LYS A 36 -20.59 -17.42 -92.72
N ALA A 37 -21.55 -18.17 -92.19
CA ALA A 37 -21.95 -18.10 -90.79
C ALA A 37 -21.66 -19.42 -90.11
N PHE A 38 -21.22 -19.35 -88.86
CA PHE A 38 -20.86 -20.51 -88.06
C PHE A 38 -21.73 -20.55 -86.81
N LYS A 39 -22.26 -21.72 -86.49
CA LYS A 39 -23.12 -21.89 -85.32
C LYS A 39 -22.24 -22.26 -84.14
N ILE A 40 -21.85 -21.24 -83.36
CA ILE A 40 -21.08 -21.51 -82.14
C ILE A 40 -21.90 -22.31 -81.15
N THR A 41 -23.17 -21.96 -80.99
CA THR A 41 -24.06 -22.65 -80.07
C THR A 41 -25.46 -22.64 -80.64
N ASP A 42 -26.29 -23.55 -80.14
CA ASP A 42 -27.65 -23.68 -80.63
C ASP A 42 -28.35 -22.33 -80.69
N ARG A 43 -28.84 -21.97 -81.86
CA ARG A 43 -29.57 -20.73 -82.13
C ARG A 43 -28.67 -19.49 -82.02
N ILE A 44 -27.36 -19.66 -81.99
CA ILE A 44 -26.41 -18.54 -81.95
C ILE A 44 -25.44 -18.72 -83.10
N TRP A 45 -25.22 -17.65 -83.87
CA TRP A 45 -24.36 -17.67 -85.04
C TRP A 45 -23.34 -16.56 -84.97
N ILE A 46 -22.19 -16.79 -85.62
CA ILE A 46 -21.10 -15.82 -85.69
C ILE A 46 -20.72 -15.65 -87.14
N ILE A 47 -20.64 -14.40 -87.59
CA ILE A 47 -20.25 -14.05 -88.95
C ILE A 47 -19.04 -13.12 -88.88
N PRO A 48 -17.82 -13.66 -89.00
CA PRO A 48 -16.64 -12.79 -88.93
C PRO A 48 -16.52 -11.88 -90.13
N GLU A 49 -17.35 -10.84 -90.18
CA GLU A 49 -17.31 -9.87 -91.26
C GLU A 49 -17.72 -8.51 -90.71
N ARG A 50 -17.32 -7.46 -91.41
CA ARG A 50 -17.60 -6.11 -90.95
C ARG A 50 -19.07 -5.77 -91.14
N TYR A 51 -19.63 -5.02 -90.19
CA TYR A 51 -21.03 -4.63 -90.23
C TYR A 51 -21.18 -3.43 -91.15
N THR A 52 -21.60 -3.68 -92.40
CA THR A 52 -21.73 -2.65 -93.41
C THR A 52 -23.18 -2.31 -93.70
N PHE A 53 -24.09 -2.59 -92.77
CA PHE A 53 -25.52 -2.36 -92.98
C PHE A 53 -25.86 -0.95 -92.48
N GLY A 54 -26.16 -0.06 -93.42
CA GLY A 54 -26.51 1.30 -93.08
C GLY A 54 -25.36 2.27 -93.23
N TYR A 55 -24.15 1.82 -92.94
CA TYR A 55 -22.97 2.65 -93.07
C TYR A 55 -22.53 2.74 -94.52
N LYS A 56 -22.09 3.92 -94.93
CA LYS A 56 -21.52 4.08 -96.25
C LYS A 56 -20.09 3.53 -96.26
N PRO A 57 -19.63 2.98 -97.39
CA PRO A 57 -18.26 2.45 -97.42
C PRO A 57 -17.20 3.48 -97.08
N GLU A 58 -17.40 4.73 -97.49
CA GLU A 58 -16.43 5.78 -97.22
C GLU A 58 -16.33 6.12 -95.74
N ASP A 59 -17.33 5.76 -94.94
CA ASP A 59 -17.31 6.09 -93.53
C ASP A 59 -16.32 5.25 -92.74
N PHE A 60 -15.80 4.17 -93.32
CA PHE A 60 -14.87 3.32 -92.58
C PHE A 60 -13.53 4.02 -92.38
N ASN A 61 -13.08 4.80 -93.35
CA ASN A 61 -11.88 5.59 -93.19
C ASN A 61 -12.15 6.79 -92.29
N LYS A 62 -11.15 7.17 -91.50
CA LYS A 62 -11.30 8.32 -90.64
C LYS A 62 -11.44 9.59 -91.46
N SER A 63 -12.17 10.56 -90.91
CA SER A 63 -12.39 11.84 -91.56
C SER A 63 -12.54 12.91 -90.47
N SER A 64 -12.96 14.10 -90.88
CA SER A 64 -13.22 15.17 -89.92
C SER A 64 -14.53 14.99 -89.19
N GLY A 65 -15.37 14.04 -89.61
CA GLY A 65 -16.65 13.79 -88.97
C GLY A 65 -16.51 12.85 -87.77
N ILE A 66 -17.66 12.50 -87.21
CA ILE A 66 -17.72 11.63 -86.04
C ILE A 66 -19.11 11.05 -85.95
N PHE A 67 -19.23 9.89 -85.30
CA PHE A 67 -20.52 9.22 -85.13
C PHE A 67 -21.14 9.52 -83.77
N ASN A 68 -20.42 9.24 -82.69
CA ASN A 68 -20.91 9.48 -81.34
C ASN A 68 -20.03 10.53 -80.65
N ARG A 69 -20.64 11.29 -79.75
CA ARG A 69 -19.98 12.41 -79.10
C ARG A 69 -19.49 12.08 -77.70
N ASP A 70 -19.40 10.80 -77.35
CA ASP A 70 -18.98 10.42 -76.01
C ASP A 70 -17.93 9.31 -76.01
N VAL A 71 -17.35 8.96 -77.15
CA VAL A 71 -16.36 7.90 -77.23
C VAL A 71 -15.17 8.38 -78.06
N CYS A 72 -14.00 7.80 -77.78
CA CYS A 72 -12.80 8.07 -78.56
C CYS A 72 -12.76 7.06 -79.69
N GLU A 73 -13.32 7.44 -80.83
CA GLU A 73 -13.47 6.51 -81.95
C GLU A 73 -12.11 6.10 -82.50
N TYR A 74 -12.05 4.87 -83.01
CA TYR A 74 -10.87 4.34 -83.68
C TYR A 74 -11.31 3.66 -84.97
N TYR A 75 -10.59 3.94 -86.06
CA TYR A 75 -10.94 3.46 -87.39
C TYR A 75 -9.80 2.62 -87.96
N ASP A 76 -10.16 1.56 -88.66
CA ASP A 76 -9.18 0.71 -89.33
C ASP A 76 -9.87 -0.11 -90.41
N PRO A 77 -10.03 0.43 -91.62
CA PRO A 77 -10.72 -0.35 -92.67
C PRO A 77 -10.03 -1.66 -93.01
N ASP A 78 -8.69 -1.70 -92.92
CA ASP A 78 -7.96 -2.93 -93.24
C ASP A 78 -8.26 -4.06 -92.28
N TYR A 79 -8.84 -3.79 -91.12
CA TYR A 79 -9.15 -4.83 -90.16
C TYR A 79 -10.19 -5.79 -90.73
N LEU A 80 -10.00 -7.08 -90.47
CA LEU A 80 -10.88 -8.13 -90.98
C LEU A 80 -10.98 -8.06 -92.51
N ASN A 81 -9.82 -8.21 -93.15
CA ASN A 81 -9.73 -8.20 -94.60
C ASN A 81 -9.14 -9.48 -95.19
N THR A 82 -8.61 -10.38 -94.36
CA THR A 82 -8.00 -11.62 -94.82
C THR A 82 -8.63 -12.79 -94.06
N ASN A 83 -8.63 -13.95 -94.71
CA ASN A 83 -9.24 -15.13 -94.09
C ASN A 83 -8.54 -15.49 -92.79
N ASP A 84 -7.23 -15.27 -92.73
CA ASP A 84 -6.53 -15.55 -91.49
C ASP A 84 -7.07 -14.71 -90.35
N LYS A 85 -7.29 -13.41 -90.61
CA LYS A 85 -7.85 -12.54 -89.58
C LYS A 85 -9.22 -13.05 -89.14
N LYS A 86 -10.02 -13.51 -90.09
CA LYS A 86 -11.32 -14.06 -89.74
C LYS A 86 -11.17 -15.25 -88.81
N ASN A 87 -10.19 -16.12 -89.07
CA ASN A 87 -10.00 -17.26 -88.20
C ASN A 87 -9.54 -16.85 -86.82
N ILE A 88 -8.66 -15.84 -86.72
CA ILE A 88 -8.26 -15.36 -85.40
C ILE A 88 -9.47 -14.81 -84.66
N PHE A 89 -10.31 -14.05 -85.35
CA PHE A 89 -11.51 -13.51 -84.70
C PHE A 89 -12.42 -14.63 -84.22
N LEU A 90 -12.60 -15.65 -85.04
CA LEU A 90 -13.47 -16.76 -84.68
C LEU A 90 -12.94 -17.50 -83.46
N GLN A 91 -11.63 -17.78 -83.43
CA GLN A 91 -11.06 -18.48 -82.30
C GLN A 91 -11.14 -17.63 -81.03
N THR A 92 -10.96 -16.31 -81.17
CA THR A 92 -11.11 -15.44 -80.01
C THR A 92 -12.53 -15.49 -79.48
N MET A 93 -13.52 -15.50 -80.38
CA MET A 93 -14.91 -15.62 -79.95
C MET A 93 -15.14 -16.94 -79.22
N ILE A 94 -14.57 -18.03 -79.73
CA ILE A 94 -14.72 -19.33 -79.06
C ILE A 94 -14.14 -19.26 -77.67
N LYS A 95 -12.94 -18.67 -77.54
CA LYS A 95 -12.31 -18.58 -76.22
C LYS A 95 -13.15 -17.75 -75.26
N LEU A 96 -13.69 -16.63 -75.75
CA LEU A 96 -14.52 -15.78 -74.90
C LEU A 96 -15.77 -16.50 -74.44
N PHE A 97 -16.40 -17.25 -75.34
CA PHE A 97 -17.61 -17.99 -74.96
C PHE A 97 -17.28 -19.08 -73.93
N ASN A 98 -16.15 -19.75 -74.10
CA ASN A 98 -15.74 -20.75 -73.11
C ASN A 98 -15.50 -20.09 -71.76
N ARG A 99 -14.85 -18.92 -71.76
CA ARG A 99 -14.64 -18.20 -70.49
C ARG A 99 -15.98 -17.83 -69.86
N ILE A 100 -16.93 -17.41 -70.68
CA ILE A 100 -18.26 -17.08 -70.16
C ILE A 100 -18.86 -18.31 -69.48
N LYS A 101 -18.82 -19.44 -70.18
CA LYS A 101 -19.44 -20.66 -69.67
C LYS A 101 -18.64 -21.31 -68.55
N SER A 102 -17.44 -20.81 -68.25
CA SER A 102 -16.63 -21.41 -67.20
C SER A 102 -17.23 -21.28 -65.80
N LYS A 103 -18.25 -20.46 -65.61
CA LYS A 103 -18.86 -20.25 -64.32
C LYS A 103 -20.37 -20.43 -64.41
N PRO A 104 -21.03 -20.77 -63.29
CA PRO A 104 -22.47 -21.04 -63.36
C PRO A 104 -23.29 -19.86 -63.86
N LEU A 105 -22.90 -18.63 -63.51
CA LEU A 105 -23.69 -17.48 -63.91
C LEU A 105 -23.70 -17.31 -65.43
N GLY A 106 -22.54 -17.44 -66.07
CA GLY A 106 -22.50 -17.35 -67.52
C GLY A 106 -23.27 -18.47 -68.19
N GLU A 107 -23.18 -19.69 -67.63
CA GLU A 107 -23.95 -20.79 -68.19
C GLU A 107 -25.45 -20.51 -68.08
N LYS A 108 -25.89 -19.95 -66.95
CA LYS A 108 -27.29 -19.62 -66.80
C LYS A 108 -27.72 -18.56 -67.81
N LEU A 109 -26.88 -17.54 -68.01
CA LEU A 109 -27.22 -16.50 -68.97
C LEU A 109 -27.34 -17.07 -70.38
N LEU A 110 -26.40 -17.94 -70.76
CA LEU A 110 -26.46 -18.54 -72.08
C LEU A 110 -27.67 -19.45 -72.23
N GLU A 111 -28.01 -20.19 -71.17
CA GLU A 111 -29.19 -21.04 -71.23
C GLU A 111 -30.45 -20.21 -71.40
N MET A 112 -30.56 -19.10 -70.68
CA MET A 112 -31.72 -18.23 -70.83
C MET A 112 -31.78 -17.65 -72.24
N ILE A 113 -30.62 -17.29 -72.80
CA ILE A 113 -30.61 -16.77 -74.17
C ILE A 113 -31.09 -17.83 -75.15
N ILE A 114 -30.62 -19.07 -74.99
CA ILE A 114 -30.99 -20.12 -75.93
C ILE A 114 -32.48 -20.44 -75.81
N ASN A 115 -32.97 -20.60 -74.57
CA ASN A 115 -34.37 -20.95 -74.37
C ASN A 115 -35.31 -19.82 -74.76
N GLY A 116 -34.83 -18.58 -74.69
CA GLY A 116 -35.67 -17.44 -75.01
C GLY A 116 -35.92 -17.28 -76.49
N ILE A 117 -36.48 -18.30 -77.12
CA ILE A 117 -36.71 -18.21 -78.56
C ILE A 117 -37.74 -17.12 -78.84
N PRO A 118 -37.64 -16.39 -79.95
CA PRO A 118 -38.64 -15.35 -80.22
C PRO A 118 -40.02 -15.95 -80.43
N TYR A 119 -41.04 -15.18 -80.06
CA TYR A 119 -42.41 -15.59 -80.33
C TYR A 119 -42.65 -15.67 -81.84
N LEU A 120 -43.47 -16.63 -82.25
CA LEU A 120 -43.72 -16.88 -83.67
C LEU A 120 -44.79 -15.93 -84.20
N GLY A 121 -44.48 -14.64 -84.13
CA GLY A 121 -45.41 -13.63 -84.61
C GLY A 121 -45.00 -12.26 -84.13
N ASP A 122 -45.87 -11.30 -84.40
CA ASP A 122 -45.65 -9.91 -84.00
C ASP A 122 -47.01 -9.20 -83.97
N ARG A 123 -46.98 -7.87 -83.78
CA ARG A 123 -48.21 -7.12 -83.65
C ARG A 123 -49.11 -7.24 -84.88
N ARG A 124 -48.54 -7.53 -86.04
CA ARG A 124 -49.31 -7.58 -87.28
C ARG A 124 -49.88 -8.97 -87.58
N VAL A 125 -50.06 -9.80 -86.55
CA VAL A 125 -50.57 -11.16 -86.74
C VAL A 125 -51.83 -11.34 -85.91
N PRO A 126 -52.87 -12.00 -86.43
CA PRO A 126 -54.03 -12.28 -85.59
C PRO A 126 -53.65 -13.16 -84.40
N LEU A 127 -54.34 -12.95 -83.29
CA LEU A 127 -54.00 -13.66 -82.06
C LEU A 127 -54.17 -15.16 -82.17
N GLU A 128 -55.00 -15.63 -83.10
CA GLU A 128 -55.38 -17.04 -83.15
C GLU A 128 -54.56 -17.85 -84.15
N GLU A 129 -53.36 -17.39 -84.50
CA GLU A 129 -52.53 -18.12 -85.44
C GLU A 129 -51.09 -17.67 -85.32
N PHE A 130 -50.17 -18.59 -85.58
CA PHE A 130 -48.74 -18.27 -85.66
C PHE A 130 -48.40 -17.80 -87.07
N ASN A 131 -47.17 -17.31 -87.21
CA ASN A 131 -46.66 -16.92 -88.52
C ASN A 131 -45.14 -16.76 -88.41
N THR A 132 -44.42 -17.41 -89.31
CA THR A 132 -42.96 -17.40 -89.29
C THR A 132 -42.33 -16.58 -90.40
N ASN A 133 -43.10 -16.19 -91.42
CA ASN A 133 -42.57 -15.40 -92.53
C ASN A 133 -42.36 -13.95 -92.10
N ILE A 134 -41.46 -13.77 -91.13
CA ILE A 134 -41.15 -12.46 -90.58
C ILE A 134 -39.63 -12.33 -90.48
N ALA A 135 -39.13 -11.13 -90.79
CA ALA A 135 -37.69 -10.90 -90.74
C ALA A 135 -37.13 -11.00 -89.33
N SER A 136 -37.97 -10.96 -88.31
CA SER A 136 -37.54 -11.05 -86.92
C SER A 136 -37.67 -12.46 -86.36
N VAL A 137 -37.98 -13.46 -87.20
CA VAL A 137 -38.16 -14.83 -86.77
C VAL A 137 -37.24 -15.78 -87.52
N THR A 138 -37.27 -15.75 -88.85
CA THR A 138 -36.55 -16.69 -89.68
C THR A 138 -35.49 -15.98 -90.51
N VAL A 139 -34.42 -16.68 -90.81
CA VAL A 139 -33.34 -16.17 -91.65
C VAL A 139 -33.06 -17.19 -92.75
N ASN A 140 -32.74 -16.70 -93.94
CA ASN A 140 -32.53 -17.57 -95.08
C ASN A 140 -31.09 -18.09 -95.12
N LYS A 141 -30.94 -19.26 -95.73
CA LYS A 141 -29.64 -19.88 -95.94
C LYS A 141 -29.64 -20.55 -97.30
N LEU A 142 -28.45 -20.65 -97.90
CA LEU A 142 -28.30 -21.26 -99.22
C LEU A 142 -27.76 -22.68 -99.07
N ILE A 143 -28.44 -23.62 -99.69
CA ILE A 143 -28.06 -25.04 -99.62
C ILE A 143 -27.40 -25.45 -100.93
N SER A 144 -27.77 -24.79 -102.02
CA SER A 144 -27.21 -25.13 -103.32
C SER A 144 -25.72 -24.76 -103.37
N ASN A 145 -24.96 -25.55 -104.14
CA ASN A 145 -23.53 -25.34 -104.28
C ASN A 145 -23.24 -24.18 -105.22
N ARG A 151 -33.15 -24.34 -103.52
CA ARG A 151 -32.23 -23.22 -103.64
C ARG A 151 -31.91 -22.63 -102.27
N LYS A 152 -32.93 -22.11 -101.59
CA LYS A 152 -32.77 -21.47 -100.29
C LYS A 152 -33.78 -22.04 -99.30
N LYS A 153 -33.35 -22.14 -98.04
CA LYS A 153 -34.19 -22.61 -96.96
C LYS A 153 -34.21 -21.57 -95.85
N GLY A 154 -35.07 -21.78 -94.87
CA GLY A 154 -35.20 -20.88 -93.74
C GLY A 154 -34.92 -21.59 -92.43
N ILE A 155 -34.36 -20.85 -91.47
CA ILE A 155 -33.98 -21.41 -90.19
C ILE A 155 -34.23 -20.39 -89.09
N PHE A 156 -34.54 -20.91 -87.90
CA PHE A 156 -34.77 -20.09 -86.72
C PHE A 156 -33.43 -19.72 -86.10
N ALA A 157 -33.33 -18.49 -85.60
CA ALA A 157 -32.12 -18.00 -84.97
C ALA A 157 -32.50 -17.03 -83.86
N ASN A 158 -31.58 -16.86 -82.90
CA ASN A 158 -31.77 -15.94 -81.79
C ASN A 158 -30.80 -14.77 -81.85
N LEU A 159 -29.51 -15.04 -81.98
CA LEU A 159 -28.48 -14.01 -81.96
C LEU A 159 -27.53 -14.21 -83.14
N ILE A 160 -27.16 -13.10 -83.78
CA ILE A 160 -26.17 -13.08 -84.85
C ILE A 160 -25.12 -12.05 -84.47
N ILE A 161 -23.87 -12.47 -84.44
CA ILE A 161 -22.76 -11.61 -84.06
C ILE A 161 -21.96 -11.28 -85.31
N PHE A 162 -21.83 -9.98 -85.60
CA PHE A 162 -21.05 -9.48 -86.71
C PHE A 162 -19.74 -8.90 -86.20
N GLY A 163 -18.88 -8.57 -87.14
CA GLY A 163 -17.65 -7.86 -86.82
C GLY A 163 -17.90 -6.41 -86.55
N PRO A 164 -16.87 -5.71 -86.07
CA PRO A 164 -17.03 -4.29 -85.76
C PRO A 164 -17.36 -3.48 -87.00
N GLY A 165 -18.12 -2.41 -86.79
CA GLY A 165 -18.45 -1.49 -87.85
C GLY A 165 -17.30 -0.52 -88.12
N PRO A 166 -17.62 0.67 -88.63
CA PRO A 166 -16.55 1.65 -88.85
C PRO A 166 -15.77 1.97 -87.60
N VAL A 167 -16.41 2.03 -86.45
CA VAL A 167 -15.75 2.29 -85.18
C VAL A 167 -15.54 0.96 -84.47
N LEU A 168 -14.26 0.62 -84.25
CA LEU A 168 -13.95 -0.69 -83.70
C LEU A 168 -14.34 -0.79 -82.24
N ASN A 169 -14.02 0.23 -81.44
CA ASN A 169 -14.22 0.18 -80.00
C ASN A 169 -15.61 0.60 -79.58
N GLU A 170 -16.59 0.56 -80.49
CA GLU A 170 -17.96 0.93 -80.20
C GLU A 170 -18.86 -0.25 -80.55
N ASN A 171 -19.01 -1.17 -79.60
CA ASN A 171 -19.88 -2.32 -79.80
C ASN A 171 -21.33 -1.90 -79.63
N GLU A 172 -22.23 -2.66 -80.25
CA GLU A 172 -23.64 -2.30 -80.18
C GLU A 172 -24.50 -3.53 -80.44
N THR A 173 -25.76 -3.42 -80.02
CA THR A 173 -26.77 -4.45 -80.22
C THR A 173 -27.97 -3.83 -80.92
N ILE A 174 -28.48 -4.51 -81.93
CA ILE A 174 -29.50 -3.98 -82.82
C ILE A 174 -30.69 -4.93 -82.84
N ASP A 175 -31.89 -4.36 -82.82
CA ASP A 175 -33.13 -5.11 -82.93
C ASP A 175 -33.83 -4.75 -84.23
N ILE A 176 -34.65 -5.68 -84.72
CA ILE A 176 -35.32 -5.50 -86.00
C ILE A 176 -36.65 -4.79 -85.78
N GLY A 177 -36.88 -3.71 -86.50
CA GLY A 177 -38.15 -3.00 -86.47
C GLY A 177 -38.79 -3.01 -87.84
N ILE A 178 -40.12 -3.11 -87.86
CA ILE A 178 -40.89 -3.15 -89.09
C ILE A 178 -41.99 -2.10 -89.01
N GLN A 179 -42.07 -1.26 -90.04
CA GLN A 179 -43.09 -0.21 -90.11
C GLN A 179 -43.08 0.63 -88.85
N ASN A 180 -41.87 0.98 -88.39
CA ASN A 180 -41.65 1.77 -87.19
C ASN A 180 -42.05 1.04 -85.92
N HIS A 181 -42.34 -0.26 -86.00
CA HIS A 181 -42.72 -1.07 -84.85
C HIS A 181 -41.65 -2.12 -84.61
N PHE A 182 -41.21 -2.24 -83.37
CA PHE A 182 -40.21 -3.22 -82.97
C PHE A 182 -40.90 -4.35 -82.22
N ALA A 183 -40.75 -5.57 -82.73
CA ALA A 183 -41.32 -6.73 -82.04
C ALA A 183 -40.62 -7.20 -80.77
N SER A 184 -39.42 -6.72 -80.51
CA SER A 184 -38.69 -7.08 -79.30
C SER A 184 -38.89 -6.08 -78.13
N ARG A 185 -39.79 -5.14 -78.32
CA ARG A 185 -40.15 -4.16 -77.29
C ARG A 185 -41.61 -4.39 -76.92
N GLU A 186 -42.26 -5.38 -77.52
CA GLU A 186 -43.68 -5.61 -77.32
C GLU A 186 -43.95 -7.04 -76.85
N GLY A 187 -42.98 -7.63 -76.15
CA GLY A 187 -43.17 -8.95 -75.56
C GLY A 187 -42.90 -10.09 -76.53
N PHE A 188 -43.10 -9.85 -77.82
CA PHE A 188 -42.94 -10.92 -78.79
C PHE A 188 -41.49 -11.37 -78.90
N GLY A 189 -40.57 -10.42 -79.01
CA GLY A 189 -39.17 -10.73 -79.21
C GLY A 189 -38.83 -10.93 -80.67
N GLY A 190 -37.54 -10.91 -80.96
CA GLY A 190 -37.09 -11.07 -82.33
C GLY A 190 -35.60 -11.34 -82.39
N ILE A 191 -35.14 -11.65 -83.60
CA ILE A 191 -33.71 -11.88 -83.80
C ILE A 191 -32.95 -10.61 -83.52
N MET A 192 -31.87 -10.71 -82.76
CA MET A 192 -31.08 -9.55 -82.36
C MET A 192 -29.66 -9.72 -82.89
N GLN A 193 -29.11 -8.65 -83.46
CA GLN A 193 -27.77 -8.67 -84.00
C GLN A 193 -26.82 -7.91 -83.09
N MET A 194 -25.53 -8.21 -83.23
CA MET A 194 -24.50 -7.55 -82.45
C MET A 194 -23.33 -7.20 -83.34
N LYS A 195 -22.72 -6.05 -83.07
CA LYS A 195 -21.42 -5.69 -83.63
C LYS A 195 -20.44 -5.59 -82.47
N PHE A 196 -19.37 -6.38 -82.53
CA PHE A 196 -18.47 -6.57 -81.40
C PHE A 196 -17.06 -6.78 -81.93
N CYS A 197 -16.08 -6.41 -81.10
CA CYS A 197 -14.67 -6.62 -81.42
C CYS A 197 -13.90 -6.91 -80.13
N PRO A 198 -13.27 -8.08 -80.00
CA PRO A 198 -12.60 -8.42 -78.74
C PRO A 198 -11.24 -7.79 -78.56
N GLU A 199 -10.68 -7.17 -79.59
CA GLU A 199 -9.30 -6.68 -79.52
C GLU A 199 -9.22 -5.28 -78.92
N TYR A 200 -9.96 -4.33 -79.49
CA TYR A 200 -9.86 -2.92 -79.08
C TYR A 200 -10.86 -2.67 -77.97
N VAL A 201 -10.48 -3.07 -76.75
CA VAL A 201 -11.31 -2.87 -75.57
C VAL A 201 -11.10 -1.46 -75.03
N SER A 202 -11.97 -1.03 -74.13
CA SER A 202 -11.93 0.33 -73.60
C SER A 202 -11.06 0.39 -72.34
N VAL A 203 -10.80 1.61 -71.90
CA VAL A 203 -9.96 1.88 -70.74
C VAL A 203 -10.73 2.81 -69.80
N PHE A 204 -10.53 2.64 -68.49
CA PHE A 204 -11.22 3.43 -67.50
C PHE A 204 -10.30 3.64 -66.31
N ASN A 205 -10.80 4.36 -65.31
CA ASN A 205 -10.04 4.68 -64.11
C ASN A 205 -10.89 4.41 -62.88
N ASN A 206 -10.22 4.35 -61.73
CA ASN A 206 -10.92 4.10 -60.46
C ASN A 206 -10.69 5.26 -59.50
N VAL A 207 -10.84 6.48 -59.98
CA VAL A 207 -10.66 7.65 -59.12
C VAL A 207 -11.63 7.61 -57.94
N GLN A 208 -12.81 7.02 -58.14
CA GLN A 208 -13.81 6.95 -57.09
C GLN A 208 -13.46 5.91 -56.03
N GLU A 209 -12.50 5.03 -56.28
CA GLU A 209 -12.13 3.96 -55.36
C GLU A 209 -10.80 4.28 -54.70
N ASN A 210 -10.75 4.14 -53.38
CA ASN A 210 -9.56 4.43 -52.60
C ASN A 210 -8.91 3.13 -52.15
N LYS A 211 -7.62 2.99 -52.45
CA LYS A 211 -6.84 1.82 -52.06
C LYS A 211 -5.62 2.23 -51.23
N GLY A 212 -5.71 3.36 -50.54
CA GLY A 212 -4.60 3.84 -49.74
C GLY A 212 -3.53 4.50 -50.60
N ALA A 213 -2.34 4.57 -50.03
CA ALA A 213 -1.19 5.18 -50.70
C ALA A 213 -0.51 4.12 -51.58
N SER A 214 -1.22 3.72 -52.63
CA SER A 214 -0.72 2.73 -53.57
C SER A 214 0.00 3.42 -54.71
N ILE A 215 1.19 2.92 -55.05
CA ILE A 215 1.98 3.53 -56.11
C ILE A 215 1.27 3.40 -57.45
N PHE A 216 0.75 2.22 -57.75
CA PHE A 216 0.19 1.93 -59.06
C PHE A 216 -1.33 2.10 -59.13
N ASN A 217 -1.96 2.54 -58.04
CA ASN A 217 -3.40 2.75 -58.07
C ASN A 217 -3.74 3.98 -58.90
N ARG A 218 -4.93 3.95 -59.50
CA ARG A 218 -5.43 5.07 -60.31
C ARG A 218 -4.49 5.35 -61.49
N ARG A 219 -3.90 4.30 -62.05
CA ARG A 219 -3.05 4.43 -63.23
C ARG A 219 -3.76 4.02 -64.51
N GLY A 220 -5.03 3.62 -64.44
CA GLY A 220 -5.78 3.24 -65.62
C GLY A 220 -5.88 1.74 -65.80
N TYR A 221 -7.07 1.26 -66.12
CA TYR A 221 -7.32 -0.16 -66.33
C TYR A 221 -8.04 -0.36 -67.65
N PHE A 222 -7.81 -1.52 -68.27
CA PHE A 222 -8.45 -1.87 -69.52
C PHE A 222 -9.45 -3.00 -69.29
N SER A 223 -10.60 -2.90 -69.94
CA SER A 223 -11.70 -3.82 -69.70
C SER A 223 -11.40 -5.21 -70.26
N ASP A 224 -12.11 -6.19 -69.72
CA ASP A 224 -12.01 -7.56 -70.19
C ASP A 224 -13.00 -7.78 -71.32
N PRO A 225 -12.59 -8.26 -72.50
CA PRO A 225 -13.56 -8.44 -73.59
C PRO A 225 -14.71 -9.37 -73.23
N ALA A 226 -14.48 -10.34 -72.35
CA ALA A 226 -15.58 -11.21 -71.93
C ALA A 226 -16.67 -10.42 -71.22
N LEU A 227 -16.28 -9.46 -70.37
CA LEU A 227 -17.27 -8.65 -69.68
C LEU A 227 -18.06 -7.79 -70.66
N ILE A 228 -17.41 -7.25 -71.68
CA ILE A 228 -18.12 -6.47 -72.69
C ILE A 228 -19.09 -7.37 -73.46
N LEU A 229 -18.65 -8.59 -73.79
CA LEU A 229 -19.53 -9.51 -74.49
C LEU A 229 -20.75 -9.84 -73.65
N MET A 230 -20.56 -10.08 -72.34
CA MET A 230 -21.71 -10.34 -71.48
C MET A 230 -22.61 -9.12 -71.38
N HIS A 231 -22.01 -7.92 -71.32
CA HIS A 231 -22.81 -6.70 -71.28
C HIS A 231 -23.72 -6.61 -72.49
N GLN A 232 -23.20 -6.92 -73.67
CA GLN A 232 -24.04 -6.91 -74.87
C GLN A 232 -25.05 -8.05 -74.86
N LEU A 233 -24.65 -9.21 -74.33
CA LEU A 233 -25.58 -10.33 -74.26
C LEU A 233 -26.76 -10.02 -73.34
N ILE A 234 -26.57 -9.15 -72.36
CA ILE A 234 -27.69 -8.72 -71.53
C ILE A 234 -28.72 -7.97 -72.37
N TYR A 235 -28.25 -7.08 -73.24
CA TYR A 235 -29.16 -6.42 -74.16
C TYR A 235 -29.85 -7.44 -75.07
N VAL A 236 -29.09 -8.42 -75.54
CA VAL A 236 -29.69 -9.47 -76.37
C VAL A 236 -30.81 -10.17 -75.62
N LEU A 237 -30.57 -10.51 -74.35
CA LEU A 237 -31.58 -11.19 -73.55
C LEU A 237 -32.82 -10.32 -73.37
N HIS A 238 -32.60 -9.04 -73.04
CA HIS A 238 -33.74 -8.13 -72.86
C HIS A 238 -34.55 -8.04 -74.13
N GLY A 239 -33.88 -7.95 -75.28
CA GLY A 239 -34.59 -7.90 -76.54
C GLY A 239 -35.34 -9.18 -76.84
N LEU A 240 -34.73 -10.32 -76.55
CA LEU A 240 -35.38 -11.60 -76.84
C LEU A 240 -36.64 -11.78 -75.99
N TYR A 241 -36.57 -11.40 -74.71
CA TYR A 241 -37.74 -11.53 -73.85
C TYR A 241 -38.75 -10.43 -74.07
N GLY A 242 -38.55 -9.56 -75.05
CA GLY A 242 -39.54 -8.55 -75.36
C GLY A 242 -39.76 -7.54 -74.25
N ILE A 243 -38.69 -7.10 -73.60
CA ILE A 243 -38.80 -6.12 -72.52
C ILE A 243 -37.83 -4.97 -72.76
N LYS A 244 -37.44 -4.76 -74.02
CA LYS A 244 -36.64 -3.60 -74.39
C LYS A 244 -37.55 -2.42 -74.71
N VAL A 245 -38.29 -2.00 -73.68
CA VAL A 245 -39.31 -0.96 -73.85
C VAL A 245 -38.67 0.41 -73.75
N ASP A 246 -39.35 1.40 -74.34
CA ASP A 246 -38.89 2.78 -74.35
C ASP A 246 -39.76 3.60 -73.43
N ASP A 247 -39.12 4.46 -72.63
CA ASP A 247 -39.84 5.31 -71.68
C ASP A 247 -39.08 6.63 -71.58
N LEU A 248 -39.39 7.41 -70.55
CA LEU A 248 -38.79 8.72 -70.34
C LEU A 248 -37.27 8.61 -70.31
N PRO A 249 -36.54 9.19 -71.26
CA PRO A 249 -35.09 9.09 -71.25
C PRO A 249 -34.45 10.19 -70.42
N ILE A 250 -33.16 9.99 -70.13
CA ILE A 250 -32.36 10.97 -69.38
C ILE A 250 -31.75 11.90 -70.41
N VAL A 251 -32.49 12.94 -70.78
CA VAL A 251 -32.01 13.89 -71.78
C VAL A 251 -31.01 14.84 -71.12
N PRO A 252 -29.79 14.96 -71.65
CA PRO A 252 -28.86 15.95 -71.11
C PRO A 252 -29.27 17.36 -71.49
N ASN A 253 -28.84 18.31 -70.67
CA ASN A 253 -29.12 19.73 -70.91
C ASN A 253 -27.93 20.35 -71.62
N GLU A 254 -28.21 21.15 -72.64
CA GLU A 254 -27.18 21.78 -73.47
C GLU A 254 -27.50 23.26 -73.66
N LYS A 255 -27.93 23.93 -72.59
CA LYS A 255 -28.22 25.35 -72.67
C LYS A 255 -26.96 26.19 -72.44
N LYS A 256 -26.18 25.85 -71.43
CA LYS A 256 -24.93 26.54 -71.15
C LYS A 256 -23.83 25.99 -72.05
N PHE A 257 -22.60 26.42 -71.81
CA PHE A 257 -21.45 26.04 -72.64
C PHE A 257 -20.61 24.94 -72.02
N PHE A 258 -20.59 24.82 -70.70
CA PHE A 258 -19.76 23.85 -70.00
C PHE A 258 -20.48 22.54 -69.75
N MET A 259 -21.61 22.29 -70.39
CA MET A 259 -22.44 21.12 -70.13
C MET A 259 -22.30 20.13 -71.25
N GLN A 260 -21.98 18.88 -70.90
CA GLN A 260 -21.72 17.85 -71.89
C GLN A 260 -22.98 17.55 -72.70
N SER A 261 -22.78 17.23 -73.97
CA SER A 261 -23.87 16.86 -74.88
C SER A 261 -23.82 15.37 -75.16
N THR A 262 -25.00 14.74 -75.17
CA THR A 262 -25.08 13.30 -75.37
C THR A 262 -26.46 12.99 -75.93
N ASP A 263 -26.59 11.79 -76.50
CA ASP A 263 -27.88 11.34 -77.00
C ASP A 263 -28.74 10.85 -75.84
N ALA A 264 -30.03 10.69 -76.11
CA ALA A 264 -30.97 10.27 -75.08
C ALA A 264 -30.57 8.91 -74.52
N ILE A 265 -30.68 8.78 -73.20
CA ILE A 265 -30.35 7.54 -72.49
C ILE A 265 -31.64 6.91 -72.01
N GLN A 266 -31.90 5.69 -72.44
CA GLN A 266 -33.06 4.95 -71.96
C GLN A 266 -32.74 4.30 -70.61
N ALA A 267 -33.80 3.88 -69.93
CA ALA A 267 -33.62 3.24 -68.62
C ALA A 267 -32.97 1.88 -68.75
N GLU A 268 -33.08 1.23 -69.91
CA GLU A 268 -32.53 -0.11 -70.07
C GLU A 268 -31.03 -0.12 -69.86
N GLU A 269 -30.32 0.87 -70.40
CA GLU A 269 -28.87 0.91 -70.27
C GLU A 269 -28.46 1.04 -68.81
N LEU A 270 -29.09 1.94 -68.07
CA LEU A 270 -28.76 2.13 -66.66
C LEU A 270 -29.10 0.89 -65.87
N TYR A 271 -30.22 0.24 -66.17
CA TYR A 271 -30.54 -1.02 -65.51
C TYR A 271 -29.47 -2.07 -65.79
N THR A 272 -29.02 -2.16 -67.04
CA THR A 272 -28.02 -3.16 -67.39
C THR A 272 -26.71 -2.92 -66.65
N PHE A 273 -26.30 -1.66 -66.54
CA PHE A 273 -25.01 -1.38 -65.90
C PHE A 273 -25.03 -1.78 -64.43
N GLY A 274 -26.10 -1.47 -63.71
CA GLY A 274 -26.17 -1.76 -62.30
C GLY A 274 -25.46 -0.74 -61.45
N GLY A 275 -25.51 -0.97 -60.14
CA GLY A 275 -24.92 -0.05 -59.19
C GLY A 275 -25.86 1.06 -58.78
N GLN A 276 -25.38 2.30 -58.76
CA GLN A 276 -26.23 3.45 -58.50
C GLN A 276 -27.03 3.88 -59.72
N ASP A 277 -26.67 3.40 -60.91
CA ASP A 277 -27.37 3.82 -62.14
C ASP A 277 -28.87 3.63 -62.06
N PRO A 278 -29.41 2.49 -61.62
CA PRO A 278 -30.88 2.35 -61.54
C PRO A 278 -31.52 3.37 -60.62
N SER A 279 -30.80 3.88 -59.63
CA SER A 279 -31.38 4.91 -58.77
C SER A 279 -31.68 6.19 -59.52
N ILE A 280 -31.04 6.40 -60.68
CA ILE A 280 -31.32 7.60 -61.47
C ILE A 280 -32.70 7.53 -62.08
N ILE A 281 -33.26 6.34 -62.26
CA ILE A 281 -34.62 6.21 -62.79
C ILE A 281 -35.60 6.37 -61.63
N THR A 282 -36.54 7.30 -61.77
CA THR A 282 -37.50 7.55 -60.72
C THR A 282 -38.37 6.32 -60.49
N PRO A 283 -38.84 6.09 -59.27
CA PRO A 283 -39.75 4.96 -59.03
C PRO A 283 -40.98 5.00 -59.91
N SER A 284 -41.46 6.19 -60.27
CA SER A 284 -42.61 6.28 -61.17
C SER A 284 -42.28 5.67 -62.53
N THR A 285 -41.09 5.96 -63.07
CA THR A 285 -40.70 5.36 -64.34
C THR A 285 -40.50 3.85 -64.18
N ASP A 286 -39.97 3.42 -63.04
CA ASP A 286 -39.86 1.98 -62.78
C ASP A 286 -41.23 1.33 -62.87
N LYS A 287 -42.22 1.92 -62.22
CA LYS A 287 -43.57 1.36 -62.24
C LYS A 287 -44.16 1.39 -63.64
N SER A 288 -43.89 2.46 -64.39
CA SER A 288 -44.41 2.52 -65.76
C SER A 288 -43.83 1.41 -66.61
N ILE A 289 -42.52 1.18 -66.51
CA ILE A 289 -41.90 0.10 -67.27
C ILE A 289 -42.46 -1.25 -66.83
N TYR A 290 -42.61 -1.44 -65.53
CA TYR A 290 -43.17 -2.69 -65.02
C TYR A 290 -44.57 -2.92 -65.58
N ASP A 291 -45.40 -1.88 -65.59
CA ASP A 291 -46.76 -2.02 -66.10
C ASP A 291 -46.76 -2.32 -67.59
N LYS A 292 -45.88 -1.65 -68.36
CA LYS A 292 -45.82 -1.92 -69.79
C LYS A 292 -45.43 -3.37 -70.06
N VAL A 293 -44.42 -3.86 -69.34
CA VAL A 293 -44.00 -5.25 -69.51
C VAL A 293 -45.13 -6.19 -69.12
N LEU A 294 -45.84 -5.90 -68.04
CA LEU A 294 -46.94 -6.74 -67.62
C LEU A 294 -48.05 -6.77 -68.67
N GLN A 295 -48.36 -5.63 -69.26
CA GLN A 295 -49.38 -5.58 -70.31
C GLN A 295 -48.94 -6.40 -71.51
N ASN A 296 -47.66 -6.29 -71.89
CA ASN A 296 -47.17 -7.10 -73.00
C ASN A 296 -47.29 -8.58 -72.69
N PHE A 297 -46.96 -8.98 -71.46
CA PHE A 297 -47.07 -10.39 -71.10
C PHE A 297 -48.52 -10.86 -71.09
N ARG A 298 -49.44 -9.99 -70.67
CA ARG A 298 -50.85 -10.33 -70.74
C ARG A 298 -51.29 -10.55 -72.18
N GLY A 299 -50.85 -9.68 -73.09
CA GLY A 299 -51.12 -9.90 -74.49
C GLY A 299 -50.57 -11.22 -74.98
N ILE A 300 -49.35 -11.55 -74.55
CA ILE A 300 -48.74 -12.80 -74.97
C ILE A 300 -49.54 -14.00 -74.48
N VAL A 301 -49.97 -13.97 -73.22
CA VAL A 301 -50.70 -15.12 -72.67
C VAL A 301 -52.06 -15.25 -73.34
N ASP A 302 -52.71 -14.12 -73.63
CA ASP A 302 -53.96 -14.18 -74.38
C ASP A 302 -53.73 -14.79 -75.76
N ARG A 303 -52.67 -14.40 -76.44
CA ARG A 303 -52.34 -15.00 -77.73
C ARG A 303 -52.14 -16.51 -77.59
N LEU A 304 -51.41 -16.92 -76.56
CA LEU A 304 -51.14 -18.34 -76.37
C LEU A 304 -52.43 -19.12 -76.14
N ASN A 305 -53.33 -18.56 -75.33
CA ASN A 305 -54.59 -19.25 -75.06
C ASN A 305 -55.49 -19.28 -76.28
N LYS A 306 -55.39 -18.28 -77.16
CA LYS A 306 -56.27 -18.19 -78.31
C LYS A 306 -55.70 -18.85 -79.56
N VAL A 307 -54.52 -19.47 -79.48
CA VAL A 307 -53.89 -20.07 -80.65
C VAL A 307 -54.51 -21.44 -80.91
N LEU A 308 -54.83 -21.73 -82.17
CA LEU A 308 -55.44 -23.00 -82.53
C LEU A 308 -54.73 -23.70 -83.67
N VAL A 309 -54.16 -22.93 -84.61
CA VAL A 309 -53.56 -23.48 -85.81
C VAL A 309 -52.40 -22.62 -86.27
N CYS A 310 -51.60 -23.18 -87.17
CA CYS A 310 -50.48 -22.49 -87.79
C CYS A 310 -50.65 -22.50 -89.31
N ILE A 311 -50.20 -21.43 -89.95
CA ILE A 311 -50.43 -21.23 -91.38
C ILE A 311 -49.14 -21.45 -92.18
N SER A 312 -48.06 -20.75 -91.83
CA SER A 312 -46.86 -20.78 -92.65
C SER A 312 -46.30 -22.19 -92.75
N ASP A 313 -45.91 -22.78 -91.63
CA ASP A 313 -45.30 -24.10 -91.61
C ASP A 313 -46.22 -25.08 -90.89
N PRO A 314 -47.02 -25.87 -91.61
CA PRO A 314 -47.92 -26.81 -90.91
C PRO A 314 -47.20 -27.88 -90.12
N ASN A 315 -45.93 -28.15 -90.44
CA ASN A 315 -45.19 -29.19 -89.73
C ASN A 315 -44.87 -28.81 -88.30
N ILE A 316 -45.07 -27.56 -87.90
CA ILE A 316 -44.74 -27.13 -86.56
C ILE A 316 -45.70 -27.76 -85.56
N ASN A 317 -45.15 -28.31 -84.48
CA ASN A 317 -45.95 -28.89 -83.41
C ASN A 317 -46.33 -27.77 -82.45
N ILE A 318 -47.61 -27.39 -82.46
CA ILE A 318 -48.04 -26.21 -81.70
C ILE A 318 -47.90 -26.45 -80.21
N ASN A 319 -48.22 -27.66 -79.74
CA ASN A 319 -48.13 -27.93 -78.32
C ASN A 319 -46.70 -27.80 -77.81
N ILE A 320 -45.73 -28.25 -78.60
CA ILE A 320 -44.33 -28.15 -78.18
C ILE A 320 -43.94 -26.70 -77.99
N TYR A 321 -44.29 -25.85 -78.96
CA TYR A 321 -43.96 -24.44 -78.84
C TYR A 321 -44.70 -23.77 -77.71
N LYS A 322 -45.95 -24.16 -77.47
CA LYS A 322 -46.70 -23.59 -76.35
C LYS A 322 -46.04 -23.94 -75.03
N ASN A 323 -45.60 -25.18 -74.88
CA ASN A 323 -44.89 -25.56 -73.66
C ASN A 323 -43.58 -24.80 -73.55
N LYS A 324 -42.87 -24.63 -74.66
CA LYS A 324 -41.61 -23.90 -74.63
C LYS A 324 -41.83 -22.45 -74.18
N PHE A 325 -42.85 -21.80 -74.72
CA PHE A 325 -43.14 -20.43 -74.32
C PHE A 325 -43.58 -20.36 -72.86
N LYS A 326 -44.36 -21.34 -72.41
CA LYS A 326 -44.75 -21.38 -71.01
C LYS A 326 -43.52 -21.45 -70.11
N ASP A 327 -42.56 -22.29 -70.47
CA ASP A 327 -41.32 -22.35 -69.69
C ASP A 327 -40.55 -21.04 -69.78
N LYS A 328 -40.53 -20.42 -70.96
CA LYS A 328 -39.77 -19.19 -71.13
C LYS A 328 -40.32 -18.08 -70.26
N TYR A 329 -41.62 -17.82 -70.33
CA TYR A 329 -42.25 -16.71 -69.63
C TYR A 329 -42.70 -17.08 -68.22
N LYS A 330 -42.48 -18.33 -67.79
CA LYS A 330 -42.87 -18.76 -66.45
C LYS A 330 -44.37 -18.61 -66.24
N PHE A 331 -45.16 -18.91 -67.27
CA PHE A 331 -46.59 -18.98 -67.10
C PHE A 331 -46.94 -20.22 -66.28
N VAL A 332 -48.23 -20.35 -65.94
CA VAL A 332 -48.73 -21.48 -65.16
C VAL A 332 -49.89 -22.10 -65.91
N GLU A 333 -49.87 -23.42 -66.04
CA GLU A 333 -50.92 -24.17 -66.72
C GLU A 333 -51.94 -24.66 -65.69
N ASP A 334 -53.20 -24.32 -65.91
CA ASP A 334 -54.26 -24.75 -65.01
C ASP A 334 -54.58 -26.21 -65.23
N SER A 335 -55.38 -26.77 -64.32
CA SER A 335 -55.79 -28.16 -64.45
C SER A 335 -56.56 -28.38 -65.75
N GLU A 336 -57.48 -27.47 -66.07
CA GLU A 336 -58.21 -27.59 -67.33
C GLU A 336 -57.28 -27.44 -68.52
N GLY A 337 -56.35 -26.48 -68.47
CA GLY A 337 -55.41 -26.28 -69.55
C GLY A 337 -55.09 -24.82 -69.82
N LYS A 338 -55.87 -23.92 -69.25
CA LYS A 338 -55.66 -22.49 -69.48
C LYS A 338 -54.32 -22.05 -68.91
N TYR A 339 -53.70 -21.09 -69.57
CA TYR A 339 -52.45 -20.49 -69.12
C TYR A 339 -52.73 -19.18 -68.41
N SER A 340 -52.09 -18.99 -67.26
CA SER A 340 -52.32 -17.82 -66.42
C SER A 340 -50.98 -17.26 -65.96
N ILE A 341 -51.00 -15.99 -65.56
CA ILE A 341 -49.83 -15.27 -65.09
C ILE A 341 -49.85 -15.27 -63.56
N ASP A 342 -48.76 -15.71 -62.95
CA ASP A 342 -48.59 -15.64 -61.51
C ASP A 342 -47.79 -14.38 -61.19
N VAL A 343 -48.32 -13.54 -60.29
CA VAL A 343 -47.66 -12.27 -60.02
C VAL A 343 -46.29 -12.50 -59.41
N GLU A 344 -46.17 -13.46 -58.50
CA GLU A 344 -44.89 -13.70 -57.84
C GLU A 344 -43.83 -14.16 -58.85
N SER A 345 -44.19 -15.12 -59.71
CA SER A 345 -43.23 -15.61 -60.69
C SER A 345 -42.84 -14.53 -61.69
N PHE A 346 -43.83 -13.76 -62.16
CA PHE A 346 -43.51 -12.70 -63.10
C PHE A 346 -42.63 -11.64 -62.46
N ASP A 347 -42.90 -11.30 -61.19
CA ASP A 347 -42.08 -10.32 -60.50
C ASP A 347 -40.64 -10.82 -60.35
N LYS A 348 -40.48 -12.09 -59.97
CA LYS A 348 -39.14 -12.64 -59.85
C LYS A 348 -38.42 -12.62 -61.19
N LEU A 349 -39.11 -13.03 -62.25
CA LEU A 349 -38.49 -13.04 -63.57
C LEU A 349 -38.06 -11.64 -63.98
N TYR A 350 -38.95 -10.66 -63.82
CA TYR A 350 -38.64 -9.30 -64.22
C TYR A 350 -37.47 -8.75 -63.42
N LYS A 351 -37.47 -8.95 -62.11
CA LYS A 351 -36.38 -8.44 -61.29
C LYS A 351 -35.06 -9.10 -61.64
N SER A 352 -35.06 -10.41 -61.87
CA SER A 352 -33.82 -11.08 -62.25
C SER A 352 -33.32 -10.58 -63.60
N LEU A 353 -34.22 -10.44 -64.58
CA LEU A 353 -33.81 -9.99 -65.90
C LEU A 353 -33.26 -8.57 -65.86
N MET A 354 -33.91 -7.69 -65.11
CA MET A 354 -33.55 -6.28 -65.13
C MET A 354 -32.48 -5.93 -64.11
N PHE A 355 -32.58 -6.47 -62.90
CA PHE A 355 -31.66 -6.12 -61.82
C PHE A 355 -30.77 -7.28 -61.39
N GLY A 356 -31.00 -8.49 -61.90
CA GLY A 356 -30.16 -9.61 -61.58
C GLY A 356 -28.95 -9.71 -62.49
N PHE A 357 -29.20 -9.72 -63.80
CA PHE A 357 -28.13 -9.74 -64.79
C PHE A 357 -27.66 -8.31 -65.01
N THR A 358 -26.56 -7.94 -64.37
CA THR A 358 -26.01 -6.61 -64.50
C THR A 358 -24.50 -6.70 -64.64
N GLU A 359 -23.92 -5.65 -65.22
CA GLU A 359 -22.47 -5.64 -65.42
C GLU A 359 -21.73 -5.69 -64.08
N THR A 360 -22.21 -4.95 -63.09
CA THR A 360 -21.53 -4.93 -61.80
C THR A 360 -21.57 -6.30 -61.13
N ASN A 361 -22.74 -6.94 -61.16
CA ASN A 361 -22.84 -8.27 -60.54
C ASN A 361 -21.97 -9.28 -61.25
N ILE A 362 -21.95 -9.25 -62.58
CA ILE A 362 -21.12 -10.17 -63.34
C ILE A 362 -19.65 -9.94 -63.03
N ALA A 363 -19.23 -8.67 -62.98
CA ALA A 363 -17.84 -8.37 -62.67
C ALA A 363 -17.47 -8.87 -61.28
N GLU A 364 -18.35 -8.66 -60.30
CA GLU A 364 -18.06 -9.14 -58.96
C GLU A 364 -17.95 -10.66 -58.93
N ASN A 365 -18.85 -11.35 -59.63
CA ASN A 365 -18.81 -12.81 -59.62
C ASN A 365 -17.56 -13.33 -60.30
N TYR A 366 -17.18 -12.74 -61.43
CA TYR A 366 -16.02 -13.17 -62.19
C TYR A 366 -14.72 -12.56 -61.71
N LYS A 367 -14.76 -11.69 -60.69
CA LYS A 367 -13.56 -11.04 -60.18
C LYS A 367 -12.89 -10.20 -61.26
N ILE A 368 -13.69 -9.34 -61.90
CA ILE A 368 -13.21 -8.43 -62.93
C ILE A 368 -13.46 -7.01 -62.47
N LYS A 369 -12.62 -6.10 -62.94
CA LYS A 369 -12.78 -4.67 -62.69
C LYS A 369 -13.49 -4.02 -63.86
N THR A 370 -14.32 -3.03 -63.55
CA THR A 370 -15.11 -2.35 -64.57
C THR A 370 -15.41 -0.94 -64.10
N ARG A 371 -16.05 -0.16 -64.98
CA ARG A 371 -16.43 1.20 -64.64
C ARG A 371 -17.34 1.22 -63.42
N ALA A 372 -17.10 2.19 -62.54
CA ALA A 372 -17.92 2.30 -61.34
C ALA A 372 -19.35 2.76 -61.69
N SER A 373 -19.48 3.69 -62.63
CA SER A 373 -20.77 4.25 -62.97
C SER A 373 -20.84 4.50 -64.47
N TYR A 374 -22.06 4.59 -64.98
CA TYR A 374 -22.27 4.84 -66.41
C TYR A 374 -21.71 6.18 -66.84
N PHE A 375 -21.68 7.17 -65.94
CA PHE A 375 -21.26 8.51 -66.27
C PHE A 375 -19.81 8.79 -65.95
N SER A 376 -19.04 7.76 -65.60
CA SER A 376 -17.61 7.93 -65.36
C SER A 376 -16.89 8.23 -66.67
N ASP A 377 -15.81 9.00 -66.57
CA ASP A 377 -15.05 9.39 -67.75
C ASP A 377 -14.40 8.17 -68.40
N SER A 378 -14.22 8.25 -69.71
CA SER A 378 -13.64 7.17 -70.51
C SER A 378 -12.34 7.64 -71.14
N LEU A 379 -11.34 6.76 -71.12
CA LEU A 379 -10.03 7.02 -71.69
C LEU A 379 -9.94 6.42 -73.08
N PRO A 380 -8.88 6.74 -73.82
CA PRO A 380 -8.72 6.16 -75.15
C PRO A 380 -8.55 4.67 -75.06
N PRO A 381 -8.97 3.92 -76.08
CA PRO A 381 -8.83 2.47 -76.05
C PRO A 381 -7.41 2.03 -76.43
N VAL A 382 -7.16 0.74 -76.21
CA VAL A 382 -5.86 0.14 -76.51
C VAL A 382 -6.11 -1.17 -77.25
N LYS A 383 -5.07 -1.64 -77.94
CA LYS A 383 -5.15 -2.86 -78.73
C LYS A 383 -4.44 -3.98 -77.97
N ILE A 384 -5.16 -5.07 -77.72
CA ILE A 384 -4.57 -6.19 -77.00
C ILE A 384 -3.61 -6.93 -77.93
N LYS A 385 -2.40 -7.19 -77.43
CA LYS A 385 -1.38 -7.81 -78.26
C LYS A 385 -1.86 -9.16 -78.79
N ASN A 386 -2.33 -10.03 -77.91
CA ASN A 386 -2.78 -11.35 -78.32
C ASN A 386 -3.64 -11.94 -77.20
N LEU A 387 -4.89 -12.28 -77.53
CA LEU A 387 -5.81 -12.87 -76.58
C LEU A 387 -5.73 -14.40 -76.55
N LEU A 388 -4.98 -15.02 -77.46
CA LEU A 388 -4.89 -16.46 -77.54
C LEU A 388 -3.66 -17.02 -76.84
N ASP A 389 -2.87 -16.18 -76.18
CA ASP A 389 -1.69 -16.63 -75.44
C ASP A 389 -2.10 -16.92 -74.00
N ASN A 390 -2.07 -18.20 -73.62
CA ASN A 390 -2.49 -18.58 -72.28
C ASN A 390 -1.61 -17.92 -71.20
N GLU A 391 -0.40 -17.48 -71.56
CA GLU A 391 0.42 -16.75 -70.62
C GLU A 391 -0.09 -15.33 -70.39
N ILE A 392 -1.06 -14.88 -71.17
CA ILE A 392 -1.63 -13.54 -71.05
C ILE A 392 -3.08 -13.57 -70.63
N TYR A 393 -3.88 -14.45 -71.23
CA TYR A 393 -5.33 -14.48 -71.01
C TYR A 393 -5.77 -15.92 -70.87
N THR A 394 -6.06 -16.34 -69.65
CA THR A 394 -6.53 -17.69 -69.37
C THR A 394 -8.04 -17.70 -69.22
N ILE A 395 -8.66 -18.81 -69.64
CA ILE A 395 -10.11 -18.93 -69.53
C ILE A 395 -10.56 -18.85 -68.08
N GLU A 396 -9.85 -19.55 -67.20
CA GLU A 396 -10.28 -19.62 -65.81
C GLU A 396 -10.18 -18.26 -65.12
N GLU A 397 -9.05 -17.59 -65.26
CA GLU A 397 -8.76 -16.38 -64.51
C GLU A 397 -8.65 -15.12 -65.36
N GLY A 398 -8.78 -15.23 -66.68
CA GLY A 398 -8.69 -14.05 -67.50
C GLY A 398 -7.33 -13.38 -67.37
N PHE A 399 -7.34 -12.05 -67.37
CA PHE A 399 -6.07 -11.32 -67.26
C PHE A 399 -5.45 -11.49 -65.88
N ASN A 400 -6.26 -11.44 -64.83
CA ASN A 400 -5.75 -11.51 -63.46
C ASN A 400 -5.42 -12.95 -63.10
N ILE A 401 -4.27 -13.39 -63.59
CA ILE A 401 -3.81 -14.77 -63.38
C ILE A 401 -3.10 -14.84 -62.04
N SER A 402 -3.54 -15.76 -61.18
CA SER A 402 -2.91 -15.92 -59.88
C SER A 402 -1.49 -16.45 -60.02
N ASP A 403 -1.25 -17.37 -60.96
CA ASP A 403 0.08 -17.94 -61.11
C ASP A 403 1.10 -16.87 -61.50
N LYS A 404 0.71 -15.94 -62.38
CA LYS A 404 1.59 -14.86 -62.79
C LYS A 404 1.63 -13.72 -61.78
N ASP A 405 1.13 -13.94 -60.56
CA ASP A 405 1.14 -12.92 -59.52
C ASP A 405 0.43 -11.66 -59.98
N MET A 406 -0.78 -11.83 -60.51
CA MET A 406 -1.57 -10.73 -61.05
C MET A 406 -3.01 -10.77 -60.56
N GLU A 407 -3.26 -11.39 -59.40
CA GLU A 407 -4.63 -11.49 -58.89
C GLU A 407 -4.97 -10.39 -57.89
N LYS A 408 -4.00 -9.90 -57.14
CA LYS A 408 -4.28 -8.88 -56.14
C LYS A 408 -4.64 -7.56 -56.81
N GLU A 409 -5.70 -6.91 -56.32
CA GLU A 409 -6.09 -5.57 -56.77
C GLU A 409 -6.23 -5.51 -58.29
N TYR A 410 -6.60 -6.62 -58.91
CA TYR A 410 -6.81 -6.67 -60.35
C TYR A 410 -5.58 -6.19 -61.10
N ARG A 411 -4.40 -6.56 -60.59
CA ARG A 411 -3.16 -6.08 -61.20
C ARG A 411 -3.08 -6.43 -62.68
N GLY A 412 -3.71 -7.53 -63.09
CA GLY A 412 -3.67 -7.93 -64.48
C GLY A 412 -4.24 -6.88 -65.41
N GLN A 413 -5.22 -6.11 -64.93
CA GLN A 413 -5.85 -5.09 -65.76
C GLN A 413 -5.18 -3.73 -65.66
N ASN A 414 -4.22 -3.57 -64.76
CA ASN A 414 -3.58 -2.27 -64.59
C ASN A 414 -2.72 -1.93 -65.80
N LYS A 415 -2.85 -0.69 -66.28
CA LYS A 415 -2.07 -0.26 -67.43
C LYS A 415 -0.58 -0.22 -67.10
N ALA A 416 -0.23 0.19 -65.88
CA ALA A 416 1.17 0.35 -65.51
C ALA A 416 1.83 -0.99 -65.22
N ILE A 417 1.08 -1.98 -64.77
CA ILE A 417 1.67 -3.25 -64.34
C ILE A 417 1.85 -4.16 -65.54
N ASN A 418 0.75 -4.53 -66.20
CA ASN A 418 0.80 -5.46 -67.32
C ASN A 418 1.03 -4.71 -68.63
N LYS A 419 2.22 -4.10 -68.73
CA LYS A 419 2.55 -3.30 -69.90
C LYS A 419 2.78 -4.14 -71.14
N GLN A 420 2.96 -5.45 -71.00
CA GLN A 420 3.25 -6.33 -72.11
C GLN A 420 2.01 -6.94 -72.74
N ALA A 421 0.82 -6.59 -72.25
CA ALA A 421 -0.42 -7.20 -72.73
C ALA A 421 -1.26 -6.24 -73.57
N TYR A 422 -0.74 -5.07 -73.93
CA TYR A 422 -1.52 -4.12 -74.70
C TYR A 422 -0.57 -3.15 -75.39
N GLU A 423 -1.13 -2.43 -76.36
CA GLU A 423 -0.41 -1.40 -77.10
C GLU A 423 -1.29 -0.17 -77.19
N GLU A 424 -0.70 1.00 -76.93
CA GLU A 424 -1.44 2.25 -76.99
C GLU A 424 -1.82 2.58 -78.43
N ILE A 425 -2.96 3.23 -78.60
CA ILE A 425 -3.45 3.59 -79.93
C ILE A 425 -2.81 4.90 -80.37
N SER A 426 -2.43 4.98 -81.64
CA SER A 426 -1.87 6.21 -82.18
C SER A 426 -2.95 7.28 -82.25
N LYS A 427 -2.61 8.48 -81.79
CA LYS A 427 -3.58 9.57 -81.78
C LYS A 427 -4.01 9.97 -83.18
N GLU A 428 -3.26 9.56 -84.21
CA GLU A 428 -3.64 9.91 -85.58
C GLU A 428 -4.98 9.32 -85.95
N HIS A 429 -5.23 8.06 -85.59
CA HIS A 429 -6.47 7.40 -85.96
C HIS A 429 -7.62 7.73 -85.01
N LEU A 430 -7.33 8.21 -83.80
CA LEU A 430 -8.40 8.54 -82.88
C LEU A 430 -9.16 9.79 -83.34
N ALA A 431 -10.48 9.74 -83.23
CA ALA A 431 -11.34 10.86 -83.57
C ALA A 431 -12.22 11.18 -82.38
N VAL A 432 -12.24 12.45 -81.98
CA VAL A 432 -12.97 12.89 -80.80
C VAL A 432 -13.77 14.13 -81.14
N TYR A 433 -14.89 14.30 -80.45
CA TYR A 433 -15.75 15.48 -80.60
C TYR A 433 -15.23 16.54 -79.63
N LYS A 434 -14.69 17.63 -80.17
CA LYS A 434 -13.99 18.64 -79.38
C LYS A 434 -14.72 19.97 -79.45
N ILE A 435 -14.58 20.75 -78.37
CA ILE A 435 -15.12 22.10 -78.28
C ILE A 435 -13.94 23.05 -78.20
N GLN A 436 -13.88 24.00 -79.12
CA GLN A 436 -12.84 25.02 -79.14
C GLN A 436 -13.41 26.28 -78.51
N MET A 437 -12.98 26.58 -77.28
CA MET A 437 -13.43 27.76 -76.56
C MET A 437 -12.43 28.89 -76.81
N CYS A 438 -12.91 29.99 -77.37
CA CYS A 438 -12.07 31.12 -77.75
C CYS A 438 -12.45 32.34 -76.92
N LYS A 439 -11.45 32.96 -76.29
CA LYS A 439 -11.69 34.19 -75.55
C LYS A 439 -11.86 35.36 -76.50
N SER A 440 -12.81 36.23 -76.21
CA SER A 440 -13.10 37.38 -77.06
C SER A 440 -12.04 38.47 -76.88
N ILE A 446 -5.84 31.68 -76.12
CA ILE A 446 -6.59 32.29 -77.21
C ILE A 446 -7.74 31.38 -77.62
N CYS A 447 -7.45 30.11 -77.91
CA CYS A 447 -8.47 29.15 -78.29
C CYS A 447 -8.03 27.78 -77.79
N ILE A 448 -8.73 27.24 -76.80
CA ILE A 448 -8.36 25.98 -76.17
C ILE A 448 -9.37 24.92 -76.53
N ASP A 449 -8.89 23.74 -76.91
CA ASP A 449 -9.71 22.62 -77.33
C ASP A 449 -9.91 21.67 -76.15
N VAL A 450 -11.16 21.29 -75.89
CA VAL A 450 -11.52 20.43 -74.78
C VAL A 450 -12.38 19.29 -75.31
N ASP A 451 -12.05 18.06 -74.91
CA ASP A 451 -12.88 16.92 -75.28
C ASP A 451 -14.24 17.03 -74.62
N ASN A 452 -15.29 16.74 -75.39
CA ASN A 452 -16.64 16.86 -74.86
C ASN A 452 -16.88 15.95 -73.66
N GLU A 453 -16.15 14.83 -73.58
CA GLU A 453 -16.34 13.90 -72.47
C GLU A 453 -15.86 14.46 -71.15
N ASP A 454 -15.11 15.56 -71.15
CA ASP A 454 -14.60 16.15 -69.92
C ASP A 454 -15.53 17.20 -69.33
N LEU A 455 -16.60 17.55 -70.04
CA LEU A 455 -17.51 18.57 -69.54
C LEU A 455 -18.47 17.98 -68.50
N PHE A 456 -19.18 18.87 -67.81
CA PHE A 456 -20.15 18.45 -66.81
C PHE A 456 -21.38 17.86 -67.48
N PHE A 457 -21.95 16.84 -66.86
CA PHE A 457 -23.19 16.24 -67.34
C PHE A 457 -24.32 16.65 -66.40
N ILE A 458 -25.34 17.30 -66.96
CA ILE A 458 -26.50 17.77 -66.20
C ILE A 458 -27.74 17.40 -66.98
N ALA A 459 -28.58 16.55 -66.39
CA ALA A 459 -29.82 16.15 -67.05
C ALA A 459 -30.84 17.28 -66.97
N ASP A 460 -31.58 17.46 -68.06
CA ASP A 460 -32.60 18.50 -68.10
C ASP A 460 -33.77 18.12 -67.21
N LYS A 461 -34.51 19.15 -66.77
CA LYS A 461 -35.66 18.92 -65.91
C LYS A 461 -36.76 18.13 -66.60
N ASN A 462 -36.72 18.02 -67.93
CA ASN A 462 -37.74 17.28 -68.66
C ASN A 462 -37.51 15.78 -68.62
N SER A 463 -36.44 15.31 -68.01
CA SER A 463 -36.13 13.88 -67.97
C SER A 463 -36.77 13.16 -66.80
N PHE A 464 -37.47 13.86 -65.91
CA PHE A 464 -38.07 13.28 -64.73
C PHE A 464 -39.59 13.26 -64.76
N SER A 465 -40.18 12.12 -64.43
CA SER A 465 -41.63 12.01 -64.44
C SER A 465 -42.33 12.75 -63.32
N ASP A 466 -43.49 13.33 -63.64
CA ASP A 466 -44.29 14.09 -62.69
C ASP A 466 -45.61 13.36 -62.44
N ASP A 467 -45.59 12.03 -62.54
CA ASP A 467 -46.78 11.24 -62.31
C ASP A 467 -47.25 11.30 -60.86
N LEU A 468 -46.43 11.79 -59.95
CA LEU A 468 -46.85 11.93 -58.57
C LEU A 468 -47.95 12.98 -58.40
N SER A 469 -48.15 13.84 -59.39
CA SER A 469 -49.18 14.87 -59.31
C SER A 469 -50.56 14.36 -59.66
N LYS A 470 -50.68 13.18 -60.26
CA LYS A 470 -51.97 12.66 -60.67
C LYS A 470 -52.76 12.14 -59.48
N ASN A 471 -54.07 12.29 -59.54
CA ASN A 471 -54.95 11.80 -58.49
C ASN A 471 -54.95 10.27 -58.47
N GLU A 472 -55.18 9.71 -57.28
CA GLU A 472 -55.26 8.27 -57.09
C GLU A 472 -56.62 7.91 -56.51
N ARG A 473 -57.22 6.85 -57.05
CA ARG A 473 -58.49 6.34 -56.56
C ARG A 473 -58.20 5.13 -55.67
N ILE A 474 -58.60 5.24 -54.40
CA ILE A 474 -58.33 4.22 -53.40
C ILE A 474 -59.56 3.34 -53.25
N GLU A 475 -59.35 2.03 -53.26
CA GLU A 475 -60.42 1.05 -53.13
C GLU A 475 -60.01 -0.01 -52.12
N TYR A 476 -60.95 -0.88 -51.77
CA TYR A 476 -60.68 -1.89 -50.75
C TYR A 476 -59.59 -2.86 -51.20
N ASN A 477 -59.47 -3.09 -52.50
CA ASN A 477 -58.49 -4.04 -53.02
C ASN A 477 -57.18 -3.38 -53.43
N THR A 478 -57.05 -2.07 -53.28
CA THR A 478 -55.82 -1.39 -53.68
C THR A 478 -54.63 -1.98 -52.93
N GLN A 479 -53.54 -2.21 -53.66
CA GLN A 479 -52.33 -2.79 -53.11
C GLN A 479 -51.16 -1.84 -53.31
N SER A 480 -50.22 -1.88 -52.38
CA SER A 480 -49.02 -1.05 -52.44
C SER A 480 -47.99 -1.73 -53.33
N ASN A 481 -47.62 -1.06 -54.42
CA ASN A 481 -46.65 -1.59 -55.38
C ASN A 481 -45.32 -0.89 -55.17
N TYR A 482 -44.26 -1.67 -54.94
CA TYR A 482 -42.93 -1.13 -54.68
C TYR A 482 -41.93 -2.02 -55.38
N ILE A 483 -41.28 -1.50 -56.42
CA ILE A 483 -40.27 -2.23 -57.16
C ILE A 483 -38.90 -1.92 -56.55
N GLU A 484 -38.25 -2.95 -56.02
CA GLU A 484 -36.91 -2.80 -55.47
C GLU A 484 -35.90 -3.06 -56.58
N ASN A 485 -35.07 -2.05 -56.86
CA ASN A 485 -34.07 -2.15 -57.93
C ASN A 485 -32.87 -2.94 -57.42
N ASP A 486 -33.10 -4.23 -57.20
CA ASP A 486 -32.05 -5.12 -56.71
C ASP A 486 -32.55 -6.55 -56.77
N PHE A 487 -31.61 -7.49 -56.82
CA PHE A 487 -31.92 -8.91 -56.86
C PHE A 487 -30.72 -9.70 -56.36
N PRO A 488 -30.89 -10.63 -55.42
CA PRO A 488 -29.73 -11.37 -54.91
C PRO A 488 -29.12 -12.24 -56.00
N ILE A 489 -27.84 -12.00 -56.28
CA ILE A 489 -27.17 -12.75 -57.34
C ILE A 489 -26.99 -14.21 -56.93
N ASN A 490 -26.85 -14.49 -55.63
CA ASN A 490 -26.67 -15.86 -55.18
C ASN A 490 -27.88 -16.71 -55.52
N GLU A 491 -29.09 -16.15 -55.35
CA GLU A 491 -30.29 -16.89 -55.73
C GLU A 491 -30.27 -17.23 -57.22
N LEU A 492 -29.83 -16.30 -58.05
CA LEU A 492 -29.73 -16.58 -59.48
C LEU A 492 -28.71 -17.66 -59.76
N ILE A 493 -27.57 -17.62 -59.07
CA ILE A 493 -26.54 -18.64 -59.28
C ILE A 493 -27.08 -20.02 -58.92
N LEU A 494 -27.70 -20.14 -57.75
CA LEU A 494 -28.20 -21.43 -57.30
C LEU A 494 -29.35 -21.94 -58.16
N ASP A 495 -29.95 -21.09 -58.98
CA ASP A 495 -31.06 -21.52 -59.84
C ASP A 495 -30.60 -22.15 -61.14
N THR A 496 -29.29 -22.26 -61.37
CA THR A 496 -28.77 -22.82 -62.61
C THR A 496 -28.68 -24.33 -62.53
N ASP A 497 -29.03 -25.00 -63.63
CA ASP A 497 -28.93 -26.45 -63.75
C ASP A 497 -27.92 -26.77 -64.84
N LEU A 498 -26.83 -27.43 -64.47
CA LEU A 498 -25.75 -27.74 -65.40
C LEU A 498 -25.78 -29.17 -65.88
N ILE A 499 -26.90 -29.88 -65.70
CA ILE A 499 -27.04 -31.26 -66.15
C ILE A 499 -28.12 -31.38 -67.21
N SER A 500 -29.32 -30.90 -66.91
CA SER A 500 -30.45 -31.10 -67.81
C SER A 500 -30.15 -30.54 -69.19
N LYS A 501 -30.42 -31.36 -70.20
CA LYS A 501 -30.20 -30.96 -71.59
C LYS A 501 -31.42 -30.20 -72.12
N ILE A 502 -31.27 -29.66 -73.33
CA ILE A 502 -32.33 -28.89 -73.97
C ILE A 502 -33.10 -29.80 -74.92
N GLU A 503 -34.33 -29.40 -75.22
CA GLU A 503 -35.21 -30.12 -76.14
C GLU A 503 -35.84 -29.14 -77.13
N LEU A 504 -35.02 -28.28 -77.70
CA LEU A 504 -35.53 -27.26 -78.61
C LEU A 504 -36.04 -27.91 -79.89
N PRO A 505 -37.01 -27.27 -80.57
CA PRO A 505 -37.45 -27.78 -81.86
C PRO A 505 -36.37 -27.66 -82.92
N SER A 506 -36.61 -28.20 -84.10
CA SER A 506 -35.66 -28.08 -85.20
C SER A 506 -35.58 -26.63 -85.66
N GLU A 507 -34.35 -26.16 -85.90
CA GLU A 507 -34.17 -24.79 -86.35
C GLU A 507 -34.66 -24.59 -87.77
N ASN A 508 -34.63 -25.64 -88.59
CA ASN A 508 -35.05 -25.53 -89.98
C ASN A 508 -36.54 -25.25 -90.08
N THR A 509 -36.92 -24.52 -91.13
CA THR A 509 -38.32 -24.22 -91.40
C THR A 509 -38.44 -23.75 -92.85
N GLU A 510 -39.63 -23.30 -93.21
CA GLU A 510 -39.90 -22.86 -94.57
C GLU A 510 -39.09 -21.60 -94.89
N SER A 511 -38.84 -21.40 -96.18
CA SER A 511 -38.06 -20.24 -96.62
C SER A 511 -38.84 -18.96 -96.38
N LEU A 512 -38.10 -17.88 -96.14
CA LEU A 512 -38.71 -16.58 -95.95
C LEU A 512 -39.19 -16.01 -97.28
N THR A 513 -40.28 -15.24 -97.23
CA THR A 513 -40.85 -14.66 -98.44
C THR A 513 -41.03 -13.16 -98.30
N ASP A 514 -41.27 -12.69 -97.07
CA ASP A 514 -41.48 -11.27 -96.80
C ASP A 514 -40.17 -10.67 -96.28
N PHE A 515 -39.67 -9.66 -96.98
CA PHE A 515 -38.40 -9.03 -96.64
C PHE A 515 -38.57 -7.59 -96.15
N ASN A 516 -39.81 -7.15 -95.92
CA ASN A 516 -40.02 -5.79 -95.44
C ASN A 516 -39.35 -5.58 -94.09
N VAL A 517 -38.52 -4.55 -94.00
CA VAL A 517 -37.78 -4.27 -92.78
C VAL A 517 -37.25 -2.84 -92.87
N ASP A 518 -36.95 -2.26 -91.72
CA ASP A 518 -36.43 -0.89 -91.63
C ASP A 518 -34.95 -0.97 -91.26
N VAL A 519 -34.08 -0.64 -92.22
CA VAL A 519 -32.64 -0.64 -92.00
C VAL A 519 -32.22 0.72 -91.46
N PRO A 520 -31.51 0.79 -90.34
CA PRO A 520 -31.07 2.10 -89.83
C PRO A 520 -30.08 2.77 -90.77
N VAL A 521 -30.05 4.09 -90.70
CA VAL A 521 -29.12 4.91 -91.47
C VAL A 521 -28.32 5.75 -90.50
N TYR A 522 -26.99 5.70 -90.63
CA TYR A 522 -26.09 6.47 -89.79
C TYR A 522 -25.31 7.47 -90.62
N GLU A 523 -25.08 8.65 -90.05
CA GLU A 523 -24.36 9.71 -90.72
C GLU A 523 -23.44 10.40 -89.73
N LYS A 524 -22.26 10.79 -90.20
CA LYS A 524 -21.31 11.47 -89.34
C LYS A 524 -21.68 12.94 -89.19
N GLN A 525 -21.11 13.57 -88.16
CA GLN A 525 -21.32 14.98 -87.87
C GLN A 525 -19.98 15.60 -87.55
N PRO A 526 -19.86 16.93 -87.66
CA PRO A 526 -18.57 17.58 -87.40
C PRO A 526 -18.07 17.26 -86.00
N ALA A 527 -16.75 17.05 -85.90
CA ALA A 527 -16.11 16.70 -84.64
C ALA A 527 -15.59 17.90 -83.89
N ILE A 528 -15.79 19.11 -84.41
CA ILE A 528 -15.29 20.33 -83.79
C ILE A 528 -16.44 21.33 -83.72
N LYS A 529 -16.62 21.94 -82.54
CA LYS A 529 -17.58 23.01 -82.38
C LYS A 529 -16.88 24.19 -81.72
N LYS A 530 -16.92 25.35 -82.38
CA LYS A 530 -16.24 26.54 -81.91
C LYS A 530 -17.24 27.44 -81.19
N ILE A 531 -16.89 27.85 -79.96
CA ILE A 531 -17.71 28.74 -79.18
C ILE A 531 -16.82 29.81 -78.55
N PHE A 532 -17.44 30.93 -78.19
CA PHE A 532 -16.76 32.08 -77.62
C PHE A 532 -17.20 32.28 -76.18
N THR A 533 -16.24 32.44 -75.28
CA THR A 533 -16.54 32.66 -73.87
C THR A 533 -15.35 33.34 -73.22
N ASP A 534 -15.65 34.27 -72.31
CA ASP A 534 -14.62 35.05 -71.61
C ASP A 534 -14.46 34.60 -70.16
N GLU A 535 -14.98 33.43 -69.81
CA GLU A 535 -14.93 32.93 -68.44
C GLU A 535 -13.75 31.99 -68.27
N ASN A 536 -12.93 32.24 -67.25
CA ASN A 536 -11.80 31.39 -66.93
C ASN A 536 -12.21 30.45 -65.81
N THR A 537 -12.48 29.20 -66.17
CA THR A 537 -12.98 28.19 -65.25
C THR A 537 -12.11 26.93 -65.34
N ILE A 538 -12.58 25.86 -64.72
CA ILE A 538 -11.85 24.60 -64.58
C ILE A 538 -11.03 24.30 -65.82
N PHE A 539 -11.61 24.47 -67.00
CA PHE A 539 -10.91 24.12 -68.23
C PHE A 539 -9.73 25.06 -68.47
N GLN A 540 -9.97 26.37 -68.33
CA GLN A 540 -8.89 27.33 -68.53
C GLN A 540 -7.80 27.14 -67.50
N TYR A 541 -8.17 26.92 -66.25
CA TYR A 541 -7.16 26.70 -65.21
C TYR A 541 -6.35 25.45 -65.49
N LEU A 542 -7.01 24.36 -65.90
CA LEU A 542 -6.30 23.13 -66.21
C LEU A 542 -5.35 23.33 -67.37
N TYR A 543 -5.79 24.05 -68.42
CA TYR A 543 -4.92 24.28 -69.57
C TYR A 543 -3.65 25.01 -69.17
N SER A 544 -3.74 25.93 -68.21
CA SER A 544 -2.60 26.73 -67.81
C SER A 544 -1.49 25.91 -67.16
N GLN A 545 -1.77 24.68 -66.74
CA GLN A 545 -0.77 23.83 -66.10
C GLN A 545 -0.12 22.87 -67.08
N THR A 546 -0.32 23.06 -68.38
CA THR A 546 0.30 22.25 -69.41
C THR A 546 1.30 23.10 -70.20
N PHE A 547 2.34 22.44 -70.69
CA PHE A 547 3.36 23.11 -71.49
C PHE A 547 3.69 22.26 -72.72
N PRO A 548 4.10 22.89 -73.81
CA PRO A 548 4.49 22.11 -74.99
C PRO A 548 5.73 21.27 -74.71
N LEU A 549 5.83 20.13 -75.41
CA LEU A 549 6.96 19.25 -75.21
C LEU A 549 8.29 19.94 -75.54
N ASP A 550 8.26 20.91 -76.46
CA ASP A 550 9.50 21.58 -76.85
C ASP A 550 10.11 22.33 -75.68
N ILE A 551 9.29 23.03 -74.90
CA ILE A 551 9.82 23.83 -73.80
C ILE A 551 10.50 22.93 -72.79
N ARG A 552 11.70 23.33 -72.36
CA ARG A 552 12.47 22.59 -71.38
C ARG A 552 12.73 23.39 -70.10
N ASP A 553 13.09 24.67 -70.24
CA ASP A 553 13.34 25.53 -69.08
C ASP A 553 12.03 26.23 -68.73
N ILE A 554 11.29 25.66 -67.77
CA ILE A 554 10.02 26.22 -67.34
C ILE A 554 10.18 26.73 -65.92
N SER A 555 9.18 27.51 -65.48
CA SER A 555 9.19 28.08 -64.15
C SER A 555 7.76 28.14 -63.63
N LEU A 556 7.60 27.88 -62.34
CA LEU A 556 6.28 27.92 -61.72
C LEU A 556 5.91 29.34 -61.32
N THR A 557 4.63 29.67 -61.46
CA THR A 557 4.10 30.96 -61.08
C THR A 557 2.79 30.77 -60.36
N SER A 558 2.51 31.66 -59.41
CA SER A 558 1.23 31.67 -58.72
C SER A 558 0.16 32.50 -59.43
N SER A 559 0.52 33.17 -60.52
CA SER A 559 -0.41 34.02 -61.26
C SER A 559 -0.97 33.22 -62.43
N PHE A 560 -2.29 33.02 -62.43
CA PHE A 560 -2.92 32.31 -63.54
C PHE A 560 -2.73 33.04 -64.85
N ASP A 561 -2.88 34.38 -64.85
CA ASP A 561 -2.72 35.14 -66.07
C ASP A 561 -1.31 35.04 -66.60
N ASP A 562 -0.30 35.12 -65.71
CA ASP A 562 1.07 34.99 -66.15
C ASP A 562 1.32 33.64 -66.81
N ALA A 563 0.80 32.57 -66.22
CA ALA A 563 0.95 31.24 -66.82
C ALA A 563 0.26 31.18 -68.18
N LEU A 564 -0.95 31.74 -68.29
CA LEU A 564 -1.64 31.74 -69.56
C LEU A 564 -0.95 32.60 -70.61
N LEU A 565 -0.11 33.54 -70.18
CA LEU A 565 0.55 34.44 -71.13
C LEU A 565 1.79 33.79 -71.73
N PHE A 566 2.73 33.37 -70.88
CA PHE A 566 4.01 32.83 -71.33
C PHE A 566 3.97 31.30 -71.31
N SER A 567 4.43 30.70 -72.40
CA SER A 567 4.45 29.24 -72.48
C SER A 567 5.40 28.65 -71.44
N ASN A 568 6.53 29.31 -71.20
CA ASN A 568 7.52 28.80 -70.26
C ASN A 568 7.07 28.89 -68.80
N LYS A 569 5.94 29.57 -68.53
CA LYS A 569 5.43 29.71 -67.17
C LYS A 569 4.30 28.72 -66.96
N VAL A 570 4.32 28.06 -65.80
CA VAL A 570 3.34 27.04 -65.46
C VAL A 570 2.63 27.47 -64.17
N TYR A 571 1.31 27.49 -64.21
CA TYR A 571 0.55 27.88 -63.03
C TYR A 571 0.63 26.79 -61.96
N SER A 572 0.64 27.23 -60.69
CA SER A 572 0.66 26.30 -59.57
C SER A 572 -0.29 26.82 -58.50
N PHE A 573 -0.69 25.91 -57.61
CA PHE A 573 -1.67 26.23 -56.57
C PHE A 573 -1.19 25.74 -55.20
N PHE A 574 0.12 25.75 -54.97
CA PHE A 574 0.69 25.37 -53.69
C PHE A 574 1.25 26.59 -52.98
N SER A 575 1.83 26.36 -51.80
CA SER A 575 2.36 27.46 -50.99
C SER A 575 3.49 28.16 -51.72
N MET A 576 3.68 29.45 -51.39
CA MET A 576 4.73 30.23 -52.03
C MET A 576 6.12 29.65 -51.73
N ASP A 577 6.30 29.08 -50.54
CA ASP A 577 7.57 28.46 -50.21
C ASP A 577 7.90 27.33 -51.17
N TYR A 578 6.90 26.51 -51.51
CA TYR A 578 7.12 25.44 -52.46
C TYR A 578 7.52 25.98 -53.82
N ILE A 579 6.86 27.07 -54.26
CA ILE A 579 7.22 27.68 -55.53
C ILE A 579 8.66 28.16 -55.52
N LYS A 580 9.05 28.85 -54.45
CA LYS A 580 10.41 29.36 -54.36
C LYS A 580 11.42 28.22 -54.38
N THR A 581 11.16 27.14 -53.62
CA THR A 581 12.10 26.03 -53.57
C THR A 581 12.21 25.34 -54.92
N ALA A 582 11.09 25.16 -55.62
CA ALA A 582 11.12 24.47 -56.91
C ALA A 582 12.01 25.22 -57.91
N ASN A 583 11.99 26.54 -57.86
CA ASN A 583 12.80 27.34 -58.77
C ASN A 583 14.24 27.50 -58.31
N LYS A 584 14.56 27.12 -57.09
CA LYS A 584 15.91 27.32 -56.57
C LYS A 584 16.92 26.52 -57.38
N VAL A 585 18.12 27.09 -57.52
CA VAL A 585 19.23 26.45 -58.22
C VAL A 585 20.36 26.24 -57.22
N VAL A 586 20.89 25.02 -57.17
CA VAL A 586 21.90 24.64 -56.20
C VAL A 586 23.05 23.96 -56.91
N GLU A 587 24.20 23.92 -56.25
CA GLU A 587 25.35 23.18 -56.74
C GLU A 587 25.11 21.69 -56.63
N ALA A 588 25.88 20.93 -57.41
CA ALA A 588 25.69 19.48 -57.44
C ALA A 588 25.82 18.86 -56.05
N GLY A 589 26.56 19.50 -55.15
CA GLY A 589 26.71 18.95 -53.81
C GLY A 589 25.39 18.82 -53.08
N LEU A 590 24.53 19.83 -53.22
CA LEU A 590 23.24 19.85 -52.54
C LEU A 590 22.09 19.44 -53.45
N PHE A 591 22.38 18.93 -54.65
CA PHE A 591 21.32 18.62 -55.59
C PHE A 591 20.43 17.49 -55.09
N ALA A 592 21.04 16.41 -54.57
CA ALA A 592 20.25 15.30 -54.06
C ALA A 592 19.40 15.74 -52.87
N GLY A 593 19.99 16.51 -51.96
CA GLY A 593 19.21 17.02 -50.84
C GLY A 593 18.09 17.92 -51.30
N TRP A 594 18.34 18.75 -52.30
CA TRP A 594 17.29 19.62 -52.83
C TRP A 594 16.15 18.80 -53.43
N VAL A 595 16.49 17.76 -54.19
CA VAL A 595 15.45 16.91 -54.78
C VAL A 595 14.63 16.27 -53.67
N LYS A 596 15.30 15.73 -52.65
CA LYS A 596 14.58 15.11 -51.55
C LYS A 596 13.66 16.10 -50.88
N GLN A 597 14.17 17.30 -50.58
CA GLN A 597 13.36 18.28 -49.87
C GLN A 597 12.17 18.72 -50.71
N ILE A 598 12.38 18.94 -52.01
CA ILE A 598 11.28 19.42 -52.85
C ILE A 598 10.22 18.33 -53.02
N VAL A 599 10.65 17.07 -53.15
CA VAL A 599 9.67 15.99 -53.25
C VAL A 599 8.88 15.86 -51.96
N ASN A 600 9.56 15.94 -50.82
CA ASN A 600 8.85 15.88 -49.55
C ASN A 600 7.89 17.05 -49.40
N ASP A 601 8.31 18.24 -49.82
CA ASP A 601 7.45 19.42 -49.74
C ASP A 601 6.26 19.29 -50.68
N PHE A 602 6.44 18.66 -51.83
CA PHE A 602 5.29 18.40 -52.71
C PHE A 602 4.31 17.45 -52.04
N VAL A 603 4.82 16.39 -51.42
CA VAL A 603 3.94 15.44 -50.74
C VAL A 603 3.26 16.09 -49.55
N ILE A 604 3.89 17.10 -48.94
CA ILE A 604 3.31 17.73 -47.77
C ILE A 604 2.29 18.80 -48.15
N GLU A 605 2.58 19.57 -49.20
CA GLU A 605 1.64 20.59 -49.65
C GLU A 605 0.29 19.97 -49.97
N ALA A 606 0.31 18.89 -50.73
CA ALA A 606 -0.88 18.07 -50.87
C ALA A 606 -0.86 17.31 -49.54
N ASN A 607 -1.99 16.70 -49.21
CA ASN A 607 -2.20 16.10 -47.88
C ASN A 607 -2.71 17.04 -46.71
N LYS A 608 -2.83 18.30 -47.12
CA LYS A 608 -3.33 19.36 -46.27
C LYS A 608 -4.83 19.49 -46.11
N SER A 609 -5.30 19.39 -44.88
CA SER A 609 -6.73 19.38 -44.61
C SER A 609 -7.00 20.06 -43.28
N ASN A 610 -8.24 20.53 -43.14
CA ASN A 610 -8.73 21.13 -41.90
C ASN A 610 -9.96 20.36 -41.44
N THR A 611 -10.02 20.08 -40.14
CA THR A 611 -11.12 19.30 -39.59
C THR A 611 -12.39 20.13 -39.56
N MET A 612 -13.51 19.50 -39.92
CA MET A 612 -14.83 20.12 -39.88
C MET A 612 -15.69 19.35 -38.88
N ASP A 613 -16.27 20.06 -37.93
CA ASP A 613 -17.12 19.47 -36.90
C ASP A 613 -18.53 20.05 -36.86
N LYS A 614 -18.80 21.12 -37.60
CA LYS A 614 -20.10 21.77 -37.61
C LYS A 614 -21.00 21.30 -38.74
N ILE A 615 -20.57 20.34 -39.55
CA ILE A 615 -21.34 19.85 -40.69
C ILE A 615 -21.41 18.33 -40.59
N ALA A 616 -22.60 17.79 -40.83
CA ALA A 616 -22.80 16.34 -40.80
C ALA A 616 -22.77 15.78 -42.21
N ILE A 618 -19.64 15.76 -42.89
CA ILE A 618 -18.34 16.19 -43.39
C ILE A 618 -17.31 16.08 -42.29
N SER A 619 -16.09 15.69 -42.64
CA SER A 619 -15.01 15.52 -41.68
C SER A 619 -13.84 16.46 -41.93
N LEU A 620 -13.37 16.54 -43.18
CA LEU A 620 -12.21 17.36 -43.50
C LEU A 620 -12.47 18.14 -44.79
N ILE A 621 -11.77 19.26 -44.93
CA ILE A 621 -11.90 20.15 -46.09
C ILE A 621 -10.51 20.39 -46.67
N VAL A 622 -10.40 20.26 -47.98
CA VAL A 622 -9.15 20.51 -48.69
C VAL A 622 -9.17 21.96 -49.18
N PRO A 623 -8.24 22.81 -48.76
CA PRO A 623 -8.37 24.25 -49.04
C PRO A 623 -7.96 24.67 -50.45
N TYR A 624 -7.18 23.88 -51.17
CA TYR A 624 -6.56 24.34 -52.41
C TYR A 624 -7.34 23.93 -53.65
N ILE A 625 -8.58 23.45 -53.51
CA ILE A 625 -9.38 23.12 -54.68
C ILE A 625 -9.71 24.38 -55.48
N GLY A 626 -10.09 25.45 -54.79
CA GLY A 626 -10.46 26.67 -55.49
C GLY A 626 -9.34 27.23 -56.33
N LEU A 627 -8.13 27.29 -55.76
CA LEU A 627 -6.98 27.76 -56.52
C LEU A 627 -6.72 26.86 -57.72
N ALA A 628 -6.85 25.55 -57.54
CA ALA A 628 -6.55 24.62 -58.62
C ALA A 628 -7.55 24.79 -59.78
N LEU A 629 -8.83 24.97 -59.47
CA LEU A 629 -9.87 24.91 -60.49
C LEU A 629 -10.64 26.21 -60.67
N ASN A 630 -10.80 27.02 -59.63
CA ASN A 630 -11.61 28.24 -59.72
C ASN A 630 -13.00 27.93 -60.24
N VAL A 631 -13.60 26.88 -59.70
CA VAL A 631 -14.92 26.43 -60.13
C VAL A 631 -15.99 27.08 -59.26
N GLY A 632 -17.13 27.38 -59.86
CA GLY A 632 -18.25 27.96 -59.13
C GLY A 632 -18.23 29.47 -59.11
N ASN A 633 -18.60 30.05 -57.97
CA ASN A 633 -18.64 31.51 -57.83
C ASN A 633 -17.28 32.02 -57.37
N GLU A 634 -16.32 31.94 -58.28
CA GLU A 634 -14.96 32.45 -58.05
C GLU A 634 -14.41 31.95 -56.72
N THR A 635 -14.28 30.62 -56.63
CA THR A 635 -13.82 30.00 -55.39
C THR A 635 -12.39 30.42 -55.05
N ALA A 636 -11.58 30.71 -56.07
CA ALA A 636 -10.18 31.05 -55.81
C ALA A 636 -10.05 32.31 -54.97
N LYS A 637 -10.86 33.33 -55.27
CA LYS A 637 -10.76 34.59 -54.54
C LYS A 637 -11.11 34.42 -53.08
N GLY A 638 -10.34 35.07 -52.22
CA GLY A 638 -10.61 35.04 -50.79
C GLY A 638 -10.18 33.73 -50.15
N ASN A 639 -10.56 33.60 -48.88
CA ASN A 639 -10.27 32.39 -48.11
C ASN A 639 -11.31 31.34 -48.45
N PHE A 640 -10.86 30.24 -49.06
CA PHE A 640 -11.80 29.20 -49.49
C PHE A 640 -12.52 28.59 -48.29
N GLU A 641 -11.79 28.33 -47.20
CA GLU A 641 -12.41 27.72 -46.03
C GLU A 641 -13.50 28.62 -45.45
N ASN A 642 -13.21 29.93 -45.36
CA ASN A 642 -14.22 30.85 -44.84
C ASN A 642 -15.44 30.90 -45.73
N ALA A 643 -15.23 30.96 -47.05
CA ALA A 643 -16.36 30.99 -47.97
C ALA A 643 -17.20 29.73 -47.84
N PHE A 644 -16.56 28.57 -47.72
CA PHE A 644 -17.30 27.33 -47.53
C PHE A 644 -18.09 27.37 -46.23
N GLU A 645 -17.43 27.72 -45.12
CA GLU A 645 -18.13 27.75 -43.84
C GLU A 645 -19.29 28.74 -43.86
N ILE A 646 -19.22 29.75 -44.71
CA ILE A 646 -20.27 30.77 -44.74
C ILE A 646 -21.41 30.42 -45.71
N ALA A 647 -21.13 29.67 -46.78
CA ALA A 647 -22.11 29.48 -47.83
C ALA A 647 -22.33 28.01 -48.20
N GLY A 648 -21.96 27.07 -47.33
CA GLY A 648 -22.24 25.69 -47.65
C GLY A 648 -21.37 25.19 -48.80
N ALA A 649 -21.83 24.10 -49.41
CA ALA A 649 -21.13 23.51 -50.55
C ALA A 649 -21.66 24.00 -51.89
N SER A 650 -22.67 24.88 -51.89
CA SER A 650 -23.19 25.40 -53.15
C SER A 650 -22.17 26.24 -53.89
N ILE A 651 -21.15 26.75 -53.20
CA ILE A 651 -20.14 27.58 -53.86
C ILE A 651 -19.39 26.77 -54.90
N LEU A 652 -19.12 25.50 -54.61
CA LEU A 652 -18.34 24.68 -55.53
C LEU A 652 -19.08 24.40 -56.82
N LEU A 653 -20.40 24.26 -56.76
CA LEU A 653 -21.17 23.88 -57.94
C LEU A 653 -21.10 24.98 -59.00
N GLU A 654 -20.92 24.57 -60.25
CA GLU A 654 -20.89 25.52 -61.36
C GLU A 654 -22.29 25.90 -61.83
N PHE A 655 -23.32 25.17 -61.42
CA PHE A 655 -24.67 25.42 -61.90
C PHE A 655 -25.66 24.90 -60.88
N ILE A 656 -26.34 25.81 -60.18
CA ILE A 656 -27.38 25.42 -59.23
C ILE A 656 -28.59 24.98 -60.04
N PRO A 657 -29.05 23.73 -59.90
CA PRO A 657 -30.12 23.24 -60.78
C PRO A 657 -31.51 23.45 -60.21
N GLU A 658 -32.45 23.69 -61.12
CA GLU A 658 -33.85 23.79 -60.73
C GLU A 658 -34.34 22.44 -60.23
N LEU A 659 -35.08 22.45 -59.13
CA LEU A 659 -35.54 21.23 -58.48
C LEU A 659 -37.02 21.03 -58.81
N LEU A 660 -37.35 19.84 -59.30
CA LEU A 660 -38.73 19.49 -59.64
C LEU A 660 -39.40 18.83 -58.45
N ILE A 661 -40.44 19.45 -57.91
CA ILE A 661 -41.17 18.91 -56.77
C ILE A 661 -42.66 18.98 -57.07
N PRO A 662 -43.24 17.95 -57.69
CA PRO A 662 -44.66 18.03 -58.07
C PRO A 662 -45.57 18.11 -56.86
N VAL A 663 -46.74 18.71 -57.07
CA VAL A 663 -47.78 18.77 -56.04
C VAL A 663 -48.54 17.46 -56.08
N VAL A 664 -48.46 16.68 -54.99
CA VAL A 664 -49.10 15.37 -54.96
C VAL A 664 -50.59 15.53 -55.14
N GLY A 665 -51.14 14.80 -56.11
CA GLY A 665 -52.57 14.88 -56.35
C GLY A 665 -53.37 14.29 -55.21
N ALA A 666 -54.54 14.89 -54.96
CA ALA A 666 -55.42 14.43 -53.90
C ALA A 666 -56.06 13.10 -54.27
N PHE A 667 -56.36 12.29 -53.26
CA PHE A 667 -56.99 11.01 -53.46
C PHE A 667 -58.50 11.19 -53.69
N LEU A 668 -59.09 10.20 -54.36
CA LEU A 668 -60.53 10.16 -54.63
C LEU A 668 -61.03 8.79 -54.18
N LEU A 669 -61.42 8.70 -52.91
CA LEU A 669 -61.86 7.43 -52.36
C LEU A 669 -63.26 7.07 -52.82
N GLU A 670 -63.54 5.78 -52.86
CA GLU A 670 -64.86 5.28 -53.23
C GLU A 670 -65.74 5.16 -51.99
N SER A 671 -67.06 5.02 -52.19
CA SER A 671 -68.02 4.90 -51.06
C SER A 671 -68.57 3.47 -51.04
N TYR A 672 -67.81 2.53 -50.50
CA TYR A 672 -68.23 1.10 -50.45
C TYR A 672 -69.23 0.91 -49.32
N ASP A 674 -72.45 -0.02 -48.53
CA ASP A 674 -72.46 0.02 -47.05
C ASP A 674 -71.95 -1.31 -46.50
N ASN A 675 -70.64 -1.41 -46.19
CA ASN A 675 -70.03 -2.62 -45.60
C ASN A 675 -68.85 -2.18 -44.74
N LYS A 676 -69.06 -1.98 -43.44
CA LYS A 676 -67.99 -1.50 -42.54
C LYS A 676 -66.65 -2.10 -42.99
N ASN A 677 -66.54 -3.42 -43.03
CA ASN A 677 -65.25 -4.08 -43.37
C ASN A 677 -64.68 -3.49 -44.66
N LYS A 678 -65.47 -3.40 -45.72
CA LYS A 678 -64.98 -2.92 -47.03
C LYS A 678 -64.97 -1.39 -47.08
N ILE A 679 -64.86 -0.74 -45.93
CA ILE A 679 -64.72 0.74 -45.90
C ILE A 679 -63.58 1.01 -44.95
N ILE A 680 -63.30 0.08 -44.07
CA ILE A 680 -62.21 0.22 -43.08
C ILE A 680 -60.91 -0.21 -43.77
N LYS A 681 -60.91 -1.26 -44.61
CA LYS A 681 -59.73 -1.61 -45.39
C LYS A 681 -59.29 -0.48 -46.30
N THR A 682 -60.23 0.33 -46.79
CA THR A 682 -59.89 1.43 -47.67
C THR A 682 -59.02 2.47 -46.97
N ILE A 683 -59.30 2.76 -45.70
CA ILE A 683 -58.49 3.75 -44.99
C ILE A 683 -57.06 3.26 -44.85
N ASP A 684 -56.87 1.99 -44.48
CA ASP A 684 -55.52 1.45 -44.39
C ASP A 684 -54.83 1.43 -45.75
N ASN A 685 -55.58 1.12 -46.81
CA ASN A 685 -55.00 1.18 -48.14
C ASN A 685 -54.54 2.59 -48.46
N ALA A 686 -55.30 3.61 -48.06
CA ALA A 686 -54.89 4.99 -48.30
C ALA A 686 -53.59 5.31 -47.57
N LEU A 687 -53.44 4.84 -46.34
CA LEU A 687 -52.22 5.11 -45.59
C LEU A 687 -51.02 4.41 -46.24
N THR A 688 -51.20 3.17 -46.67
CA THR A 688 -50.11 2.48 -47.36
C THR A 688 -49.74 3.22 -48.64
N LYS A 689 -50.74 3.67 -49.40
CA LYS A 689 -50.44 4.43 -50.61
C LYS A 689 -49.72 5.72 -50.28
N ARG A 690 -50.07 6.35 -49.16
CA ARG A 690 -49.37 7.56 -48.74
C ARG A 690 -47.90 7.28 -48.45
N ASN A 691 -47.63 6.17 -47.77
CA ASN A 691 -46.23 5.78 -47.56
C ASN A 691 -45.53 5.56 -48.90
N GLU A 692 -46.24 4.95 -49.85
CA GLU A 692 -45.66 4.75 -51.17
C GLU A 692 -45.32 6.08 -51.83
N LYS A 693 -46.20 7.07 -51.71
CA LYS A 693 -45.93 8.38 -52.30
C LYS A 693 -44.73 9.03 -51.63
N TRP A 694 -44.59 8.86 -50.32
CA TRP A 694 -43.41 9.38 -49.63
C TRP A 694 -42.10 8.87 -50.20
N SER A 695 -41.98 7.54 -50.35
CA SER A 695 -40.77 6.98 -50.92
C SER A 695 -40.57 7.33 -52.39
N ASP A 696 -41.68 7.51 -53.12
CA ASP A 696 -41.60 7.89 -54.53
C ASP A 696 -40.98 9.29 -54.57
N MET A 697 -41.43 10.17 -53.70
CA MET A 697 -40.84 11.51 -53.64
C MET A 697 -39.36 11.43 -53.29
N TYR A 698 -39.02 10.60 -52.31
CA TYR A 698 -37.60 10.46 -51.96
C TYR A 698 -36.80 9.96 -53.15
N GLY A 699 -37.34 8.97 -53.86
CA GLY A 699 -36.64 8.44 -55.02
C GLY A 699 -36.45 9.48 -56.11
N LEU A 700 -37.48 10.28 -56.36
CA LEU A 700 -37.36 11.34 -57.37
C LEU A 700 -36.28 12.34 -56.98
N ILE A 701 -36.26 12.74 -55.71
CA ILE A 701 -35.25 13.69 -55.26
C ILE A 701 -33.85 13.09 -55.42
N VAL A 702 -33.70 11.83 -55.05
CA VAL A 702 -32.38 11.19 -55.14
C VAL A 702 -31.96 11.09 -56.61
N ALA A 703 -32.89 10.76 -57.49
CA ALA A 703 -32.54 10.67 -58.91
C ALA A 703 -32.08 12.01 -59.45
N GLN A 704 -32.81 13.08 -59.10
CA GLN A 704 -32.39 14.40 -59.56
C GLN A 704 -31.01 14.76 -59.02
N TRP A 705 -30.77 14.47 -57.74
CA TRP A 705 -29.48 14.77 -57.15
C TRP A 705 -28.36 14.00 -57.85
N LEU A 706 -28.59 12.72 -58.14
CA LEU A 706 -27.56 11.90 -58.75
C LEU A 706 -27.26 12.36 -60.18
N SER A 707 -28.29 12.73 -60.93
CA SER A 707 -28.10 13.04 -62.34
C SER A 707 -27.87 14.52 -62.61
N THR A 708 -27.88 15.37 -61.59
CA THR A 708 -27.61 16.79 -61.82
C THR A 708 -26.53 17.35 -60.91
N VAL A 709 -26.39 16.84 -59.70
CA VAL A 709 -25.45 17.39 -58.73
C VAL A 709 -24.20 16.54 -58.59
N ASN A 710 -24.36 15.22 -58.42
CA ASN A 710 -23.20 14.37 -58.16
C ASN A 710 -22.25 14.32 -59.34
N THR A 711 -22.77 14.45 -60.56
CA THR A 711 -21.90 14.41 -61.73
C THR A 711 -20.92 15.57 -61.73
N GLN A 712 -21.38 16.76 -61.30
CA GLN A 712 -20.47 17.90 -61.21
C GLN A 712 -19.35 17.63 -60.22
N PHE A 713 -19.67 17.01 -59.08
CA PHE A 713 -18.65 16.70 -58.10
C PHE A 713 -17.67 15.67 -58.64
N TYR A 714 -18.16 14.68 -59.38
CA TYR A 714 -17.25 13.71 -59.99
C TYR A 714 -16.33 14.40 -61.00
N THR A 715 -16.87 15.32 -61.78
CA THR A 715 -16.03 16.06 -62.72
C THR A 715 -14.99 16.90 -61.98
N ILE A 716 -15.37 17.47 -60.83
CA ILE A 716 -14.40 18.21 -60.03
C ILE A 716 -13.29 17.29 -59.55
N LYS A 717 -13.65 16.08 -59.11
CA LYS A 717 -12.64 15.12 -58.68
C LYS A 717 -11.69 14.77 -59.82
N GLU A 718 -12.24 14.54 -61.01
CA GLU A 718 -11.41 14.23 -62.17
C GLU A 718 -10.49 15.39 -62.50
N GLY A 719 -11.01 16.61 -62.45
CA GLY A 719 -10.17 17.77 -62.71
C GLY A 719 -9.05 17.90 -61.70
N MET A 720 -9.32 17.63 -60.43
CA MET A 720 -8.27 17.72 -59.43
C MET A 720 -7.20 16.66 -59.66
N TYR A 721 -7.62 15.45 -60.04
CA TYR A 721 -6.64 14.43 -60.38
C TYR A 721 -5.77 14.88 -61.55
N LYS A 722 -6.39 15.44 -62.59
CA LYS A 722 -5.63 15.92 -63.73
C LYS A 722 -4.66 17.02 -63.32
N ALA A 723 -5.10 17.94 -62.47
CA ALA A 723 -4.22 19.03 -62.05
C ALA A 723 -3.04 18.50 -61.25
N LEU A 724 -3.27 17.55 -60.35
CA LEU A 724 -2.16 16.98 -59.59
C LEU A 724 -1.18 16.27 -60.51
N ASN A 725 -1.69 15.53 -61.49
CA ASN A 725 -0.80 14.89 -62.45
C ASN A 725 -0.01 15.91 -63.24
N TYR A 726 -0.64 17.03 -63.61
CA TYR A 726 0.07 18.08 -64.32
C TYR A 726 1.21 18.64 -63.47
N GLN A 727 0.94 18.88 -62.18
CA GLN A 727 1.97 19.40 -61.31
C GLN A 727 3.13 18.42 -61.17
N ALA A 728 2.82 17.14 -61.02
CA ALA A 728 3.89 16.15 -60.91
C ALA A 728 4.72 16.09 -62.19
N GLN A 729 4.05 16.13 -63.35
CA GLN A 729 4.78 16.11 -64.62
C GLN A 729 5.68 17.34 -64.75
N ALA A 730 5.17 18.51 -64.37
CA ALA A 730 5.98 19.72 -64.46
C ALA A 730 7.20 19.64 -63.55
N LEU A 731 7.01 19.14 -62.32
CA LEU A 731 8.15 19.00 -61.43
C LEU A 731 9.18 18.02 -61.98
N GLU A 732 8.71 16.91 -62.54
CA GLU A 732 9.64 15.94 -63.13
C GLU A 732 10.41 16.56 -64.28
N GLU A 733 9.73 17.32 -65.14
CA GLU A 733 10.41 17.98 -66.25
C GLU A 733 11.44 18.97 -65.75
N ILE A 734 11.10 19.73 -64.71
CA ILE A 734 12.04 20.70 -64.15
C ILE A 734 13.28 19.98 -63.62
N ILE A 735 13.08 18.89 -62.89
CA ILE A 735 14.22 18.15 -62.36
C ILE A 735 15.08 17.61 -63.49
N LYS A 736 14.46 17.07 -64.53
CA LYS A 736 15.23 16.54 -65.65
C LYS A 736 16.04 17.64 -66.32
N TYR A 737 15.43 18.81 -66.53
CA TYR A 737 16.15 19.92 -67.14
C TYR A 737 17.34 20.33 -66.30
N ARG A 738 17.13 20.51 -64.99
CA ARG A 738 18.22 20.95 -64.13
C ARG A 738 19.33 19.90 -64.06
N TYR A 739 18.97 18.62 -64.03
CA TYR A 739 19.98 17.57 -64.07
C TYR A 739 20.78 17.63 -65.35
N ASN A 740 20.10 17.80 -66.49
CA ASN A 740 20.81 17.91 -67.76
C ASN A 740 21.70 19.14 -67.81
N ILE A 741 21.37 20.19 -67.06
CA ILE A 741 22.23 21.37 -67.02
C ILE A 741 23.59 21.03 -66.41
N TYR A 742 23.62 20.13 -65.44
CA TYR A 742 24.85 19.78 -64.76
C TYR A 742 25.83 19.08 -65.72
N SER A 743 27.12 19.19 -65.40
CA SER A 743 28.15 18.62 -66.23
C SER A 743 28.23 17.10 -66.03
N GLU A 744 29.00 16.45 -66.90
CA GLU A 744 29.11 15.00 -66.86
C GLU A 744 29.72 14.52 -65.55
N LYS A 745 30.77 15.21 -65.07
CA LYS A 745 31.40 14.80 -63.82
C LYS A 745 30.42 14.91 -62.66
N GLU A 746 29.68 16.02 -62.59
CA GLU A 746 28.69 16.18 -61.52
C GLU A 746 27.63 15.10 -61.60
N LYS A 747 27.15 14.79 -62.82
CA LYS A 747 26.16 13.73 -62.97
C LYS A 747 26.72 12.40 -62.48
N SER A 748 27.98 12.11 -62.80
CA SER A 748 28.60 10.88 -62.31
C SER A 748 28.65 10.87 -60.79
N ASN A 749 29.00 12.01 -60.18
CA ASN A 749 29.01 12.09 -58.72
C ASN A 749 27.60 11.90 -58.16
N ILE A 750 26.60 12.46 -58.82
CA ILE A 750 25.22 12.39 -58.35
C ILE A 750 24.65 11.02 -58.64
N ASN A 751 23.86 10.50 -57.70
CA ASN A 751 23.14 9.23 -57.86
C ASN A 751 21.67 9.48 -57.55
N ILE A 752 20.83 9.46 -58.58
CA ILE A 752 19.41 9.70 -58.43
C ILE A 752 18.65 8.73 -59.33
N ASP A 753 17.58 8.16 -58.80
CA ASP A 753 16.72 7.23 -59.53
C ASP A 753 15.37 7.90 -59.73
N PHE A 754 15.03 8.19 -60.98
CA PHE A 754 13.76 8.85 -61.28
C PHE A 754 12.56 7.96 -60.98
N ASN A 755 12.76 6.63 -60.98
CA ASN A 755 11.66 5.75 -60.63
C ASN A 755 11.18 6.00 -59.21
N ASP A 756 12.12 6.21 -58.28
CA ASP A 756 11.75 6.51 -56.90
C ASP A 756 10.99 7.83 -56.82
N ILE A 757 11.43 8.85 -57.56
CA ILE A 757 10.72 10.13 -57.56
C ILE A 757 9.31 9.95 -58.06
N ASN A 758 9.15 9.22 -59.17
CA ASN A 758 7.82 9.00 -59.73
C ASN A 758 6.94 8.24 -58.75
N SER A 759 7.49 7.22 -58.10
CA SER A 759 6.69 6.44 -57.15
C SER A 759 6.25 7.28 -55.98
N LYS A 760 7.16 8.10 -55.42
CA LYS A 760 6.79 8.93 -54.28
C LYS A 760 5.74 9.96 -54.69
N LEU A 761 5.90 10.57 -55.87
CA LEU A 761 4.90 11.53 -56.33
C LEU A 761 3.55 10.87 -56.51
N ASN A 762 3.54 9.65 -57.06
CA ASN A 762 2.27 8.94 -57.24
C ASN A 762 1.63 8.61 -55.90
N GLU A 763 2.43 8.21 -54.92
CA GLU A 763 1.87 7.93 -53.59
C GLU A 763 1.27 9.19 -52.97
N GLY A 764 1.98 10.32 -53.07
CA GLY A 764 1.43 11.56 -52.56
C GLY A 764 0.14 11.94 -53.27
N ILE A 765 0.11 11.79 -54.60
CA ILE A 765 -1.09 12.09 -55.36
C ILE A 765 -2.24 11.20 -54.90
N ASN A 766 -1.95 9.93 -54.65
CA ASN A 766 -3.01 9.02 -54.23
C ASN A 766 -3.58 9.40 -52.87
N GLN A 767 -2.71 9.77 -51.93
CA GLN A 767 -3.22 10.20 -50.62
C GLN A 767 -4.06 11.48 -50.77
N ALA A 768 -3.57 12.43 -51.57
CA ALA A 768 -4.33 13.65 -51.78
C ALA A 768 -5.68 13.37 -52.41
N ILE A 769 -5.72 12.45 -53.38
CA ILE A 769 -6.98 12.11 -54.03
C ILE A 769 -7.91 11.41 -53.05
N ASP A 770 -7.37 10.61 -52.15
CA ASP A 770 -8.22 10.00 -51.12
C ASP A 770 -8.89 11.07 -50.27
N ASN A 771 -8.09 12.04 -49.79
CA ASN A 771 -8.66 13.11 -48.98
C ASN A 771 -9.71 13.90 -49.77
N ILE A 772 -9.40 14.24 -51.03
CA ILE A 772 -10.33 14.99 -51.86
C ILE A 772 -11.61 14.20 -52.07
N ASN A 773 -11.49 12.89 -52.32
CA ASN A 773 -12.65 12.04 -52.53
C ASN A 773 -13.55 12.04 -51.31
N ASN A 774 -12.96 11.87 -50.12
CA ASN A 774 -13.78 11.87 -48.91
C ASN A 774 -14.48 13.21 -48.73
N PHE A 775 -13.74 14.30 -48.92
CA PHE A 775 -14.33 15.62 -48.73
C PHE A 775 -15.47 15.87 -49.71
N ILE A 776 -15.28 15.50 -50.98
CA ILE A 776 -16.29 15.77 -51.99
C ILE A 776 -17.52 14.90 -51.76
N ASN A 777 -17.32 13.64 -51.38
CA ASN A 777 -18.46 12.79 -51.08
C ASN A 777 -19.26 13.37 -49.91
N GLY A 778 -18.57 13.80 -48.86
CA GLY A 778 -19.26 14.45 -47.76
C GLY A 778 -20.04 15.67 -48.20
N CYS A 779 -19.42 16.50 -49.06
CA CYS A 779 -20.09 17.70 -49.53
C CYS A 779 -21.34 17.37 -50.31
N SER A 780 -21.27 16.40 -51.21
CA SER A 780 -22.44 16.04 -52.01
C SER A 780 -23.55 15.49 -51.14
N VAL A 781 -23.21 14.60 -50.20
CA VAL A 781 -24.23 14.03 -49.33
C VAL A 781 -24.87 15.13 -48.49
N SER A 782 -24.07 16.04 -47.94
CA SER A 782 -24.61 17.12 -47.13
C SER A 782 -25.51 18.02 -47.96
N TYR A 783 -25.11 18.31 -49.20
CA TYR A 783 -25.96 19.12 -50.06
C TYR A 783 -27.30 18.45 -50.29
N LEU A 784 -27.29 17.15 -50.56
CA LEU A 784 -28.54 16.42 -50.74
C LEU A 784 -29.40 16.52 -49.49
N MET A 785 -28.80 16.28 -48.32
CA MET A 785 -29.58 16.22 -47.09
C MET A 785 -30.04 17.59 -46.62
N LYS A 786 -29.41 18.67 -47.06
CA LYS A 786 -29.70 20.00 -46.55
C LYS A 786 -30.49 20.88 -47.52
N LYS A 787 -30.15 20.89 -48.80
CA LYS A 787 -30.73 21.83 -49.74
C LYS A 787 -31.74 21.22 -50.70
N MET A 788 -31.99 19.92 -50.62
CA MET A 788 -32.90 19.25 -51.55
C MET A 788 -34.06 18.56 -50.85
N ILE A 789 -33.79 17.75 -49.83
CA ILE A 789 -34.82 16.94 -49.20
C ILE A 789 -35.87 17.80 -48.52
N PRO A 790 -35.49 18.79 -47.70
CA PRO A 790 -36.51 19.55 -46.97
C PRO A 790 -37.56 20.19 -47.85
N LEU A 791 -37.18 20.65 -49.06
CA LEU A 791 -38.17 21.22 -49.96
C LEU A 791 -39.25 20.21 -50.30
N ALA A 792 -38.85 18.96 -50.58
CA ALA A 792 -39.82 17.93 -50.87
C ALA A 792 -40.62 17.56 -49.63
N VAL A 793 -39.98 17.55 -48.46
CA VAL A 793 -40.67 17.18 -47.24
C VAL A 793 -41.75 18.19 -46.91
N GLU A 794 -41.53 19.46 -47.21
CA GLU A 794 -42.56 20.47 -46.97
C GLU A 794 -43.84 20.13 -47.74
N LYS A 795 -43.71 19.87 -49.03
CA LYS A 795 -44.88 19.53 -49.83
C LYS A 795 -45.47 18.19 -49.40
N LEU A 796 -44.63 17.25 -48.95
CA LEU A 796 -45.15 16.00 -48.44
C LEU A 796 -46.02 16.22 -47.20
N LEU A 797 -45.59 17.11 -46.31
CA LEU A 797 -46.40 17.44 -45.15
C LEU A 797 -47.70 18.12 -45.56
N ASP A 798 -47.64 19.01 -46.55
CA ASP A 798 -48.85 19.63 -47.04
C ASP A 798 -49.82 18.58 -47.57
N PHE A 799 -49.31 17.62 -48.34
CA PHE A 799 -50.15 16.54 -48.86
C PHE A 799 -50.71 15.70 -47.72
N ASP A 800 -49.91 15.47 -46.68
CA ASP A 800 -50.39 14.72 -45.53
C ASP A 800 -51.57 15.42 -44.88
N ASN A 801 -51.45 16.75 -44.70
CA ASN A 801 -52.57 17.50 -44.11
C ASN A 801 -53.81 17.42 -44.99
N THR A 802 -53.62 17.57 -46.31
CA THR A 802 -54.76 17.48 -47.22
C THR A 802 -55.42 16.11 -47.14
N LEU A 803 -54.61 15.05 -47.08
CA LEU A 803 -55.16 13.70 -46.99
C LEU A 803 -55.88 13.50 -45.66
N LYS A 804 -55.35 14.08 -44.58
CA LYS A 804 -56.04 13.99 -43.29
C LYS A 804 -57.41 14.64 -43.36
N LYS A 805 -57.48 15.84 -43.95
CA LYS A 805 -58.77 16.51 -44.08
C LYS A 805 -59.72 15.68 -44.92
N ASN A 806 -59.23 15.14 -46.04
CA ASN A 806 -60.08 14.33 -46.91
C ASN A 806 -60.59 13.09 -46.19
N LEU A 807 -59.72 12.43 -45.43
CA LEU A 807 -60.11 11.22 -44.71
C LEU A 807 -61.14 11.53 -43.64
N LEU A 808 -60.96 12.64 -42.90
CA LEU A 808 -61.94 13.00 -41.89
C LEU A 808 -63.35 13.26 -42.40
N ASN A 809 -63.48 14.00 -43.51
CA ASN A 809 -64.79 14.19 -44.10
C ASN A 809 -65.36 12.91 -44.73
N TYR A 810 -64.47 12.04 -45.19
CA TYR A 810 -64.87 10.75 -45.73
C TYR A 810 -65.53 10.01 -44.58
N ILE A 811 -64.89 10.01 -43.41
CA ILE A 811 -65.45 9.32 -42.25
C ILE A 811 -66.75 9.98 -41.83
N ASP A 812 -66.77 11.31 -41.78
CA ASP A 812 -67.98 12.00 -41.36
C ASP A 812 -69.13 11.72 -42.33
N GLU A 813 -68.84 11.73 -43.63
CA GLU A 813 -69.88 11.41 -44.61
C GLU A 813 -70.40 9.99 -44.44
N ASN A 814 -69.61 9.10 -43.83
CA ASN A 814 -70.02 7.73 -43.56
C ASN A 814 -70.16 7.47 -42.07
N LYS A 815 -70.41 8.52 -41.29
CA LYS A 815 -70.56 8.36 -39.84
C LYS A 815 -71.76 7.48 -39.51
N LEU A 816 -72.83 7.56 -40.30
CA LEU A 816 -74.00 6.73 -40.04
C LEU A 816 -73.58 5.27 -40.17
N TYR A 817 -72.79 4.95 -41.17
CA TYR A 817 -72.21 3.63 -41.31
C TYR A 817 -71.01 3.45 -40.38
N LEU A 818 -70.34 2.31 -40.46
CA LEU A 818 -69.09 2.07 -39.74
C LEU A 818 -69.11 2.51 -38.27
N ILE A 819 -69.91 1.78 -37.48
CA ILE A 819 -69.95 2.04 -36.05
C ILE A 819 -68.53 1.95 -35.50
N ALA A 822 -66.37 4.55 -35.33
CA ALA A 822 -65.48 5.35 -36.15
C ALA A 822 -64.42 6.08 -35.33
N GLU A 823 -64.58 6.15 -34.02
CA GLU A 823 -63.60 6.83 -33.17
C GLU A 823 -62.24 6.17 -33.27
N TYR A 824 -62.22 4.83 -33.32
CA TYR A 824 -60.95 4.13 -33.46
C TYR A 824 -60.25 4.50 -34.76
N GLU A 825 -61.02 4.55 -35.86
CA GLU A 825 -60.43 4.93 -37.14
C GLU A 825 -59.91 6.37 -37.10
N LYS A 826 -60.68 7.28 -36.49
CA LYS A 826 -60.22 8.66 -36.40
C LYS A 826 -58.93 8.76 -35.62
N SER A 827 -58.85 8.05 -34.49
CA SER A 827 -57.62 8.07 -33.70
C SER A 827 -56.46 7.47 -34.48
N LYS A 828 -56.70 6.37 -35.19
CA LYS A 828 -55.64 5.74 -35.97
C LYS A 828 -55.11 6.70 -37.04
N VAL A 829 -56.01 7.39 -37.74
CA VAL A 829 -55.59 8.33 -38.76
C VAL A 829 -54.79 9.47 -38.15
N ASN A 830 -55.31 10.05 -37.06
CA ASN A 830 -54.63 11.17 -36.43
C ASN A 830 -53.25 10.77 -35.93
N LYS A 831 -53.08 9.53 -35.47
CA LYS A 831 -51.78 9.08 -35.01
C LYS A 831 -50.84 8.79 -36.18
N TYR A 832 -51.35 8.14 -37.22
CA TYR A 832 -50.49 7.71 -38.31
C TYR A 832 -50.01 8.88 -39.16
N LEU A 833 -50.89 9.83 -39.47
CA LEU A 833 -50.50 10.95 -40.31
C LEU A 833 -49.76 12.02 -39.54
N LYS A 834 -49.39 11.77 -38.29
CA LYS A 834 -48.54 12.69 -37.55
C LYS A 834 -47.06 12.38 -37.71
N THR A 835 -46.70 11.15 -38.05
CA THR A 835 -45.32 10.75 -38.19
C THR A 835 -44.83 11.02 -39.61
N ILE A 836 -43.51 10.97 -39.78
CA ILE A 836 -42.86 11.18 -41.06
C ILE A 836 -41.94 10.01 -41.32
N MET A 837 -41.94 9.52 -42.55
CA MET A 837 -41.10 8.38 -42.90
C MET A 837 -39.65 8.84 -43.05
N PRO A 838 -38.70 8.26 -42.33
CA PRO A 838 -37.32 8.74 -42.43
C PRO A 838 -36.73 8.42 -43.79
N PHE A 839 -35.75 9.24 -44.19
CA PHE A 839 -35.04 9.06 -45.45
C PHE A 839 -33.84 8.16 -45.22
N ASP A 840 -33.73 7.11 -46.03
CA ASP A 840 -32.62 6.16 -45.95
C ASP A 840 -31.86 6.21 -47.26
N LEU A 841 -30.64 6.76 -47.22
CA LEU A 841 -29.84 6.86 -48.44
C LEU A 841 -29.31 5.49 -48.87
N SER A 842 -29.07 4.59 -47.93
CA SER A 842 -28.49 3.30 -48.27
C SER A 842 -29.35 2.49 -49.22
N ILE A 843 -30.65 2.77 -49.29
CA ILE A 843 -31.51 2.06 -50.23
C ILE A 843 -31.08 2.33 -51.65
N TYR A 844 -30.75 3.59 -51.96
CA TYR A 844 -30.37 3.96 -53.32
C TYR A 844 -28.89 3.83 -53.58
N THR A 845 -28.06 3.76 -52.54
CA THR A 845 -26.62 3.55 -52.70
C THR A 845 -26.35 2.06 -52.89
N ASN A 846 -25.09 1.67 -52.84
CA ASN A 846 -24.71 0.27 -53.01
C ASN A 846 -23.47 -0.06 -52.19
N ILE A 861 -7.77 -3.81 -42.50
CA ILE A 861 -6.37 -4.05 -42.78
C ILE A 861 -5.75 -2.85 -43.48
N LEU A 862 -4.43 -2.68 -43.33
CA LEU A 862 -3.74 -1.57 -43.96
C LEU A 862 -3.84 -1.65 -45.49
N ASN A 863 -3.69 -2.86 -46.03
CA ASN A 863 -3.79 -3.18 -47.46
C ASN A 863 -2.55 -2.74 -48.23
N ASN A 864 -1.58 -2.07 -47.61
CA ASN A 864 -0.31 -1.75 -48.26
C ASN A 864 0.75 -2.79 -47.91
N ILE A 865 0.39 -4.06 -48.04
CA ILE A 865 1.21 -5.18 -47.61
C ILE A 865 1.88 -5.79 -48.83
N ILE A 866 3.12 -6.24 -48.65
CA ILE A 866 3.86 -6.86 -49.75
C ILE A 866 4.47 -8.21 -49.41
N LEU A 867 4.63 -8.57 -48.14
CA LEU A 867 5.27 -9.83 -47.77
C LEU A 867 4.55 -10.49 -46.61
N ASN A 868 3.23 -10.59 -46.68
CA ASN A 868 2.49 -11.29 -45.64
C ASN A 868 2.83 -12.77 -45.63
N LEU A 869 3.51 -13.23 -44.58
CA LEU A 869 3.93 -14.61 -44.44
C LEU A 869 2.90 -15.36 -43.58
N ARG A 870 2.42 -16.50 -44.09
CA ARG A 870 1.39 -17.26 -43.39
C ARG A 870 1.66 -18.75 -43.58
N TYR A 871 0.85 -19.56 -42.90
CA TYR A 871 0.99 -21.01 -42.88
C TYR A 871 -0.09 -21.64 -43.74
N LYS A 872 0.30 -22.56 -44.62
CA LYS A 872 -0.64 -23.24 -45.50
C LYS A 872 -0.74 -24.72 -45.20
N ASP A 873 0.35 -25.48 -45.34
CA ASP A 873 0.34 -26.90 -45.01
C ASP A 873 1.77 -27.29 -44.67
N ASN A 874 2.07 -27.38 -43.37
CA ASN A 874 3.41 -27.70 -42.90
C ASN A 874 4.47 -26.93 -43.68
N ASN A 875 4.17 -25.67 -44.00
CA ASN A 875 5.05 -24.86 -44.82
C ASN A 875 4.54 -23.42 -44.80
N LEU A 876 5.46 -22.50 -45.01
CA LEU A 876 5.14 -21.07 -45.04
C LEU A 876 5.03 -20.60 -46.47
N ILE A 877 4.10 -19.68 -46.72
CA ILE A 877 3.90 -19.09 -48.03
C ILE A 877 3.64 -17.60 -47.86
N ASP A 878 3.69 -16.88 -48.99
CA ASP A 878 3.44 -15.45 -49.02
C ASP A 878 2.08 -15.21 -49.65
N LEU A 879 1.13 -14.74 -48.85
CA LEU A 879 -0.22 -14.47 -49.32
C LEU A 879 -0.42 -13.04 -49.78
N SER A 880 0.65 -12.25 -49.86
CA SER A 880 0.51 -10.87 -50.29
C SER A 880 -0.02 -10.76 -51.71
N GLY A 881 0.21 -11.78 -52.53
CA GLY A 881 -0.18 -11.75 -53.92
C GLY A 881 0.91 -11.34 -54.88
N TYR A 882 2.14 -11.16 -54.41
CA TYR A 882 3.26 -10.82 -55.25
C TYR A 882 4.16 -12.02 -55.55
N GLY A 883 3.81 -13.20 -55.07
CA GLY A 883 4.53 -14.41 -55.42
C GLY A 883 5.97 -14.44 -54.97
N ALA A 884 6.23 -14.08 -53.71
CA ALA A 884 7.57 -14.21 -53.17
C ALA A 884 7.93 -15.68 -53.05
N LYS A 885 9.17 -16.01 -53.38
CA LYS A 885 9.65 -17.39 -53.34
C LYS A 885 10.18 -17.69 -51.94
N VAL A 886 9.57 -18.66 -51.26
CA VAL A 886 9.91 -19.02 -49.89
C VAL A 886 10.53 -20.40 -49.90
N GLU A 887 11.71 -20.51 -49.28
CA GLU A 887 12.39 -21.79 -49.08
C GLU A 887 12.57 -21.99 -47.58
N VAL A 888 11.96 -23.03 -47.04
CA VAL A 888 12.00 -23.34 -45.62
C VAL A 888 12.78 -24.64 -45.45
N TYR A 889 13.79 -24.62 -44.59
CA TYR A 889 14.67 -25.76 -44.42
C TYR A 889 14.19 -26.65 -43.27
N ASP A 890 14.72 -27.86 -43.22
CA ASP A 890 14.22 -28.88 -42.30
C ASP A 890 14.44 -28.52 -40.84
N GLY A 891 15.28 -27.53 -40.56
CA GLY A 891 15.58 -27.17 -39.20
C GLY A 891 14.57 -26.27 -38.53
N VAL A 892 13.47 -25.93 -39.20
CA VAL A 892 12.47 -25.01 -38.68
C VAL A 892 11.23 -25.81 -38.30
N GLU A 893 10.73 -25.58 -37.10
CA GLU A 893 9.51 -26.21 -36.62
C GLU A 893 8.34 -25.26 -36.80
N LEU A 894 7.25 -25.76 -37.39
CA LEU A 894 6.07 -24.96 -37.65
C LEU A 894 4.85 -25.64 -37.04
N ASN A 895 3.82 -24.85 -36.78
CA ASN A 895 2.58 -25.35 -36.20
C ASN A 895 1.42 -24.56 -36.77
N ASP A 896 0.21 -25.06 -36.52
CA ASP A 896 -0.98 -24.43 -37.07
C ASP A 896 -1.19 -23.01 -36.54
N LYS A 897 -0.53 -22.64 -35.45
CA LYS A 897 -0.67 -21.32 -34.87
C LYS A 897 0.21 -20.27 -35.55
N ASN A 898 0.79 -20.59 -36.72
CA ASN A 898 1.62 -19.66 -37.47
C ASN A 898 2.87 -19.25 -36.70
N GLN A 899 3.35 -20.11 -35.80
CA GLN A 899 4.57 -19.84 -35.04
C GLN A 899 5.68 -20.72 -35.59
N PHE A 900 6.83 -20.11 -35.89
CA PHE A 900 8.00 -20.87 -36.32
C PHE A 900 9.19 -20.53 -35.44
N LYS A 901 10.01 -21.54 -35.18
CA LYS A 901 11.11 -21.46 -34.24
C LYS A 901 12.44 -21.54 -34.97
N LEU A 902 13.33 -20.62 -34.66
CA LEU A 902 14.69 -20.61 -35.19
C LEU A 902 15.64 -21.07 -34.10
N THR A 903 16.46 -22.07 -34.43
CA THR A 903 17.42 -22.65 -33.51
C THR A 903 18.84 -22.37 -34.00
N SER A 904 19.81 -22.96 -33.30
CA SER A 904 21.22 -22.81 -33.66
C SER A 904 21.66 -23.76 -34.76
N SER A 905 20.81 -24.68 -35.20
CA SER A 905 21.20 -25.62 -36.23
C SER A 905 21.48 -24.91 -37.54
N ALA A 906 22.41 -25.46 -38.33
CA ALA A 906 22.77 -24.84 -39.58
C ALA A 906 21.60 -24.80 -40.55
N ASN A 907 20.67 -25.74 -40.45
CA ASN A 907 19.55 -25.84 -41.37
C ASN A 907 18.28 -25.21 -40.82
N SER A 908 18.36 -24.46 -39.72
CA SER A 908 17.24 -23.69 -39.21
C SER A 908 17.29 -22.32 -39.88
N LYS A 909 16.77 -22.25 -41.10
CA LYS A 909 16.93 -21.07 -41.94
C LYS A 909 15.73 -20.96 -42.87
N ILE A 910 15.33 -19.72 -43.15
CA ILE A 910 14.28 -19.43 -44.12
C ILE A 910 14.81 -18.40 -45.11
N ARG A 911 14.61 -18.66 -46.39
CA ARG A 911 15.08 -17.77 -47.45
C ARG A 911 13.87 -17.25 -48.20
N VAL A 912 13.77 -15.93 -48.34
CA VAL A 912 12.67 -15.28 -49.06
C VAL A 912 13.27 -14.45 -50.17
N THR A 913 12.89 -14.77 -51.40
CA THR A 913 13.29 -14.01 -52.58
C THR A 913 12.10 -13.20 -53.07
N GLN A 914 12.27 -11.88 -53.13
CA GLN A 914 11.17 -10.99 -53.49
C GLN A 914 11.29 -10.58 -54.96
N ASN A 915 10.13 -10.37 -55.58
CA ASN A 915 10.11 -9.90 -56.95
C ASN A 915 10.76 -8.52 -57.05
N GLN A 916 11.57 -8.34 -58.09
CA GLN A 916 12.27 -7.06 -58.26
C GLN A 916 11.29 -5.90 -58.39
N ASN A 917 10.14 -6.13 -59.01
CA ASN A 917 9.18 -5.05 -59.22
C ASN A 917 8.66 -4.52 -57.88
N ILE A 918 8.31 -5.41 -56.97
CA ILE A 918 7.69 -5.03 -55.69
C ILE A 918 8.79 -4.99 -54.64
N ILE A 919 9.28 -3.79 -54.33
CA ILE A 919 10.29 -3.60 -53.30
C ILE A 919 10.04 -2.26 -52.62
N PHE A 920 10.78 -1.98 -51.55
CA PHE A 920 10.62 -0.74 -50.81
C PHE A 920 11.51 0.35 -51.41
N ASN A 921 11.02 1.59 -51.36
CA ASN A 921 11.71 2.69 -52.00
C ASN A 921 13.13 2.84 -51.46
N SER A 922 14.11 2.90 -52.37
CA SER A 922 15.50 3.02 -51.96
C SER A 922 15.84 4.43 -51.50
N VAL A 923 15.22 5.43 -52.12
CA VAL A 923 15.61 6.82 -51.88
C VAL A 923 14.93 7.36 -50.62
N PHE A 924 13.60 7.40 -50.63
CA PHE A 924 12.86 8.02 -49.55
C PHE A 924 12.61 7.09 -48.37
N LEU A 925 12.77 5.77 -48.55
CA LEU A 925 12.84 4.83 -47.45
C LEU A 925 11.61 4.95 -46.54
N ASP A 926 10.46 4.61 -47.12
CA ASP A 926 9.19 4.62 -46.40
C ASP A 926 8.66 3.19 -46.35
N PHE A 927 8.80 2.52 -45.21
CA PHE A 927 8.33 1.14 -45.10
C PHE A 927 8.29 0.72 -43.64
N SER A 928 7.54 -0.34 -43.38
CA SER A 928 7.32 -0.83 -42.02
C SER A 928 7.46 -2.35 -42.01
N VAL A 929 7.82 -2.87 -40.83
CA VAL A 929 7.97 -4.30 -40.60
C VAL A 929 7.27 -4.63 -39.28
N SER A 930 6.39 -5.63 -39.30
CA SER A 930 5.64 -6.01 -38.11
C SER A 930 5.73 -7.51 -37.91
N PHE A 931 5.77 -7.93 -36.64
CA PHE A 931 5.75 -9.35 -36.31
C PHE A 931 5.47 -9.52 -34.83
N TRP A 932 5.34 -10.77 -34.40
CA TRP A 932 5.25 -11.14 -33.00
C TRP A 932 6.45 -12.00 -32.67
N ILE A 933 7.05 -11.77 -31.50
CA ILE A 933 8.29 -12.44 -31.14
C ILE A 933 8.21 -12.97 -29.71
N ARG A 934 9.05 -13.98 -29.45
CA ARG A 934 9.21 -14.55 -28.12
C ARG A 934 10.67 -14.94 -27.96
N ILE A 935 11.31 -14.39 -26.94
CA ILE A 935 12.73 -14.60 -26.65
C ILE A 935 12.84 -15.39 -25.35
N PRO A 936 13.63 -16.45 -25.29
CA PRO A 936 13.77 -17.20 -24.03
C PRO A 936 14.39 -16.32 -22.93
N LYS A 937 14.45 -16.91 -21.74
CA LYS A 937 15.03 -16.23 -20.59
C LYS A 937 16.52 -16.49 -20.52
N TYR A 938 17.26 -15.47 -20.12
CA TYR A 938 18.71 -15.58 -19.99
C TYR A 938 19.08 -16.72 -19.04
N LYS A 939 20.08 -17.50 -19.43
CA LYS A 939 20.60 -18.51 -18.52
C LYS A 939 21.21 -17.82 -17.29
N ASN A 940 20.90 -18.36 -16.11
CA ASN A 940 21.33 -17.71 -14.88
C ASN A 940 22.85 -17.63 -14.78
N ASP A 941 23.53 -18.72 -15.13
CA ASP A 941 24.99 -18.73 -15.05
C ASP A 941 25.62 -17.92 -16.18
N GLY A 942 25.04 -17.99 -17.37
CA GLY A 942 25.59 -17.29 -18.52
C GLY A 942 25.00 -15.91 -18.73
N ILE A 943 25.16 -15.02 -17.75
CA ILE A 943 24.68 -13.65 -17.89
C ILE A 943 25.74 -12.74 -18.48
N GLN A 944 26.99 -13.20 -18.62
CA GLN A 944 28.00 -12.40 -19.29
C GLN A 944 27.88 -12.53 -20.81
N ASN A 945 27.73 -13.76 -21.30
CA ASN A 945 27.48 -13.93 -22.73
C ASN A 945 26.16 -13.29 -23.13
N TYR A 946 25.16 -13.35 -22.26
CA TYR A 946 23.88 -12.74 -22.56
C TYR A 946 24.01 -11.24 -22.76
N ILE A 947 24.83 -10.57 -21.93
CA ILE A 947 24.91 -9.12 -21.98
C ILE A 947 25.80 -8.65 -23.13
N HIS A 948 26.73 -9.48 -23.58
CA HIS A 948 27.76 -9.03 -24.52
C HIS A 948 27.55 -9.52 -25.95
N ASN A 949 26.91 -10.67 -26.15
CA ASN A 949 26.84 -11.29 -27.47
C ASN A 949 25.59 -10.82 -28.20
N GLU A 950 25.78 -10.27 -29.40
CA GLU A 950 24.70 -9.86 -30.28
C GLU A 950 24.63 -10.80 -31.47
N TYR A 951 23.42 -11.28 -31.78
CA TYR A 951 23.22 -12.21 -32.87
C TYR A 951 22.09 -11.73 -33.77
N THR A 952 22.35 -11.67 -35.07
CA THR A 952 21.33 -11.29 -36.03
C THR A 952 20.27 -12.40 -36.13
N ILE A 953 19.03 -11.99 -36.35
CA ILE A 953 17.94 -12.95 -36.53
C ILE A 953 17.31 -12.76 -37.90
N ILE A 954 17.33 -11.54 -38.42
CA ILE A 954 16.85 -11.27 -39.78
C ILE A 954 17.85 -10.38 -40.49
N ASN A 955 18.14 -10.71 -41.74
CA ASN A 955 19.11 -9.97 -42.52
C ASN A 955 18.56 -9.76 -43.92
N CYS A 956 18.72 -8.54 -44.44
CA CYS A 956 18.33 -8.21 -45.82
C CYS A 956 19.43 -7.41 -46.48
N MET A 957 20.69 -7.83 -46.31
CA MET A 957 21.83 -7.09 -46.80
C MET A 957 22.44 -7.79 -48.01
N LYS A 958 22.80 -6.99 -49.02
CA LYS A 958 23.42 -7.49 -50.23
C LYS A 958 24.93 -7.27 -50.24
N ASN A 959 25.38 -6.02 -50.15
CA ASN A 959 26.78 -5.65 -50.24
C ASN A 959 27.15 -4.67 -49.13
N ASN A 960 26.74 -4.99 -47.91
CA ASN A 960 26.93 -4.11 -46.75
C ASN A 960 25.98 -2.92 -46.80
N SER A 961 24.75 -3.15 -47.24
CA SER A 961 23.74 -2.10 -47.29
C SER A 961 22.37 -2.76 -47.23
N GLY A 962 21.48 -2.18 -46.43
CA GLY A 962 20.17 -2.75 -46.21
C GLY A 962 19.75 -2.56 -44.77
N TRP A 963 18.83 -3.40 -44.35
CA TRP A 963 18.30 -3.39 -42.99
C TRP A 963 18.46 -4.76 -42.37
N LYS A 964 18.60 -4.80 -41.04
CA LYS A 964 18.68 -6.07 -40.34
C LYS A 964 18.13 -5.93 -38.93
N ILE A 965 17.70 -7.05 -38.37
CA ILE A 965 17.19 -7.13 -37.01
C ILE A 965 18.04 -8.12 -36.24
N SER A 966 18.62 -7.65 -35.14
CA SER A 966 19.50 -8.45 -34.30
C SER A 966 19.04 -8.32 -32.85
N ILE A 967 19.59 -9.19 -32.00
CA ILE A 967 19.21 -9.25 -30.58
C ILE A 967 20.48 -9.32 -29.76
N ARG A 968 20.88 -8.21 -29.17
CA ARG A 968 21.81 -8.24 -28.06
C ARG A 968 21.00 -8.36 -26.76
N GLY A 969 21.39 -9.29 -25.91
CA GLY A 969 20.63 -9.58 -24.72
C GLY A 969 20.05 -8.36 -24.05
N ASN A 970 18.75 -8.38 -23.78
CA ASN A 970 17.98 -7.31 -23.17
C ASN A 970 17.58 -6.23 -24.18
N ARG A 971 18.00 -6.32 -25.43
CA ARG A 971 17.64 -5.32 -26.44
C ARG A 971 17.25 -6.01 -27.72
N ILE A 972 16.46 -5.30 -28.52
CA ILE A 972 16.04 -5.75 -29.85
C ILE A 972 16.44 -4.64 -30.82
N ILE A 973 17.56 -4.82 -31.52
CA ILE A 973 18.13 -3.76 -32.34
C ILE A 973 17.67 -3.92 -33.78
N TRP A 974 17.28 -2.79 -34.39
CA TRP A 974 16.98 -2.71 -35.82
C TRP A 974 17.99 -1.74 -36.42
N THR A 975 18.88 -2.26 -37.26
CA THR A 975 19.96 -1.45 -37.83
C THR A 975 19.74 -1.23 -39.32
N LEU A 976 20.18 -0.06 -39.79
CA LEU A 976 20.01 0.39 -41.16
C LEU A 976 21.35 0.92 -41.65
N ILE A 977 21.87 0.33 -42.72
CA ILE A 977 23.16 0.71 -43.28
C ILE A 977 22.96 1.14 -44.73
N ASP A 978 23.54 2.28 -45.08
CA ASP A 978 23.43 2.83 -46.43
C ASP A 978 24.60 2.37 -47.27
N ILE A 979 24.64 2.84 -48.53
CA ILE A 979 25.69 2.43 -49.44
C ILE A 979 27.06 2.87 -48.93
N ASN A 980 27.15 4.11 -48.44
CA ASN A 980 28.44 4.61 -47.95
C ASN A 980 28.92 3.79 -46.75
N GLY A 981 28.01 3.46 -45.84
CA GLY A 981 28.37 2.72 -44.64
C GLY A 981 27.83 3.35 -43.37
N LYS A 982 27.09 4.44 -43.51
CA LYS A 982 26.49 5.08 -42.34
C LYS A 982 25.50 4.14 -41.68
N THR A 983 25.50 4.14 -40.35
CA THR A 983 24.71 3.21 -39.56
C THR A 983 23.77 3.99 -38.65
N LYS A 984 22.49 3.58 -38.63
CA LYS A 984 21.49 4.15 -37.75
C LYS A 984 20.74 3.01 -37.09
N SER A 985 20.62 3.06 -35.76
CA SER A 985 20.03 1.97 -35.00
C SER A 985 18.95 2.51 -34.07
N VAL A 986 17.85 1.77 -33.97
CA VAL A 986 16.80 2.02 -33.00
C VAL A 986 16.47 0.69 -32.32
N PHE A 987 16.37 0.70 -31.00
CA PHE A 987 16.22 -0.53 -30.24
C PHE A 987 15.12 -0.35 -29.20
N PHE A 988 14.90 -1.40 -28.42
CA PHE A 988 13.93 -1.38 -27.34
C PHE A 988 14.42 -2.32 -26.24
N GLU A 989 14.51 -1.82 -25.02
CA GLU A 989 15.04 -2.58 -23.89
C GLU A 989 13.92 -2.80 -22.87
N TYR A 990 13.70 -4.05 -22.51
CA TYR A 990 12.71 -4.40 -21.51
C TYR A 990 13.41 -4.72 -20.20
N ASN A 991 12.93 -4.13 -19.11
CA ASN A 991 13.61 -4.25 -17.83
C ASN A 991 13.74 -5.72 -17.42
N ILE A 992 14.91 -6.07 -16.88
CA ILE A 992 15.17 -7.41 -16.36
C ILE A 992 15.22 -7.44 -14.85
N ARG A 993 15.05 -6.30 -14.18
CA ARG A 993 14.98 -6.24 -12.73
C ARG A 993 13.56 -6.35 -12.22
N GLU A 994 12.56 -6.35 -13.09
CA GLU A 994 11.17 -6.37 -12.66
C GLU A 994 10.83 -7.71 -12.01
N ASP A 995 9.97 -7.67 -10.99
CA ASP A 995 9.57 -8.90 -10.31
C ASP A 995 8.83 -9.83 -11.26
N ILE A 996 7.93 -9.29 -12.07
CA ILE A 996 7.16 -10.06 -13.04
C ILE A 996 7.20 -9.27 -14.35
N SER A 997 8.12 -9.65 -15.24
CA SER A 997 8.24 -8.95 -16.52
C SER A 997 7.11 -9.36 -17.45
N GLU A 998 6.62 -8.39 -18.22
CA GLU A 998 5.60 -8.64 -19.23
C GLU A 998 6.19 -8.90 -20.61
N TYR A 999 7.51 -8.97 -20.72
CA TYR A 999 8.17 -9.13 -22.02
C TYR A 999 9.23 -10.21 -22.06
N ILE A 1000 9.61 -10.82 -20.93
CA ILE A 1000 10.80 -11.67 -20.90
C ILE A 1000 10.70 -12.77 -21.95
N ASN A 1001 9.71 -13.65 -21.81
CA ASN A 1001 9.58 -14.78 -22.72
C ASN A 1001 8.10 -14.95 -23.04
N ARG A 1002 7.37 -13.85 -23.12
CA ARG A 1002 5.99 -13.85 -23.58
C ARG A 1002 5.93 -13.22 -24.97
N TRP A 1003 4.99 -13.71 -25.78
CA TRP A 1003 4.77 -13.14 -27.10
C TRP A 1003 4.52 -11.65 -26.97
N PHE A 1004 5.20 -10.86 -27.80
CA PHE A 1004 4.85 -9.45 -27.88
C PHE A 1004 5.03 -8.97 -29.31
N PHE A 1005 4.30 -7.90 -29.64
CA PHE A 1005 4.14 -7.42 -31.00
C PHE A 1005 5.12 -6.28 -31.25
N VAL A 1006 6.02 -6.46 -32.21
CA VAL A 1006 7.03 -5.48 -32.57
C VAL A 1006 6.67 -4.89 -33.92
N THR A 1007 6.76 -3.57 -34.02
CA THR A 1007 6.59 -2.88 -35.29
C THR A 1007 7.69 -1.84 -35.43
N ILE A 1008 8.26 -1.76 -36.62
CA ILE A 1008 9.30 -0.80 -36.95
C ILE A 1008 8.85 -0.01 -38.16
N THR A 1009 8.98 1.31 -38.11
CA THR A 1009 8.52 2.19 -39.16
C THR A 1009 9.65 3.11 -39.57
N ASN A 1010 9.79 3.34 -40.88
CA ASN A 1010 10.84 4.19 -41.39
C ASN A 1010 10.28 5.10 -42.47
N ASN A 1011 10.72 6.36 -42.46
CA ASN A 1011 10.39 7.33 -43.50
C ASN A 1011 11.65 8.08 -43.84
N LEU A 1012 11.50 9.16 -44.62
CA LEU A 1012 12.66 9.91 -45.08
C LEU A 1012 13.46 10.54 -43.95
N ASN A 1013 12.82 10.79 -42.81
CA ASN A 1013 13.46 11.56 -41.73
C ASN A 1013 13.72 10.75 -40.48
N ASN A 1014 12.75 9.98 -40.00
CA ASN A 1014 12.81 9.37 -38.69
C ASN A 1014 12.52 7.87 -38.77
N ALA A 1015 13.11 7.11 -37.86
CA ALA A 1015 12.87 5.68 -37.74
C ALA A 1015 12.36 5.39 -36.34
N LYS A 1016 11.16 4.82 -36.24
CA LYS A 1016 10.47 4.62 -34.98
C LYS A 1016 10.25 3.13 -34.72
N ILE A 1017 10.19 2.77 -33.46
CA ILE A 1017 9.91 1.40 -33.02
C ILE A 1017 8.78 1.45 -32.00
N TYR A 1018 7.72 0.68 -32.28
CA TYR A 1018 6.56 0.53 -31.41
C TYR A 1018 6.51 -0.90 -30.88
N ILE A 1019 6.10 -1.05 -29.62
CA ILE A 1019 5.93 -2.35 -28.99
C ILE A 1019 4.50 -2.44 -28.48
N ASN A 1020 3.77 -3.46 -28.92
CA ASN A 1020 2.39 -3.70 -28.48
C ASN A 1020 1.53 -2.45 -28.71
N GLY A 1021 1.75 -1.76 -29.82
CA GLY A 1021 0.94 -0.63 -30.19
C GLY A 1021 1.34 0.68 -29.57
N LYS A 1022 2.34 0.70 -28.68
CA LYS A 1022 2.77 1.90 -28.00
C LYS A 1022 4.17 2.28 -28.49
N LEU A 1023 4.32 3.52 -28.95
CA LEU A 1023 5.62 3.99 -29.41
C LEU A 1023 6.64 3.85 -28.30
N GLU A 1024 7.78 3.25 -28.62
CA GLU A 1024 8.82 2.99 -27.63
C GLU A 1024 10.11 3.72 -27.91
N SER A 1025 10.47 3.99 -29.17
CA SER A 1025 11.67 4.77 -29.41
C SER A 1025 11.64 5.34 -30.82
N ASN A 1026 12.52 6.30 -31.07
CA ASN A 1026 12.68 6.87 -32.39
C ASN A 1026 14.09 7.42 -32.53
N THR A 1027 14.52 7.59 -33.78
CA THR A 1027 15.82 8.16 -34.09
C THR A 1027 15.72 8.99 -35.36
N ASP A 1028 16.64 9.94 -35.49
CA ASP A 1028 16.71 10.81 -36.66
C ASP A 1028 17.73 10.26 -37.64
N ILE A 1029 17.30 9.98 -38.86
CA ILE A 1029 18.15 9.39 -39.88
C ILE A 1029 18.31 10.35 -41.05
N LYS A 1030 18.29 11.65 -40.76
CA LYS A 1030 18.43 12.64 -41.82
C LYS A 1030 19.75 12.50 -42.56
N ASP A 1031 20.76 11.90 -41.94
CA ASP A 1031 22.07 11.74 -42.56
C ASP A 1031 22.14 10.54 -43.50
N ILE A 1032 21.12 9.69 -43.53
CA ILE A 1032 21.14 8.55 -44.42
C ILE A 1032 21.20 9.02 -45.87
N ARG A 1033 22.03 8.37 -46.67
CA ARG A 1033 22.20 8.74 -48.07
C ARG A 1033 21.29 7.91 -48.98
N GLU A 1034 21.46 6.58 -48.98
CA GLU A 1034 20.66 5.72 -49.84
C GLU A 1034 20.85 4.28 -49.39
N VAL A 1035 19.78 3.50 -49.44
CA VAL A 1035 19.79 2.09 -49.04
C VAL A 1035 19.33 1.26 -50.22
N ILE A 1036 20.09 0.22 -50.55
CA ILE A 1036 19.78 -0.69 -51.64
C ILE A 1036 19.15 -1.95 -51.07
N ALA A 1037 18.00 -2.34 -51.59
CA ALA A 1037 17.32 -3.53 -51.10
C ALA A 1037 18.01 -4.79 -51.61
N ASN A 1038 18.37 -5.68 -50.70
CA ASN A 1038 19.08 -6.88 -51.08
C ASN A 1038 18.21 -7.86 -51.85
N GLY A 1039 16.90 -7.81 -51.67
CA GLY A 1039 16.02 -8.73 -52.36
C GLY A 1039 16.18 -10.17 -51.96
N GLU A 1040 16.73 -10.43 -50.77
CA GLU A 1040 16.88 -11.80 -50.26
C GLU A 1040 16.89 -11.71 -48.74
N ILE A 1041 15.78 -12.06 -48.11
CA ILE A 1041 15.64 -11.99 -46.67
C ILE A 1041 15.96 -13.35 -46.08
N ILE A 1042 16.82 -13.37 -45.07
CA ILE A 1042 17.26 -14.62 -44.43
C ILE A 1042 16.84 -14.58 -42.97
N PHE A 1043 16.02 -15.53 -42.57
CA PHE A 1043 15.70 -15.77 -41.17
C PHE A 1043 16.65 -16.85 -40.66
N LYS A 1044 17.53 -16.47 -39.74
CA LYS A 1044 18.54 -17.38 -39.21
C LYS A 1044 19.25 -16.70 -38.06
N LEU A 1045 19.57 -17.48 -37.02
CA LEU A 1045 20.32 -16.98 -35.88
C LEU A 1045 21.80 -17.02 -36.22
N ASP A 1046 22.44 -15.86 -36.31
CA ASP A 1046 23.85 -15.74 -36.66
C ASP A 1046 24.57 -14.94 -35.58
N GLY A 1047 25.70 -15.46 -35.14
CA GLY A 1047 26.50 -14.80 -34.12
C GLY A 1047 27.21 -15.83 -33.27
N ASP A 1048 27.53 -15.43 -32.03
CA ASP A 1048 28.17 -16.30 -31.05
C ASP A 1048 27.16 -16.97 -30.14
N ILE A 1049 25.96 -17.26 -30.65
CA ILE A 1049 24.91 -17.82 -29.82
C ILE A 1049 25.32 -19.17 -29.25
N ASP A 1050 24.74 -19.50 -28.11
CA ASP A 1050 24.94 -20.81 -27.51
C ASP A 1050 24.05 -21.86 -28.20
N ARG A 1051 24.41 -23.13 -27.99
CA ARG A 1051 23.66 -24.20 -28.64
C ARG A 1051 22.21 -24.27 -28.16
N THR A 1052 21.90 -23.70 -27.00
CA THR A 1052 20.56 -23.77 -26.44
C THR A 1052 19.67 -22.61 -26.88
N GLN A 1053 20.19 -21.67 -27.67
CA GLN A 1053 19.40 -20.52 -28.09
C GLN A 1053 18.27 -20.96 -29.03
N PHE A 1054 17.16 -20.23 -28.95
CA PHE A 1054 16.03 -20.48 -29.85
C PHE A 1054 15.05 -19.33 -29.72
N ILE A 1055 14.53 -18.87 -30.85
CA ILE A 1055 13.64 -17.72 -30.90
C ILE A 1055 12.35 -18.13 -31.58
N TRP A 1056 11.21 -17.64 -31.09
CA TRP A 1056 9.92 -17.91 -31.70
C TRP A 1056 9.42 -16.65 -32.41
N MET A 1057 8.90 -16.82 -33.63
CA MET A 1057 8.38 -15.70 -34.41
C MET A 1057 7.03 -16.09 -35.00
N LYS A 1058 6.22 -15.07 -35.28
CA LYS A 1058 4.89 -15.29 -35.82
C LYS A 1058 4.43 -14.05 -36.57
N TYR A 1059 3.58 -14.28 -37.57
CA TYR A 1059 2.89 -13.21 -38.30
C TYR A 1059 3.85 -12.12 -38.77
N PHE A 1060 4.88 -12.55 -39.50
CA PHE A 1060 5.82 -11.61 -40.08
C PHE A 1060 5.21 -10.96 -41.32
N SER A 1061 5.31 -9.64 -41.42
CA SER A 1061 4.76 -8.93 -42.55
C SER A 1061 5.54 -7.64 -42.78
N ILE A 1062 5.55 -7.19 -44.03
CA ILE A 1062 6.22 -5.96 -44.43
C ILE A 1062 5.24 -5.09 -45.20
N PHE A 1063 5.17 -3.82 -44.85
CA PHE A 1063 4.37 -2.84 -45.57
C PHE A 1063 5.29 -1.83 -46.24
N ASN A 1064 4.83 -1.27 -47.36
CA ASN A 1064 5.61 -0.32 -48.13
C ASN A 1064 5.18 1.12 -47.86
N THR A 1065 4.82 1.44 -46.62
CA THR A 1065 4.45 2.79 -46.27
C THR A 1065 4.66 2.99 -44.77
N GLU A 1066 4.74 4.25 -44.37
CA GLU A 1066 4.90 4.59 -42.95
C GLU A 1066 3.55 4.44 -42.25
N LEU A 1067 3.50 3.55 -41.26
CA LEU A 1067 2.25 3.27 -40.58
C LEU A 1067 2.00 4.26 -39.45
N SER A 1068 0.73 4.55 -39.21
CA SER A 1068 0.33 5.46 -38.14
C SER A 1068 0.18 4.71 -36.83
N GLN A 1069 0.11 5.47 -35.73
CA GLN A 1069 -0.10 4.87 -34.42
C GLN A 1069 -1.45 4.17 -34.36
N SER A 1070 -2.50 4.80 -34.91
CA SER A 1070 -3.81 4.19 -34.87
C SER A 1070 -3.85 2.88 -35.65
N ASN A 1071 -3.22 2.86 -36.83
CA ASN A 1071 -3.19 1.64 -37.62
C ASN A 1071 -2.46 0.52 -36.89
N ILE A 1072 -1.33 0.87 -36.25
CA ILE A 1072 -0.57 -0.14 -35.52
C ILE A 1072 -1.39 -0.69 -34.35
N GLU A 1073 -2.07 0.20 -33.62
CA GLU A 1073 -2.89 -0.26 -32.50
C GLU A 1073 -4.03 -1.15 -32.99
N GLU A 1074 -4.68 -0.78 -34.09
CA GLU A 1074 -5.76 -1.59 -34.63
C GLU A 1074 -5.24 -2.95 -35.06
N ARG A 1075 -4.08 -3.00 -35.72
CA ARG A 1075 -3.52 -4.27 -36.14
C ARG A 1075 -3.14 -5.12 -34.94
N TYR A 1076 -2.61 -4.50 -33.89
CA TYR A 1076 -2.27 -5.23 -32.67
C TYR A 1076 -3.52 -5.84 -32.05
N LYS A 1077 -4.63 -5.08 -32.02
CA LYS A 1077 -5.87 -5.62 -31.51
C LYS A 1077 -6.37 -6.77 -32.37
N ILE A 1078 -6.31 -6.61 -33.69
CA ILE A 1078 -6.85 -7.64 -34.58
C ILE A 1078 -6.05 -8.93 -34.45
N GLN A 1079 -4.73 -8.83 -34.50
CA GLN A 1079 -3.89 -10.02 -34.41
C GLN A 1079 -3.94 -10.67 -33.04
N SER A 1080 -4.38 -9.93 -32.02
CA SER A 1080 -4.44 -10.46 -30.67
C SER A 1080 -5.77 -11.15 -30.37
N TYR A 1081 -6.75 -11.05 -31.26
CA TYR A 1081 -8.03 -11.70 -31.03
C TYR A 1081 -7.99 -13.16 -31.45
N SER A 1082 -8.51 -14.03 -30.59
CA SER A 1082 -8.59 -15.45 -30.89
C SER A 1082 -9.77 -16.04 -30.13
N GLU A 1083 -10.33 -17.11 -30.67
CA GLU A 1083 -11.46 -17.77 -30.02
C GLU A 1083 -11.03 -18.37 -28.68
N TYR A 1084 -9.85 -18.98 -28.65
CA TYR A 1084 -9.38 -19.66 -27.45
C TYR A 1084 -8.83 -18.66 -26.44
N LEU A 1085 -8.38 -19.18 -25.30
CA LEU A 1085 -7.73 -18.38 -24.27
C LEU A 1085 -6.23 -18.64 -24.29
N LYS A 1086 -5.50 -17.71 -23.68
CA LYS A 1086 -4.04 -17.72 -23.71
C LYS A 1086 -3.51 -17.96 -22.30
N ASP A 1087 -2.36 -18.61 -22.23
CA ASP A 1087 -1.71 -18.88 -20.95
C ASP A 1087 -0.79 -17.71 -20.60
N PHE A 1088 0.08 -17.91 -19.60
CA PHE A 1088 0.97 -16.83 -19.18
C PHE A 1088 1.91 -16.41 -20.31
N TRP A 1089 2.45 -17.39 -21.05
CA TRP A 1089 3.36 -17.11 -22.14
C TRP A 1089 2.67 -16.54 -23.38
N GLY A 1090 1.34 -16.60 -23.44
CA GLY A 1090 0.60 -16.16 -24.60
C GLY A 1090 0.16 -17.26 -25.53
N ASN A 1091 0.62 -18.48 -25.32
CA ASN A 1091 0.21 -19.61 -26.13
C ASN A 1091 -1.20 -20.06 -25.76
N PRO A 1092 -1.85 -20.83 -26.63
CA PRO A 1092 -3.24 -21.24 -26.36
C PRO A 1092 -3.35 -22.02 -25.06
N LEU A 1093 -4.46 -21.83 -24.36
CA LEU A 1093 -4.75 -22.58 -23.14
C LEU A 1093 -5.31 -23.95 -23.51
N MET A 1094 -4.82 -24.99 -22.85
CA MET A 1094 -5.13 -26.36 -23.22
C MET A 1094 -5.67 -27.12 -22.01
N TYR A 1095 -6.47 -28.14 -22.30
CA TYR A 1095 -7.00 -29.03 -21.27
C TYR A 1095 -5.96 -30.06 -20.86
N ASN A 1096 -6.14 -30.60 -19.66
CA ASN A 1096 -5.31 -31.69 -19.17
C ASN A 1096 -3.82 -31.34 -19.23
N LYS A 1097 -3.49 -30.10 -18.89
CA LYS A 1097 -2.12 -29.61 -18.91
C LYS A 1097 -1.80 -29.00 -17.56
N GLU A 1098 -0.73 -29.48 -16.93
CA GLU A 1098 -0.35 -28.97 -15.62
C GLU A 1098 -0.04 -27.48 -15.71
N TYR A 1099 -0.52 -26.72 -14.73
CA TYR A 1099 -0.38 -25.28 -14.72
C TYR A 1099 -0.05 -24.81 -13.31
N TYR A 1100 0.55 -23.63 -13.24
CA TYR A 1100 0.70 -22.89 -11.99
C TYR A 1100 -0.13 -21.62 -12.08
N MET A 1101 -0.68 -21.18 -10.96
CA MET A 1101 -1.60 -20.06 -10.95
C MET A 1101 -0.87 -18.77 -10.58
N PHE A 1102 -1.20 -17.69 -11.28
CA PHE A 1102 -0.61 -16.39 -11.03
C PHE A 1102 -1.73 -15.35 -11.01
N ASN A 1103 -1.81 -14.57 -9.94
CA ASN A 1103 -2.86 -13.58 -9.78
C ASN A 1103 -2.31 -12.20 -10.07
N ALA A 1104 -3.00 -11.48 -10.97
CA ALA A 1104 -2.53 -10.15 -11.35
C ALA A 1104 -2.55 -9.19 -10.18
N GLY A 1105 -3.58 -9.26 -9.34
CA GLY A 1105 -3.68 -8.38 -8.19
C GLY A 1105 -2.74 -8.71 -7.06
N ASN A 1106 -2.16 -9.91 -7.07
CA ASN A 1106 -1.20 -10.34 -6.06
C ASN A 1106 -0.01 -10.99 -6.72
N LYS A 1107 0.59 -10.29 -7.69
CA LYS A 1107 1.65 -10.87 -8.50
C LYS A 1107 2.75 -11.50 -7.65
N ASN A 1108 2.90 -11.08 -6.41
CA ASN A 1108 3.97 -11.57 -5.55
C ASN A 1108 3.53 -12.72 -4.65
N SER A 1109 2.36 -13.32 -4.91
CA SER A 1109 1.81 -14.34 -4.04
C SER A 1109 1.47 -15.60 -4.85
N TYR A 1110 1.55 -16.75 -4.18
CA TYR A 1110 1.17 -18.03 -4.77
C TYR A 1110 0.37 -18.81 -3.74
N ILE A 1111 -0.16 -19.95 -4.18
CA ILE A 1111 -1.11 -20.75 -3.42
C ILE A 1111 -0.44 -22.06 -3.02
N LYS A 1112 -0.59 -22.44 -1.75
CA LYS A 1112 -0.10 -23.71 -1.26
C LYS A 1112 -1.19 -24.37 -0.42
N LEU A 1113 -1.44 -25.65 -0.64
CA LEU A 1113 -2.47 -26.35 0.10
C LEU A 1113 -2.16 -26.33 1.59
N LYS A 1114 -3.18 -26.07 2.40
CA LYS A 1114 -2.98 -25.99 3.85
C LYS A 1114 -2.54 -27.33 4.40
N LYS A 1115 -1.68 -27.28 5.43
CA LYS A 1115 -1.16 -28.50 6.03
C LYS A 1115 -2.28 -29.35 6.61
N ASP A 1116 -3.23 -28.71 7.31
CA ASP A 1116 -4.33 -29.42 7.94
C ASP A 1116 -5.68 -29.06 7.34
N SER A 1117 -6.01 -27.76 7.28
CA SER A 1117 -7.31 -27.37 6.77
C SER A 1117 -7.41 -27.67 5.27
N PRO A 1118 -8.63 -27.92 4.76
CA PRO A 1118 -8.84 -28.16 3.33
C PRO A 1118 -8.98 -26.87 2.52
N VAL A 1119 -8.08 -25.93 2.75
CA VAL A 1119 -8.08 -24.64 2.07
C VAL A 1119 -6.66 -24.34 1.60
N GLY A 1120 -6.56 -23.39 0.67
CA GLY A 1120 -5.29 -22.98 0.12
C GLY A 1120 -4.79 -21.70 0.76
N GLU A 1121 -3.67 -21.79 1.47
CA GLU A 1121 -3.04 -20.62 2.04
C GLU A 1121 -2.28 -19.86 0.97
N ILE A 1122 -2.10 -18.56 1.20
CA ILE A 1122 -1.43 -17.67 0.27
C ILE A 1122 -0.08 -17.31 0.85
N LEU A 1123 0.99 -17.67 0.13
CA LEU A 1123 2.35 -17.36 0.53
C LEU A 1123 2.97 -16.39 -0.47
N THR A 1124 4.17 -15.92 -0.16
CA THR A 1124 4.85 -14.92 -0.97
C THR A 1124 5.91 -15.59 -1.85
N ARG A 1125 5.94 -15.16 -3.12
CA ARG A 1125 6.86 -15.75 -4.08
C ARG A 1125 8.31 -15.50 -3.68
N SER A 1126 9.18 -16.46 -4.02
CA SER A 1126 10.59 -16.32 -3.78
C SER A 1126 11.22 -15.38 -4.81
N LYS A 1127 12.46 -14.96 -4.52
CA LYS A 1127 13.18 -14.05 -5.39
C LYS A 1127 14.61 -14.55 -5.58
N TYR A 1128 15.21 -14.17 -6.70
CA TYR A 1128 16.59 -14.55 -6.98
C TYR A 1128 17.54 -13.84 -6.03
N ASN A 1129 18.29 -14.62 -5.26
CA ASN A 1129 19.28 -14.09 -4.33
C ASN A 1129 20.57 -14.89 -4.38
N GLN A 1130 20.99 -15.32 -5.57
CA GLN A 1130 22.10 -16.26 -5.67
C GLN A 1130 23.45 -15.55 -5.75
N ASN A 1131 23.71 -14.83 -6.83
CA ASN A 1131 25.05 -14.28 -7.06
C ASN A 1131 25.07 -12.81 -7.44
N SER A 1132 24.10 -12.35 -8.24
CA SER A 1132 24.20 -11.08 -8.94
C SER A 1132 23.17 -10.09 -8.40
N LYS A 1133 23.61 -8.86 -8.17
CA LYS A 1133 22.71 -7.76 -7.87
C LYS A 1133 22.16 -7.11 -9.14
N TYR A 1134 22.66 -7.50 -10.31
CA TYR A 1134 22.21 -6.94 -11.58
C TYR A 1134 20.98 -7.63 -12.14
N ILE A 1135 20.53 -8.71 -11.51
CA ILE A 1135 19.39 -9.48 -12.00
C ILE A 1135 18.46 -9.75 -10.82
N ASN A 1136 17.16 -9.65 -11.07
CA ASN A 1136 16.17 -9.93 -10.03
C ASN A 1136 14.89 -10.42 -10.68
N TYR A 1137 14.37 -11.52 -10.18
CA TYR A 1137 13.13 -12.10 -10.67
C TYR A 1137 12.55 -12.98 -9.59
N ARG A 1138 11.28 -13.32 -9.73
CA ARG A 1138 10.56 -14.13 -8.77
C ARG A 1138 10.19 -15.46 -9.40
N ASP A 1139 10.41 -16.54 -8.64
CA ASP A 1139 10.13 -17.88 -9.15
C ASP A 1139 8.67 -17.98 -9.59
N LEU A 1140 8.41 -18.90 -10.51
CA LEU A 1140 7.06 -19.08 -11.05
C LEU A 1140 6.58 -20.50 -10.87
N TYR A 1141 7.50 -21.47 -10.95
CA TYR A 1141 7.15 -22.88 -10.85
C TYR A 1141 7.07 -23.31 -9.38
N ILE A 1142 6.15 -22.68 -8.65
CA ILE A 1142 5.92 -22.98 -7.25
C ILE A 1142 4.42 -23.03 -7.00
N GLY A 1143 4.05 -23.62 -5.86
CA GLY A 1143 2.66 -23.77 -5.50
C GLY A 1143 2.05 -25.02 -6.09
N GLU A 1144 0.76 -25.20 -5.80
CA GLU A 1144 0.05 -26.37 -6.29
C GLU A 1144 -0.03 -26.35 -7.80
N LYS A 1145 0.09 -27.52 -8.41
CA LYS A 1145 -0.02 -27.68 -9.85
C LYS A 1145 -1.49 -27.86 -10.20
N PHE A 1146 -2.07 -26.87 -10.86
CA PHE A 1146 -3.47 -26.92 -11.24
C PHE A 1146 -3.63 -27.55 -12.62
N ILE A 1147 -4.86 -27.92 -12.94
CA ILE A 1147 -5.18 -28.59 -14.19
C ILE A 1147 -6.64 -28.33 -14.51
N ILE A 1148 -6.94 -28.11 -15.78
CA ILE A 1148 -8.30 -27.82 -16.23
C ILE A 1148 -8.84 -29.07 -16.91
N ARG A 1149 -9.97 -29.57 -16.42
CA ARG A 1149 -10.58 -30.79 -16.95
C ARG A 1149 -11.91 -30.43 -17.61
N ARG A 1150 -12.13 -30.96 -18.81
CA ARG A 1150 -13.39 -30.73 -19.50
C ARG A 1150 -14.54 -31.30 -18.67
N LYS A 1151 -15.62 -30.54 -18.55
CA LYS A 1151 -16.73 -30.95 -17.71
C LYS A 1151 -17.58 -32.02 -18.38
N SER A 1152 -18.19 -31.67 -19.51
CA SER A 1152 -19.14 -32.56 -20.17
C SER A 1152 -18.49 -33.50 -21.17
N ASN A 1153 -17.33 -33.17 -21.70
CA ASN A 1153 -16.68 -33.96 -22.74
C ASN A 1153 -17.62 -34.15 -23.93
N SER A 1154 -18.32 -33.08 -24.29
CA SER A 1154 -19.27 -33.10 -25.40
C SER A 1154 -18.58 -32.93 -26.75
N GLN A 1155 -17.75 -31.90 -26.88
CA GLN A 1155 -17.05 -31.66 -28.14
C GLN A 1155 -16.02 -32.75 -28.38
N SER A 1156 -15.46 -32.75 -29.60
CA SER A 1156 -14.49 -33.77 -29.97
C SER A 1156 -13.24 -33.66 -29.11
N ILE A 1157 -12.68 -34.81 -28.73
CA ILE A 1157 -11.46 -34.84 -27.93
C ILE A 1157 -10.22 -34.56 -28.74
N ASN A 1158 -10.34 -34.38 -30.06
CA ASN A 1158 -9.17 -34.11 -30.89
C ASN A 1158 -8.50 -32.80 -30.49
N ASP A 1159 -9.29 -31.76 -30.22
CA ASP A 1159 -8.78 -30.45 -29.86
C ASP A 1159 -8.93 -30.25 -28.36
N ASP A 1160 -7.81 -29.95 -27.69
CA ASP A 1160 -7.80 -29.75 -26.25
C ASP A 1160 -7.67 -28.29 -25.84
N ILE A 1161 -7.82 -27.35 -26.79
CA ILE A 1161 -7.70 -25.94 -26.46
C ILE A 1161 -8.93 -25.48 -25.72
N VAL A 1162 -8.73 -24.64 -24.70
CA VAL A 1162 -9.82 -24.12 -23.88
C VAL A 1162 -10.38 -22.87 -24.53
N ARG A 1163 -11.70 -22.81 -24.68
CA ARG A 1163 -12.38 -21.70 -25.32
C ARG A 1163 -13.14 -20.89 -24.29
N LYS A 1164 -13.41 -19.63 -24.64
CA LYS A 1164 -14.08 -18.73 -23.72
C LYS A 1164 -15.48 -19.23 -23.39
N GLU A 1165 -15.90 -19.01 -22.14
CA GLU A 1165 -17.22 -19.39 -21.65
C GLU A 1165 -17.41 -20.91 -21.59
N ASP A 1166 -16.33 -21.67 -21.55
CA ASP A 1166 -16.44 -23.12 -21.42
C ASP A 1166 -16.67 -23.49 -19.96
N TYR A 1167 -17.30 -24.64 -19.75
CA TYR A 1167 -17.55 -25.18 -18.42
C TYR A 1167 -16.46 -26.20 -18.10
N ILE A 1168 -15.82 -26.03 -16.95
CA ILE A 1168 -14.60 -26.77 -16.63
C ILE A 1168 -14.57 -27.14 -15.15
N TYR A 1169 -13.73 -28.12 -14.83
CA TYR A 1169 -13.34 -28.44 -13.47
C TYR A 1169 -11.91 -27.96 -13.25
N LEU A 1170 -11.69 -27.24 -12.15
CA LEU A 1170 -10.36 -26.74 -11.82
C LEU A 1170 -9.76 -27.64 -10.74
N ASP A 1171 -9.09 -28.70 -11.18
CA ASP A 1171 -8.51 -29.66 -10.28
C ASP A 1171 -7.05 -29.29 -9.98
N PHE A 1172 -6.46 -29.99 -9.02
CA PHE A 1172 -5.07 -29.79 -8.67
C PHE A 1172 -4.52 -31.08 -8.08
N PHE A 1173 -3.25 -31.36 -8.35
CA PHE A 1173 -2.63 -32.59 -7.92
C PHE A 1173 -2.09 -32.42 -6.50
N ASN A 1174 -2.56 -33.27 -5.59
CA ASN A 1174 -2.09 -33.32 -4.22
C ASN A 1174 -1.50 -34.71 -4.00
N LEU A 1175 -0.19 -34.77 -3.77
CA LEU A 1175 0.53 -36.04 -3.64
C LEU A 1175 0.28 -36.82 -4.91
N ASN A 1176 -0.29 -38.03 -4.86
CA ASN A 1176 -0.59 -38.80 -6.05
C ASN A 1176 -2.05 -38.70 -6.48
N GLN A 1177 -2.89 -37.99 -5.70
CA GLN A 1177 -4.30 -37.86 -6.01
C GLN A 1177 -4.57 -36.55 -6.73
N GLU A 1178 -5.75 -36.47 -7.33
CA GLU A 1178 -6.20 -35.27 -8.05
C GLU A 1178 -7.43 -34.73 -7.34
N TRP A 1179 -7.25 -33.69 -6.53
CA TRP A 1179 -8.35 -33.08 -5.81
C TRP A 1179 -9.01 -32.01 -6.68
N ARG A 1180 -10.19 -31.56 -6.25
CA ARG A 1180 -10.99 -30.61 -7.00
C ARG A 1180 -11.36 -29.43 -6.13
N VAL A 1181 -11.55 -28.28 -6.76
CA VAL A 1181 -11.93 -27.06 -6.07
C VAL A 1181 -13.44 -26.94 -6.06
N TYR A 1182 -14.03 -26.80 -4.88
CA TYR A 1182 -15.46 -26.68 -4.69
C TYR A 1182 -15.79 -25.33 -4.06
N THR A 1183 -17.09 -25.10 -3.84
CA THR A 1183 -17.55 -23.90 -3.16
C THR A 1183 -18.82 -24.23 -2.41
N TYR A 1184 -19.09 -23.46 -1.36
CA TYR A 1184 -20.27 -23.68 -0.53
C TYR A 1184 -21.51 -23.20 -1.27
N LYS A 1185 -22.56 -24.01 -1.25
CA LYS A 1185 -23.77 -23.68 -2.00
C LYS A 1185 -24.43 -22.42 -1.46
N TYR A 1186 -24.39 -22.21 -0.15
CA TYR A 1186 -25.05 -21.06 0.47
C TYR A 1186 -24.10 -20.43 1.47
N PHE A 1187 -23.78 -19.16 1.27
CA PHE A 1187 -22.97 -18.39 2.20
C PHE A 1187 -23.61 -17.03 2.40
N LYS A 1188 -23.59 -16.54 3.64
CA LYS A 1188 -24.20 -15.26 3.96
C LYS A 1188 -23.25 -14.10 3.62
N LYS A 1189 -22.08 -14.08 4.24
CA LYS A 1189 -21.12 -13.02 4.00
C LYS A 1189 -20.75 -12.96 2.52
N GLU A 1190 -20.23 -11.80 2.10
CA GLU A 1190 -19.87 -11.63 0.70
C GLU A 1190 -18.78 -12.61 0.29
N GLU A 1191 -17.77 -12.79 1.13
CA GLU A 1191 -16.66 -13.69 0.84
C GLU A 1191 -16.85 -15.05 1.51
N GLU A 1192 -16.15 -16.04 1.00
CA GLU A 1192 -16.20 -17.39 1.56
C GLU A 1192 -15.01 -18.21 1.06
N LYS A 1193 -14.25 -18.78 1.97
CA LYS A 1193 -13.09 -19.57 1.58
C LYS A 1193 -13.51 -20.77 0.75
N LEU A 1194 -12.71 -21.09 -0.26
CA LEU A 1194 -13.00 -22.23 -1.11
C LEU A 1194 -12.74 -23.54 -0.35
N PHE A 1195 -13.31 -24.62 -0.87
CA PHE A 1195 -13.25 -25.93 -0.24
C PHE A 1195 -12.55 -26.89 -1.20
N LEU A 1196 -11.23 -27.02 -1.04
CA LEU A 1196 -10.45 -27.97 -1.83
C LEU A 1196 -10.60 -29.35 -1.22
N ALA A 1197 -11.04 -30.32 -2.03
CA ALA A 1197 -11.31 -31.66 -1.54
C ALA A 1197 -11.23 -32.62 -2.72
N PRO A 1198 -11.10 -33.92 -2.45
CA PRO A 1198 -11.01 -34.89 -3.56
C PRO A 1198 -12.26 -34.85 -4.44
N ILE A 1199 -12.12 -35.45 -5.61
CA ILE A 1199 -13.23 -35.53 -6.55
C ILE A 1199 -14.36 -36.34 -5.92
N SER A 1200 -15.58 -35.82 -6.03
CA SER A 1200 -16.76 -36.48 -5.48
C SER A 1200 -17.99 -35.75 -6.01
N ASP A 1201 -19.16 -36.27 -5.64
CA ASP A 1201 -20.43 -35.64 -5.95
C ASP A 1201 -21.22 -35.47 -4.66
N SER A 1202 -21.73 -34.26 -4.43
CA SER A 1202 -22.45 -33.97 -3.20
C SER A 1202 -23.42 -32.83 -3.47
N ASP A 1203 -24.43 -32.73 -2.61
CA ASP A 1203 -25.44 -31.69 -2.70
C ASP A 1203 -25.09 -30.46 -1.87
N GLU A 1204 -23.94 -30.45 -1.21
CA GLU A 1204 -23.53 -29.33 -0.37
C GLU A 1204 -22.52 -28.41 -1.04
N PHE A 1205 -22.14 -28.69 -2.28
CA PHE A 1205 -21.11 -27.90 -2.95
C PHE A 1205 -21.37 -27.86 -4.45
N TYR A 1206 -20.99 -26.73 -5.06
CA TYR A 1206 -21.00 -26.59 -6.52
C TYR A 1206 -19.62 -26.90 -7.06
N ASN A 1207 -19.58 -27.60 -8.20
CA ASN A 1207 -18.32 -28.01 -8.80
C ASN A 1207 -18.18 -27.55 -10.25
N THR A 1208 -19.05 -26.66 -10.72
CA THR A 1208 -19.01 -26.19 -12.10
C THR A 1208 -18.42 -24.79 -12.15
N ILE A 1209 -17.42 -24.60 -12.99
CA ILE A 1209 -16.72 -23.34 -13.15
C ILE A 1209 -16.76 -22.94 -14.61
N GLN A 1210 -17.09 -21.67 -14.87
CA GLN A 1210 -17.08 -21.11 -16.21
C GLN A 1210 -15.90 -20.14 -16.32
N ILE A 1211 -15.17 -20.23 -17.44
CA ILE A 1211 -14.02 -19.38 -17.69
C ILE A 1211 -14.47 -18.26 -18.63
N LYS A 1212 -14.22 -17.01 -18.21
CA LYS A 1212 -14.67 -15.84 -18.94
C LYS A 1212 -13.49 -14.90 -19.17
N GLU A 1213 -13.66 -14.00 -20.12
CA GLU A 1213 -12.68 -12.97 -20.43
C GLU A 1213 -13.45 -11.65 -20.59
N TYR A 1214 -13.57 -10.91 -19.50
CA TYR A 1214 -14.36 -9.68 -19.51
C TYR A 1214 -13.64 -8.54 -20.21
N ASP A 1215 -12.32 -8.45 -20.03
CA ASP A 1215 -11.58 -7.34 -20.61
C ASP A 1215 -11.68 -7.37 -22.12
N GLU A 1216 -11.94 -6.19 -22.72
CA GLU A 1216 -12.02 -6.10 -24.17
C GLU A 1216 -10.64 -5.91 -24.79
N GLN A 1217 -9.76 -5.19 -24.12
CA GLN A 1217 -8.42 -4.97 -24.63
C GLN A 1217 -7.62 -6.27 -24.54
N PRO A 1218 -6.55 -6.40 -25.33
CA PRO A 1218 -5.76 -7.64 -25.30
C PRO A 1218 -5.17 -7.87 -23.91
N THR A 1219 -5.14 -9.15 -23.52
CA THR A 1219 -4.58 -9.52 -22.23
C THR A 1219 -4.46 -11.04 -22.18
N TYR A 1220 -3.60 -11.51 -21.29
CA TYR A 1220 -3.43 -12.94 -21.03
C TYR A 1220 -4.12 -13.39 -19.76
N SER A 1221 -4.91 -12.52 -19.13
CA SER A 1221 -5.62 -12.85 -17.91
C SER A 1221 -6.97 -13.47 -18.24
N CYS A 1222 -7.62 -14.01 -17.21
CA CYS A 1222 -8.94 -14.59 -17.36
C CYS A 1222 -9.63 -14.62 -16.01
N GLN A 1223 -10.94 -14.77 -16.03
CA GLN A 1223 -11.76 -14.78 -14.83
C GLN A 1223 -12.47 -16.13 -14.71
N LEU A 1224 -12.70 -16.55 -13.47
CA LEU A 1224 -13.36 -17.81 -13.17
C LEU A 1224 -14.61 -17.54 -12.34
N LEU A 1225 -15.74 -18.07 -12.81
CA LEU A 1225 -17.04 -17.82 -12.21
C LEU A 1225 -17.65 -19.15 -11.78
N PHE A 1226 -18.40 -19.13 -10.68
CA PHE A 1226 -19.07 -20.33 -10.17
C PHE A 1226 -20.55 -20.24 -10.50
N LYS A 1227 -21.10 -21.33 -11.02
CA LYS A 1227 -22.50 -21.39 -11.42
C LYS A 1227 -23.17 -22.59 -10.77
N LYS A 1228 -24.44 -22.43 -10.42
CA LYS A 1228 -25.19 -23.54 -9.85
C LYS A 1228 -25.30 -24.69 -10.83
N ASP A 1229 -25.58 -24.39 -12.10
CA ASP A 1229 -25.68 -25.41 -13.13
C ASP A 1229 -25.46 -24.76 -14.48
N GLU A 1230 -25.23 -25.60 -15.49
CA GLU A 1230 -25.00 -25.08 -16.83
C GLU A 1230 -26.21 -24.31 -17.34
N GLU A 1231 -27.41 -24.83 -17.11
CA GLU A 1231 -28.64 -24.17 -17.56
C GLU A 1231 -29.13 -23.11 -16.58
N SER A 1232 -28.58 -23.05 -15.38
CA SER A 1232 -29.03 -22.08 -14.39
C SER A 1232 -28.50 -20.69 -14.72
N THR A 1233 -29.31 -19.68 -14.42
CA THR A 1233 -28.96 -18.29 -14.68
C THR A 1233 -28.52 -17.55 -13.42
N ASP A 1234 -28.28 -18.26 -12.33
CA ASP A 1234 -27.87 -17.65 -11.07
C ASP A 1234 -26.37 -17.78 -10.90
N GLU A 1235 -25.69 -16.65 -10.82
CA GLU A 1235 -24.24 -16.63 -10.63
C GLU A 1235 -23.91 -16.67 -9.14
N ILE A 1236 -22.93 -17.49 -8.79
CA ILE A 1236 -22.52 -17.63 -7.40
C ILE A 1236 -21.48 -16.58 -7.02
N GLY A 1237 -20.43 -16.46 -7.81
CA GLY A 1237 -19.41 -15.47 -7.53
C GLY A 1237 -18.15 -15.75 -8.33
N LEU A 1238 -17.20 -14.83 -8.20
CA LEU A 1238 -15.94 -14.89 -8.93
C LEU A 1238 -14.82 -15.32 -8.00
N ILE A 1239 -13.95 -16.20 -8.49
CA ILE A 1239 -12.82 -16.64 -7.71
C ILE A 1239 -11.78 -15.52 -7.64
N GLY A 1240 -11.17 -15.36 -6.46
CA GLY A 1240 -10.20 -14.30 -6.29
C GLY A 1240 -9.48 -14.44 -4.96
N ILE A 1241 -8.76 -13.38 -4.61
CA ILE A 1241 -7.97 -13.33 -3.39
C ILE A 1241 -8.26 -11.99 -2.74
N HIS A 1242 -8.43 -11.98 -1.43
CA HIS A 1242 -8.61 -10.74 -0.69
C HIS A 1242 -7.81 -10.78 0.60
N ARG A 1243 -7.99 -9.78 1.47
CA ARG A 1243 -7.27 -9.74 2.73
C ARG A 1243 -8.17 -9.33 3.91
N GLU A 1253 -6.72 -6.26 7.35
CA GLU A 1253 -6.98 -7.42 8.20
C GLU A 1253 -6.03 -8.56 7.86
N TYR A 1254 -5.02 -8.26 7.03
CA TYR A 1254 -4.03 -9.22 6.58
C TYR A 1254 -4.69 -10.57 6.25
N LYS A 1255 -4.00 -11.66 6.55
CA LYS A 1255 -4.53 -13.01 6.33
C LYS A 1255 -5.15 -13.14 4.94
N ASP A 1256 -4.31 -12.93 3.92
CA ASP A 1256 -4.77 -13.04 2.55
C ASP A 1256 -5.35 -14.42 2.31
N TYR A 1257 -6.54 -14.47 1.69
CA TYR A 1257 -7.27 -15.71 1.52
C TYR A 1257 -7.71 -15.89 0.08
N PHE A 1258 -7.71 -17.14 -0.36
CA PHE A 1258 -8.15 -17.56 -1.68
C PHE A 1258 -9.65 -17.83 -1.58
N CYS A 1259 -10.46 -16.85 -1.95
CA CYS A 1259 -11.89 -16.87 -1.76
C CYS A 1259 -12.72 -16.80 -3.00
N ILE A 1260 -14.04 -16.74 -2.84
CA ILE A 1260 -14.98 -16.48 -3.92
C ILE A 1260 -15.78 -15.30 -3.40
N SER A 1261 -15.90 -14.26 -4.22
CA SER A 1261 -16.58 -13.03 -3.83
C SER A 1261 -17.71 -12.73 -4.80
N LYS A 1262 -18.83 -12.25 -4.27
CA LYS A 1262 -19.90 -11.72 -5.08
C LYS A 1262 -19.69 -10.26 -5.44
N TRP A 1263 -18.81 -9.57 -4.72
CA TRP A 1263 -18.52 -8.17 -5.03
C TRP A 1263 -17.88 -8.02 -6.40
N TYR A 1264 -16.92 -8.89 -6.72
CA TYR A 1264 -16.24 -8.79 -8.00
C TYR A 1264 -17.22 -8.79 -9.17
N LEU A 1265 -18.33 -9.52 -9.03
CA LEU A 1265 -19.31 -9.58 -10.12
C LEU A 1265 -19.65 -8.20 -10.65
N LYS A 1266 -19.64 -7.19 -9.79
CA LYS A 1266 -19.97 -5.84 -10.24
C LYS A 1266 -18.72 -5.10 -10.75
N GLU A 1267 -17.59 -5.26 -10.06
CA GLU A 1267 -16.40 -4.50 -10.42
C GLU A 1267 -15.98 -4.74 -11.85
N VAL A 1268 -16.17 -5.96 -12.37
CA VAL A 1268 -15.74 -6.24 -13.73
C VAL A 1268 -16.55 -5.44 -14.74
N LYS A 1269 -17.81 -5.12 -14.41
CA LYS A 1269 -18.66 -4.39 -15.34
C LYS A 1269 -18.42 -2.88 -15.31
N ARG A 1270 -17.70 -2.37 -14.32
CA ARG A 1270 -17.43 -0.94 -14.22
C ARG A 1270 -16.36 -0.60 -15.25
N LYS A 1271 -16.79 -0.18 -16.44
CA LYS A 1271 -15.84 0.15 -17.50
C LYS A 1271 -15.03 1.37 -17.11
N PRO A 1272 -13.72 1.41 -17.40
CA PRO A 1272 -12.92 0.38 -18.08
C PRO A 1272 -12.50 -0.74 -17.13
N TYR A 1273 -12.30 -1.95 -17.64
CA TYR A 1273 -11.93 -3.07 -16.79
C TYR A 1273 -10.60 -2.78 -16.09
N ASN A 1274 -10.55 -3.07 -14.80
CA ASN A 1274 -9.35 -2.84 -14.00
C ASN A 1274 -8.48 -4.10 -14.07
N LEU A 1275 -7.37 -4.01 -14.80
CA LEU A 1275 -6.48 -5.15 -14.96
C LEU A 1275 -5.81 -5.58 -13.67
N LYS A 1276 -5.83 -4.74 -12.63
CA LYS A 1276 -5.17 -5.03 -11.36
C LYS A 1276 -6.09 -5.73 -10.36
N LEU A 1277 -7.31 -6.06 -10.75
CA LEU A 1277 -8.24 -6.71 -9.84
C LEU A 1277 -7.70 -8.07 -9.39
N GLY A 1278 -8.21 -8.53 -8.26
CA GLY A 1278 -7.83 -9.82 -7.71
C GLY A 1278 -8.49 -11.01 -8.35
N CYS A 1279 -9.42 -10.80 -9.28
CA CYS A 1279 -10.08 -11.89 -9.98
C CYS A 1279 -9.39 -12.24 -11.29
N ASN A 1280 -8.33 -11.54 -11.67
CA ASN A 1280 -7.59 -11.82 -12.90
C ASN A 1280 -6.59 -12.94 -12.64
N TRP A 1281 -6.61 -13.95 -13.49
CA TRP A 1281 -5.78 -15.13 -13.31
C TRP A 1281 -4.99 -15.41 -14.59
N GLN A 1282 -3.83 -16.03 -14.41
CA GLN A 1282 -3.01 -16.47 -15.52
C GLN A 1282 -2.42 -17.83 -15.17
N PHE A 1283 -2.19 -18.65 -16.19
CA PHE A 1283 -1.70 -20.01 -16.03
C PHE A 1283 -0.31 -20.12 -16.63
N ILE A 1284 0.61 -20.71 -15.86
CA ILE A 1284 2.00 -20.86 -16.24
C ILE A 1284 2.33 -22.33 -16.40
N PRO A 1285 2.44 -22.85 -17.62
CA PRO A 1285 2.98 -24.20 -17.80
C PRO A 1285 4.49 -24.18 -17.95
N LYS A 1286 5.10 -25.33 -17.65
CA LYS A 1286 6.54 -25.45 -17.80
C LYS A 1286 6.93 -25.21 -19.25
N ASP A 1287 7.94 -24.37 -19.46
CA ASP A 1287 8.37 -24.01 -20.80
C ASP A 1287 9.90 -24.02 -20.85
N GLU A 1288 10.43 -24.38 -22.02
CA GLU A 1288 11.87 -24.47 -22.19
C GLU A 1288 12.55 -23.11 -22.07
N GLY A 1289 11.81 -22.02 -22.19
CA GLY A 1289 12.39 -20.69 -22.14
C GLY A 1289 12.53 -20.08 -20.77
N TRP A 1290 12.08 -20.76 -19.72
CA TRP A 1290 12.21 -20.27 -18.36
C TRP A 1290 12.91 -21.32 -17.52
N THR A 1291 13.88 -20.89 -16.72
CA THR A 1291 14.67 -21.76 -15.86
C THR A 1291 14.75 -21.17 -14.47
N GLU A 1292 14.99 -22.03 -13.48
CA GLU A 1292 15.13 -21.61 -12.08
C GLU A 1292 15.76 -20.22 -11.95
N MET B 1 -5.86 1.33 18.69
CA MET B 1 -6.06 2.81 18.46
C MET B 1 -7.53 3.20 18.47
N ASN B 2 -7.87 4.14 19.33
CA ASN B 2 -9.24 4.65 19.43
C ASN B 2 -9.18 6.14 19.69
N ILE B 3 -9.71 6.93 18.77
CA ILE B 3 -9.72 8.38 18.91
C ILE B 3 -10.83 8.78 19.86
N ASN B 4 -10.49 9.54 20.90
CA ASN B 4 -11.45 9.96 21.91
C ASN B 4 -12.32 11.07 21.31
N ASP B 5 -13.56 10.72 20.96
CA ASP B 5 -14.51 11.67 20.39
C ASP B 5 -15.55 12.11 21.41
N ASN B 6 -15.18 12.10 22.69
CA ASN B 6 -16.11 12.46 23.75
C ASN B 6 -15.53 13.59 24.60
N LEU B 7 -14.95 14.59 23.94
CA LEU B 7 -14.36 15.74 24.63
C LEU B 7 -14.90 17.02 24.04
N SER B 8 -14.89 18.07 24.87
CA SER B 8 -15.34 19.39 24.45
C SER B 8 -14.56 20.43 25.22
N ILE B 9 -14.57 21.67 24.72
CA ILE B 9 -13.79 22.72 25.33
C ILE B 9 -14.23 22.96 26.77
N ASN B 10 -15.48 22.63 27.09
CA ASN B 10 -15.99 22.78 28.44
C ASN B 10 -15.64 21.60 29.35
N SER B 11 -14.93 20.61 28.84
CA SER B 11 -14.61 19.44 29.65
C SER B 11 -13.81 19.87 30.87
N PRO B 12 -14.04 19.24 32.03
CA PRO B 12 -13.32 19.64 33.23
C PRO B 12 -11.84 19.31 33.13
N VAL B 13 -11.03 20.06 33.87
CA VAL B 13 -9.59 19.82 33.95
C VAL B 13 -9.40 18.63 34.89
N ASP B 14 -9.28 17.44 34.32
CA ASP B 14 -9.13 16.22 35.11
C ASP B 14 -7.69 15.81 35.31
N ASN B 15 -6.74 16.53 34.71
CA ASN B 15 -5.31 16.23 34.86
C ASN B 15 -4.95 14.85 34.32
N LYS B 16 -5.83 14.24 33.53
CA LYS B 16 -5.56 12.94 32.93
C LYS B 16 -5.77 12.93 31.42
N ASN B 17 -6.77 13.65 30.91
CA ASN B 17 -7.02 13.75 29.48
C ASN B 17 -7.08 15.20 29.05
N VAL B 18 -7.55 16.07 29.93
CA VAL B 18 -7.61 17.51 29.69
C VAL B 18 -6.66 18.16 30.69
N VAL B 19 -5.69 18.92 30.19
CA VAL B 19 -4.63 19.46 31.02
C VAL B 19 -4.40 20.92 30.68
N VAL B 20 -3.80 21.64 31.62
CA VAL B 20 -3.36 23.02 31.43
C VAL B 20 -1.86 23.03 31.61
N VAL B 21 -1.12 23.08 30.50
CA VAL B 21 0.33 22.92 30.53
C VAL B 21 1.00 24.24 30.18
N ARG B 22 2.33 24.27 30.26
CA ARG B 22 3.10 25.47 29.96
C ARG B 22 3.73 25.36 28.58
N ALA B 23 3.85 26.50 27.90
CA ALA B 23 4.43 26.56 26.57
C ALA B 23 5.94 26.73 26.71
N ARG B 24 6.68 25.65 26.45
CA ARG B 24 8.15 25.63 26.60
C ARG B 24 8.46 26.16 28.01
N LYS B 25 9.40 27.09 28.16
CA LYS B 25 9.73 27.66 29.46
C LYS B 25 9.30 29.12 29.56
N THR B 26 8.35 29.54 28.74
CA THR B 26 7.85 30.91 28.77
C THR B 26 6.83 31.06 29.90
N ASP B 27 6.21 32.23 29.98
CA ASP B 27 5.29 32.54 31.07
C ASP B 27 3.83 32.27 30.71
N THR B 28 3.55 31.71 29.55
CA THR B 28 2.18 31.44 29.12
C THR B 28 1.82 29.99 29.36
N VAL B 29 0.51 29.75 29.52
CA VAL B 29 -0.03 28.40 29.68
C VAL B 29 -1.15 28.23 28.67
N PHE B 30 -1.39 26.97 28.30
CA PHE B 30 -2.43 26.66 27.32
C PHE B 30 -3.04 25.31 27.65
N LYS B 31 -4.27 25.12 27.17
CA LYS B 31 -5.08 23.96 27.49
C LYS B 31 -4.96 22.94 26.36
N ALA B 32 -4.76 21.67 26.74
CA ALA B 32 -4.53 20.61 25.79
C ALA B 32 -5.44 19.42 26.10
N PHE B 33 -5.85 18.73 25.03
CA PHE B 33 -6.74 17.58 25.10
C PHE B 33 -6.07 16.40 24.43
N LYS B 34 -6.10 15.24 25.09
CA LYS B 34 -5.48 14.03 24.57
C LYS B 34 -6.55 13.22 23.84
N VAL B 35 -6.37 13.04 22.53
CA VAL B 35 -7.27 12.24 21.72
C VAL B 35 -6.69 10.87 21.41
N ALA B 36 -5.47 10.58 21.84
CA ALA B 36 -4.83 9.30 21.58
C ALA B 36 -3.53 9.26 22.36
N PRO B 37 -2.94 8.08 22.53
CA PRO B 37 -1.69 7.99 23.30
C PRO B 37 -0.61 8.88 22.71
N ASN B 38 -0.08 9.78 23.55
CA ASN B 38 1.02 10.67 23.18
C ASN B 38 0.65 11.63 22.06
N ILE B 39 -0.64 11.83 21.79
CA ILE B 39 -1.11 12.76 20.78
C ILE B 39 -2.11 13.71 21.43
N TRP B 40 -1.87 15.00 21.29
CA TRP B 40 -2.69 16.03 21.93
C TRP B 40 -3.16 17.03 20.90
N VAL B 41 -4.24 17.74 21.24
CA VAL B 41 -4.80 18.79 20.40
C VAL B 41 -4.96 20.04 21.25
N ALA B 42 -4.43 21.16 20.75
CA ALA B 42 -4.54 22.45 21.43
C ALA B 42 -5.27 23.43 20.52
N PRO B 43 -6.58 23.61 20.67
CA PRO B 43 -7.31 24.46 19.71
C PRO B 43 -6.80 25.88 19.60
N GLU B 44 -6.41 26.50 20.71
CA GLU B 44 -5.93 27.88 20.68
C GLU B 44 -4.81 28.06 19.67
N ARG B 45 -4.59 29.30 19.25
CA ARG B 45 -3.54 29.59 18.28
C ARG B 45 -2.17 29.32 18.88
N TYR B 46 -1.18 29.20 18.01
CA TYR B 46 0.18 28.93 18.48
C TYR B 46 0.73 30.12 19.24
N TYR B 47 1.39 29.83 20.37
CA TYR B 47 1.91 30.88 21.22
C TYR B 47 3.13 31.57 20.60
N GLY B 48 3.93 30.84 19.82
CA GLY B 48 5.17 31.37 19.29
C GLY B 48 5.00 32.64 18.50
N GLU B 49 4.33 32.56 17.35
CA GLU B 49 4.21 33.72 16.48
C GLU B 49 3.37 34.77 17.18
N SER B 50 3.77 36.04 17.02
CA SER B 50 3.01 37.15 17.56
C SER B 50 1.87 37.46 16.60
N LEU B 51 0.68 37.68 17.15
CA LEU B 51 -0.49 37.91 16.30
C LEU B 51 -0.43 39.19 15.49
N SER B 52 0.26 40.21 16.01
CA SER B 52 0.40 41.49 15.33
C SER B 52 1.71 41.48 14.54
N ILE B 53 1.60 41.56 13.22
CA ILE B 53 2.75 41.54 12.33
C ILE B 53 2.74 42.83 11.52
N ASP B 54 3.90 43.50 11.47
CA ASP B 54 4.02 44.72 10.68
C ASP B 54 3.79 44.41 9.21
N GLU B 55 3.16 45.35 8.50
CA GLU B 55 2.83 45.11 7.11
C GLU B 55 4.06 44.79 6.28
N GLU B 56 5.24 45.27 6.69
CA GLU B 56 6.45 44.98 5.95
C GLU B 56 6.76 43.48 5.97
N TYR B 57 6.54 42.82 7.11
CA TYR B 57 6.94 41.44 7.29
C TYR B 57 5.88 40.43 6.87
N LYS B 58 4.68 40.88 6.50
CA LYS B 58 3.66 39.96 6.03
C LYS B 58 4.08 39.31 4.72
N VAL B 59 3.81 38.02 4.60
CA VAL B 59 4.21 37.27 3.41
C VAL B 59 3.07 37.26 2.40
N ASP B 60 3.42 37.01 1.15
CA ASP B 60 2.43 36.97 0.09
C ASP B 60 1.49 35.78 0.28
N GLY B 61 0.22 35.98 -0.07
CA GLY B 61 -0.75 34.91 -0.01
C GLY B 61 -1.21 34.53 1.37
N GLY B 62 -0.86 35.30 2.40
CA GLY B 62 -1.23 34.99 3.76
C GLY B 62 -2.44 35.78 4.21
N ILE B 63 -3.18 35.19 5.15
CA ILE B 63 -4.36 35.82 5.76
C ILE B 63 -4.06 36.02 7.23
N TYR B 64 -4.19 37.25 7.70
CA TYR B 64 -3.89 37.61 9.08
C TYR B 64 -5.16 38.08 9.77
N ASP B 65 -5.46 37.48 10.92
CA ASP B 65 -6.63 37.88 11.70
C ASP B 65 -6.36 37.50 13.15
N SER B 66 -6.03 38.48 13.98
CA SER B 66 -5.66 38.22 15.36
C SER B 66 -6.86 37.82 16.22
N ASN B 67 -8.08 37.97 15.72
CA ASN B 67 -9.28 37.61 16.47
C ASN B 67 -9.74 36.18 16.20
N PHE B 68 -9.15 35.50 15.22
CA PHE B 68 -9.54 34.13 14.95
C PHE B 68 -9.12 33.21 16.09
N LEU B 69 -9.97 32.22 16.38
CA LEU B 69 -9.70 31.25 17.45
C LEU B 69 -9.47 31.95 18.78
N SER B 70 -10.27 32.97 19.07
CA SER B 70 -10.23 33.65 20.36
C SER B 70 -11.41 33.27 21.25
N GLN B 71 -12.58 33.01 20.67
CA GLN B 71 -13.75 32.60 21.42
C GLN B 71 -13.76 31.10 21.64
N ASP B 72 -14.54 30.66 22.63
CA ASP B 72 -14.59 29.24 22.97
C ASP B 72 -15.32 28.44 21.90
N SER B 73 -16.33 29.03 21.27
CA SER B 73 -17.07 28.30 20.24
C SER B 73 -16.16 27.91 19.08
N GLU B 74 -15.32 28.84 18.62
CA GLU B 74 -14.38 28.51 17.56
C GLU B 74 -13.41 27.42 18.00
N LYS B 75 -12.96 27.48 19.25
CA LYS B 75 -12.05 26.46 19.76
C LYS B 75 -12.71 25.08 19.73
N ASP B 76 -13.95 24.99 20.20
CA ASP B 76 -14.63 23.70 20.19
C ASP B 76 -14.85 23.20 18.77
N LYS B 77 -15.22 24.11 17.87
CA LYS B 77 -15.37 23.71 16.47
C LYS B 77 -14.07 23.18 15.90
N PHE B 78 -12.95 23.84 16.22
CA PHE B 78 -11.64 23.38 15.75
C PHE B 78 -11.31 22.01 16.32
N LEU B 79 -11.57 21.80 17.60
CA LEU B 79 -11.27 20.50 18.20
C LEU B 79 -12.09 19.39 17.57
N GLN B 80 -13.38 19.63 17.38
CA GLN B 80 -14.22 18.62 16.75
C GLN B 80 -13.80 18.37 15.30
N ALA B 81 -13.38 19.42 14.60
CA ALA B 81 -12.89 19.25 13.24
C ALA B 81 -11.64 18.39 13.20
N ILE B 82 -10.72 18.62 14.15
CA ILE B 82 -9.51 17.82 14.20
C ILE B 82 -9.84 16.37 14.49
N ILE B 83 -10.76 16.13 15.43
CA ILE B 83 -11.15 14.76 15.74
C ILE B 83 -11.78 14.09 14.53
N THR B 84 -12.62 14.83 13.79
CA THR B 84 -13.23 14.26 12.59
C THR B 84 -12.19 13.90 11.56
N LEU B 85 -11.21 14.78 11.34
CA LEU B 85 -10.14 14.49 10.39
C LEU B 85 -9.36 13.25 10.82
N LEU B 86 -9.06 13.14 12.11
CA LEU B 86 -8.31 11.98 12.60
C LEU B 86 -9.13 10.70 12.41
N LYS B 87 -10.43 10.76 12.67
CA LYS B 87 -11.27 9.59 12.45
C LYS B 87 -11.29 9.21 10.98
N ARG B 88 -11.39 10.20 10.09
CA ARG B 88 -11.35 9.91 8.66
C ARG B 88 -10.05 9.22 8.28
N ILE B 89 -8.93 9.71 8.82
CA ILE B 89 -7.65 9.10 8.52
C ILE B 89 -7.60 7.66 9.03
N ASN B 90 -8.03 7.45 10.29
CA ASN B 90 -7.95 6.14 10.90
C ASN B 90 -8.96 5.15 10.32
N SER B 91 -9.93 5.63 9.55
CA SER B 91 -10.90 4.74 8.94
C SER B 91 -10.26 3.81 7.91
N THR B 92 -9.04 4.09 7.48
CA THR B 92 -8.34 3.29 6.50
C THR B 92 -7.12 2.64 7.14
N ASN B 93 -6.72 1.49 6.59
CA ASN B 93 -5.60 0.74 7.16
C ASN B 93 -4.33 1.58 7.19
N ALA B 94 -4.05 2.30 6.09
CA ALA B 94 -2.84 3.12 6.04
C ALA B 94 -2.84 4.17 7.14
N GLY B 95 -3.97 4.85 7.33
CA GLY B 95 -4.03 5.85 8.37
C GLY B 95 -3.85 5.27 9.75
N GLU B 96 -4.46 4.10 10.00
CA GLU B 96 -4.28 3.45 11.29
C GLU B 96 -2.82 3.09 11.53
N LYS B 97 -2.15 2.56 10.51
CA LYS B 97 -0.74 2.22 10.66
C LYS B 97 0.09 3.47 10.93
N LEU B 98 -0.18 4.55 10.20
CA LEU B 98 0.59 5.78 10.38
C LEU B 98 0.39 6.33 11.79
N LEU B 99 -0.85 6.35 12.27
CA LEU B 99 -1.11 6.88 13.61
C LEU B 99 -0.48 6.00 14.68
N SER B 100 -0.54 4.68 14.51
CA SER B 100 0.10 3.79 15.47
C SER B 100 1.61 4.02 15.50
N LEU B 101 2.22 4.20 14.33
CA LEU B 101 3.65 4.49 14.29
C LEU B 101 3.95 5.81 14.98
N ILE B 102 3.10 6.82 14.76
CA ILE B 102 3.32 8.11 15.41
C ILE B 102 3.26 7.96 16.92
N SER B 103 2.27 7.21 17.41
CA SER B 103 2.12 7.06 18.86
C SER B 103 3.28 6.28 19.46
N THR B 104 3.71 5.19 18.80
CA THR B 104 4.76 4.36 19.36
C THR B 104 6.14 5.00 19.19
N ALA B 105 6.31 5.88 18.21
CA ALA B 105 7.62 6.44 17.88
C ALA B 105 7.95 7.55 18.86
N ILE B 106 8.26 7.16 20.10
CA ILE B 106 8.66 8.12 21.12
C ILE B 106 10.13 8.49 20.89
N PRO B 107 10.55 9.70 21.22
CA PRO B 107 11.98 10.02 21.15
C PRO B 107 12.79 9.12 22.07
N PHE B 108 14.00 8.80 21.64
CA PHE B 108 14.86 7.95 22.44
C PHE B 108 15.15 8.63 23.78
N PRO B 109 15.07 7.90 24.90
CA PRO B 109 15.33 8.50 26.20
C PRO B 109 16.81 8.57 26.52
N TYR B 110 17.17 9.60 27.30
CA TYR B 110 18.54 9.76 27.73
C TYR B 110 18.87 8.72 28.80
N GLY B 111 20.15 8.46 28.99
CA GLY B 111 20.59 7.46 29.94
C GLY B 111 20.43 7.94 31.37
N TYR B 112 20.80 7.05 32.29
CA TYR B 112 20.78 7.37 33.71
C TYR B 112 21.59 8.63 33.97
N ILE B 113 21.32 9.27 35.11
CA ILE B 113 22.04 10.49 35.47
C ILE B 113 23.54 10.23 35.45
N GLY B 114 23.97 9.11 36.03
CA GLY B 114 25.38 8.75 35.95
C GLY B 114 25.84 8.48 34.54
N GLY B 115 24.98 7.85 33.74
CA GLY B 115 25.32 7.53 32.36
C GLY B 115 25.07 6.06 32.09
N GLY B 116 24.90 5.72 30.82
CA GLY B 116 24.67 4.36 30.40
C GLY B 116 23.20 3.98 30.40
N TYR B 117 22.90 2.90 29.69
CA TYR B 117 21.54 2.37 29.60
C TYR B 117 21.46 0.93 30.06
N TYR B 118 22.42 0.45 30.87
CA TYR B 118 22.52 -0.98 31.13
C TYR B 118 21.61 -1.41 32.28
N ALA B 119 21.88 -0.93 33.48
CA ALA B 119 21.17 -1.41 34.66
C ALA B 119 21.29 -0.38 35.76
N PRO B 120 20.33 -0.32 36.68
CA PRO B 120 20.40 0.64 37.78
C PRO B 120 21.18 0.01 38.92
N ASN B 121 21.32 0.74 40.02
CA ASN B 121 21.92 0.18 41.22
C ASN B 121 20.85 -0.51 42.06
N MET B 122 21.29 -1.28 43.04
CA MET B 122 20.41 -2.00 43.94
C MET B 122 20.29 -1.38 45.33
N ILE B 123 19.17 -1.65 45.99
CA ILE B 123 18.96 -1.24 47.36
C ILE B 123 18.21 -2.35 48.08
N THR B 124 18.31 -2.35 49.41
CA THR B 124 17.59 -3.30 50.25
C THR B 124 16.70 -2.54 51.23
N PHE B 125 15.54 -3.11 51.53
CA PHE B 125 14.55 -2.47 52.36
C PHE B 125 13.74 -3.52 53.10
N GLY B 126 13.34 -3.20 54.32
CA GLY B 126 12.49 -4.08 55.11
C GLY B 126 13.22 -5.15 55.89
N SER B 127 14.13 -4.74 56.77
CA SER B 127 14.81 -5.69 57.64
C SER B 127 13.80 -6.42 58.50
N ALA B 128 13.94 -7.75 58.58
CA ALA B 128 13.01 -8.56 59.34
C ALA B 128 13.22 -8.37 60.84
N PRO B 129 12.21 -8.66 61.66
CA PRO B 129 12.36 -8.51 63.11
C PRO B 129 13.36 -9.51 63.67
N LYS B 130 13.96 -9.14 64.79
CA LYS B 130 14.95 -9.99 65.44
C LYS B 130 14.28 -11.28 65.93
N SER B 131 14.63 -12.40 65.30
CA SER B 131 14.07 -13.68 65.68
C SER B 131 14.60 -14.10 67.04
N ASN B 132 14.11 -15.24 67.52
CA ASN B 132 14.55 -15.73 68.82
C ASN B 132 16.04 -16.04 68.84
N LYS B 133 16.54 -16.67 67.77
CA LYS B 133 17.94 -17.07 67.69
C LYS B 133 18.75 -16.24 66.72
N LYS B 134 18.21 -15.95 65.54
CA LYS B 134 18.92 -15.24 64.49
C LYS B 134 18.53 -13.76 64.50
N LEU B 135 19.51 -12.90 64.24
CA LEU B 135 19.24 -11.47 64.18
C LEU B 135 18.35 -11.12 62.99
N ASN B 136 18.48 -11.87 61.89
CA ASN B 136 17.66 -11.67 60.70
C ASN B 136 17.84 -10.28 60.11
N SER B 137 18.98 -9.65 60.33
CA SER B 137 19.21 -8.31 59.83
C SER B 137 19.19 -8.27 58.30
N LEU B 138 19.79 -9.27 57.66
CA LEU B 138 19.97 -9.26 56.22
C LEU B 138 18.76 -9.77 55.46
N ILE B 139 17.76 -10.32 56.14
CA ILE B 139 16.55 -10.82 55.48
C ILE B 139 15.71 -9.59 55.13
N SER B 140 15.76 -9.18 53.86
CA SER B 140 15.05 -7.98 53.43
C SER B 140 14.81 -8.08 51.93
N SER B 141 13.91 -7.23 51.44
CA SER B 141 13.57 -7.19 50.03
C SER B 141 14.59 -6.36 49.26
N THR B 142 14.79 -6.73 47.99
CA THR B 142 15.73 -6.06 47.11
C THR B 142 14.97 -5.28 46.05
N ILE B 143 15.38 -4.04 45.83
CA ILE B 143 14.67 -3.13 44.93
C ILE B 143 15.66 -2.50 43.95
N PRO B 144 15.28 -2.30 42.69
CA PRO B 144 16.09 -1.45 41.81
C PRO B 144 15.88 0.00 42.18
N PHE B 145 16.90 0.67 42.72
CA PHE B 145 16.67 1.98 43.32
C PHE B 145 16.10 2.97 42.32
N PRO B 146 16.82 3.38 41.26
CA PRO B 146 16.18 4.26 40.27
C PRO B 146 15.39 3.49 39.22
N TYR B 147 14.24 2.96 39.62
CA TYR B 147 13.36 2.30 38.67
C TYR B 147 12.86 3.31 37.65
N ALA B 148 12.80 2.89 36.39
CA ALA B 148 12.42 3.79 35.30
C ALA B 148 13.30 5.03 35.32
N GLY B 149 14.58 4.82 35.56
CA GLY B 149 15.51 5.94 35.67
C GLY B 149 15.78 6.64 34.35
N TYR B 150 15.32 6.05 33.25
CA TYR B 150 15.50 6.65 31.93
C TYR B 150 14.92 8.04 31.77
N ARG B 151 15.79 9.02 31.53
CA ARG B 151 15.36 10.41 31.39
C ARG B 151 14.74 10.63 30.03
N GLU B 152 13.56 11.24 30.01
CA GLU B 152 12.78 11.44 28.79
C GLU B 152 12.76 12.91 28.41
N THR B 153 12.62 13.17 27.12
CA THR B 153 12.59 14.53 26.59
C THR B 153 11.26 14.88 25.92
N ASN B 154 10.26 14.01 25.98
CA ASN B 154 8.96 14.26 25.37
C ASN B 154 7.92 14.35 26.49
N TYR B 155 7.72 15.55 27.01
CA TYR B 155 6.79 15.75 28.11
C TYR B 155 6.34 17.20 28.14
N LEU B 156 5.07 17.41 28.46
CA LEU B 156 4.52 18.73 28.71
C LEU B 156 4.40 18.95 30.21
N SER B 157 4.83 20.12 30.67
CA SER B 157 4.91 20.44 32.08
C SER B 157 3.70 21.27 32.49
N SER B 158 3.16 20.96 33.67
CA SER B 158 2.01 21.70 34.19
C SER B 158 2.45 23.09 34.65
N GLU B 159 1.45 23.93 34.94
CA GLU B 159 1.75 25.29 35.38
C GLU B 159 2.53 25.31 36.68
N ASP B 160 2.32 24.30 37.54
CA ASP B 160 3.00 24.24 38.83
C ASP B 160 4.39 23.64 38.75
N ASN B 161 4.79 23.14 37.57
CA ASN B 161 6.10 22.51 37.40
C ASN B 161 6.27 21.32 38.34
N LYS B 162 5.16 20.71 38.75
CA LYS B 162 5.17 19.55 39.64
C LYS B 162 4.53 18.33 39.02
N SER B 163 4.20 18.37 37.72
CA SER B 163 3.61 17.23 37.04
C SER B 163 3.96 17.31 35.57
N PHE B 164 4.09 16.14 34.93
CA PHE B 164 4.50 16.05 33.55
C PHE B 164 3.64 15.01 32.84
N TYR B 165 3.30 15.29 31.58
CA TYR B 165 2.40 14.45 30.81
C TYR B 165 3.06 14.10 29.47
N ALA B 166 3.04 12.82 29.13
CA ALA B 166 3.69 12.37 27.90
C ALA B 166 2.99 12.94 26.67
N SER B 167 3.79 13.23 25.64
CA SER B 167 3.26 13.77 24.39
C SER B 167 4.31 13.66 23.31
N ASN B 168 3.92 13.15 22.14
CA ASN B 168 4.76 13.13 20.96
C ASN B 168 4.38 14.20 19.95
N ILE B 169 3.08 14.41 19.75
CA ILE B 169 2.57 15.41 18.82
C ILE B 169 1.62 16.33 19.58
N VAL B 170 1.57 17.58 19.14
CA VAL B 170 0.63 18.56 19.69
C VAL B 170 0.14 19.40 18.52
N ILE B 171 -1.12 19.24 18.16
CA ILE B 171 -1.70 19.95 17.02
C ILE B 171 -2.27 21.26 17.51
N PHE B 172 -1.70 22.37 17.06
CA PHE B 172 -2.15 23.71 17.39
C PHE B 172 -2.95 24.29 16.23
N GLY B 173 -3.55 25.44 16.47
CA GLY B 173 -4.14 26.23 15.41
C GLY B 173 -3.09 27.01 14.66
N PRO B 174 -3.53 27.70 13.62
CA PRO B 174 -2.58 28.46 12.80
C PRO B 174 -1.94 29.58 13.60
N GLY B 175 -0.72 29.94 13.21
CA GLY B 175 0.01 30.99 13.89
C GLY B 175 -0.41 32.36 13.42
N ALA B 176 0.58 33.22 13.11
CA ALA B 176 0.26 34.55 12.61
C ALA B 176 -0.49 34.48 11.29
N ASN B 177 -0.05 33.60 10.39
CA ASN B 177 -0.72 33.42 9.11
C ASN B 177 -1.84 32.39 9.27
N ILE B 178 -3.07 32.80 8.97
CA ILE B 178 -4.21 31.91 9.17
C ILE B 178 -4.09 30.67 8.30
N VAL B 179 -3.67 30.83 7.05
CA VAL B 179 -3.51 29.69 6.16
C VAL B 179 -2.03 29.42 5.96
N GLU B 180 -1.42 28.67 6.88
CA GLU B 180 -0.06 28.17 6.68
C GLU B 180 0.09 26.97 7.63
N ASN B 181 -0.04 25.77 7.08
CA ASN B 181 0.23 24.58 7.87
C ASN B 181 1.73 24.42 8.05
N ASN B 182 2.15 24.11 9.26
CA ASN B 182 3.57 24.07 9.56
C ASN B 182 3.84 23.02 10.62
N THR B 183 5.09 22.57 10.69
CA THR B 183 5.52 21.61 11.69
C THR B 183 6.88 22.04 12.21
N VAL B 184 6.97 22.24 13.52
CA VAL B 184 8.18 22.76 14.16
C VAL B 184 8.61 21.78 15.24
N PHE B 185 9.88 21.80 15.60
CA PHE B 185 10.41 20.82 16.56
C PHE B 185 10.54 21.45 17.94
N TYR B 186 10.81 20.63 18.95
CA TYR B 186 11.01 21.15 20.32
C TYR B 186 12.50 21.49 20.51
N LYS B 187 13.38 20.58 20.14
CA LYS B 187 14.83 20.88 20.23
C LYS B 187 15.53 20.55 18.92
N LYS B 188 16.14 21.55 18.28
CA LYS B 188 16.86 21.36 17.03
C LYS B 188 17.99 20.33 17.18
N GLU B 189 18.71 20.39 18.30
CA GLU B 189 19.85 19.49 18.48
C GLU B 189 19.42 18.04 18.48
N ASP B 190 18.29 17.74 19.14
CA ASP B 190 17.83 16.36 19.25
C ASP B 190 17.11 15.87 18.00
N ALA B 191 16.79 16.75 17.06
CA ALA B 191 16.12 16.34 15.82
C ALA B 191 17.08 15.85 14.76
N GLU B 192 18.39 16.03 14.95
CA GLU B 192 19.38 15.64 13.96
C GLU B 192 20.35 14.57 14.43
N ASN B 193 20.46 14.34 15.73
CA ASN B 193 21.40 13.36 16.26
C ASN B 193 20.82 11.96 16.35
N GLY B 194 19.58 11.75 15.91
CA GLY B 194 18.95 10.45 15.95
C GLY B 194 18.22 10.15 17.24
N MET B 195 18.30 11.02 18.25
CA MET B 195 17.55 10.81 19.47
C MET B 195 16.08 11.15 19.28
N GLY B 196 15.78 12.19 18.53
CA GLY B 196 14.41 12.59 18.27
C GLY B 196 13.90 13.60 19.28
N THR B 197 12.75 14.18 18.96
CA THR B 197 12.13 15.17 19.83
C THR B 197 10.66 15.30 19.46
N MET B 198 9.90 15.89 20.38
CA MET B 198 8.47 16.10 20.16
C MET B 198 8.26 17.14 19.07
N THR B 199 7.12 17.03 18.38
CA THR B 199 6.77 17.91 17.28
C THR B 199 5.51 18.70 17.60
N GLU B 200 5.46 19.93 17.10
CA GLU B 200 4.31 20.79 17.21
C GLU B 200 3.80 21.11 15.81
N ILE B 201 2.49 21.09 15.62
CA ILE B 201 1.88 21.23 14.30
C ILE B 201 0.90 22.38 14.33
N TRP B 202 1.00 23.27 13.35
CA TRP B 202 0.01 24.32 13.12
C TRP B 202 -0.83 23.90 11.94
N PHE B 203 -2.15 23.84 12.14
CA PHE B 203 -3.07 23.34 11.13
C PHE B 203 -4.30 24.22 11.06
N GLN B 204 -4.81 24.42 9.85
CA GLN B 204 -6.03 25.20 9.61
C GLN B 204 -7.01 24.36 8.81
N PRO B 205 -7.98 23.70 9.46
CA PRO B 205 -8.90 22.82 8.73
C PRO B 205 -10.15 23.50 8.19
N PHE B 206 -10.37 24.78 8.46
CA PHE B 206 -11.61 25.45 8.07
C PHE B 206 -11.52 26.13 6.71
N LEU B 207 -10.38 26.10 6.04
CA LEU B 207 -10.21 26.76 4.75
C LEU B 207 -9.51 25.81 3.78
N THR B 208 -9.99 25.82 2.54
CA THR B 208 -9.41 25.03 1.48
C THR B 208 -9.58 25.77 0.16
N TYR B 209 -8.81 25.36 -0.84
CA TYR B 209 -8.81 26.02 -2.14
C TYR B 209 -9.15 25.00 -3.21
N LYS B 210 -9.53 25.50 -4.38
CA LYS B 210 -9.90 24.67 -5.51
C LYS B 210 -8.74 24.64 -6.50
N TYR B 211 -8.28 23.44 -6.83
CA TYR B 211 -7.24 23.24 -7.84
C TYR B 211 -7.86 22.50 -9.02
N ASP B 212 -7.66 23.03 -10.21
CA ASP B 212 -8.24 22.43 -11.41
C ASP B 212 -9.75 22.37 -11.27
N GLU B 213 -10.30 21.17 -11.01
CA GLU B 213 -11.74 20.98 -10.91
C GLU B 213 -12.15 20.25 -9.64
N PHE B 214 -11.30 20.26 -8.61
CA PHE B 214 -11.59 19.57 -7.37
C PHE B 214 -11.11 20.41 -6.19
N TYR B 215 -11.61 20.07 -5.02
CA TYR B 215 -11.22 20.72 -3.78
C TYR B 215 -10.17 19.89 -3.05
N ILE B 216 -9.41 20.55 -2.19
CA ILE B 216 -8.32 19.91 -1.47
C ILE B 216 -8.85 19.43 -0.13
N ASP B 217 -8.67 18.14 0.16
CA ASP B 217 -9.09 17.59 1.44
C ASP B 217 -8.03 17.90 2.50
N PRO B 218 -8.40 18.57 3.60
CA PRO B 218 -7.37 18.90 4.61
C PRO B 218 -6.72 17.69 5.23
N ALA B 219 -7.35 16.51 5.15
CA ALA B 219 -6.73 15.31 5.70
C ALA B 219 -5.38 15.04 5.07
N ILE B 220 -5.24 15.32 3.77
CA ILE B 220 -3.96 15.12 3.10
C ILE B 220 -2.90 16.07 3.67
N GLU B 221 -3.28 17.33 3.90
CA GLU B 221 -2.34 18.27 4.50
C GLU B 221 -1.92 17.82 5.89
N LEU B 222 -2.89 17.33 6.68
CA LEU B 222 -2.56 16.84 8.00
C LEU B 222 -1.62 15.64 7.93
N ILE B 223 -1.85 14.74 6.97
CA ILE B 223 -0.96 13.59 6.82
C ILE B 223 0.44 14.04 6.44
N LYS B 224 0.53 15.05 5.57
CA LYS B 224 1.83 15.59 5.20
C LYS B 224 2.55 16.14 6.43
N CYS B 225 1.82 16.88 7.27
CA CYS B 225 2.44 17.42 8.48
C CYS B 225 2.90 16.30 9.41
N LEU B 226 2.09 15.26 9.56
CA LEU B 226 2.46 14.14 10.42
C LEU B 226 3.69 13.41 9.88
N ILE B 227 3.76 13.21 8.57
CA ILE B 227 4.94 12.56 7.99
C ILE B 227 6.17 13.42 8.24
N LYS B 228 6.05 14.74 8.06
CA LYS B 228 7.18 15.61 8.34
C LYS B 228 7.59 15.50 9.81
N SER B 229 6.62 15.41 10.70
CA SER B 229 6.93 15.25 12.12
C SER B 229 7.65 13.93 12.39
N LEU B 230 7.33 12.89 11.62
CA LEU B 230 8.01 11.61 11.82
C LEU B 230 9.52 11.77 11.74
N TYR B 231 10.00 12.65 10.86
CA TYR B 231 11.44 12.90 10.80
C TYR B 231 11.96 13.42 12.13
N PHE B 232 11.23 14.37 12.74
CA PHE B 232 11.66 14.90 14.03
C PHE B 232 11.64 13.82 15.11
N LEU B 233 10.61 12.96 15.08
CA LEU B 233 10.49 11.94 16.11
C LEU B 233 11.67 10.97 16.06
N TYR B 234 12.13 10.63 14.86
CA TYR B 234 13.26 9.72 14.70
C TYR B 234 14.59 10.45 14.74
N GLY B 235 14.60 11.77 14.84
CA GLY B 235 15.85 12.52 14.92
C GLY B 235 16.70 12.38 13.68
N ILE B 236 16.08 12.35 12.50
CA ILE B 236 16.80 12.18 11.25
C ILE B 236 16.60 13.42 10.38
N LYS B 237 16.46 14.58 11.01
CA LYS B 237 16.26 15.81 10.25
C LYS B 237 17.56 16.20 9.56
N PRO B 238 17.55 16.42 8.25
CA PRO B 238 18.77 16.85 7.57
C PRO B 238 19.08 18.31 7.84
N SER B 239 20.34 18.68 7.58
CA SER B 239 20.76 20.06 7.78
C SER B 239 19.97 20.99 6.85
N ASP B 240 19.70 22.20 7.34
CA ASP B 240 18.94 23.16 6.54
C ASP B 240 19.65 23.52 5.25
N ASP B 241 20.95 23.28 5.16
CA ASP B 241 21.73 23.63 3.98
C ASP B 241 21.67 22.56 2.89
N LEU B 242 20.99 21.44 3.14
CA LEU B 242 20.85 20.39 2.13
C LEU B 242 19.60 20.66 1.31
N VAL B 243 19.76 21.51 0.31
CA VAL B 243 18.68 21.90 -0.57
C VAL B 243 18.97 21.35 -1.97
N ILE B 244 17.93 21.38 -2.81
CA ILE B 244 18.07 20.95 -4.21
C ILE B 244 17.25 21.86 -5.09
N PRO B 245 17.66 22.00 -6.35
CA PRO B 245 16.88 22.84 -7.27
C PRO B 245 15.48 22.27 -7.46
N TYR B 246 14.52 23.17 -7.57
CA TYR B 246 13.11 22.80 -7.68
C TYR B 246 12.44 23.41 -8.90
N ARG B 247 12.89 24.58 -9.32
CA ARG B 247 12.26 25.28 -10.43
C ARG B 247 13.17 26.41 -10.87
N LEU B 248 13.22 26.66 -12.18
CA LEU B 248 14.00 27.75 -12.73
C LEU B 248 13.09 28.96 -12.88
N ARG B 249 13.46 30.08 -12.26
CA ARG B 249 12.65 31.29 -12.28
C ARG B 249 12.73 31.90 -13.67
N SER B 250 11.92 31.36 -14.58
CA SER B 250 11.92 31.83 -15.96
C SER B 250 11.48 33.29 -16.04
N GLU B 251 10.49 33.67 -15.25
CA GLU B 251 9.93 35.02 -15.36
C GLU B 251 10.99 36.08 -15.15
N LEU B 252 12.03 35.78 -14.37
CA LEU B 252 13.08 36.76 -14.11
C LEU B 252 13.99 36.90 -15.32
N GLU B 253 14.59 38.07 -15.46
CA GLU B 253 15.61 38.31 -16.48
C GLU B 253 17.00 38.07 -15.90
N ASN B 254 17.18 36.91 -15.28
CA ASN B 254 18.44 36.52 -14.65
C ASN B 254 18.41 35.03 -14.40
N ILE B 255 19.59 34.46 -14.19
CA ILE B 255 19.72 33.03 -13.93
C ILE B 255 19.57 32.79 -12.44
N GLU B 256 18.33 32.59 -11.98
CA GLU B 256 18.03 32.32 -10.58
C GLU B 256 17.27 31.02 -10.47
N TYR B 257 17.67 30.19 -9.51
CA TYR B 257 17.07 28.88 -9.30
C TYR B 257 16.41 28.85 -7.92
N SER B 258 15.17 28.39 -7.88
CA SER B 258 14.49 28.17 -6.60
C SER B 258 14.91 26.83 -6.03
N GLN B 259 15.00 26.78 -4.70
CA GLN B 259 15.53 25.62 -3.99
C GLN B 259 14.52 25.12 -2.97
N LEU B 260 14.56 23.82 -2.73
CA LEU B 260 13.66 23.16 -1.78
C LEU B 260 14.46 22.21 -0.92
N ASN B 261 14.08 22.09 0.34
CA ASN B 261 14.74 21.15 1.23
C ASN B 261 14.40 19.72 0.84
N ILE B 262 15.28 18.79 1.20
CA ILE B 262 15.10 17.40 0.81
C ILE B 262 13.86 16.81 1.47
N VAL B 263 13.62 17.17 2.74
CA VAL B 263 12.49 16.61 3.47
C VAL B 263 11.19 17.01 2.78
N ASP B 264 11.07 18.27 2.37
CA ASP B 264 9.84 18.73 1.74
C ASP B 264 9.56 17.96 0.46
N LEU B 265 10.59 17.73 -0.36
CA LEU B 265 10.38 16.97 -1.59
C LEU B 265 10.02 15.53 -1.29
N LEU B 266 10.74 14.90 -0.36
CA LEU B 266 10.49 13.49 -0.07
C LEU B 266 9.11 13.28 0.52
N VAL B 267 8.57 14.27 1.21
CA VAL B 267 7.29 14.11 1.90
C VAL B 267 6.12 14.54 1.02
N SER B 268 6.26 15.64 0.28
CA SER B 268 5.12 16.23 -0.41
C SER B 268 4.59 15.33 -1.53
N GLY B 269 5.36 14.33 -1.96
CA GLY B 269 4.86 13.49 -3.02
C GLY B 269 4.75 14.26 -4.34
N GLY B 270 3.93 13.72 -5.22
CA GLY B 270 3.78 14.29 -6.55
C GLY B 270 4.77 13.66 -7.52
N ILE B 271 4.97 14.37 -8.63
CA ILE B 271 5.87 13.88 -9.68
C ILE B 271 7.30 14.35 -9.48
N ASP B 272 7.51 15.47 -8.79
CA ASP B 272 8.87 15.98 -8.60
C ASP B 272 9.79 14.94 -7.96
N PRO B 273 9.39 14.22 -6.92
CA PRO B 273 10.32 13.25 -6.30
C PRO B 273 10.66 12.07 -7.18
N LYS B 274 9.94 11.86 -8.29
CA LYS B 274 10.21 10.71 -9.14
C LYS B 274 11.49 10.89 -9.95
N PHE B 275 11.82 12.11 -10.35
CA PHE B 275 13.06 12.34 -11.09
C PHE B 275 14.26 12.17 -10.19
N ILE B 276 14.18 12.65 -8.95
CA ILE B 276 15.14 12.31 -7.92
C ILE B 276 14.71 10.95 -7.38
N ASN B 277 15.56 10.31 -6.57
CA ASN B 277 15.21 9.02 -5.96
C ASN B 277 14.98 7.98 -7.05
N THR B 278 16.03 7.71 -7.80
CA THR B 278 16.01 6.76 -8.91
C THR B 278 16.88 5.56 -8.57
N ASP B 279 16.89 4.60 -9.49
CA ASP B 279 17.72 3.41 -9.35
C ASP B 279 18.62 3.28 -10.58
N PRO B 280 19.93 3.54 -10.45
CA PRO B 280 20.70 3.90 -9.26
C PRO B 280 20.46 5.33 -8.79
N TYR B 281 20.91 5.65 -7.58
CA TYR B 281 20.75 7.00 -7.04
C TYR B 281 21.78 7.93 -7.65
N TRP B 282 21.33 8.97 -8.34
CA TRP B 282 22.24 9.94 -8.92
C TRP B 282 22.56 11.08 -7.96
N PHE B 283 21.69 11.34 -6.99
CA PHE B 283 21.93 12.35 -5.97
C PHE B 283 22.16 11.66 -4.64
N THR B 284 23.24 12.02 -3.96
CA THR B 284 23.57 11.41 -2.69
C THR B 284 24.27 12.45 -1.81
N ASP B 285 24.21 12.22 -0.50
CA ASP B 285 24.88 13.08 0.46
C ASP B 285 25.22 12.25 1.70
N ASN B 286 26.14 12.78 2.50
CA ASN B 286 26.54 12.09 3.71
C ASN B 286 25.40 11.99 4.71
N TYR B 287 24.33 12.75 4.52
CA TYR B 287 23.21 12.72 5.46
C TYR B 287 22.62 11.32 5.56
N PHE B 288 22.42 10.66 4.43
CA PHE B 288 21.81 9.32 4.44
C PHE B 288 22.71 8.33 5.17
N SER B 289 24.01 8.34 4.87
CA SER B 289 24.91 7.41 5.52
C SER B 289 24.97 7.66 7.02
N ASN B 290 25.06 8.93 7.42
CA ASN B 290 25.11 9.24 8.85
C ASN B 290 23.82 8.80 9.54
N ALA B 291 22.67 9.04 8.91
CA ALA B 291 21.40 8.65 9.50
C ALA B 291 21.31 7.14 9.66
N LYS B 292 21.70 6.40 8.63
CA LYS B 292 21.65 4.95 8.73
C LYS B 292 22.59 4.44 9.82
N LYS B 293 23.80 5.00 9.90
CA LYS B 293 24.74 4.56 10.91
C LYS B 293 24.21 4.84 12.31
N VAL B 294 23.66 6.03 12.53
CA VAL B 294 23.16 6.38 13.86
C VAL B 294 21.95 5.51 14.21
N PHE B 295 21.08 5.25 13.23
CA PHE B 295 19.93 4.40 13.48
C PHE B 295 20.36 3.00 13.87
N GLU B 296 21.36 2.46 13.17
CA GLU B 296 21.87 1.14 13.53
C GLU B 296 22.49 1.15 14.91
N ASP B 297 23.22 2.21 15.25
CA ASP B 297 23.82 2.31 16.58
C ASP B 297 22.74 2.31 17.66
N HIS B 298 21.68 3.08 17.46
CA HIS B 298 20.61 3.14 18.45
C HIS B 298 19.88 1.81 18.55
N ARG B 299 19.67 1.13 17.42
CA ARG B 299 19.02 -0.17 17.46
C ARG B 299 19.88 -1.17 18.22
N ASN B 300 21.19 -1.16 18.00
CA ASN B 300 22.08 -2.03 18.74
C ASN B 300 22.03 -1.71 20.22
N ILE B 301 22.00 -0.42 20.58
CA ILE B 301 21.93 -0.04 21.98
C ILE B 301 20.67 -0.61 22.61
N TYR B 302 19.54 -0.46 21.93
CA TYR B 302 18.29 -0.98 22.45
C TYR B 302 18.35 -2.49 22.61
N GLU B 303 18.87 -3.18 21.60
CA GLU B 303 18.87 -4.64 21.60
C GLU B 303 19.83 -5.22 22.64
N THR B 304 20.90 -4.49 22.98
CA THR B 304 21.90 -5.01 23.90
C THR B 304 21.82 -4.45 25.30
N GLN B 305 21.03 -3.40 25.54
CA GLN B 305 20.99 -2.80 26.87
C GLN B 305 19.57 -2.54 27.35
N ILE B 306 18.64 -2.33 26.42
CA ILE B 306 17.27 -2.00 26.79
C ILE B 306 16.43 -3.25 27.00
N GLU B 307 16.50 -4.20 26.07
CA GLU B 307 15.66 -5.39 26.18
C GLU B 307 15.97 -6.19 27.44
N GLY B 308 17.26 -6.35 27.75
CA GLY B 308 17.63 -7.16 28.90
C GLY B 308 17.19 -6.55 30.22
N ASN B 309 17.25 -5.23 30.32
CA ASN B 309 16.96 -4.57 31.59
C ASN B 309 15.54 -4.90 32.06
N ASN B 310 15.41 -5.24 33.34
CA ASN B 310 14.12 -5.58 33.94
C ASN B 310 13.71 -4.56 35.00
N ALA B 311 14.35 -3.39 35.02
CA ALA B 311 14.06 -2.35 36.00
C ALA B 311 13.50 -1.09 35.33
N ILE B 312 12.74 -1.26 34.26
CA ILE B 312 12.13 -0.14 33.56
C ILE B 312 10.78 -0.58 33.02
N GLY B 313 9.82 0.34 33.02
CA GLY B 313 8.48 0.00 32.60
C GLY B 313 8.42 -0.39 31.13
N ASN B 314 7.39 -1.17 30.81
CA ASN B 314 7.20 -1.60 29.43
C ASN B 314 6.63 -0.50 28.55
N ASP B 315 6.09 0.56 29.15
CA ASP B 315 5.53 1.65 28.35
C ASP B 315 6.55 2.19 27.37
N ILE B 316 7.80 2.31 27.79
CA ILE B 316 8.86 2.79 26.91
C ILE B 316 9.48 1.64 26.12
N LYS B 317 9.69 0.49 26.77
CA LYS B 317 10.41 -0.61 26.14
C LYS B 317 9.65 -1.14 24.93
N LEU B 318 8.36 -1.45 25.10
CA LEU B 318 7.60 -2.01 24.00
C LEU B 318 7.48 -1.02 22.85
N ARG B 319 7.27 0.26 23.17
CA ARG B 319 7.20 1.26 22.11
C ARG B 319 8.50 1.34 21.34
N LEU B 320 9.64 1.31 22.04
CA LEU B 320 10.91 1.36 21.34
C LEU B 320 11.12 0.11 20.51
N LYS B 321 10.66 -1.04 20.98
CA LYS B 321 10.79 -2.26 20.19
C LYS B 321 10.06 -2.12 18.86
N GLN B 322 8.85 -1.57 18.88
CA GLN B 322 8.11 -1.36 17.64
C GLN B 322 8.66 -0.20 16.84
N LYS B 323 9.23 0.80 17.51
CA LYS B 323 9.79 1.93 16.79
C LYS B 323 10.91 1.50 15.85
N PHE B 324 11.74 0.56 16.29
CA PHE B 324 12.87 0.09 15.50
C PHE B 324 12.52 -1.11 14.63
N ARG B 325 11.28 -1.57 14.65
CA ARG B 325 10.88 -2.65 13.74
C ARG B 325 10.97 -2.19 12.30
N ILE B 326 10.59 -0.94 12.04
CA ILE B 326 10.64 -0.38 10.68
C ILE B 326 12.06 0.07 10.37
N ASN B 327 12.34 0.33 9.11
CA ASN B 327 13.65 0.77 8.65
C ASN B 327 13.57 2.20 8.15
N ILE B 328 14.74 2.87 8.16
CA ILE B 328 14.78 4.26 7.74
C ILE B 328 14.37 4.40 6.29
N ASN B 329 14.75 3.44 5.45
CA ASN B 329 14.35 3.48 4.04
C ASN B 329 12.84 3.53 3.90
N ASP B 330 12.12 2.86 4.79
CA ASP B 330 10.66 2.91 4.75
C ASP B 330 10.16 4.34 4.94
N ILE B 331 10.74 5.07 5.89
CA ILE B 331 10.34 6.45 6.11
C ILE B 331 10.69 7.31 4.90
N TRP B 332 11.91 7.14 4.37
CA TRP B 332 12.32 7.96 3.24
C TRP B 332 11.44 7.70 2.03
N GLU B 333 10.95 6.47 1.87
CA GLU B 333 10.10 6.10 0.75
C GLU B 333 8.63 6.38 1.00
N LEU B 334 8.30 7.01 2.13
CA LEU B 334 6.91 7.29 2.48
C LEU B 334 6.56 8.71 2.06
N ASN B 335 5.55 8.85 1.22
CA ASN B 335 5.17 10.15 0.67
C ASN B 335 3.67 10.16 0.43
N LEU B 336 3.17 11.32 0.01
CA LEU B 336 1.73 11.49 -0.18
C LEU B 336 1.19 10.67 -1.35
N ASN B 337 2.04 10.24 -2.28
CA ASN B 337 1.56 9.47 -3.41
C ASN B 337 0.94 8.15 -2.98
N TYR B 338 1.41 7.57 -1.87
CA TYR B 338 0.86 6.32 -1.39
C TYR B 338 -0.51 6.53 -0.76
N PHE B 339 -0.66 7.57 0.07
CA PHE B 339 -1.94 7.83 0.70
C PHE B 339 -2.98 8.32 -0.30
N SER B 340 -2.54 9.02 -1.35
CA SER B 340 -3.48 9.44 -2.38
C SER B 340 -4.11 8.23 -3.06
N LYS B 341 -3.31 7.21 -3.36
CA LYS B 341 -3.86 5.99 -3.94
C LYS B 341 -4.71 5.24 -2.91
N GLU B 342 -4.25 5.17 -1.66
CA GLU B 342 -5.00 4.45 -0.65
C GLU B 342 -6.35 5.11 -0.39
N PHE B 343 -6.36 6.44 -0.25
CA PHE B 343 -7.58 7.17 0.06
C PHE B 343 -8.34 7.63 -1.18
N SER B 344 -7.76 7.48 -2.37
CA SER B 344 -8.38 7.95 -3.60
C SER B 344 -8.68 9.45 -3.52
N ILE B 345 -7.66 10.21 -3.13
CA ILE B 345 -7.77 11.66 -2.96
C ILE B 345 -6.93 12.33 -4.05
N MET B 346 -7.53 13.29 -4.74
CA MET B 346 -6.83 14.06 -5.74
C MET B 346 -6.09 15.23 -5.08
N MET B 347 -4.87 15.51 -5.54
CA MET B 347 -4.06 16.62 -4.99
C MET B 347 -3.20 17.21 -6.09
N PRO B 348 -2.68 18.45 -5.98
CA PRO B 348 -1.74 18.94 -6.97
C PRO B 348 -0.51 18.02 -7.07
N ASP B 349 0.01 17.67 -8.26
CA ASP B 349 1.09 16.71 -8.42
C ASP B 349 2.32 17.28 -9.11
N ARG B 350 2.27 18.50 -9.64
CA ARG B 350 3.41 19.12 -10.30
C ARG B 350 3.75 20.41 -9.56
N PHE B 351 4.96 20.49 -9.01
CA PHE B 351 5.43 21.69 -8.33
C PHE B 351 4.43 22.14 -7.28
N ASN B 352 3.87 21.18 -6.55
CA ASN B 352 2.84 21.50 -5.56
C ASN B 352 3.38 22.33 -4.41
N ASN B 353 4.70 22.44 -4.26
CA ASN B 353 5.31 23.24 -3.20
C ASN B 353 5.57 24.67 -3.62
N ALA B 354 5.27 25.04 -4.86
CA ALA B 354 5.48 26.39 -5.37
C ALA B 354 4.26 26.87 -6.14
N LEU B 355 3.06 26.54 -5.65
CA LEU B 355 1.85 26.92 -6.36
C LEU B 355 1.51 28.39 -6.23
N LYS B 356 2.17 29.11 -5.31
CA LYS B 356 1.87 30.52 -5.13
C LYS B 356 2.14 31.32 -6.40
N HIS B 357 3.20 30.97 -7.12
CA HIS B 357 3.54 31.70 -8.34
C HIS B 357 2.60 31.36 -9.49
N PHE B 358 2.18 30.11 -9.57
CA PHE B 358 1.47 29.66 -10.77
C PHE B 358 0.07 30.25 -10.87
N TYR B 359 -0.69 30.22 -9.77
CA TYR B 359 -2.04 30.75 -9.78
C TYR B 359 -2.45 31.13 -8.37
N ARG B 360 -3.33 32.13 -8.26
CA ARG B 360 -3.75 32.64 -6.96
C ARG B 360 -4.89 31.79 -6.42
N LYS B 361 -4.85 31.50 -5.13
CA LYS B 361 -5.82 30.63 -4.48
C LYS B 361 -7.06 31.40 -4.06
N GLN B 362 -8.21 30.74 -4.21
CA GLN B 362 -9.47 31.21 -3.66
C GLN B 362 -9.91 30.24 -2.58
N TYR B 363 -10.22 30.77 -1.40
CA TYR B 363 -10.46 29.95 -0.22
C TYR B 363 -11.96 29.83 0.05
N TYR B 364 -12.38 28.63 0.46
CA TYR B 364 -13.78 28.33 0.75
C TYR B 364 -13.91 27.90 2.21
N LYS B 365 -15.03 28.28 2.82
CA LYS B 365 -15.30 27.93 4.20
C LYS B 365 -15.82 26.50 4.28
N ILE B 366 -15.37 25.76 5.30
CA ILE B 366 -15.79 24.38 5.52
C ILE B 366 -16.56 24.33 6.84
N ASP B 367 -17.79 23.85 6.78
CA ASP B 367 -18.56 23.51 7.97
C ASP B 367 -18.46 22.00 8.18
N TYR B 368 -17.82 21.60 9.27
CA TYR B 368 -17.37 20.24 9.43
C TYR B 368 -18.48 19.27 9.82
N PRO B 369 -19.40 19.66 10.70
CA PRO B 369 -20.54 18.80 10.98
C PRO B 369 -21.30 18.43 9.74
N GLU B 370 -21.22 19.29 8.73
CA GLU B 370 -22.03 19.18 7.52
C GLU B 370 -21.27 18.85 6.23
N ASN B 371 -20.25 19.65 5.90
CA ASN B 371 -19.58 19.48 4.61
C ASN B 371 -18.57 18.34 4.61
N TYR B 372 -18.02 17.98 5.77
CA TYR B 372 -16.99 16.95 5.87
C TYR B 372 -17.40 15.91 6.90
N SER B 373 -17.30 14.65 6.52
CA SER B 373 -17.65 13.56 7.43
C SER B 373 -16.49 12.61 7.61
N ILE B 374 -16.69 11.53 8.36
CA ILE B 374 -15.65 10.53 8.53
C ILE B 374 -15.29 9.88 7.20
N ASN B 375 -16.14 10.03 6.18
CA ASN B 375 -15.88 9.48 4.86
C ASN B 375 -15.37 10.53 3.88
N GLY B 376 -15.06 11.73 4.35
CA GLY B 376 -14.54 12.78 3.49
C GLY B 376 -15.59 13.83 3.17
N PHE B 377 -15.34 14.54 2.07
CA PHE B 377 -16.26 15.58 1.65
C PHE B 377 -17.64 15.00 1.36
N VAL B 378 -18.68 15.68 1.84
CA VAL B 378 -20.04 15.25 1.54
C VAL B 378 -20.30 15.44 0.07
N ASN B 379 -20.92 14.43 -0.55
CA ASN B 379 -21.24 14.40 -1.98
C ASN B 379 -20.00 14.29 -2.86
N GLY B 380 -18.85 13.94 -2.28
CA GLY B 380 -17.64 13.74 -3.04
C GLY B 380 -16.74 14.96 -3.02
N GLN B 381 -15.56 14.78 -3.62
CA GLN B 381 -14.57 15.85 -3.70
C GLN B 381 -14.88 16.85 -4.80
N ILE B 382 -15.75 16.50 -5.74
CA ILE B 382 -16.04 17.35 -6.89
C ILE B 382 -17.33 18.12 -6.70
N ASN B 383 -18.39 17.44 -6.27
CA ASN B 383 -19.73 18.02 -6.20
C ASN B 383 -20.06 18.64 -4.86
N VAL B 384 -19.11 18.70 -3.92
CA VAL B 384 -19.39 19.33 -2.64
C VAL B 384 -19.75 20.79 -2.88
N GLN B 385 -20.82 21.23 -2.20
CA GLN B 385 -21.33 22.59 -2.35
C GLN B 385 -20.82 23.42 -1.18
N LEU B 386 -19.70 24.11 -1.39
CA LEU B 386 -19.12 24.99 -0.40
C LEU B 386 -19.37 26.45 -0.80
N SER B 387 -19.07 27.35 0.15
CA SER B 387 -19.30 28.78 -0.02
C SER B 387 -17.98 29.51 0.05
N LEU B 388 -17.76 30.44 -0.88
CA LEU B 388 -16.53 31.22 -0.87
C LEU B 388 -16.40 31.98 0.45
N SER B 389 -15.20 31.95 1.02
CA SER B 389 -14.98 32.58 2.32
C SER B 389 -15.02 34.09 2.19
N ASP B 390 -15.36 34.75 3.30
CA ASP B 390 -15.38 36.20 3.36
C ASP B 390 -14.01 36.79 3.67
N ARG B 391 -13.00 35.96 3.94
CA ARG B 391 -11.65 36.42 4.23
C ARG B 391 -10.83 36.61 2.96
N ASN B 392 -11.37 36.26 1.79
CA ASN B 392 -10.62 36.41 0.55
C ASN B 392 -10.26 37.85 0.26
N GLN B 393 -10.97 38.81 0.86
CA GLN B 393 -10.66 40.21 0.66
C GLN B 393 -9.46 40.67 1.47
N ASP B 394 -8.93 39.83 2.36
CA ASP B 394 -7.81 40.18 3.22
C ASP B 394 -6.53 39.45 2.84
N ILE B 395 -6.47 38.85 1.66
CA ILE B 395 -5.28 38.13 1.25
C ILE B 395 -4.20 39.12 0.86
N ILE B 396 -3.00 38.92 1.42
CA ILE B 396 -1.86 39.78 1.10
C ILE B 396 -1.35 39.44 -0.28
N ASN B 397 -0.97 40.47 -1.05
CA ASN B 397 -0.47 40.32 -2.41
C ASN B 397 0.75 41.21 -2.58
N LYS B 398 1.93 40.60 -2.49
CA LYS B 398 3.20 41.31 -2.69
C LYS B 398 3.92 40.73 -3.89
N PRO B 399 3.78 41.32 -5.07
CA PRO B 399 4.36 40.70 -6.26
C PRO B 399 5.88 40.72 -6.24
N GLU B 400 6.45 39.68 -6.85
CA GLU B 400 7.89 39.64 -7.05
C GLU B 400 8.33 40.51 -8.22
N GLU B 401 7.43 40.74 -9.17
CA GLU B 401 7.71 41.62 -10.31
C GLU B 401 6.47 42.42 -10.63
N ILE B 402 6.68 43.63 -11.14
CA ILE B 402 5.59 44.50 -11.58
C ILE B 402 5.94 44.91 -13.01
N ILE B 403 5.32 44.24 -13.98
CA ILE B 403 5.55 44.55 -15.39
C ILE B 403 4.77 45.80 -15.74
N ASN B 404 5.49 46.84 -16.16
CA ASN B 404 4.89 48.11 -16.54
C ASN B 404 5.05 48.25 -18.05
N LEU B 405 4.08 47.73 -18.79
CA LEU B 405 4.09 47.88 -20.24
C LEU B 405 3.91 49.34 -20.62
N LEU B 406 4.74 49.83 -21.53
CA LEU B 406 4.77 51.22 -21.91
C LEU B 406 4.49 51.37 -23.39
N ASN B 407 3.82 52.46 -23.76
CA ASN B 407 3.50 52.74 -25.15
C ASN B 407 2.52 51.72 -25.70
N ASN B 409 4.39 56.64 -26.37
CA ASN B 409 5.80 56.28 -26.45
C ASN B 409 6.29 55.69 -25.14
N ASN B 410 6.03 56.39 -24.04
CA ASN B 410 6.43 55.94 -22.71
C ASN B 410 5.28 56.10 -21.73
N VAL B 411 4.05 55.90 -22.19
CA VAL B 411 2.85 55.97 -21.35
C VAL B 411 2.45 54.54 -20.99
N SER B 412 2.23 54.30 -19.71
CA SER B 412 1.93 52.95 -19.22
C SER B 412 0.49 52.59 -19.58
N LEU B 413 0.32 51.70 -20.57
CA LEU B 413 -1.02 51.23 -20.89
C LEU B 413 -1.55 50.31 -19.81
N MET B 414 -0.72 49.38 -19.33
CA MET B 414 -1.18 48.37 -18.40
C MET B 414 -0.03 48.01 -17.47
N ARG B 415 -0.38 47.52 -16.28
CA ARG B 415 0.60 47.20 -15.25
C ARG B 415 0.16 45.89 -14.60
N SER B 416 0.97 44.84 -14.76
CA SER B 416 0.64 43.51 -14.28
C SER B 416 1.56 43.11 -13.14
N ASN B 417 1.09 42.18 -12.32
CA ASN B 417 1.81 41.71 -11.14
C ASN B 417 2.16 40.24 -11.31
N ILE B 418 3.38 39.87 -10.91
CA ILE B 418 3.85 38.50 -10.94
C ILE B 418 4.40 38.15 -9.56
N TYR B 419 4.00 36.99 -9.04
CA TYR B 419 4.29 36.61 -7.66
C TYR B 419 5.28 35.46 -7.63
N GLY B 420 6.15 35.48 -6.62
CA GLY B 420 7.18 34.46 -6.50
C GLY B 420 6.71 33.22 -5.78
N ASP B 421 7.55 32.18 -5.81
CA ASP B 421 7.23 30.93 -5.17
C ASP B 421 7.41 30.98 -3.67
N GLY B 422 8.20 31.91 -3.16
CA GLY B 422 8.44 32.02 -1.74
C GLY B 422 9.49 31.09 -1.19
N LEU B 423 10.18 30.35 -2.04
CA LEU B 423 11.22 29.42 -1.59
C LEU B 423 12.58 30.09 -1.64
N LYS B 424 13.54 29.49 -0.94
CA LYS B 424 14.91 30.00 -0.96
C LYS B 424 15.48 29.90 -2.36
N SER B 425 16.25 30.93 -2.75
CA SER B 425 16.84 31.00 -4.08
C SER B 425 18.34 30.80 -4.01
N THR B 426 18.94 30.59 -5.17
CA THR B 426 20.39 30.40 -5.27
C THR B 426 20.82 30.82 -6.67
N VAL B 427 21.62 31.88 -6.75
CA VAL B 427 22.11 32.34 -8.06
C VAL B 427 23.12 31.35 -8.62
N ASP B 428 23.97 30.80 -7.77
CA ASP B 428 25.01 29.88 -8.23
C ASP B 428 24.37 28.65 -8.89
N ASP B 429 24.94 28.22 -10.01
CA ASP B 429 24.44 27.04 -10.70
C ASP B 429 24.73 25.80 -9.87
N PHE B 430 23.71 24.97 -9.67
CA PHE B 430 23.85 23.76 -8.86
C PHE B 430 24.26 22.56 -9.69
N TYR B 431 23.74 22.43 -10.91
CA TYR B 431 24.04 21.26 -11.72
C TYR B 431 25.47 21.26 -12.20
N SER B 432 26.01 22.44 -12.53
CA SER B 432 27.36 22.54 -13.05
C SER B 432 28.43 22.33 -11.98
N ASN B 433 28.06 22.33 -10.70
CA ASN B 433 29.01 22.19 -9.60
C ASN B 433 28.72 20.95 -8.76
N TYR B 434 27.96 20.00 -9.28
CA TYR B 434 27.65 18.76 -8.59
C TYR B 434 28.43 17.61 -9.23
N LYS B 435 29.08 16.79 -8.41
CA LYS B 435 29.85 15.64 -8.95
C LYS B 435 29.07 14.35 -8.75
N ILE B 436 28.53 13.76 -9.81
CA ILE B 436 27.87 12.44 -9.67
C ILE B 436 28.95 11.51 -9.16
N PRO B 437 28.82 10.94 -7.96
CA PRO B 437 29.90 10.14 -7.38
C PRO B 437 29.97 8.73 -7.98
N TYR B 438 31.18 8.19 -8.12
CA TYR B 438 31.34 6.84 -8.74
C TYR B 438 31.36 5.77 -7.65
N ASN B 439 32.28 5.91 -6.69
CA ASN B 439 32.45 4.84 -5.68
C ASN B 439 31.38 4.97 -4.60
N ARG B 440 30.18 5.41 -4.98
CA ARG B 440 29.05 5.51 -4.02
C ARG B 440 27.78 5.19 -4.81
N ALA B 441 26.93 4.32 -4.29
CA ALA B 441 25.71 3.90 -5.03
C ALA B 441 26.10 3.32 -6.39
N TYR B 442 26.89 2.25 -6.41
CA TYR B 442 27.24 1.60 -7.66
C TYR B 442 26.47 0.29 -7.87
N GLU B 443 25.32 0.15 -7.22
CA GLU B 443 24.52 -1.07 -7.32
C GLU B 443 23.03 -0.74 -7.25
N TYR B 444 22.21 -1.78 -7.03
CA TYR B 444 20.77 -1.62 -6.95
C TYR B 444 20.17 -1.17 -8.29
N HIS B 445 20.73 -1.67 -9.38
CA HIS B 445 20.28 -1.29 -10.72
C HIS B 445 18.80 -1.63 -10.90
N ASP B 451 4.81 0.53 -2.11
CA ASP B 451 3.60 0.13 -1.40
C ASP B 451 3.91 -0.91 -0.34
N SER B 452 5.16 -0.90 0.16
CA SER B 452 5.59 -1.84 1.17
C SER B 452 6.42 -1.15 2.25
N SER B 453 6.16 0.13 2.48
CA SER B 453 6.97 0.89 3.44
C SER B 453 6.48 0.69 4.87
N LEU B 454 5.15 0.59 5.05
CA LEU B 454 4.56 0.51 6.37
C LEU B 454 4.15 -0.91 6.75
N ASP B 455 4.69 -1.92 6.05
CA ASP B 455 4.27 -3.29 6.28
C ASP B 455 4.64 -3.76 7.69
N ASN B 456 5.81 -3.36 8.18
CA ASN B 456 6.31 -3.91 9.44
C ASN B 456 5.54 -3.41 10.66
N VAL B 457 4.64 -2.44 10.50
CA VAL B 457 3.88 -1.91 11.62
C VAL B 457 2.76 -2.87 11.98
N ASN B 458 2.65 -3.20 13.27
CA ASN B 458 1.62 -4.10 13.79
C ASN B 458 0.70 -3.31 14.70
N ILE B 459 -0.52 -3.04 14.24
CA ILE B 459 -1.44 -2.18 14.99
C ILE B 459 -1.83 -2.84 16.30
N GLY B 460 -2.12 -4.13 16.28
CA GLY B 460 -2.60 -4.80 17.48
C GLY B 460 -1.63 -4.69 18.64
N VAL B 461 -0.33 -4.90 18.37
CA VAL B 461 0.66 -4.82 19.43
C VAL B 461 0.68 -3.41 20.02
N ILE B 462 0.61 -2.39 19.15
CA ILE B 462 0.59 -1.02 19.65
C ILE B 462 -0.63 -0.80 20.53
N ASP B 463 -1.80 -1.29 20.10
CA ASP B 463 -3.00 -1.14 20.92
C ASP B 463 -2.86 -1.87 22.24
N ASN B 464 -2.03 -2.91 22.30
CA ASN B 464 -1.82 -3.64 23.54
C ASN B 464 -0.83 -2.98 24.48
N ILE B 465 -0.18 -1.90 24.06
CA ILE B 465 0.83 -1.26 24.91
C ILE B 465 0.13 -0.55 26.07
N PRO B 466 0.61 -0.69 27.31
CA PRO B 466 0.07 0.14 28.38
C PRO B 466 0.48 1.59 28.20
N GLU B 467 -0.39 2.50 28.68
CA GLU B 467 -0.11 3.92 28.57
C GLU B 467 0.97 4.33 29.56
N ILE B 468 1.63 5.44 29.26
CA ILE B 468 2.68 5.97 30.13
C ILE B 468 2.02 6.76 31.26
N ILE B 469 2.36 6.40 32.50
CA ILE B 469 1.80 7.04 33.69
C ILE B 469 2.82 7.98 34.33
N ASP B 470 3.97 7.45 34.74
CA ASP B 470 5.02 8.23 35.37
C ASP B 470 6.12 8.52 34.37
N VAL B 471 6.51 9.79 34.28
CA VAL B 471 7.53 10.24 33.34
C VAL B 471 8.66 10.89 34.13
N ASN B 472 9.89 10.43 33.89
CA ASN B 472 11.07 11.04 34.48
C ASN B 472 11.57 12.10 33.53
N PRO B 473 11.47 13.40 33.85
CA PRO B 473 11.75 14.43 32.85
C PRO B 473 13.22 14.79 32.73
N TYR B 474 13.61 15.13 31.50
CA TYR B 474 14.92 15.71 31.23
C TYR B 474 14.85 17.21 31.50
N LYS B 475 15.82 17.72 32.27
CA LYS B 475 15.74 19.11 32.72
C LYS B 475 15.69 20.07 31.54
N GLU B 476 16.56 19.89 30.56
CA GLU B 476 16.68 20.78 29.41
C GLU B 476 16.27 20.02 28.16
N ASN B 477 15.00 20.17 27.77
CA ASN B 477 14.46 19.51 26.59
C ASN B 477 13.90 20.57 25.66
N CYS B 478 13.68 21.79 26.14
CA CYS B 478 13.37 22.95 25.30
C CYS B 478 14.33 24.11 25.24
N ASP B 479 14.74 24.51 24.03
CA ASP B 479 15.76 25.54 23.89
C ASP B 479 15.08 26.89 23.79
N LYS B 480 14.38 27.14 22.69
CA LYS B 480 13.67 28.40 22.48
C LYS B 480 13.01 28.32 21.11
N PHE B 481 12.22 29.33 20.78
CA PHE B 481 11.56 29.44 19.49
C PHE B 481 12.08 30.67 18.77
N SER B 482 12.45 30.49 17.50
CA SER B 482 13.02 31.56 16.70
C SER B 482 12.06 31.90 15.57
N PRO B 483 11.22 32.93 15.71
CA PRO B 483 10.35 33.32 14.60
C PRO B 483 11.17 33.71 13.38
N VAL B 484 10.65 33.37 12.21
CA VAL B 484 11.30 33.71 10.94
C VAL B 484 10.59 34.91 10.35
N GLN B 485 11.36 35.98 10.13
CA GLN B 485 10.84 37.22 9.53
C GLN B 485 11.37 37.34 8.12
N LYS B 486 10.48 37.60 7.17
CA LYS B 486 10.84 37.71 5.76
C LYS B 486 10.24 38.97 5.17
N ILE B 487 10.97 39.57 4.24
CA ILE B 487 10.54 40.76 3.52
C ILE B 487 10.56 40.46 2.04
N THR B 488 9.45 40.74 1.36
CA THR B 488 9.31 40.45 -0.06
C THR B 488 9.68 41.67 -0.88
N SER B 489 10.57 41.48 -1.85
CA SER B 489 11.00 42.55 -2.73
C SER B 489 9.98 42.76 -3.84
N THR B 490 10.25 43.74 -4.70
CA THR B 490 9.34 44.05 -5.81
C THR B 490 10.12 44.79 -6.86
N ARG B 491 10.16 44.25 -8.07
CA ARG B 491 10.90 44.83 -9.18
C ARG B 491 9.94 45.42 -10.21
N GLU B 492 10.48 46.27 -11.07
CA GLU B 492 9.73 46.89 -12.16
C GLU B 492 10.47 46.65 -13.46
N ILE B 493 9.94 45.75 -14.29
CA ILE B 493 10.55 45.38 -15.56
C ILE B 493 9.74 46.05 -16.65
N ASN B 494 10.18 47.21 -17.11
CA ASN B 494 9.53 47.88 -18.22
C ASN B 494 9.80 47.14 -19.52
N THR B 495 8.82 47.17 -20.41
CA THR B 495 8.94 46.47 -21.68
C THR B 495 7.99 47.08 -22.68
N ASN B 496 8.20 46.74 -23.95
CA ASN B 496 7.32 47.16 -25.04
C ASN B 496 6.62 46.00 -25.72
N ILE B 497 7.13 44.78 -25.60
CA ILE B 497 6.48 43.59 -26.14
C ILE B 497 5.60 43.01 -25.04
N PRO B 498 4.28 42.93 -25.22
CA PRO B 498 3.42 42.46 -24.14
C PRO B 498 3.79 41.06 -23.69
N TRP B 499 3.77 40.85 -22.38
CA TRP B 499 4.02 39.54 -21.81
C TRP B 499 2.73 38.74 -21.73
N PRO B 500 2.81 37.43 -21.58
CA PRO B 500 1.58 36.63 -21.49
C PRO B 500 0.67 37.05 -20.36
N ILE B 501 1.24 37.47 -19.23
CA ILE B 501 0.40 37.87 -18.10
C ILE B 501 -0.42 39.10 -18.45
N ASN B 502 0.15 40.01 -19.24
CA ASN B 502 -0.63 41.17 -19.68
C ASN B 502 -1.83 40.74 -20.52
N TYR B 503 -1.62 39.80 -21.44
CA TYR B 503 -2.73 39.29 -22.24
C TYR B 503 -3.78 38.62 -21.36
N LEU B 504 -3.35 37.86 -20.37
CA LEU B 504 -4.29 37.21 -19.47
C LEU B 504 -5.11 38.24 -18.69
N GLN B 505 -4.44 39.27 -18.18
CA GLN B 505 -5.14 40.29 -17.41
C GLN B 505 -6.08 41.09 -18.30
N ALA B 506 -5.79 41.19 -19.60
CA ALA B 506 -6.68 41.88 -20.51
C ALA B 506 -8.02 41.19 -20.67
N GLN B 507 -8.14 39.93 -20.25
CA GLN B 507 -9.37 39.18 -20.41
C GLN B 507 -10.30 39.26 -19.20
N ASN B 508 -9.90 39.99 -18.16
CA ASN B 508 -10.74 40.17 -16.98
C ASN B 508 -11.31 41.57 -16.97
N THR B 509 -12.47 41.72 -16.32
CA THR B 509 -13.15 43.00 -16.27
C THR B 509 -14.06 43.04 -15.06
N ASN B 510 -14.49 44.25 -14.71
CA ASN B 510 -15.43 44.48 -13.62
C ASN B 510 -16.78 44.99 -14.08
N ASN B 511 -16.82 45.74 -15.18
CA ASN B 511 -18.10 46.24 -15.69
C ASN B 511 -18.99 45.08 -16.10
N GLU B 512 -20.30 45.25 -15.90
CA GLU B 512 -21.28 44.24 -16.25
C GLU B 512 -21.87 44.46 -17.64
N LYS B 513 -21.45 45.49 -18.36
CA LYS B 513 -21.95 45.81 -19.69
C LYS B 513 -20.78 46.00 -20.65
N PHE B 514 -19.82 45.09 -20.60
CA PHE B 514 -18.61 45.18 -21.41
C PHE B 514 -18.90 44.69 -22.83
N SER B 515 -17.86 44.59 -23.65
CA SER B 515 -17.99 44.10 -25.01
C SER B 515 -16.69 43.42 -25.42
N LEU B 516 -16.81 42.32 -26.16
CA LEU B 516 -15.64 41.58 -26.61
C LEU B 516 -14.94 42.34 -27.74
N SER B 517 -13.61 42.21 -27.77
CA SER B 517 -12.81 42.81 -28.81
C SER B 517 -11.58 41.95 -29.05
N SER B 518 -11.01 42.06 -30.25
CA SER B 518 -9.86 41.26 -30.64
C SER B 518 -8.57 42.05 -30.73
N ASP B 519 -8.63 43.38 -30.63
CA ASP B 519 -7.45 44.24 -30.71
C ASP B 519 -6.95 44.50 -29.29
N PHE B 520 -5.82 43.90 -28.93
CA PHE B 520 -5.25 44.09 -27.60
C PHE B 520 -4.94 45.55 -27.34
N VAL B 521 -4.32 46.22 -28.32
CA VAL B 521 -3.96 47.63 -28.14
C VAL B 521 -5.22 48.47 -27.96
N GLU B 522 -6.26 48.20 -28.75
CA GLU B 522 -7.50 48.94 -28.59
C GLU B 522 -8.11 48.71 -27.20
N VAL B 523 -8.05 47.47 -26.71
CA VAL B 523 -8.63 47.18 -25.40
C VAL B 523 -7.88 47.94 -24.31
N VAL B 524 -6.54 47.88 -24.33
CA VAL B 524 -5.77 48.53 -23.28
C VAL B 524 -5.91 50.04 -23.36
N SER B 525 -5.98 50.59 -24.57
CA SER B 525 -6.06 52.03 -24.74
C SER B 525 -7.46 52.52 -24.38
N SER B 526 -8.41 51.62 -24.18
CA SER B 526 -9.77 52.05 -23.85
C SER B 526 -9.86 52.83 -22.55
N LYS B 527 -10.28 54.10 -22.65
CA LYS B 527 -10.42 54.92 -21.45
C LYS B 527 -11.66 54.46 -20.70
N ASP B 528 -12.76 54.22 -21.41
CA ASP B 528 -14.00 53.80 -20.76
C ASP B 528 -13.86 52.45 -20.06
N LYS B 529 -12.88 51.64 -20.44
CA LYS B 529 -12.70 50.31 -19.87
C LYS B 529 -13.89 49.41 -20.16
N SER B 530 -14.58 49.65 -21.27
CA SER B 530 -15.74 48.88 -21.65
C SER B 530 -15.42 47.66 -22.51
N LEU B 531 -14.16 47.51 -22.93
CA LEU B 531 -13.76 46.43 -23.80
C LEU B 531 -13.03 45.34 -23.03
N VAL B 532 -13.13 44.11 -23.52
CA VAL B 532 -12.41 42.98 -22.95
C VAL B 532 -11.86 42.15 -24.09
N TYR B 533 -10.61 41.72 -23.95
CA TYR B 533 -9.93 40.99 -25.02
C TYR B 533 -10.36 39.53 -25.01
N SER B 534 -10.74 39.02 -26.18
CA SER B 534 -11.15 37.63 -26.31
C SER B 534 -10.69 37.10 -27.67
N PHE B 535 -10.32 35.83 -27.70
CA PHE B 535 -9.88 35.17 -28.93
C PHE B 535 -10.96 34.31 -29.56
N LEU B 536 -12.20 34.41 -29.09
CA LEU B 536 -13.30 33.64 -29.63
C LEU B 536 -13.76 34.30 -30.91
N SER B 537 -13.24 33.85 -32.05
CA SER B 537 -13.58 34.48 -33.32
C SER B 537 -15.03 34.22 -33.71
N ASN B 538 -15.47 32.96 -33.60
CA ASN B 538 -16.81 32.63 -34.04
C ASN B 538 -17.87 33.36 -33.23
N VAL B 539 -17.70 33.43 -31.91
CA VAL B 539 -18.71 34.06 -31.06
C VAL B 539 -18.83 35.54 -31.40
N MET B 540 -17.70 36.22 -31.52
CA MET B 540 -17.74 37.65 -31.84
C MET B 540 -18.30 37.90 -33.23
N PHE B 541 -17.93 37.05 -34.21
CA PHE B 541 -18.49 37.20 -35.54
C PHE B 541 -20.00 37.03 -35.53
N TYR B 542 -20.49 36.02 -34.81
CA TYR B 542 -21.93 35.83 -34.72
C TYR B 542 -22.60 37.02 -34.04
N LEU B 543 -22.01 37.53 -32.97
CA LEU B 543 -22.58 38.67 -32.28
C LEU B 543 -22.66 39.89 -33.20
N ASP B 544 -21.61 40.12 -33.97
CA ASP B 544 -21.64 41.23 -34.93
C ASP B 544 -22.67 40.99 -36.02
N SER B 545 -22.90 39.73 -36.39
CA SER B 545 -23.87 39.44 -37.44
C SER B 545 -25.27 39.84 -37.03
N ILE B 546 -25.68 39.44 -35.82
CA ILE B 546 -27.04 39.74 -35.36
C ILE B 546 -27.17 41.21 -34.98
N LYS B 547 -26.05 41.89 -34.73
CA LYS B 547 -26.11 43.29 -34.32
C LYS B 547 -26.92 44.10 -35.33
N ASP B 548 -27.77 44.98 -34.82
CA ASP B 548 -28.67 45.79 -35.63
C ASP B 548 -29.82 44.98 -36.21
N ASN B 549 -30.24 43.95 -35.49
CA ASN B 549 -31.37 43.11 -35.88
C ASN B 549 -32.52 43.34 -34.90
N SER B 550 -33.61 42.61 -35.12
CA SER B 550 -34.78 42.75 -34.27
C SER B 550 -34.42 42.38 -32.83
N PRO B 551 -34.91 43.12 -31.84
CA PRO B 551 -34.57 42.80 -30.45
C PRO B 551 -35.19 41.49 -30.01
N ILE B 552 -34.51 40.84 -29.05
CA ILE B 552 -34.95 39.55 -28.54
C ILE B 552 -36.11 39.78 -27.57
N ASP B 553 -37.28 39.28 -27.92
CA ASP B 553 -38.47 39.41 -27.08
C ASP B 553 -39.15 38.09 -26.79
N THR B 554 -39.18 37.16 -27.75
CA THR B 554 -39.83 35.87 -27.57
C THR B 554 -38.83 34.83 -27.08
N ASP B 555 -39.32 33.89 -26.27
CA ASP B 555 -38.46 32.85 -25.74
C ASP B 555 -37.86 32.00 -26.87
N LYS B 556 -38.54 31.92 -28.01
CA LYS B 556 -37.97 31.22 -29.17
C LYS B 556 -36.68 31.89 -29.62
N LYS B 557 -36.70 33.22 -29.74
CA LYS B 557 -35.49 33.93 -30.13
C LYS B 557 -34.39 33.73 -29.11
N TYR B 558 -34.73 33.77 -27.83
CA TYR B 558 -33.71 33.59 -26.79
C TYR B 558 -33.10 32.20 -26.87
N TYR B 559 -33.93 31.17 -27.10
CA TYR B 559 -33.41 29.83 -27.22
C TYR B 559 -32.46 29.71 -28.41
N LEU B 560 -32.85 30.27 -29.55
CA LEU B 560 -31.98 30.20 -30.72
C LEU B 560 -30.67 30.93 -30.46
N TRP B 561 -30.75 32.11 -29.84
CA TRP B 561 -29.57 32.90 -29.55
C TRP B 561 -28.63 32.14 -28.64
N LEU B 562 -29.16 31.55 -27.57
CA LEU B 562 -28.32 30.81 -26.63
C LEU B 562 -27.71 29.58 -27.29
N ARG B 563 -28.49 28.87 -28.11
CA ARG B 563 -27.96 27.70 -28.79
C ARG B 563 -26.80 28.08 -29.70
N GLU B 564 -26.97 29.15 -30.47
CA GLU B 564 -25.89 29.58 -31.37
C GLU B 564 -24.67 30.02 -30.58
N ILE B 565 -24.87 30.74 -29.48
CA ILE B 565 -23.73 31.17 -28.67
C ILE B 565 -22.96 29.98 -28.13
N PHE B 566 -23.69 28.98 -27.61
CA PHE B 566 -23.03 27.80 -27.08
C PHE B 566 -22.28 27.05 -28.17
N ARG B 567 -22.91 26.89 -29.34
CA ARG B 567 -22.25 26.18 -30.42
C ARG B 567 -20.97 26.89 -30.86
N ASN B 568 -21.04 28.22 -31.01
CA ASN B 568 -19.86 28.96 -31.44
C ASN B 568 -18.76 28.90 -30.39
N TYR B 569 -19.11 29.05 -29.11
CA TYR B 569 -18.11 28.95 -28.07
C TYR B 569 -17.42 27.61 -28.05
N SER B 570 -18.19 26.52 -28.18
CA SER B 570 -17.57 25.20 -28.17
C SER B 570 -16.68 24.98 -29.38
N PHE B 571 -17.12 25.45 -30.55
CA PHE B 571 -16.30 25.27 -31.76
C PHE B 571 -14.99 26.02 -31.61
N ASP B 572 -15.03 27.22 -31.04
CA ASP B 572 -13.82 28.04 -30.94
C ASP B 572 -12.87 27.48 -29.88
N ILE B 573 -13.40 27.09 -28.73
CA ILE B 573 -12.53 26.71 -27.62
C ILE B 573 -11.83 25.38 -27.90
N THR B 574 -12.54 24.43 -28.50
CA THR B 574 -12.01 23.09 -28.73
C THR B 574 -11.29 22.96 -30.06
N ALA B 575 -11.07 24.06 -30.78
CA ALA B 575 -10.42 23.97 -32.08
C ALA B 575 -9.02 23.39 -31.94
N THR B 576 -8.70 22.44 -32.82
CA THR B 576 -7.37 21.85 -32.87
C THR B 576 -6.98 21.61 -34.31
N GLN B 577 -5.67 21.52 -34.54
CA GLN B 577 -5.13 21.17 -35.84
C GLN B 577 -4.07 20.09 -35.64
N GLU B 578 -4.20 18.99 -36.37
CA GLU B 578 -3.28 17.87 -36.25
C GLU B 578 -2.10 18.07 -37.19
N ILE B 579 -0.89 17.89 -36.67
CA ILE B 579 0.33 18.03 -37.45
C ILE B 579 1.20 16.81 -37.22
N ASN B 580 2.09 16.56 -38.18
CA ASN B 580 2.97 15.40 -38.15
C ASN B 580 4.30 15.81 -37.53
N THR B 581 4.55 15.36 -36.30
CA THR B 581 5.80 15.58 -35.61
C THR B 581 6.59 14.28 -35.59
N ASP B 582 7.88 14.39 -35.26
CA ASP B 582 8.71 13.19 -35.15
C ASP B 582 8.13 12.23 -34.12
N CYS B 583 7.61 12.76 -33.02
CA CYS B 583 7.00 11.95 -31.97
C CYS B 583 5.54 11.69 -32.27
N GLY B 584 5.23 11.20 -33.48
CA GLY B 584 3.88 10.87 -33.85
C GLY B 584 3.09 12.04 -34.40
N ILE B 585 1.85 12.21 -33.92
CA ILE B 585 0.97 13.28 -34.37
C ILE B 585 0.51 14.06 -33.13
N ASN B 586 0.55 15.38 -33.23
CA ASN B 586 0.18 16.26 -32.13
C ASN B 586 -1.06 17.06 -32.50
N LYS B 587 -1.97 17.20 -31.55
CA LYS B 587 -3.20 17.96 -31.74
C LYS B 587 -2.96 19.36 -31.19
N VAL B 588 -2.39 20.23 -32.02
CA VAL B 588 -2.05 21.58 -31.59
C VAL B 588 -3.32 22.39 -31.39
N VAL B 589 -3.26 23.36 -30.49
CA VAL B 589 -4.37 24.26 -30.22
C VAL B 589 -4.23 25.49 -31.10
N THR B 590 -5.23 25.73 -31.94
CA THR B 590 -5.15 26.81 -32.92
C THR B 590 -5.06 28.18 -32.24
N TRP B 591 -5.80 28.38 -31.16
CA TRP B 591 -5.90 29.70 -30.54
C TRP B 591 -4.82 29.96 -29.50
N PHE B 592 -3.89 29.02 -29.29
CA PHE B 592 -2.89 29.23 -28.25
C PHE B 592 -2.00 30.42 -28.53
N GLY B 593 -1.97 30.91 -29.77
CA GLY B 593 -1.14 32.05 -30.11
C GLY B 593 -1.76 33.37 -29.72
N LYS B 594 -3.03 33.57 -30.06
CA LYS B 594 -3.70 34.82 -29.72
C LYS B 594 -3.75 35.02 -28.21
N ALA B 595 -3.97 33.94 -27.46
CA ALA B 595 -3.85 33.99 -26.02
C ALA B 595 -2.39 33.85 -25.63
N LEU B 596 -1.97 34.63 -24.65
CA LEU B 596 -0.61 34.58 -24.12
C LEU B 596 0.41 35.21 -25.04
N ASN B 597 -0.01 35.63 -26.24
CA ASN B 597 0.86 36.33 -27.17
C ASN B 597 2.16 35.56 -27.42
N ILE B 598 2.00 34.35 -27.92
CA ILE B 598 3.12 33.47 -28.25
C ILE B 598 3.05 33.16 -29.73
N LEU B 599 4.14 33.45 -30.45
CA LEU B 599 4.21 33.22 -31.88
C LEU B 599 3.03 33.87 -32.59
N ASN B 600 2.69 35.08 -32.15
CA ASN B 600 1.57 35.83 -32.70
C ASN B 600 2.04 36.88 -33.70
N THR B 601 3.26 36.76 -34.21
CA THR B 601 3.80 37.79 -35.09
C THR B 601 2.95 37.96 -36.35
N SER B 602 2.55 36.85 -36.96
CA SER B 602 1.75 36.92 -38.18
C SER B 602 1.42 35.49 -38.62
N ASP B 603 0.49 35.40 -39.56
CA ASP B 603 0.10 34.11 -40.14
C ASP B 603 -0.51 33.20 -39.09
N SER B 604 -0.79 31.96 -39.47
CA SER B 604 -1.34 30.99 -38.53
C SER B 604 -0.30 30.61 -37.48
N PHE B 605 -0.76 30.42 -36.25
CA PHE B 605 0.14 29.98 -35.18
C PHE B 605 0.68 28.59 -35.48
N VAL B 606 -0.16 27.71 -36.05
CA VAL B 606 0.29 26.37 -36.40
C VAL B 606 1.40 26.44 -37.45
N GLU B 607 1.28 27.35 -38.41
CA GLU B 607 2.32 27.48 -39.43
C GLU B 607 3.69 27.80 -38.84
N GLU B 608 3.75 28.75 -37.90
CA GLU B 608 5.01 29.01 -37.22
C GLU B 608 5.45 27.83 -36.38
N PHE B 609 4.51 27.20 -35.67
CA PHE B 609 4.86 26.07 -34.82
C PHE B 609 5.40 24.90 -35.62
N GLN B 610 5.06 24.80 -36.90
CA GLN B 610 5.59 23.71 -37.72
C GLN B 610 6.96 24.05 -38.29
N ASN B 611 7.15 25.30 -38.74
CA ASN B 611 8.43 25.75 -39.27
C ASN B 611 9.38 26.18 -38.15
N LEU B 612 9.07 25.83 -36.91
CA LEU B 612 9.91 26.17 -35.78
C LEU B 612 9.59 25.18 -34.67
N GLY B 613 10.63 24.69 -34.01
CA GLY B 613 10.46 23.64 -33.03
C GLY B 613 9.58 24.06 -31.88
N PRO B 614 9.07 23.10 -31.11
CA PRO B 614 8.32 23.45 -29.90
C PRO B 614 9.14 24.19 -28.87
N ILE B 615 10.47 24.18 -29.00
CA ILE B 615 11.32 24.93 -28.08
C ILE B 615 11.03 26.42 -28.16
N SER B 616 10.49 26.90 -29.28
CA SER B 616 10.28 28.34 -29.45
C SER B 616 9.23 28.90 -28.49
N LEU B 617 8.37 28.04 -27.92
CA LEU B 617 7.31 28.54 -27.05
C LEU B 617 7.88 29.22 -25.81
N ILE B 618 8.89 28.62 -25.21
CA ILE B 618 9.44 29.13 -23.95
C ILE B 618 10.47 30.21 -24.25
N ASN B 619 10.60 31.16 -23.31
CA ASN B 619 11.44 32.34 -23.51
C ASN B 619 12.83 32.21 -22.92
N LYS B 620 13.17 31.05 -22.37
CA LYS B 620 14.49 30.83 -21.74
C LYS B 620 14.97 29.44 -22.14
N LYS B 621 15.78 29.37 -23.19
CA LYS B 621 16.33 28.13 -23.70
C LYS B 621 17.82 28.06 -23.41
N GLU B 622 18.41 26.91 -23.73
CA GLU B 622 19.84 26.69 -23.54
C GLU B 622 20.24 26.90 -22.08
N ASN B 623 19.61 26.13 -21.20
CA ASN B 623 19.87 26.19 -19.77
C ASN B 623 20.65 24.99 -19.25
N LEU B 624 21.10 24.10 -20.12
CA LEU B 624 21.80 22.91 -19.66
C LEU B 624 23.17 23.27 -19.11
N SER B 625 23.71 22.36 -18.30
CA SER B 625 25.05 22.50 -17.75
C SER B 625 25.64 21.12 -17.55
N MET B 626 26.86 20.94 -18.02
CA MET B 626 27.49 19.62 -17.94
C MET B 626 27.85 19.29 -16.50
N PRO B 627 27.39 18.16 -15.97
CA PRO B 627 27.77 17.80 -14.60
C PRO B 627 29.22 17.37 -14.52
N ILE B 628 29.77 17.42 -13.30
CA ILE B 628 31.14 17.00 -13.09
C ILE B 628 31.21 15.49 -13.14
N ILE B 629 32.22 14.96 -13.85
CA ILE B 629 32.37 13.53 -14.07
C ILE B 629 33.69 13.08 -13.44
N GLU B 630 33.62 12.00 -12.66
CA GLU B 630 34.79 11.41 -12.02
C GLU B 630 34.84 9.94 -12.41
N ILE B 631 35.58 9.62 -13.45
CA ILE B 631 35.70 8.25 -13.95
C ILE B 631 37.03 7.70 -13.43
N TYR B 632 36.97 6.95 -12.33
CA TYR B 632 38.18 6.36 -11.76
C TYR B 632 38.73 5.30 -12.69
N GLY B 633 40.06 5.29 -12.82
CA GLY B 633 40.73 4.34 -13.70
C GLY B 633 40.90 2.99 -12.98
N ILE B 634 40.99 1.93 -13.78
CA ILE B 634 41.18 0.60 -13.22
C ILE B 634 42.54 0.55 -12.53
N PRO B 635 42.64 0.09 -11.27
CA PRO B 635 43.94 0.02 -10.61
C PRO B 635 44.91 -0.91 -11.33
N MET B 638 48.56 -3.27 -11.79
CA MET B 638 48.32 -3.86 -10.47
C MET B 638 48.68 -5.34 -10.47
N LEU B 639 48.18 -6.07 -9.48
CA LEU B 639 48.48 -7.49 -9.38
C LEU B 639 47.93 -8.25 -10.58
N GLY B 640 48.71 -9.22 -11.05
CA GLY B 640 48.25 -10.07 -12.13
C GLY B 640 47.25 -11.10 -11.67
N LEU B 641 46.60 -11.74 -12.63
CA LEU B 641 45.61 -12.77 -12.34
C LEU B 641 45.27 -13.49 -13.65
N PRO B 642 44.73 -14.70 -13.57
CA PRO B 642 44.37 -15.43 -14.78
C PRO B 642 43.11 -14.88 -15.43
N LEU B 643 42.92 -15.24 -16.70
CA LEU B 643 41.77 -14.76 -17.45
C LEU B 643 40.46 -15.18 -16.77
N ASN B 644 40.45 -16.34 -16.12
CA ASN B 644 39.21 -16.80 -15.48
C ASN B 644 38.76 -15.85 -14.38
N ASP B 645 39.69 -15.37 -13.56
CA ASP B 645 39.33 -14.47 -12.47
C ASP B 645 39.26 -13.02 -12.94
N LEU B 646 40.18 -12.61 -13.80
CA LEU B 646 40.17 -11.24 -14.31
C LEU B 646 38.87 -10.94 -15.04
N ASN B 647 38.25 -11.94 -15.65
CA ASN B 647 37.03 -11.72 -16.41
C ASN B 647 35.91 -11.20 -15.52
N GLU B 648 35.76 -11.78 -14.33
CA GLU B 648 34.71 -11.32 -13.42
C GLU B 648 34.97 -9.87 -12.98
N LYS B 649 36.24 -9.55 -12.69
CA LYS B 649 36.58 -8.18 -12.32
C LYS B 649 36.21 -7.21 -13.43
N LEU B 650 36.59 -7.51 -14.66
CA LEU B 650 36.27 -6.63 -15.77
C LEU B 650 34.78 -6.52 -15.98
N PHE B 651 34.04 -7.63 -15.80
CA PHE B 651 32.59 -7.58 -15.94
C PHE B 651 31.98 -6.66 -14.90
N ASN B 652 32.46 -6.73 -13.66
CA ASN B 652 31.94 -5.85 -12.62
C ASN B 652 32.24 -4.39 -12.94
N ILE B 653 33.44 -4.10 -13.43
CA ILE B 653 33.76 -2.74 -13.83
C ILE B 653 32.84 -2.28 -14.95
N TYR B 654 32.57 -3.17 -15.91
CA TYR B 654 31.67 -2.84 -17.01
C TYR B 654 30.29 -2.45 -16.49
N LEU B 655 29.76 -3.26 -15.57
CA LEU B 655 28.44 -2.96 -15.00
C LEU B 655 28.47 -1.65 -14.23
N LYS B 656 29.53 -1.38 -13.47
CA LYS B 656 29.61 -0.14 -12.73
C LYS B 656 29.62 1.06 -13.68
N ASN B 657 30.35 0.97 -14.78
CA ASN B 657 30.38 2.05 -15.75
C ASN B 657 29.00 2.25 -16.38
N ILE B 658 28.30 1.15 -16.68
CA ILE B 658 26.95 1.27 -17.21
C ILE B 658 26.07 2.02 -16.23
N LEU B 659 26.17 1.67 -14.95
CA LEU B 659 25.37 2.35 -13.93
C LEU B 659 25.72 3.83 -13.84
N TYR B 660 27.00 4.17 -13.95
CA TYR B 660 27.37 5.57 -13.91
C TYR B 660 26.79 6.34 -15.08
N PHE B 661 26.75 5.68 -16.23
CA PHE B 661 26.21 6.33 -17.44
C PHE B 661 24.71 6.53 -17.26
N LYS B 662 24.07 5.79 -16.36
CA LYS B 662 22.64 6.05 -16.11
C LYS B 662 22.58 7.23 -15.14
N LYS B 663 23.23 7.09 -14.00
CA LYS B 663 23.29 8.22 -13.05
C LYS B 663 23.38 9.50 -13.86
N VAL B 664 24.14 9.52 -14.95
CA VAL B 664 24.27 10.81 -15.68
C VAL B 664 22.99 11.04 -16.45
N TYR B 665 22.49 10.05 -17.18
CA TYR B 665 21.24 10.20 -17.91
C TYR B 665 20.14 10.72 -16.98
N PHE B 666 20.07 10.18 -15.76
CA PHE B 666 19.06 10.64 -14.82
C PHE B 666 19.30 12.09 -14.41
N ASN B 667 20.56 12.49 -14.25
CA ASN B 667 20.84 13.88 -13.93
C ASN B 667 20.36 14.80 -15.04
N PHE B 668 20.61 14.41 -16.29
CA PHE B 668 20.13 15.23 -17.41
C PHE B 668 18.61 15.26 -17.46
N LEU B 669 17.96 14.15 -17.14
CA LEU B 669 16.50 14.13 -17.10
C LEU B 669 15.97 15.08 -16.04
N ASP B 670 16.59 15.09 -14.86
CA ASP B 670 16.16 16.01 -13.82
C ASP B 670 16.39 17.45 -14.24
N GLN B 671 17.50 17.72 -14.93
CA GLN B 671 17.73 19.06 -15.46
C GLN B 671 16.61 19.46 -16.41
N TRP B 672 16.22 18.55 -17.31
CA TRP B 672 15.12 18.84 -18.22
C TRP B 672 13.85 19.17 -17.45
N TRP B 673 13.54 18.35 -16.45
CA TRP B 673 12.31 18.56 -15.69
C TRP B 673 12.33 19.92 -14.98
N THR B 674 13.45 20.27 -14.37
CA THR B 674 13.50 21.48 -13.56
C THR B 674 13.55 22.74 -14.42
N GLU B 675 14.27 22.69 -15.53
CA GLU B 675 14.53 23.89 -16.33
C GLU B 675 13.63 24.03 -17.53
N TYR B 676 13.19 22.93 -18.14
CA TYR B 676 12.40 22.96 -19.36
C TYR B 676 10.93 22.66 -19.16
N TYR B 677 10.60 21.59 -18.42
CA TYR B 677 9.20 21.28 -18.20
C TYR B 677 8.52 22.31 -17.32
N SER B 678 9.28 23.02 -16.48
CA SER B 678 8.67 24.05 -15.65
C SER B 678 8.02 25.14 -16.50
N GLN B 679 8.71 25.57 -17.56
CA GLN B 679 8.15 26.60 -18.42
C GLN B 679 6.90 26.12 -19.12
N TYR B 680 6.88 24.86 -19.56
CA TYR B 680 5.69 24.34 -20.22
C TYR B 680 4.52 24.19 -19.25
N PHE B 681 4.80 23.80 -18.00
CA PHE B 681 3.73 23.75 -17.02
C PHE B 681 3.21 25.15 -16.71
N ASP B 682 4.10 26.14 -16.68
CA ASP B 682 3.66 27.52 -16.50
C ASP B 682 2.77 27.95 -17.66
N LEU B 683 3.14 27.56 -18.88
CA LEU B 683 2.29 27.87 -20.04
C LEU B 683 0.94 27.19 -19.92
N ILE B 684 0.92 25.95 -19.44
CA ILE B 684 -0.36 25.25 -19.22
C ILE B 684 -1.22 26.02 -18.23
N CYS B 685 -0.63 26.42 -17.11
CA CYS B 685 -1.40 27.13 -16.09
C CYS B 685 -1.94 28.44 -16.63
N MET B 686 -1.12 29.16 -17.40
CA MET B 686 -1.59 30.41 -18.00
C MET B 686 -2.68 30.16 -19.03
N ALA B 687 -2.61 29.04 -19.75
CA ALA B 687 -3.61 28.76 -20.77
C ALA B 687 -4.96 28.39 -20.16
N LYS B 688 -4.95 27.54 -19.12
CA LYS B 688 -6.22 27.18 -18.50
C LYS B 688 -6.83 28.33 -17.72
N GLN B 689 -6.07 29.37 -17.42
CA GLN B 689 -6.66 30.56 -16.82
C GLN B 689 -7.40 31.39 -17.85
N SER B 690 -6.93 31.38 -19.11
CA SER B 690 -7.64 32.10 -20.16
C SER B 690 -8.99 31.45 -20.45
N ILE B 691 -9.04 30.12 -20.43
CA ILE B 691 -10.28 29.42 -20.73
C ILE B 691 -11.36 29.79 -19.71
N LEU B 692 -10.98 29.81 -18.43
CA LEU B 692 -11.95 30.18 -17.40
C LEU B 692 -12.38 31.63 -17.55
N ALA B 693 -11.46 32.50 -17.95
CA ALA B 693 -11.83 33.90 -18.18
C ALA B 693 -12.86 34.01 -19.30
N GLN B 694 -12.64 33.29 -20.41
CA GLN B 694 -13.59 33.33 -21.50
C GLN B 694 -14.93 32.75 -21.10
N GLU B 695 -14.92 31.66 -20.31
CA GLU B 695 -16.16 31.09 -19.82
C GLU B 695 -16.92 32.09 -18.97
N LYS B 696 -16.20 32.80 -18.08
CA LYS B 696 -16.84 33.82 -17.25
C LYS B 696 -17.43 34.93 -18.10
N LEU B 697 -16.70 35.35 -19.15
CA LEU B 697 -17.23 36.39 -20.02
C LEU B 697 -18.51 35.95 -20.69
N ILE B 698 -18.52 34.73 -21.23
CA ILE B 698 -19.72 34.24 -21.93
C ILE B 698 -20.88 34.11 -20.96
N LYS B 699 -20.61 33.60 -19.76
CA LYS B 699 -21.67 33.48 -18.76
C LYS B 699 -22.23 34.83 -18.38
N GLN B 700 -21.38 35.84 -18.22
CA GLN B 700 -21.85 37.17 -17.89
C GLN B 700 -22.70 37.74 -19.03
N ILE B 701 -22.29 37.50 -20.28
CA ILE B 701 -23.09 37.95 -21.41
C ILE B 701 -24.48 37.32 -21.37
N ILE B 702 -24.52 36.01 -21.14
CA ILE B 702 -25.80 35.30 -21.12
C ILE B 702 -26.67 35.82 -19.98
N GLN B 703 -26.07 36.03 -18.81
CA GLN B 703 -26.84 36.54 -17.67
C GLN B 703 -27.38 37.93 -17.96
N ASN B 704 -26.58 38.79 -18.58
CA ASN B 704 -27.05 40.12 -18.92
C ASN B 704 -28.23 40.05 -19.87
N LYS B 705 -28.13 39.19 -20.89
CA LYS B 705 -29.24 39.08 -21.84
C LYS B 705 -30.49 38.55 -21.16
N LEU B 706 -30.34 37.54 -20.29
CA LEU B 706 -31.49 37.00 -19.58
C LEU B 706 -32.13 38.04 -18.68
N GLN B 707 -31.30 38.83 -17.98
CA GLN B 707 -31.84 39.90 -17.15
C GLN B 707 -32.61 40.91 -17.99
N ASP B 708 -32.06 41.28 -19.15
CA ASP B 708 -32.78 42.21 -20.02
C ASP B 708 -34.11 41.62 -20.46
N LEU B 709 -34.13 40.33 -20.77
CA LEU B 709 -35.37 39.69 -21.20
C LEU B 709 -36.39 39.64 -20.09
N PHE B 710 -35.95 39.42 -18.85
CA PHE B 710 -36.88 39.31 -17.74
C PHE B 710 -37.75 40.55 -17.62
N LYS B 711 -37.25 41.70 -18.06
CA LYS B 711 -38.04 42.94 -18.08
C LYS B 711 -38.87 43.04 -19.35
N ALA B 712 -39.66 42.00 -19.63
CA ALA B 712 -40.49 41.95 -20.83
C ALA B 712 -41.84 41.36 -20.45
N ASP B 713 -42.75 41.32 -21.44
CA ASP B 713 -44.10 40.80 -21.22
C ASP B 713 -44.13 39.33 -21.60
N ILE B 714 -43.69 38.49 -20.66
CA ILE B 714 -43.63 37.06 -20.85
C ILE B 714 -44.09 36.37 -19.57
N SER B 715 -44.73 35.22 -19.71
CA SER B 715 -45.26 34.52 -18.55
C SER B 715 -44.13 34.06 -17.64
N MET B 716 -44.46 33.95 -16.34
CA MET B 716 -43.46 33.54 -15.37
C MET B 716 -42.97 32.12 -15.63
N ASP B 717 -43.87 31.24 -16.09
CA ASP B 717 -43.47 29.85 -16.34
C ASP B 717 -42.41 29.78 -17.42
N LYS B 718 -42.60 30.52 -18.51
CA LYS B 718 -41.61 30.52 -19.59
C LYS B 718 -40.27 31.08 -19.10
N LEU B 719 -40.32 32.14 -18.28
CA LEU B 719 -39.09 32.69 -17.76
C LEU B 719 -38.36 31.69 -16.87
N ASN B 720 -39.10 30.95 -16.04
CA ASN B 720 -38.46 29.93 -15.21
C ASN B 720 -37.85 28.84 -16.08
N LEU B 721 -38.55 28.44 -17.14
CA LEU B 721 -37.99 27.44 -18.06
C LEU B 721 -36.71 27.95 -18.70
N MET B 722 -36.70 29.23 -19.11
CA MET B 722 -35.50 29.81 -19.70
C MET B 722 -34.35 29.83 -18.71
N ASN B 723 -34.65 30.17 -17.45
CA ASN B 723 -33.60 30.18 -16.43
C ASN B 723 -33.03 28.79 -16.22
N LEU B 724 -33.88 27.76 -16.18
CA LEU B 724 -33.39 26.40 -16.03
C LEU B 724 -32.55 25.98 -17.23
N ALA B 725 -32.99 26.35 -18.43
CA ALA B 725 -32.20 26.04 -19.62
C ALA B 725 -30.84 26.71 -19.56
N THR B 726 -30.79 27.96 -19.10
CA THR B 726 -29.51 28.64 -18.95
C THR B 726 -28.64 27.92 -17.92
N GLU B 727 -29.22 27.48 -16.82
CA GLU B 727 -28.45 26.76 -15.81
C GLU B 727 -27.84 25.50 -16.39
N LYS B 728 -28.61 24.76 -17.20
CA LYS B 728 -28.06 23.54 -17.81
C LYS B 728 -26.99 23.88 -18.85
N THR B 729 -27.21 24.94 -19.64
CA THR B 729 -26.21 25.34 -20.61
C THR B 729 -24.91 25.75 -19.95
N PHE B 730 -24.99 26.24 -18.72
CA PHE B 730 -23.76 26.56 -17.99
C PHE B 730 -22.95 25.29 -17.74
N ILE B 731 -23.61 24.20 -17.35
CA ILE B 731 -22.90 22.93 -17.16
C ILE B 731 -22.33 22.45 -18.48
N ASP B 732 -23.08 22.61 -19.56
CA ASP B 732 -22.58 22.21 -20.88
C ASP B 732 -21.32 22.99 -21.24
N LEU B 733 -21.33 24.31 -21.01
CA LEU B 733 -20.15 25.13 -21.28
C LEU B 733 -18.98 24.71 -20.42
N SER B 734 -19.25 24.37 -19.15
CA SER B 734 -18.18 23.89 -18.28
C SER B 734 -17.56 22.60 -18.84
N ASN B 735 -18.40 21.69 -19.33
CA ASN B 735 -17.86 20.47 -19.92
C ASN B 735 -16.99 20.77 -21.14
N GLU B 736 -17.45 21.69 -21.99
CA GLU B 736 -16.65 22.05 -23.16
C GLU B 736 -15.31 22.66 -22.75
N SER B 737 -15.32 23.53 -21.75
CA SER B 737 -14.09 24.15 -21.29
C SER B 737 -13.15 23.10 -20.70
N GLN B 738 -13.70 22.11 -20.00
CA GLN B 738 -12.85 21.04 -19.47
C GLN B 738 -12.22 20.23 -20.58
N ILE B 739 -12.98 19.99 -21.65
CA ILE B 739 -12.39 19.30 -22.81
C ILE B 739 -11.24 20.13 -23.37
N ALA B 740 -11.43 21.44 -23.48
CA ALA B 740 -10.36 22.30 -23.98
C ALA B 740 -9.13 22.22 -23.07
N ILE B 741 -9.35 22.19 -21.75
CA ILE B 741 -8.24 22.10 -20.81
C ILE B 741 -7.48 20.79 -21.02
N ASN B 742 -8.21 19.69 -21.18
CA ASN B 742 -7.56 18.42 -21.42
C ASN B 742 -6.73 18.45 -22.70
N ASN B 743 -7.28 19.04 -23.77
CA ASN B 743 -6.54 19.15 -25.01
C ASN B 743 -5.25 19.95 -24.82
N ILE B 744 -5.35 21.07 -24.11
CA ILE B 744 -4.16 21.89 -23.87
C ILE B 744 -3.12 21.10 -23.10
N ASN B 745 -3.56 20.38 -22.06
CA ASN B 745 -2.64 19.60 -21.24
C ASN B 745 -1.90 18.58 -22.09
N ASP B 746 -2.66 17.79 -22.86
CA ASP B 746 -2.03 16.74 -23.67
C ASP B 746 -1.06 17.35 -24.67
N PHE B 747 -1.49 18.41 -25.36
CA PHE B 747 -0.66 19.00 -26.39
C PHE B 747 0.66 19.51 -25.82
N LEU B 748 0.60 20.23 -24.70
CA LEU B 748 1.82 20.83 -24.17
C LEU B 748 2.71 19.78 -23.51
N ASN B 749 2.14 18.75 -22.90
CA ASN B 749 2.97 17.69 -22.35
C ASN B 749 3.72 16.96 -23.47
N LYS B 750 3.03 16.64 -24.56
CA LYS B 750 3.71 16.02 -25.69
C LYS B 750 4.78 16.95 -26.24
N SER B 751 4.49 18.24 -26.33
CA SER B 751 5.48 19.19 -26.82
C SER B 751 6.73 19.17 -25.95
N ALA B 752 6.57 19.15 -24.63
CA ALA B 752 7.73 19.12 -23.74
C ALA B 752 8.53 17.85 -23.92
N ILE B 753 7.85 16.70 -24.00
CA ILE B 753 8.58 15.44 -24.18
C ILE B 753 9.37 15.46 -25.48
N CYS B 754 8.75 15.91 -26.56
CA CYS B 754 9.44 15.93 -27.84
C CYS B 754 10.55 16.99 -27.84
N VAL B 755 10.41 18.03 -27.03
CA VAL B 755 11.51 18.99 -26.85
C VAL B 755 12.70 18.29 -26.22
N PHE B 756 12.45 17.48 -25.19
CA PHE B 756 13.55 16.71 -24.61
C PHE B 756 14.18 15.81 -25.66
N ASP B 757 13.35 15.14 -26.46
CA ASP B 757 13.88 14.20 -27.45
C ASP B 757 14.75 14.91 -28.48
N THR B 758 14.34 16.09 -28.93
CA THR B 758 14.99 16.75 -30.06
C THR B 758 15.96 17.85 -29.66
N ASN B 759 16.13 18.13 -28.36
CA ASN B 759 16.95 19.27 -27.95
C ASN B 759 17.89 19.01 -26.79
N ILE B 760 17.75 17.91 -26.04
CA ILE B 760 18.62 17.63 -24.91
C ILE B 760 19.35 16.30 -25.08
N TYR B 761 18.67 15.27 -25.55
CA TYR B 761 19.31 13.96 -25.68
C TYR B 761 20.55 14.02 -26.56
N PRO B 762 20.55 14.70 -27.71
CA PRO B 762 21.79 14.75 -28.51
C PRO B 762 22.95 15.36 -27.76
N LYS B 763 22.71 16.38 -26.93
CA LYS B 763 23.80 16.96 -26.16
C LYS B 763 24.35 15.98 -25.14
N PHE B 764 23.46 15.23 -24.48
CA PHE B 764 23.91 14.20 -23.56
C PHE B 764 24.73 13.14 -24.30
N ILE B 765 24.29 12.76 -25.50
CA ILE B 765 25.03 11.76 -26.27
C ILE B 765 26.38 12.34 -26.63
N SER B 766 26.40 13.60 -27.08
CA SER B 766 27.65 14.23 -27.47
C SER B 766 28.62 14.28 -26.29
N PHE B 767 28.13 14.70 -25.12
CA PHE B 767 28.99 14.75 -23.94
C PHE B 767 29.58 13.40 -23.54
N MET B 768 28.77 12.35 -23.56
CA MET B 768 29.27 11.03 -23.18
C MET B 768 30.16 10.45 -24.26
N GLU B 769 29.88 10.77 -25.53
CA GLU B 769 30.76 10.32 -26.61
C GLU B 769 32.19 10.80 -26.38
N GLN B 770 32.36 11.96 -25.75
CA GLN B 770 33.69 12.46 -25.42
C GLN B 770 34.23 11.87 -24.12
N CYS B 771 33.42 11.08 -23.40
CA CYS B 771 33.86 10.44 -22.17
C CYS B 771 34.07 8.94 -22.30
N ILE B 772 33.37 8.28 -23.24
CA ILE B 772 33.59 6.86 -23.45
C ILE B 772 35.02 6.61 -23.93
N ASN B 773 35.61 7.57 -24.63
CA ASN B 773 36.97 7.41 -25.09
C ASN B 773 37.93 7.25 -23.92
N SER B 774 37.76 8.06 -22.87
CA SER B 774 38.64 7.97 -21.72
C SER B 774 38.52 6.60 -21.04
N VAL B 775 37.29 6.12 -20.86
CA VAL B 775 37.08 4.82 -20.23
C VAL B 775 37.73 3.72 -21.06
N ASN B 776 37.52 3.78 -22.38
CA ASN B 776 38.11 2.77 -23.26
C ASN B 776 39.63 2.79 -23.18
N SER B 777 40.22 3.99 -23.20
CA SER B 777 41.67 4.08 -23.13
C SER B 777 42.20 3.54 -21.81
N ASN B 778 41.53 3.86 -20.70
CA ASN B 778 41.97 3.36 -19.41
C ASN B 778 41.88 1.84 -19.35
N VAL B 779 40.78 1.27 -19.86
CA VAL B 779 40.65 -0.18 -19.84
C VAL B 779 41.73 -0.83 -20.70
N THR B 780 42.00 -0.26 -21.88
CA THR B 780 43.04 -0.82 -22.74
C THR B 780 44.39 -0.76 -22.05
N ALA B 781 44.71 0.36 -21.40
CA ALA B 781 45.98 0.48 -20.70
C ALA B 781 46.10 -0.57 -19.60
N PHE B 782 45.04 -0.73 -18.81
CA PHE B 782 45.09 -1.72 -17.73
C PHE B 782 45.25 -3.13 -18.29
N ILE B 783 44.55 -3.44 -19.37
CA ILE B 783 44.66 -4.78 -19.95
C ILE B 783 46.08 -5.02 -20.45
N GLN B 784 46.66 -4.03 -21.14
CA GLN B 784 48.03 -4.18 -21.62
C GLN B 784 49.02 -4.26 -20.49
N LYS B 785 48.72 -3.69 -19.33
CA LYS B 785 49.60 -3.76 -18.18
C LYS B 785 49.58 -5.13 -17.50
N CYS B 786 48.63 -6.00 -17.86
CA CYS B 786 48.59 -7.34 -17.31
C CYS B 786 49.43 -8.29 -18.15
N THR B 787 50.26 -9.08 -17.47
CA THR B 787 51.23 -9.94 -18.14
C THR B 787 50.72 -11.35 -18.37
N ASN B 788 50.09 -11.96 -17.36
CA ASN B 788 49.62 -13.34 -17.46
C ASN B 788 48.36 -13.53 -18.30
N ILE B 789 48.51 -13.31 -19.60
CA ILE B 789 47.40 -13.46 -20.53
C ILE B 789 47.97 -13.53 -21.95
N THR B 790 47.30 -14.29 -22.81
CA THR B 790 47.73 -14.41 -24.19
C THR B 790 47.31 -13.17 -24.98
N GLU B 791 48.05 -12.90 -26.07
CA GLU B 791 47.74 -11.74 -26.89
C GLU B 791 46.34 -11.85 -27.49
N ASP B 792 45.98 -13.03 -27.97
CA ASP B 792 44.62 -13.23 -28.47
C ASP B 792 43.60 -13.02 -27.36
N GLU B 793 43.92 -13.49 -26.14
CA GLU B 793 43.03 -13.25 -25.02
C GLU B 793 42.87 -11.76 -24.75
N LYS B 794 43.97 -11.01 -24.82
CA LYS B 794 43.89 -9.57 -24.61
C LYS B 794 43.03 -8.91 -25.68
N LEU B 795 43.21 -9.32 -26.93
CA LEU B 795 42.40 -8.74 -28.01
C LEU B 795 40.92 -9.05 -27.80
N GLN B 796 40.59 -10.28 -27.45
CA GLN B 796 39.20 -10.64 -27.21
C GLN B 796 38.62 -9.84 -26.05
N LEU B 797 39.37 -9.71 -24.96
CA LEU B 797 38.88 -8.96 -23.81
C LEU B 797 38.65 -7.50 -24.18
N ILE B 798 39.57 -6.90 -24.93
CA ILE B 798 39.39 -5.51 -25.35
C ILE B 798 38.14 -5.39 -26.22
N LYS B 799 37.96 -6.33 -27.15
CA LYS B 799 36.75 -6.32 -27.97
C LYS B 799 35.49 -6.47 -27.11
N LEU B 800 35.59 -7.12 -25.97
CA LEU B 800 34.43 -7.27 -25.11
C LEU B 800 34.19 -6.04 -24.24
N ASN B 801 35.25 -5.53 -23.61
CA ASN B 801 35.13 -4.41 -22.68
C ASN B 801 35.42 -3.08 -23.38
N THR B 802 34.58 -2.76 -24.36
CA THR B 802 34.63 -1.47 -25.03
C THR B 802 33.21 -0.97 -25.22
N PHE B 803 33.02 0.33 -25.09
CA PHE B 803 31.69 0.93 -25.12
C PHE B 803 31.47 1.61 -26.47
N MET B 804 30.39 1.23 -27.13
CA MET B 804 29.91 1.94 -28.30
C MET B 804 28.83 2.93 -27.89
N ASN B 805 28.40 3.76 -28.84
CA ASN B 805 27.38 4.75 -28.54
C ASN B 805 26.14 4.09 -27.96
N ILE B 806 25.64 3.05 -28.63
CA ILE B 806 24.44 2.37 -28.19
C ILE B 806 24.56 1.80 -26.78
N ASP B 807 25.77 1.76 -26.24
CA ASP B 807 25.96 1.24 -24.89
C ASP B 807 25.49 2.21 -23.81
N PHE B 808 25.29 3.49 -24.14
CA PHE B 808 24.81 4.45 -23.17
C PHE B 808 23.60 5.22 -23.67
N GLU B 809 22.78 4.58 -24.50
CA GLU B 809 21.53 5.16 -24.98
C GLU B 809 20.40 4.57 -24.16
N PHE B 810 19.82 5.38 -23.27
CA PHE B 810 18.79 4.92 -22.36
C PHE B 810 17.43 5.53 -22.63
N PHE B 811 17.28 6.28 -23.71
CA PHE B 811 16.01 6.95 -23.97
C PHE B 811 14.89 5.93 -24.16
N ASP B 812 13.76 6.18 -23.49
CA ASP B 812 12.58 5.34 -23.59
C ASP B 812 11.38 6.27 -23.50
N ILE B 813 10.79 6.60 -24.64
CA ILE B 813 9.74 7.61 -24.67
C ILE B 813 8.58 7.22 -23.78
N GLN B 814 8.28 5.92 -23.67
CA GLN B 814 7.17 5.49 -22.84
C GLN B 814 7.49 5.65 -21.35
N SER B 815 8.74 5.44 -20.96
CA SER B 815 9.10 5.62 -19.55
C SER B 815 8.92 7.08 -19.13
N ILE B 816 9.27 8.02 -20.00
CA ILE B 816 9.06 9.43 -19.68
C ILE B 816 7.58 9.72 -19.51
N LYS B 817 6.75 9.17 -20.39
CA LYS B 817 5.32 9.41 -20.30
C LYS B 817 4.75 8.87 -19.00
N ASP B 818 5.20 7.69 -18.58
CA ASP B 818 4.77 7.12 -17.31
C ASP B 818 5.44 7.78 -16.12
N LEU B 819 6.45 8.61 -16.33
CA LEU B 819 7.13 9.31 -15.25
C LEU B 819 6.42 10.60 -14.86
N ILE B 820 5.73 11.24 -15.80
CA ILE B 820 4.99 12.46 -15.52
C ILE B 820 3.51 12.18 -15.29
N THR B 821 3.15 10.93 -14.99
CA THR B 821 1.78 10.54 -14.69
C THR B 821 1.68 10.28 -13.19
N SER B 822 0.82 11.04 -12.51
CA SER B 822 0.66 10.95 -11.08
C SER B 822 -0.58 10.12 -10.73
N GLU B 823 -0.69 9.78 -9.45
CA GLU B 823 -1.87 9.05 -8.99
C GLU B 823 -3.14 9.83 -9.27
N THR B 824 -3.07 11.16 -9.26
CA THR B 824 -4.24 11.97 -9.59
C THR B 824 -4.71 11.71 -11.01
N ASP B 825 -3.76 11.59 -11.95
CA ASP B 825 -4.13 11.31 -13.33
C ASP B 825 -4.81 9.95 -13.45
N LEU B 826 -4.27 8.95 -12.75
CA LEU B 826 -4.89 7.62 -12.78
C LEU B 826 -6.29 7.67 -12.19
N ILE B 827 -6.48 8.40 -11.10
CA ILE B 827 -7.80 8.51 -10.48
C ILE B 827 -8.77 9.20 -11.44
N LYS B 828 -8.32 10.27 -12.10
CA LYS B 828 -9.19 10.95 -13.06
C LYS B 828 -9.57 10.03 -14.20
N GLU B 829 -8.62 9.25 -14.71
CA GLU B 829 -8.94 8.30 -15.77
C GLU B 829 -9.95 7.27 -15.30
N GLU B 830 -9.77 6.75 -14.08
CA GLU B 830 -10.72 5.78 -13.54
C GLU B 830 -12.10 6.40 -13.33
N LYS B 831 -12.14 7.65 -12.88
CA LYS B 831 -13.41 8.31 -12.57
C LYS B 831 -14.05 8.95 -13.79
N GLU B 832 -13.41 8.90 -14.96
CA GLU B 832 -13.96 9.47 -16.18
C GLU B 832 -14.89 8.46 -16.83
N SER B 833 -16.14 8.87 -17.06
CA SER B 833 -17.13 7.99 -17.67
C SER B 833 -18.01 8.81 -18.62
N ASP B 834 -18.51 8.13 -19.65
CA ASP B 834 -19.39 8.74 -20.63
C ASP B 834 -20.84 8.26 -20.47
N TYR B 835 -21.16 7.59 -19.37
CA TYR B 835 -22.48 7.02 -19.15
C TYR B 835 -23.15 7.73 -17.99
N ASN B 836 -24.37 8.23 -18.22
CA ASN B 836 -25.21 8.70 -17.14
C ASN B 836 -26.07 7.59 -16.55
N LEU B 837 -26.10 6.42 -17.19
CA LEU B 837 -26.82 5.27 -16.66
C LEU B 837 -26.32 4.04 -17.41
N PHE B 838 -25.77 3.08 -16.67
CA PHE B 838 -25.28 1.83 -17.23
C PHE B 838 -25.88 0.72 -16.36
N LEU B 839 -27.02 0.20 -16.80
CA LEU B 839 -27.76 -0.76 -15.99
C LEU B 839 -26.94 -2.03 -15.76
N PHE B 840 -27.01 -2.54 -14.53
CA PHE B 840 -26.41 -3.82 -14.17
C PHE B 840 -27.46 -4.64 -13.45
N THR B 841 -27.68 -5.86 -13.92
CA THR B 841 -28.71 -6.75 -13.41
C THR B 841 -28.09 -8.08 -13.06
N LEU B 842 -28.39 -8.59 -11.87
CA LEU B 842 -27.90 -9.87 -11.41
C LEU B 842 -29.01 -10.61 -10.69
N GLN B 843 -29.13 -11.91 -10.95
CA GLN B 843 -30.17 -12.71 -10.29
C GLN B 843 -29.74 -13.22 -8.92
N GLU B 844 -28.45 -13.48 -8.74
CA GLU B 844 -27.95 -14.00 -7.46
C GLU B 844 -28.73 -15.22 -7.03
N ASP B 845 -29.04 -15.30 -5.74
CA ASP B 845 -29.84 -16.41 -5.18
C ASP B 845 -31.10 -15.80 -4.58
N ASN B 846 -32.13 -15.65 -5.40
CA ASN B 846 -33.40 -15.06 -4.96
C ASN B 846 -33.19 -13.66 -4.37
N ASN B 847 -32.15 -12.97 -4.83
CA ASN B 847 -31.81 -11.63 -4.35
C ASN B 847 -31.52 -10.72 -5.53
N LYS B 848 -32.39 -10.76 -6.54
CA LYS B 848 -32.23 -9.93 -7.73
C LYS B 848 -31.86 -8.47 -7.46
N VAL B 849 -30.75 -8.04 -8.05
CA VAL B 849 -30.28 -6.67 -7.92
C VAL B 849 -30.17 -5.98 -9.28
N ILE B 850 -30.84 -4.83 -9.40
CA ILE B 850 -30.76 -3.98 -10.59
C ILE B 850 -30.32 -2.61 -10.12
N GLU B 851 -29.22 -2.10 -10.67
CA GLU B 851 -28.72 -0.81 -10.24
C GLU B 851 -27.82 -0.20 -11.29
N ASP B 852 -27.62 1.10 -11.18
CA ASP B 852 -26.70 1.81 -12.05
C ASP B 852 -25.28 1.68 -11.51
N ILE B 853 -24.33 1.38 -12.38
CA ILE B 853 -22.94 1.23 -12.01
C ILE B 853 -22.03 2.24 -12.70
N SER B 854 -22.62 3.26 -13.34
CA SER B 854 -21.81 4.29 -13.99
C SER B 854 -21.17 5.23 -12.99
N GLY B 855 -21.61 5.22 -11.74
CA GLY B 855 -21.10 6.13 -10.73
C GLY B 855 -21.98 7.31 -10.43
N LYS B 856 -23.06 7.49 -11.21
CA LYS B 856 -23.99 8.62 -11.04
C LYS B 856 -25.12 8.22 -10.07
N ASN B 857 -25.19 6.98 -9.61
CA ASN B 857 -26.11 6.54 -8.57
C ASN B 857 -27.53 7.03 -8.86
N THR B 858 -28.08 6.54 -9.98
CA THR B 858 -29.47 6.85 -10.32
C THR B 858 -30.40 6.04 -9.44
N LEU B 859 -31.42 6.70 -8.89
CA LEU B 859 -32.39 6.03 -8.03
C LEU B 859 -33.33 5.21 -8.90
N VAL B 860 -33.34 3.90 -8.67
CA VAL B 860 -34.16 2.96 -9.44
C VAL B 860 -35.26 2.44 -8.55
N LYS B 861 -36.51 2.58 -8.99
CA LYS B 861 -37.67 2.08 -8.28
C LYS B 861 -38.38 1.07 -9.19
N TYR B 862 -38.33 -0.20 -8.81
CA TYR B 862 -38.94 -1.27 -9.59
C TYR B 862 -39.78 -2.14 -8.69
N SER B 863 -40.89 -2.65 -9.23
CA SER B 863 -41.76 -3.53 -8.47
C SER B 863 -41.14 -4.93 -8.35
N ASP B 864 -41.50 -5.63 -7.28
CA ASP B 864 -40.98 -6.97 -7.06
C ASP B 864 -41.49 -7.97 -8.11
N SER B 865 -42.52 -7.60 -8.87
CA SER B 865 -43.07 -8.51 -9.86
C SER B 865 -42.14 -8.74 -11.04
N ILE B 866 -41.15 -7.84 -11.24
CA ILE B 866 -40.24 -8.01 -12.37
C ILE B 866 -39.43 -9.28 -12.19
N SER B 867 -38.92 -9.79 -13.31
CA SER B 867 -38.09 -10.99 -13.33
C SER B 867 -36.84 -10.72 -14.16
N LEU B 868 -35.92 -11.69 -14.13
CA LEU B 868 -34.67 -11.58 -14.86
C LEU B 868 -34.44 -12.86 -15.65
N VAL B 869 -34.15 -12.71 -16.94
CA VAL B 869 -33.87 -13.83 -17.82
C VAL B 869 -32.62 -13.50 -18.63
N TYR B 870 -32.00 -14.53 -19.18
CA TYR B 870 -30.81 -14.36 -20.02
C TYR B 870 -31.29 -14.00 -21.42
N GLY B 871 -31.27 -12.72 -21.74
CA GLY B 871 -31.74 -12.27 -23.03
C GLY B 871 -30.77 -12.49 -24.16
N VAL B 872 -29.68 -11.73 -24.17
CA VAL B 872 -28.69 -11.80 -25.26
C VAL B 872 -27.34 -12.18 -24.68
N ASN B 873 -26.82 -11.35 -23.77
CA ASN B 873 -25.51 -11.58 -23.18
C ASN B 873 -25.53 -11.36 -21.67
N GLY B 874 -26.68 -11.49 -21.03
CA GLY B 874 -26.77 -11.31 -19.59
C GLY B 874 -28.21 -11.23 -19.15
N ASP B 875 -28.38 -11.01 -17.85
CA ASP B 875 -29.71 -10.87 -17.29
C ASP B 875 -30.42 -9.69 -17.94
N ALA B 876 -31.70 -9.89 -18.24
CA ALA B 876 -32.52 -8.88 -18.90
C ALA B 876 -33.81 -8.69 -18.13
N LEU B 877 -34.20 -7.43 -17.92
CA LEU B 877 -35.48 -7.15 -17.31
C LEU B 877 -36.60 -7.79 -18.13
N TYR B 878 -37.50 -8.48 -17.44
CA TYR B 878 -38.62 -9.17 -18.08
C TYR B 878 -39.91 -8.60 -17.49
N LEU B 879 -40.58 -7.74 -18.25
CA LEU B 879 -41.88 -7.21 -17.83
C LEU B 879 -42.95 -8.08 -18.44
N LYS B 880 -43.63 -8.88 -17.62
CA LYS B 880 -44.67 -9.79 -18.06
C LYS B 880 -46.05 -9.38 -17.58
N GLU B 881 -46.22 -9.18 -16.27
CA GLU B 881 -47.52 -8.83 -15.74
C GLU B 881 -47.95 -7.47 -16.31
N PRO B 882 -49.24 -7.28 -16.59
CA PRO B 882 -49.68 -5.96 -17.06
C PRO B 882 -49.48 -4.89 -16.00
N ASP B 883 -49.30 -3.65 -16.47
CA ASP B 883 -49.16 -2.50 -15.59
C ASP B 883 -47.89 -2.58 -14.74
N GLU B 884 -46.81 -3.04 -15.35
CA GLU B 884 -45.51 -3.08 -14.72
C GLU B 884 -44.69 -1.87 -15.16
N SER B 885 -44.06 -1.20 -14.21
CA SER B 885 -43.35 0.04 -14.48
C SER B 885 -41.98 0.01 -13.82
N VAL B 886 -40.99 0.57 -14.51
CA VAL B 886 -39.65 0.78 -13.98
C VAL B 886 -39.28 2.24 -14.21
N SER B 887 -38.76 2.90 -13.18
CA SER B 887 -38.44 4.32 -13.25
C SER B 887 -36.99 4.54 -12.83
N PHE B 888 -36.30 5.40 -13.56
CA PHE B 888 -34.94 5.80 -13.25
C PHE B 888 -34.91 7.30 -13.01
N SER B 889 -34.36 7.72 -11.88
CA SER B 889 -34.36 9.11 -11.47
C SER B 889 -32.93 9.65 -11.52
N ASN B 890 -32.77 10.82 -12.13
CA ASN B 890 -31.49 11.52 -12.15
C ASN B 890 -31.71 12.91 -12.69
N LYS B 891 -31.01 13.88 -12.11
CA LYS B 891 -31.15 15.27 -12.56
C LYS B 891 -30.73 15.42 -14.02
N ALA B 892 -29.66 14.73 -14.42
CA ALA B 892 -29.15 14.87 -15.77
C ALA B 892 -30.19 14.50 -16.81
N PHE B 893 -31.17 13.68 -16.45
CA PHE B 893 -32.20 13.29 -17.40
C PHE B 893 -33.12 14.44 -17.77
N GLU B 894 -33.04 15.57 -17.08
CA GLU B 894 -33.85 16.72 -17.44
C GLU B 894 -33.50 17.29 -18.81
N ASN B 895 -32.35 16.93 -19.36
CA ASN B 895 -31.93 17.37 -20.70
C ASN B 895 -31.88 18.89 -20.68
N GLY B 896 -32.54 19.58 -21.61
CA GLY B 896 -32.48 21.03 -21.67
C GLY B 896 -32.47 21.53 -23.08
N LEU B 897 -31.57 22.47 -23.38
CA LEU B 897 -31.46 23.07 -24.71
C LEU B 897 -30.18 22.69 -25.42
N THR B 898 -29.04 22.79 -24.76
CA THR B 898 -27.73 22.51 -25.35
C THR B 898 -27.10 21.36 -24.58
N ASN B 899 -27.42 20.14 -25.01
CA ASN B 899 -26.79 18.95 -24.44
C ASN B 899 -27.07 17.75 -25.33
N SER B 900 -26.03 17.01 -25.68
CA SER B 900 -26.15 15.86 -26.56
C SER B 900 -26.09 14.58 -25.74
N PHE B 901 -26.91 13.60 -26.12
CA PHE B 901 -27.02 12.36 -25.37
C PHE B 901 -27.41 11.24 -26.31
N SER B 902 -27.66 10.07 -25.75
CA SER B 902 -28.07 8.93 -26.56
C SER B 902 -28.60 7.82 -25.66
N ILE B 903 -29.57 7.09 -26.18
CA ILE B 903 -30.13 5.91 -25.53
C ILE B 903 -29.71 4.68 -26.31
N CYS B 904 -29.46 3.58 -25.61
CA CYS B 904 -29.05 2.35 -26.27
C CYS B 904 -29.55 1.16 -25.46
N PHE B 905 -30.22 0.22 -26.11
CA PHE B 905 -30.68 -0.96 -25.40
C PHE B 905 -31.06 -2.05 -26.39
N TRP B 906 -31.38 -3.22 -25.84
CA TRP B 906 -31.85 -4.37 -26.59
C TRP B 906 -33.29 -4.64 -26.19
N LEU B 907 -34.15 -4.86 -27.18
CA LEU B 907 -35.57 -5.04 -26.96
C LEU B 907 -36.04 -6.34 -27.60
N ARG B 908 -36.96 -7.02 -26.94
CA ARG B 908 -37.66 -8.16 -27.53
C ARG B 908 -39.12 -8.09 -27.10
N ASN B 909 -40.02 -8.05 -28.06
CA ASN B 909 -41.45 -7.96 -27.79
C ASN B 909 -42.08 -9.33 -28.03
N LEU B 910 -42.73 -9.87 -26.99
CA LEU B 910 -43.39 -11.16 -27.07
C LEU B 910 -44.89 -11.05 -27.28
N GLY B 911 -45.41 -9.84 -27.52
CA GLY B 911 -46.84 -9.64 -27.64
C GLY B 911 -47.33 -9.75 -29.07
N GLU B 912 -47.84 -8.65 -29.61
CA GLU B 912 -48.36 -8.62 -30.97
C GLU B 912 -47.43 -7.85 -31.89
N ILE B 914 -50.79 -5.54 -32.83
CA ILE B 914 -49.73 -4.53 -32.70
C ILE B 914 -50.33 -3.15 -32.48
N ILE B 915 -51.20 -3.05 -31.48
CA ILE B 915 -51.84 -1.78 -31.15
C ILE B 915 -50.81 -0.83 -30.57
N THR B 916 -51.12 0.46 -30.55
CA THR B 916 -50.20 1.45 -30.01
C THR B 916 -49.96 1.18 -28.52
N SER B 917 -48.71 1.35 -28.09
CA SER B 917 -48.38 1.08 -26.69
C SER B 917 -47.09 1.79 -26.33
N LYS B 918 -47.14 2.61 -25.27
CA LYS B 918 -45.95 3.32 -24.82
C LYS B 918 -44.91 2.34 -24.29
N LEU B 919 -43.63 2.64 -24.53
CA LEU B 919 -42.54 1.81 -24.05
C LEU B 919 -41.61 2.58 -23.12
N ILE B 920 -41.07 3.71 -23.56
CA ILE B 920 -40.19 4.54 -22.75
C ILE B 920 -40.54 5.99 -23.03
N GLU B 921 -40.56 6.82 -21.99
CA GLU B 921 -40.88 8.22 -22.17
C GLU B 921 -40.26 9.03 -21.05
N ASN B 922 -40.02 10.30 -21.34
CA ASN B 922 -39.61 11.30 -20.35
C ASN B 922 -40.35 12.60 -20.61
N LYS B 923 -41.63 12.51 -20.92
CA LYS B 923 -42.42 13.67 -21.31
C LYS B 923 -43.07 14.32 -20.11
N ALA B 924 -43.14 15.65 -20.14
CA ALA B 924 -43.86 16.45 -19.15
C ALA B 924 -44.89 17.28 -19.92
N ASP B 925 -46.09 16.71 -20.07
CA ASP B 925 -47.15 17.35 -20.84
C ASP B 925 -46.85 17.28 -22.33
N ASN B 926 -45.94 18.13 -22.80
CA ASN B 926 -45.57 18.14 -24.21
C ASN B 926 -44.06 18.05 -24.43
N CYS B 927 -43.26 18.71 -23.59
CA CYS B 927 -41.81 18.65 -23.77
C CYS B 927 -41.28 17.27 -23.37
N GLY B 928 -40.28 16.81 -24.10
CA GLY B 928 -39.60 15.57 -23.81
C GLY B 928 -39.53 14.69 -25.02
N TRP B 929 -39.14 13.43 -24.81
CA TRP B 929 -39.03 12.45 -25.88
C TRP B 929 -39.78 11.18 -25.48
N GLU B 930 -40.30 10.47 -26.48
CA GLU B 930 -41.15 9.32 -26.26
C GLU B 930 -40.75 8.21 -27.21
N ILE B 931 -41.08 6.97 -26.82
CA ILE B 931 -40.96 5.82 -27.70
C ILE B 931 -42.19 4.94 -27.48
N TYR B 932 -42.80 4.48 -28.56
CA TYR B 932 -43.98 3.64 -28.42
C TYR B 932 -44.14 2.78 -29.67
N PHE B 933 -44.65 1.57 -29.47
CA PHE B 933 -45.04 0.74 -30.59
C PHE B 933 -46.27 1.34 -31.26
N GLU B 934 -46.26 1.34 -32.59
CA GLU B 934 -47.40 1.78 -33.38
C GLU B 934 -47.33 1.05 -34.72
N ASN B 935 -48.43 0.43 -35.11
CA ASN B 935 -48.42 -0.43 -36.29
C ASN B 935 -47.40 -1.53 -36.03
N ASN B 936 -46.78 -2.07 -37.08
CA ASN B 936 -45.77 -3.12 -36.93
C ASN B 936 -44.37 -2.50 -36.88
N GLY B 937 -44.19 -1.61 -35.92
CA GLY B 937 -42.90 -0.93 -35.76
C GLY B 937 -42.94 -0.01 -34.57
N LEU B 938 -41.81 0.64 -34.33
CA LEU B 938 -41.68 1.62 -33.26
C LEU B 938 -41.82 3.03 -33.80
N VAL B 939 -42.01 3.98 -32.88
CA VAL B 939 -42.07 5.40 -33.21
C VAL B 939 -41.23 6.15 -32.18
N PHE B 940 -40.43 7.09 -32.65
CA PHE B 940 -39.65 7.96 -31.77
C PHE B 940 -40.13 9.38 -31.94
N SER B 941 -40.55 10.00 -30.83
CA SER B 941 -41.10 11.35 -30.85
C SER B 941 -40.30 12.24 -29.91
N ILE B 942 -39.92 13.40 -30.40
CA ILE B 942 -39.25 14.42 -29.60
C ILE B 942 -39.98 15.73 -29.81
N VAL B 943 -40.32 16.40 -28.72
CA VAL B 943 -41.13 17.62 -28.76
C VAL B 943 -40.52 18.65 -27.82
N ASP B 944 -40.45 19.89 -28.28
CA ASP B 944 -39.98 21.00 -27.48
C ASP B 944 -41.15 21.75 -26.88
N CYS B 945 -40.84 22.68 -25.98
CA CYS B 945 -41.86 23.44 -25.27
C CYS B 945 -42.44 24.57 -26.10
N ASN B 946 -42.12 24.65 -27.39
CA ASN B 946 -42.67 25.66 -28.28
C ASN B 946 -43.55 25.08 -29.37
N GLY B 947 -43.86 23.78 -29.33
CA GLY B 947 -44.77 23.16 -30.25
C GLY B 947 -44.11 22.39 -31.38
N ASN B 948 -42.84 22.64 -31.65
CA ASN B 948 -42.17 21.91 -32.72
C ASN B 948 -42.06 20.44 -32.36
N GLU B 949 -42.45 19.58 -33.30
CA GLU B 949 -42.45 18.14 -33.08
C GLU B 949 -41.61 17.46 -34.16
N GLU B 950 -41.20 16.24 -33.87
CA GLU B 950 -40.48 15.42 -34.83
C GLU B 950 -40.72 13.96 -34.47
N ASN B 951 -41.61 13.31 -35.21
CA ASN B 951 -41.97 11.91 -34.97
C ASN B 951 -41.50 11.08 -36.16
N ILE B 952 -40.73 10.04 -35.88
CA ILE B 952 -40.17 9.16 -36.90
C ILE B 952 -40.70 7.75 -36.68
N TYR B 953 -41.11 7.10 -37.76
CA TYR B 953 -41.61 5.73 -37.71
C TYR B 953 -40.50 4.79 -38.17
N LEU B 954 -40.13 3.86 -37.30
CA LEU B 954 -39.09 2.87 -37.58
C LEU B 954 -39.77 1.52 -37.77
N SER B 955 -39.77 1.03 -39.01
CA SER B 955 -40.49 -0.19 -39.35
C SER B 955 -39.66 -1.43 -39.01
N ASP B 956 -40.25 -2.60 -39.25
CA ASP B 956 -39.56 -3.88 -39.10
C ASP B 956 -39.16 -4.12 -37.64
N VAL B 957 -40.13 -4.04 -36.75
CA VAL B 957 -39.90 -4.32 -35.33
C VAL B 957 -40.91 -5.39 -34.89
N ILE B 958 -41.24 -6.29 -35.81
CA ILE B 958 -42.22 -7.34 -35.57
C ILE B 958 -41.82 -8.15 -34.34
N SER B 959 -42.81 -8.74 -33.67
CA SER B 959 -42.59 -9.42 -32.40
C SER B 959 -41.77 -10.69 -32.60
N LYS B 960 -41.28 -11.23 -31.49
CA LYS B 960 -40.52 -12.47 -31.47
C LYS B 960 -39.15 -12.32 -32.14
N ASN B 961 -38.62 -11.11 -32.14
CA ASN B 961 -37.30 -10.83 -32.69
C ASN B 961 -36.54 -9.92 -31.74
N TRP B 962 -35.23 -10.11 -31.69
CA TRP B 962 -34.36 -9.27 -30.88
C TRP B 962 -33.90 -8.07 -31.71
N TYR B 963 -34.02 -6.88 -31.15
CA TYR B 963 -33.65 -5.66 -31.84
C TYR B 963 -32.73 -4.85 -30.95
N TYR B 964 -31.82 -4.10 -31.59
CA TYR B 964 -30.82 -3.31 -30.89
C TYR B 964 -31.07 -1.84 -31.24
N ILE B 965 -31.70 -1.11 -30.33
CA ILE B 965 -32.06 0.28 -30.57
C ILE B 965 -30.95 1.17 -30.06
N SER B 966 -30.53 2.12 -30.89
CA SER B 966 -29.49 3.09 -30.54
C SER B 966 -29.89 4.44 -31.13
N ILE B 967 -30.31 5.36 -30.28
CA ILE B 967 -30.75 6.69 -30.67
C ILE B 967 -29.75 7.70 -30.15
N SER B 968 -29.39 8.66 -30.99
CA SER B 968 -28.40 9.68 -30.65
C SER B 968 -28.94 11.06 -30.97
N ILE B 969 -28.71 12.01 -30.07
CA ILE B 969 -29.05 13.41 -30.29
C ILE B 969 -27.78 14.22 -30.09
N ASP B 970 -27.28 14.79 -31.17
CA ASP B 970 -26.09 15.65 -31.15
C ASP B 970 -26.54 17.06 -31.48
N ARG B 971 -26.49 17.95 -30.49
CA ARG B 971 -26.93 19.32 -30.65
C ARG B 971 -25.84 20.24 -31.16
N LEU B 972 -24.62 19.74 -31.32
CA LEU B 972 -23.56 20.53 -31.92
C LEU B 972 -23.74 20.61 -33.44
N ARG B 973 -24.18 19.51 -34.05
CA ARG B 973 -24.49 19.48 -35.47
C ARG B 973 -25.98 19.55 -35.76
N ASN B 974 -26.82 19.56 -34.73
CA ASN B 974 -28.27 19.53 -34.90
C ASN B 974 -28.65 18.29 -35.71
N GLN B 975 -28.04 17.16 -35.35
CA GLN B 975 -28.20 15.92 -36.08
C GLN B 975 -28.81 14.84 -35.20
N LEU B 976 -29.81 14.14 -35.73
CA LEU B 976 -30.46 13.04 -35.04
C LEU B 976 -30.15 11.75 -35.79
N LEU B 977 -29.50 10.81 -35.10
CA LEU B 977 -29.13 9.52 -35.67
C LEU B 977 -29.89 8.43 -34.93
N ILE B 978 -30.55 7.55 -35.68
CA ILE B 978 -31.23 6.39 -35.12
C ILE B 978 -30.76 5.15 -35.86
N PHE B 979 -30.25 4.18 -35.11
CA PHE B 979 -29.81 2.91 -35.67
C PHE B 979 -30.69 1.80 -35.11
N ILE B 980 -30.90 0.78 -35.94
CA ILE B 980 -31.54 -0.46 -35.52
C ILE B 980 -30.65 -1.61 -35.97
N ASN B 981 -30.36 -2.53 -35.05
CA ASN B 981 -29.37 -3.57 -35.31
C ASN B 981 -28.04 -2.94 -35.66
N ASP B 982 -27.63 -3.00 -36.93
CA ASP B 982 -26.35 -2.48 -37.37
C ASP B 982 -26.53 -1.67 -38.65
N LYS B 983 -27.65 -0.96 -38.76
CA LYS B 983 -27.95 -0.16 -39.94
C LYS B 983 -28.44 1.21 -39.51
N LEU B 984 -28.25 2.19 -40.38
CA LEU B 984 -28.69 3.56 -40.14
C LEU B 984 -30.08 3.75 -40.74
N ILE B 985 -31.05 4.08 -39.90
CA ILE B 985 -32.42 4.23 -40.35
C ILE B 985 -32.76 5.69 -40.62
N ALA B 986 -32.34 6.60 -39.76
CA ALA B 986 -32.68 8.01 -39.88
C ALA B 986 -31.45 8.87 -39.62
N ASN B 987 -31.38 10.00 -40.32
CA ASN B 987 -30.35 10.99 -40.12
C ASN B 987 -30.98 12.38 -40.18
N GLN B 988 -32.09 12.56 -39.49
CA GLN B 988 -32.85 13.80 -39.59
C GLN B 988 -32.07 14.91 -38.91
N SER B 989 -32.54 16.14 -39.14
CA SER B 989 -31.95 17.33 -38.55
C SER B 989 -32.93 17.94 -37.55
N ILE B 990 -32.42 18.36 -36.40
CA ILE B 990 -33.24 18.88 -35.32
C ILE B 990 -32.88 20.33 -35.06
N GLU B 991 -32.52 21.06 -36.12
CA GLU B 991 -32.15 22.46 -35.96
C GLU B 991 -33.31 23.31 -35.45
N GLN B 992 -34.55 22.84 -35.61
CA GLN B 992 -35.72 23.58 -35.17
C GLN B 992 -36.28 23.06 -33.85
N ILE B 993 -35.54 22.20 -33.15
CA ILE B 993 -35.98 21.63 -31.89
C ILE B 993 -35.31 22.41 -30.77
N LEU B 994 -36.10 23.15 -30.01
CA LEU B 994 -35.62 24.01 -28.94
C LEU B 994 -35.62 23.22 -27.63
N ASN B 995 -35.53 23.92 -26.51
CA ASN B 995 -35.48 23.30 -25.18
C ASN B 995 -36.47 22.15 -25.06
N ILE B 996 -35.97 21.01 -24.56
CA ILE B 996 -36.80 19.84 -24.32
C ILE B 996 -36.74 19.49 -22.83
N TYR B 997 -36.52 20.49 -21.99
CA TYR B 997 -36.50 20.28 -20.55
C TYR B 997 -37.80 19.61 -20.13
N SER B 998 -37.71 18.37 -19.65
CA SER B 998 -38.91 17.57 -19.40
C SER B 998 -39.08 17.17 -17.94
N SER B 999 -38.15 16.42 -17.36
CA SER B 999 -38.34 15.90 -16.01
C SER B 999 -37.08 15.14 -15.61
N ASN B 1000 -37.01 14.78 -14.34
CA ASN B 1000 -35.85 14.12 -13.77
C ASN B 1000 -35.94 12.60 -13.80
N THR B 1001 -37.06 12.04 -14.25
CA THR B 1001 -37.27 10.60 -14.23
C THR B 1001 -37.87 10.14 -15.55
N ILE B 1002 -37.39 9.00 -16.04
CA ILE B 1002 -37.91 8.37 -17.25
C ILE B 1002 -38.54 7.05 -16.86
N SER B 1003 -39.76 6.82 -17.31
CA SER B 1003 -40.54 5.64 -16.92
C SER B 1003 -40.54 4.63 -18.05
N LEU B 1004 -40.35 3.36 -17.70
CA LEU B 1004 -40.43 2.24 -18.63
C LEU B 1004 -41.63 1.40 -18.25
N VAL B 1005 -42.54 1.19 -19.20
CA VAL B 1005 -43.80 0.51 -18.93
C VAL B 1005 -44.00 -0.60 -19.97
N ASN B 1006 -44.90 -1.53 -19.63
CA ASN B 1006 -45.23 -2.65 -20.51
C ASN B 1006 -46.57 -2.45 -21.21
N GLU B 1007 -47.63 -2.16 -20.45
CA GLU B 1007 -48.95 -1.87 -21.01
C GLU B 1007 -49.48 -3.06 -21.80
N ASN B 1008 -49.62 -4.19 -21.10
CA ASN B 1008 -50.22 -5.42 -21.60
C ASN B 1008 -49.34 -6.18 -22.59
N ASN B 1009 -48.19 -5.63 -22.97
CA ASN B 1009 -47.28 -6.29 -23.89
C ASN B 1009 -46.05 -6.78 -23.14
N PRO B 1010 -45.87 -8.09 -22.95
CA PRO B 1010 -44.64 -8.55 -22.28
C PRO B 1010 -43.42 -8.23 -23.12
N ILE B 1011 -42.31 -7.91 -22.45
CA ILE B 1011 -41.12 -7.45 -23.15
C ILE B 1011 -39.88 -7.83 -22.35
N TYR B 1012 -38.81 -8.16 -23.06
CA TYR B 1012 -37.47 -8.24 -22.52
C TYR B 1012 -36.73 -6.96 -22.88
N ILE B 1013 -36.12 -6.32 -21.88
CA ILE B 1013 -35.27 -5.15 -22.06
C ILE B 1013 -33.90 -5.48 -21.48
N GLU B 1014 -32.84 -5.26 -22.25
CA GLU B 1014 -31.50 -5.63 -21.84
C GLU B 1014 -30.52 -4.51 -22.13
N GLY B 1015 -29.52 -4.40 -21.26
CA GLY B 1015 -28.39 -3.51 -21.52
C GLY B 1015 -28.78 -2.06 -21.71
N LEU B 1016 -29.76 -1.58 -20.95
CA LEU B 1016 -30.15 -0.18 -21.07
C LEU B 1016 -28.99 0.72 -20.68
N SER B 1017 -28.74 1.74 -21.49
CA SER B 1017 -27.63 2.65 -21.29
C SER B 1017 -27.99 4.02 -21.80
N ILE B 1018 -27.60 5.04 -21.04
CA ILE B 1018 -27.81 6.45 -21.40
C ILE B 1018 -26.45 7.13 -21.38
N LEU B 1019 -26.06 7.68 -22.52
CA LEU B 1019 -24.76 8.34 -22.68
C LEU B 1019 -24.97 9.84 -22.80
N ASN B 1020 -24.01 10.59 -22.26
CA ASN B 1020 -24.05 12.05 -22.27
C ASN B 1020 -23.40 12.64 -23.51
N ARG B 1021 -23.39 11.90 -24.62
CA ARG B 1021 -22.78 12.38 -25.85
C ARG B 1021 -23.38 11.62 -27.02
N SER B 1022 -23.23 12.20 -28.21
CA SER B 1022 -23.65 11.52 -29.42
C SER B 1022 -22.70 10.37 -29.73
N ILE B 1023 -23.19 9.41 -30.52
CA ILE B 1023 -22.41 8.23 -30.88
C ILE B 1023 -22.25 8.21 -32.40
N THR B 1024 -21.25 7.45 -32.84
CA THR B 1024 -20.93 7.30 -34.24
C THR B 1024 -21.42 5.95 -34.75
N SER B 1025 -21.53 5.84 -36.07
CA SER B 1025 -21.96 4.58 -36.67
C SER B 1025 -20.96 3.47 -36.37
N GLU B 1026 -19.67 3.77 -36.40
CA GLU B 1026 -18.66 2.77 -36.09
C GLU B 1026 -18.83 2.24 -34.68
N GLU B 1027 -19.11 3.13 -33.73
CA GLU B 1027 -19.33 2.70 -32.35
C GLU B 1027 -20.52 1.75 -32.26
N VAL B 1028 -21.62 2.10 -32.93
CA VAL B 1028 -22.80 1.25 -32.88
C VAL B 1028 -22.52 -0.12 -33.47
N VAL B 1029 -21.85 -0.16 -34.62
CA VAL B 1029 -21.55 -1.44 -35.25
C VAL B 1029 -20.66 -2.28 -34.35
N ASN B 1030 -19.62 -1.67 -33.80
CA ASN B 1030 -18.69 -2.40 -32.95
C ASN B 1030 -19.42 -2.97 -31.73
N ASN B 1031 -20.23 -2.15 -31.06
CA ASN B 1031 -20.94 -2.63 -29.89
C ASN B 1031 -21.92 -3.74 -30.24
N TYR B 1032 -22.65 -3.57 -31.34
CA TYR B 1032 -23.63 -4.57 -31.74
C TYR B 1032 -22.97 -5.91 -32.01
N PHE B 1033 -21.83 -5.90 -32.70
CA PHE B 1033 -21.20 -7.16 -33.05
C PHE B 1033 -20.35 -7.74 -31.92
N SER B 1034 -19.91 -6.91 -30.97
CA SER B 1034 -19.16 -7.44 -29.84
C SER B 1034 -20.10 -8.00 -28.77
N TYR B 1035 -21.28 -7.42 -28.62
CA TYR B 1035 -22.22 -7.92 -27.61
C TYR B 1035 -22.65 -9.35 -27.94
N LEU B 1036 -22.86 -9.64 -29.23
CA LEU B 1036 -23.33 -10.94 -29.66
C LEU B 1036 -22.23 -11.98 -29.74
N ASN B 1037 -20.97 -11.59 -29.55
CA ASN B 1037 -19.85 -12.53 -29.58
C ASN B 1037 -19.68 -13.12 -28.18
N ASN B 1038 -20.50 -14.13 -27.87
CA ASN B 1038 -20.57 -14.67 -26.53
C ASN B 1038 -20.49 -16.19 -26.48
N SER B 1039 -20.09 -16.84 -27.58
CA SER B 1039 -19.92 -18.29 -27.63
C SER B 1039 -21.25 -19.04 -27.59
N TYR B 1040 -22.34 -18.39 -28.00
CA TYR B 1040 -23.66 -19.02 -28.02
C TYR B 1040 -24.21 -18.94 -29.43
N ILE B 1041 -24.83 -20.02 -29.88
CA ILE B 1041 -25.47 -20.07 -31.19
C ILE B 1041 -26.95 -19.75 -31.02
N ARG B 1042 -27.46 -18.87 -31.87
CA ARG B 1042 -28.80 -18.34 -31.73
C ARG B 1042 -29.65 -18.76 -32.92
N ASP B 1043 -30.97 -18.82 -32.70
CA ASP B 1043 -31.91 -19.05 -33.77
C ASP B 1043 -32.09 -17.77 -34.59
N ILE B 1044 -32.93 -17.83 -35.61
CA ILE B 1044 -33.13 -16.67 -36.47
C ILE B 1044 -33.72 -15.54 -35.64
N SER B 1045 -34.56 -15.90 -34.66
CA SER B 1045 -35.15 -14.88 -33.80
C SER B 1045 -34.07 -14.09 -33.06
N GLY B 1046 -33.06 -14.79 -32.55
CA GLY B 1046 -32.00 -14.18 -31.76
C GLY B 1046 -31.87 -14.83 -30.41
N GLU B 1047 -32.76 -15.73 -30.03
CA GLU B 1047 -32.66 -16.41 -28.75
C GLU B 1047 -31.64 -17.54 -28.84
N ARG B 1048 -31.10 -17.89 -27.68
CA ARG B 1048 -30.11 -18.96 -27.62
C ARG B 1048 -30.67 -20.24 -28.21
N LEU B 1049 -29.88 -20.91 -29.03
CA LEU B 1049 -30.28 -22.21 -29.58
C LEU B 1049 -30.06 -23.29 -28.53
N GLU B 1050 -31.02 -24.19 -28.40
CA GLU B 1050 -31.00 -25.21 -27.36
C GLU B 1050 -31.35 -26.56 -27.94
N TYR B 1051 -30.84 -27.61 -27.30
CA TYR B 1051 -31.04 -28.96 -27.78
C TYR B 1051 -32.44 -29.45 -27.46
N ASN B 1052 -32.87 -30.49 -28.17
CA ASN B 1052 -34.14 -31.17 -28.00
C ASN B 1052 -35.33 -30.30 -28.38
N LYS B 1053 -35.11 -29.07 -28.85
CA LYS B 1053 -36.19 -28.21 -29.28
C LYS B 1053 -36.49 -28.44 -30.75
N THR B 1054 -37.76 -28.37 -31.12
CA THR B 1054 -38.17 -28.54 -32.49
C THR B 1054 -37.89 -27.27 -33.28
N TYR B 1055 -37.23 -27.42 -34.43
CA TYR B 1055 -36.82 -26.29 -35.25
C TYR B 1055 -37.16 -26.57 -36.71
N GLU B 1056 -37.13 -25.50 -37.51
CA GLU B 1056 -37.22 -25.55 -38.96
C GLU B 1056 -35.94 -24.98 -39.54
N LEU B 1057 -35.47 -25.58 -40.63
CA LEU B 1057 -34.17 -25.26 -41.19
C LEU B 1057 -34.33 -24.43 -42.46
N TYR B 1058 -33.63 -23.30 -42.52
CA TYR B 1058 -33.64 -22.42 -43.68
C TYR B 1058 -32.20 -22.17 -44.12
N ASN B 1059 -32.03 -21.90 -45.41
CA ASN B 1059 -30.74 -21.50 -45.96
C ASN B 1059 -30.74 -19.99 -46.17
N TYR B 1060 -29.61 -19.36 -45.83
CA TYR B 1060 -29.55 -17.89 -45.89
C TYR B 1060 -29.90 -17.39 -47.29
N VAL B 1061 -29.48 -18.12 -48.32
CA VAL B 1061 -29.77 -17.68 -49.69
C VAL B 1061 -31.27 -17.66 -49.93
N PHE B 1062 -31.98 -18.68 -49.45
CA PHE B 1062 -33.44 -18.76 -49.56
C PHE B 1062 -34.04 -18.63 -48.17
N PRO B 1063 -34.42 -17.42 -47.73
CA PRO B 1063 -34.94 -17.25 -46.38
C PRO B 1063 -36.44 -17.47 -46.22
N GLU B 1064 -37.11 -18.03 -47.23
CA GLU B 1064 -38.52 -18.35 -47.12
C GLU B 1064 -38.82 -19.79 -47.48
N ASN B 1065 -37.80 -20.60 -47.73
CA ASN B 1065 -37.95 -22.00 -48.10
C ASN B 1065 -37.44 -22.87 -46.95
N SER B 1066 -38.30 -23.76 -46.48
CA SER B 1066 -37.93 -24.72 -45.44
C SER B 1066 -37.69 -26.07 -46.09
N LEU B 1067 -36.59 -26.71 -45.72
CA LEU B 1067 -36.23 -27.99 -46.32
C LEU B 1067 -37.24 -29.06 -45.94
N TYR B 1068 -37.45 -30.01 -46.85
CA TYR B 1068 -38.33 -31.13 -46.60
C TYR B 1068 -37.70 -32.40 -47.17
N GLU B 1069 -38.16 -33.53 -46.65
CA GLU B 1069 -37.61 -34.82 -47.05
C GLU B 1069 -38.20 -35.27 -48.39
N VAL B 1070 -37.37 -35.90 -49.21
CA VAL B 1070 -37.77 -36.43 -50.50
C VAL B 1070 -37.15 -37.81 -50.67
N THR B 1071 -37.96 -38.77 -51.11
CA THR B 1071 -37.50 -40.14 -51.32
C THR B 1071 -37.07 -40.30 -52.77
N GLU B 1072 -35.84 -40.73 -52.99
CA GLU B 1072 -35.32 -40.95 -54.33
C GLU B 1072 -34.36 -42.13 -54.29
N ASN B 1073 -34.55 -43.08 -55.21
CA ASN B 1073 -33.71 -44.27 -55.31
C ASN B 1073 -33.66 -45.01 -53.97
N ASN B 1074 -34.82 -45.16 -53.35
CA ASN B 1074 -34.94 -45.84 -52.06
C ASN B 1074 -34.04 -45.18 -51.01
N ASN B 1075 -33.96 -43.86 -51.05
CA ASN B 1075 -33.19 -43.10 -50.09
C ASN B 1075 -33.88 -41.76 -49.86
N ILE B 1076 -33.64 -41.17 -48.70
CA ILE B 1076 -34.32 -39.95 -48.27
C ILE B 1076 -33.29 -38.85 -48.14
N TYR B 1077 -33.48 -37.77 -48.89
CA TYR B 1077 -32.60 -36.61 -48.85
C TYR B 1077 -33.40 -35.35 -48.59
N LEU B 1078 -32.73 -34.34 -48.02
CA LEU B 1078 -33.37 -33.08 -47.71
C LEU B 1078 -33.21 -32.13 -48.88
N SER B 1079 -34.33 -31.54 -49.33
CA SER B 1079 -34.31 -30.66 -50.49
C SER B 1079 -35.16 -29.43 -50.20
N ILE B 1080 -35.17 -28.50 -51.15
CA ILE B 1080 -35.90 -27.24 -51.04
C ILE B 1080 -37.22 -27.36 -51.78
N LYS B 1081 -38.25 -26.71 -51.27
CA LYS B 1081 -39.55 -26.74 -51.93
C LYS B 1081 -39.49 -26.01 -53.26
N ASP B 1082 -40.14 -26.60 -54.27
CA ASP B 1082 -40.19 -25.98 -55.58
C ASP B 1082 -41.13 -24.78 -55.57
N THR B 1083 -41.00 -23.94 -56.60
CA THR B 1083 -41.81 -22.73 -56.67
C THR B 1083 -43.30 -23.06 -56.72
N ASN B 1084 -43.68 -24.05 -57.53
CA ASN B 1084 -45.08 -24.42 -57.64
C ASN B 1084 -45.59 -25.03 -56.34
N ASN B 1085 -44.85 -25.98 -55.79
CA ASN B 1085 -45.26 -26.68 -54.58
C ASN B 1085 -44.57 -26.07 -53.37
N LEU B 1086 -44.93 -24.83 -53.08
CA LEU B 1086 -44.38 -24.09 -51.96
C LEU B 1086 -45.33 -24.08 -50.77
N ASN B 1087 -46.26 -25.04 -50.73
CA ASN B 1087 -47.23 -25.13 -49.64
C ASN B 1087 -46.97 -26.29 -48.69
N ILE B 1088 -46.11 -27.23 -49.06
CA ILE B 1088 -45.83 -28.37 -48.20
C ILE B 1088 -45.24 -27.91 -46.89
N GLN B 1089 -45.70 -28.50 -45.79
CA GLN B 1089 -45.16 -28.17 -44.48
C GLN B 1089 -43.70 -28.57 -44.39
N GLY B 1090 -42.87 -27.67 -43.84
CA GLY B 1090 -41.46 -27.93 -43.76
C GLY B 1090 -41.13 -29.00 -42.73
N ALA B 1091 -39.98 -29.63 -42.93
CA ALA B 1091 -39.52 -30.67 -42.01
C ALA B 1091 -39.10 -30.06 -40.68
N LYS B 1092 -39.26 -30.84 -39.61
CA LYS B 1092 -38.93 -30.41 -38.26
C LYS B 1092 -37.72 -31.18 -37.76
N PHE B 1093 -36.78 -30.46 -37.15
CA PHE B 1093 -35.50 -31.02 -36.75
C PHE B 1093 -35.37 -31.01 -35.23
N LYS B 1094 -34.31 -31.68 -34.76
CA LYS B 1094 -33.96 -31.72 -33.36
C LYS B 1094 -32.46 -31.90 -33.26
N LEU B 1095 -31.83 -31.23 -32.30
CA LEU B 1095 -30.39 -31.30 -32.10
C LEU B 1095 -30.11 -32.10 -30.84
N ILE B 1096 -29.36 -33.19 -30.99
CA ILE B 1096 -28.98 -34.03 -29.88
C ILE B 1096 -27.51 -33.78 -29.57
N ASN B 1097 -27.09 -34.17 -28.37
CA ASN B 1097 -25.72 -33.98 -27.93
C ASN B 1097 -25.28 -35.19 -27.11
N ILE B 1098 -23.96 -35.38 -27.03
CA ILE B 1098 -23.42 -36.47 -26.24
C ILE B 1098 -23.82 -36.32 -24.78
N ASP B 1099 -23.68 -35.11 -24.24
CA ASP B 1099 -24.09 -34.81 -22.87
C ASP B 1099 -25.53 -34.33 -22.92
N ALA B 1100 -26.47 -35.27 -22.78
CA ALA B 1100 -27.88 -34.94 -22.90
C ALA B 1100 -28.33 -33.92 -21.85
N ASN B 1101 -27.59 -33.79 -20.75
CA ASN B 1101 -27.95 -32.79 -19.74
C ASN B 1101 -27.84 -31.38 -20.33
N LYS B 1102 -26.84 -31.14 -21.18
CA LYS B 1102 -26.65 -29.81 -21.75
C LYS B 1102 -27.90 -29.37 -22.49
N GLN B 1103 -28.26 -28.10 -22.31
CA GLN B 1103 -29.46 -27.53 -22.91
C GLN B 1103 -29.15 -26.49 -23.97
N TYR B 1104 -28.29 -25.53 -23.66
CA TYR B 1104 -28.02 -24.41 -24.57
C TYR B 1104 -26.80 -24.71 -25.42
N VAL B 1105 -26.96 -24.54 -26.74
CA VAL B 1105 -25.90 -24.88 -27.68
C VAL B 1105 -24.75 -23.88 -27.55
N GLN B 1106 -23.53 -24.37 -27.73
CA GLN B 1106 -22.34 -23.55 -27.69
C GLN B 1106 -21.54 -23.78 -28.96
N LYS B 1107 -20.67 -22.82 -29.28
CA LYS B 1107 -19.86 -22.93 -30.49
C LYS B 1107 -18.91 -24.11 -30.39
N TRP B 1108 -18.66 -24.75 -31.53
CA TRP B 1108 -17.77 -25.90 -31.65
C TRP B 1108 -18.37 -27.15 -31.05
N ASP B 1109 -19.62 -27.11 -30.59
CA ASP B 1109 -20.24 -28.29 -30.01
C ASP B 1109 -20.43 -29.37 -31.05
N GLU B 1110 -20.17 -30.61 -30.67
CA GLU B 1110 -20.40 -31.77 -31.52
C GLU B 1110 -21.70 -32.44 -31.09
N GLY B 1111 -22.58 -32.69 -32.06
CA GLY B 1111 -23.87 -33.27 -31.77
C GLY B 1111 -24.40 -34.05 -32.95
N VAL B 1112 -25.60 -34.60 -32.77
CA VAL B 1112 -26.27 -35.42 -33.77
C VAL B 1112 -27.60 -34.76 -34.08
N VAL B 1113 -27.90 -34.61 -35.36
CA VAL B 1113 -29.15 -33.99 -35.79
C VAL B 1113 -30.23 -35.07 -35.88
N CYS B 1114 -31.31 -34.88 -35.13
CA CYS B 1114 -32.44 -35.80 -35.10
C CYS B 1114 -33.59 -35.22 -35.89
N LEU B 1115 -34.16 -36.03 -36.77
CA LEU B 1115 -35.29 -35.62 -37.61
C LEU B 1115 -36.48 -36.51 -37.30
N LEU B 1116 -37.65 -35.89 -37.12
CA LEU B 1116 -38.85 -36.63 -36.78
C LEU B 1116 -39.57 -37.12 -38.04
N ASP B 1118 -41.59 -40.13 -37.31
CA ASP B 1118 -42.22 -41.43 -37.11
C ASP B 1118 -41.19 -42.46 -36.66
N GLU B 1119 -40.12 -42.60 -37.44
CA GLU B 1119 -39.07 -43.56 -37.14
C GLU B 1119 -37.87 -42.94 -36.44
N GLU B 1120 -37.93 -41.67 -36.08
CA GLU B 1120 -36.82 -40.99 -35.41
C GLU B 1120 -35.56 -41.06 -36.26
N LYS B 1121 -35.62 -40.40 -37.42
CA LYS B 1121 -34.51 -40.45 -38.36
C LYS B 1121 -33.31 -39.67 -37.82
N TYR B 1122 -32.14 -39.95 -38.40
CA TYR B 1122 -30.91 -39.27 -38.05
C TYR B 1122 -30.15 -38.92 -39.33
N VAL B 1123 -29.29 -37.93 -39.24
CA VAL B 1123 -28.58 -37.40 -40.41
C VAL B 1123 -27.33 -38.24 -40.66
N ASP B 1124 -27.17 -38.70 -41.90
CA ASP B 1124 -25.95 -39.36 -42.33
C ASP B 1124 -25.53 -38.76 -43.65
N ILE B 1125 -24.24 -38.90 -44.00
CA ILE B 1125 -23.68 -38.34 -45.22
C ILE B 1125 -23.44 -39.49 -46.19
N SER B 1126 -24.14 -39.47 -47.31
CA SER B 1126 -24.00 -40.52 -48.30
C SER B 1126 -22.60 -40.52 -48.90
N SER B 1127 -22.03 -41.72 -49.05
CA SER B 1127 -20.69 -41.87 -49.60
C SER B 1127 -20.68 -42.06 -51.10
N GLU B 1128 -21.85 -42.09 -51.74
CA GLU B 1128 -21.94 -42.26 -53.19
C GLU B 1128 -22.13 -40.94 -53.93
N ASN B 1129 -22.98 -40.06 -53.42
CA ASN B 1129 -23.27 -38.80 -54.07
C ASN B 1129 -22.96 -37.59 -53.20
N ASN B 1130 -22.50 -37.79 -51.97
CA ASN B 1130 -22.16 -36.74 -51.01
C ASN B 1130 -23.39 -36.01 -50.47
N ARG B 1131 -24.59 -36.35 -50.93
CA ARG B 1131 -25.78 -35.74 -50.36
C ARG B 1131 -26.00 -36.24 -48.93
N ILE B 1132 -26.82 -35.49 -48.20
CA ILE B 1132 -27.16 -35.85 -46.82
C ILE B 1132 -28.43 -36.69 -46.87
N GLN B 1133 -28.33 -37.93 -46.40
CA GLN B 1133 -29.47 -38.84 -46.34
C GLN B 1133 -29.86 -39.07 -44.89
N LEU B 1134 -30.93 -39.84 -44.69
CA LEU B 1134 -31.49 -40.08 -43.38
C LEU B 1134 -31.46 -41.57 -43.08
N VAL B 1135 -30.96 -41.93 -41.90
CA VAL B 1135 -30.81 -43.31 -41.48
C VAL B 1135 -31.49 -43.47 -40.12
N ASN B 1136 -32.20 -44.59 -39.96
CA ASN B 1136 -32.94 -44.86 -38.71
C ASN B 1136 -32.05 -45.55 -37.68
N SER B 1137 -30.90 -44.94 -37.37
CA SER B 1137 -30.00 -45.51 -36.39
C SER B 1137 -29.00 -44.44 -35.96
N LYS B 1138 -28.91 -44.20 -34.65
CA LYS B 1138 -27.96 -43.22 -34.15
C LYS B 1138 -26.52 -43.68 -34.29
N ASP B 1139 -26.30 -44.99 -34.41
CA ASP B 1139 -24.93 -45.49 -34.54
C ASP B 1139 -24.30 -45.05 -35.85
N THR B 1140 -25.07 -45.08 -36.94
CA THR B 1140 -24.57 -44.70 -38.25
C THR B 1140 -24.62 -43.20 -38.52
N ALA B 1141 -25.28 -42.44 -37.66
CA ALA B 1141 -25.39 -41.00 -37.87
C ALA B 1141 -24.05 -40.31 -37.61
N LYS B 1142 -23.79 -39.27 -38.40
CA LYS B 1142 -22.54 -38.54 -38.27
C LYS B 1142 -22.58 -37.59 -37.08
N ARG B 1143 -21.40 -37.20 -36.63
CA ARG B 1143 -21.25 -36.25 -35.52
C ARG B 1143 -20.90 -34.90 -36.12
N ILE B 1144 -21.89 -34.03 -36.21
CA ILE B 1144 -21.74 -32.72 -36.85
C ILE B 1144 -21.23 -31.73 -35.82
N ILE B 1145 -20.49 -30.74 -36.29
CA ILE B 1145 -19.95 -29.67 -35.45
C ILE B 1145 -20.71 -28.40 -35.77
N PHE B 1146 -21.18 -27.70 -34.73
CA PHE B 1146 -21.96 -26.49 -34.89
C PHE B 1146 -21.10 -25.27 -34.65
N ASN B 1147 -21.26 -24.25 -35.49
CA ASN B 1147 -20.54 -23.00 -35.31
C ASN B 1147 -21.38 -21.88 -35.89
N ASN B 1148 -20.79 -20.70 -36.06
CA ASN B 1148 -21.49 -19.56 -36.62
C ASN B 1148 -20.46 -18.49 -36.99
N ASP B 1149 -20.88 -17.58 -37.85
CA ASP B 1149 -20.04 -16.45 -38.25
C ASP B 1149 -20.33 -15.24 -37.37
N ILE B 1150 -19.26 -14.52 -37.03
CA ILE B 1150 -19.40 -13.39 -36.12
C ILE B 1150 -20.31 -12.32 -36.72
N PHE B 1151 -20.15 -12.04 -38.02
CA PHE B 1151 -20.90 -10.99 -38.69
C PHE B 1151 -22.27 -11.45 -39.19
N MET B 1152 -22.66 -12.71 -38.94
CA MET B 1152 -23.99 -13.20 -39.26
C MET B 1152 -24.52 -13.91 -38.00
N PRO B 1153 -24.85 -13.15 -36.96
CA PRO B 1153 -25.00 -13.76 -35.62
C PRO B 1153 -26.10 -14.80 -35.54
N ASN B 1154 -27.19 -14.63 -36.27
CA ASN B 1154 -28.37 -15.47 -36.06
C ASN B 1154 -28.39 -16.67 -36.99
N CYS B 1155 -27.35 -16.86 -37.79
CA CYS B 1155 -27.27 -18.01 -38.69
C CYS B 1155 -26.05 -18.85 -38.33
N LEU B 1156 -26.22 -20.18 -38.31
CA LEU B 1156 -25.19 -21.12 -37.88
C LEU B 1156 -24.66 -21.92 -39.07
N THR B 1157 -23.57 -22.66 -38.83
CA THR B 1157 -22.92 -23.46 -39.85
C THR B 1157 -22.65 -24.86 -39.31
N PHE B 1158 -22.92 -25.86 -40.14
CA PHE B 1158 -22.61 -27.23 -39.82
C PHE B 1158 -21.27 -27.62 -40.46
N ALA B 1159 -20.52 -28.47 -39.77
CA ALA B 1159 -19.23 -28.92 -40.27
C ALA B 1159 -19.07 -30.41 -40.02
N TYR B 1160 -18.36 -31.07 -40.92
CA TYR B 1160 -18.00 -32.48 -40.76
C TYR B 1160 -16.67 -32.70 -41.46
N ASN B 1161 -15.68 -33.18 -40.72
CA ASN B 1161 -14.34 -33.40 -41.25
C ASN B 1161 -13.76 -32.10 -41.81
N ASN B 1162 -14.08 -30.97 -41.18
CA ASN B 1162 -13.64 -29.65 -41.60
C ASN B 1162 -14.27 -29.23 -42.93
N LYS B 1163 -15.39 -29.83 -43.30
CA LYS B 1163 -16.11 -29.49 -44.52
C LYS B 1163 -17.49 -28.96 -44.15
N TYR B 1164 -17.84 -27.78 -44.65
CA TYR B 1164 -19.11 -27.15 -44.31
C TYR B 1164 -20.23 -27.76 -45.14
N LEU B 1165 -21.33 -28.10 -44.48
CA LEU B 1165 -22.53 -28.50 -45.20
C LEU B 1165 -23.16 -27.29 -45.87
N SER B 1166 -23.69 -27.50 -47.08
CA SER B 1166 -24.24 -26.39 -47.86
C SER B 1166 -25.24 -26.95 -48.86
N LEU B 1167 -25.90 -26.04 -49.57
CA LEU B 1167 -26.85 -26.41 -50.60
C LEU B 1167 -26.11 -26.73 -51.90
N SER B 1168 -26.88 -27.12 -52.93
CA SER B 1168 -26.34 -27.48 -54.22
C SER B 1168 -27.14 -26.79 -55.31
N LEU B 1169 -26.53 -26.68 -56.49
CA LEU B 1169 -27.18 -26.04 -57.62
C LEU B 1169 -28.47 -26.78 -57.96
N ARG B 1170 -29.32 -26.12 -58.74
CA ARG B 1170 -30.61 -26.69 -59.12
C ARG B 1170 -30.41 -28.02 -59.83
N ASP B 1171 -31.29 -28.97 -59.54
CA ASP B 1171 -31.28 -30.29 -60.18
C ASP B 1171 -32.75 -30.70 -60.37
N ARG B 1172 -33.27 -30.38 -61.56
CA ARG B 1172 -34.66 -30.70 -61.93
C ARG B 1172 -35.61 -30.45 -60.77
N ASN B 1173 -35.64 -29.19 -60.33
CA ASN B 1173 -36.57 -28.73 -59.29
C ASN B 1173 -36.18 -29.28 -57.91
N TYR B 1174 -34.88 -29.28 -57.61
CA TYR B 1174 -34.40 -29.71 -56.31
C TYR B 1174 -33.11 -28.96 -55.99
N ASN B 1175 -32.84 -28.83 -54.69
CA ASN B 1175 -31.60 -28.19 -54.21
C ASN B 1175 -31.19 -28.97 -52.96
N TRP B 1176 -30.32 -29.95 -53.14
CA TRP B 1176 -30.00 -30.89 -52.09
C TRP B 1176 -29.06 -30.29 -51.05
N MET B 1177 -29.09 -30.87 -49.86
CA MET B 1177 -28.14 -30.55 -48.80
C MET B 1177 -26.94 -31.48 -48.93
N ILE B 1178 -25.76 -30.90 -49.08
CA ILE B 1178 -24.56 -31.66 -49.42
C ILE B 1178 -23.41 -31.27 -48.51
N CYS B 1179 -22.37 -32.11 -48.53
CA CYS B 1179 -21.08 -31.79 -47.93
C CYS B 1179 -20.17 -31.28 -49.04
N ASN B 1180 -20.22 -29.96 -49.25
CA ASN B 1180 -19.54 -29.36 -50.40
C ASN B 1180 -18.06 -29.14 -50.24
N ASN B 1181 -17.32 -29.32 -51.34
CA ASN B 1181 -15.91 -28.97 -51.41
C ASN B 1181 -15.60 -28.07 -52.60
N ASN B 1182 -16.49 -27.99 -53.59
CA ASN B 1182 -16.26 -27.14 -54.74
C ASN B 1182 -16.27 -25.67 -54.35
N ASP B 1183 -15.48 -24.87 -55.05
CA ASP B 1183 -15.41 -23.43 -54.81
C ASP B 1183 -16.40 -22.65 -55.67
N ASN B 1184 -17.15 -23.32 -56.54
CA ASN B 1184 -18.10 -22.64 -57.40
C ASN B 1184 -19.41 -22.30 -56.69
N ILE B 1185 -19.64 -22.83 -55.50
CA ILE B 1185 -20.83 -22.53 -54.71
C ILE B 1185 -20.54 -21.29 -53.87
N PRO B 1186 -21.41 -20.27 -53.88
CA PRO B 1186 -21.13 -19.07 -53.09
C PRO B 1186 -20.97 -19.40 -51.61
N LYS B 1187 -20.07 -18.68 -50.95
CA LYS B 1187 -19.79 -18.92 -49.54
C LYS B 1187 -20.98 -18.62 -48.64
N ALA B 1188 -21.99 -17.92 -49.15
CA ALA B 1188 -23.19 -17.65 -48.37
C ALA B 1188 -24.17 -18.82 -48.37
N ALA B 1189 -23.91 -19.86 -49.17
CA ALA B 1189 -24.79 -21.01 -49.23
C ALA B 1189 -24.58 -22.00 -48.10
N HIS B 1190 -23.49 -21.87 -47.34
CA HIS B 1190 -23.21 -22.76 -46.21
C HIS B 1190 -23.56 -22.11 -44.87
N LEU B 1191 -24.48 -21.15 -44.88
CA LEU B 1191 -24.95 -20.50 -43.66
C LEU B 1191 -26.42 -20.84 -43.48
N TRP B 1192 -26.76 -21.45 -42.35
CA TRP B 1192 -28.10 -21.92 -42.09
C TRP B 1192 -28.74 -21.15 -40.94
N ALA B 1193 -30.06 -21.25 -40.86
CA ALA B 1193 -30.83 -20.62 -39.80
C ALA B 1193 -31.87 -21.59 -39.29
N LEU B 1194 -32.07 -21.59 -37.97
CA LEU B 1194 -33.05 -22.43 -37.32
C LEU B 1194 -34.15 -21.56 -36.74
N LYS B 1195 -35.40 -21.88 -37.03
CA LYS B 1195 -36.55 -21.11 -36.59
C LYS B 1195 -37.39 -21.96 -35.65
N GLY B 1196 -37.79 -21.38 -34.52
CA GLY B 1196 -38.60 -22.08 -33.55
C GLY B 1196 -39.92 -22.55 -34.13
N ILE B 1197 -40.23 -23.84 -33.96
CA ILE B 1197 -41.46 -24.41 -34.47
C ILE B 1197 -42.33 -24.87 -33.31
N THR C 22 -24.82 -27.07 39.56
CA THR C 22 -26.22 -26.66 39.59
C THR C 22 -26.43 -25.56 40.62
N ILE C 23 -26.67 -24.34 40.13
CA ILE C 23 -26.87 -23.19 41.00
C ILE C 23 -28.35 -23.07 41.34
N ASP C 24 -28.62 -22.38 42.45
CA ASP C 24 -29.98 -22.17 42.92
C ASP C 24 -30.50 -20.77 42.62
N LEU C 25 -29.81 -20.02 41.77
CA LEU C 25 -30.21 -18.65 41.46
C LEU C 25 -31.29 -18.66 40.38
N ALA C 26 -31.61 -17.48 39.86
CA ALA C 26 -32.60 -17.33 38.81
C ALA C 26 -31.91 -17.36 37.45
N ASP C 27 -32.72 -17.31 36.39
CA ASP C 27 -32.19 -17.35 35.05
C ASP C 27 -31.51 -16.03 34.69
N GLY C 28 -30.77 -16.05 33.59
CA GLY C 28 -30.04 -14.89 33.13
C GLY C 28 -28.56 -15.00 33.41
N ASN C 29 -27.83 -13.97 33.01
CA ASN C 29 -26.39 -13.91 33.18
C ASN C 29 -26.02 -13.52 34.61
N TYR C 30 -24.75 -13.76 34.95
CA TYR C 30 -24.24 -13.39 36.26
C TYR C 30 -22.75 -13.12 36.14
N VAL C 31 -22.22 -12.39 37.12
CA VAL C 31 -20.79 -12.15 37.25
C VAL C 31 -20.36 -12.80 38.55
N VAL C 32 -19.35 -13.67 38.47
CA VAL C 32 -18.93 -14.49 39.60
C VAL C 32 -17.45 -14.27 39.84
N SER C 33 -17.06 -14.24 41.12
CA SER C 33 -15.67 -14.10 41.53
C SER C 33 -15.33 -15.21 42.49
N ARG C 34 -14.69 -16.28 41.99
CA ARG C 34 -14.28 -17.37 42.85
C ARG C 34 -13.22 -16.96 43.86
N GLY C 35 -12.60 -15.81 43.68
CA GLY C 35 -11.67 -15.27 44.64
C GLY C 35 -10.23 -15.41 44.20
N ASP C 36 -9.33 -15.11 45.14
CA ASP C 36 -7.89 -15.14 44.92
C ASP C 36 -7.30 -16.39 45.54
N GLY C 37 -6.17 -16.82 44.98
CA GLY C 37 -5.46 -17.97 45.51
C GLY C 37 -5.60 -19.20 44.64
N TRP C 38 -5.75 -19.01 43.33
CA TRP C 38 -5.85 -20.09 42.38
C TRP C 38 -4.50 -20.34 41.73
N ILE C 39 -4.15 -21.61 41.55
CA ILE C 39 -2.93 -22.01 40.86
C ILE C 39 -3.33 -22.85 39.66
N LEU C 40 -2.86 -22.47 38.47
CA LEU C 40 -3.20 -23.20 37.26
C LEU C 40 -2.57 -24.59 37.30
N SER C 41 -2.87 -25.38 36.28
CA SER C 41 -2.42 -26.77 36.19
C SER C 41 -1.21 -26.85 35.28
N ARG C 42 -0.19 -27.58 35.73
CA ARG C 42 1.04 -27.88 35.02
C ARG C 42 2.00 -26.70 34.97
N GLN C 43 1.61 -25.51 35.42
CA GLN C 43 2.53 -24.38 35.50
C GLN C 43 3.14 -24.28 36.90
N ASN C 44 3.71 -25.38 37.38
CA ASN C 44 4.19 -25.45 38.75
C ASN C 44 5.67 -25.06 38.86
N GLN C 45 6.53 -25.78 38.13
CA GLN C 45 7.97 -25.63 38.25
C GLN C 45 8.57 -24.77 37.16
N ILE C 46 7.75 -24.10 36.34
CA ILE C 46 8.28 -23.33 35.23
C ILE C 46 9.19 -22.21 35.72
N LEU C 47 8.86 -21.62 36.87
CA LEU C 47 9.67 -20.55 37.41
C LEU C 47 10.95 -21.04 38.07
N GLY C 48 11.08 -22.35 38.30
CA GLY C 48 12.27 -22.90 38.92
C GLY C 48 12.15 -22.96 40.43
N GLY C 49 13.18 -23.55 41.04
CA GLY C 49 13.23 -23.70 42.48
C GLY C 49 14.62 -23.43 43.01
N SER C 50 14.73 -23.45 44.33
CA SER C 50 15.97 -23.16 45.03
C SER C 50 16.24 -24.26 46.05
N VAL C 51 17.52 -24.55 46.24
CA VAL C 51 17.98 -25.60 47.15
C VAL C 51 18.84 -24.96 48.23
N ILE C 52 18.54 -25.27 49.47
CA ILE C 52 19.25 -24.74 50.63
C ILE C 52 19.79 -25.90 51.44
N SER C 53 20.88 -25.65 52.16
CA SER C 53 21.53 -26.71 52.92
C SER C 53 22.21 -26.13 54.15
N ASN C 54 22.39 -26.98 55.16
CA ASN C 54 23.24 -26.71 56.32
C ASN C 54 22.92 -25.36 56.96
N GLY C 55 21.69 -25.23 57.42
CA GLY C 55 21.30 -24.09 58.23
C GLY C 55 21.24 -22.77 57.49
N SER C 56 21.37 -22.76 56.17
CA SER C 56 21.30 -21.52 55.42
C SER C 56 19.84 -21.07 55.30
N THR C 57 19.67 -19.83 54.84
CA THR C 57 18.36 -19.24 54.64
C THR C 57 18.22 -18.83 53.18
N GLY C 58 17.08 -19.13 52.58
CA GLY C 58 16.82 -18.78 51.21
C GLY C 58 15.57 -17.93 51.06
N ILE C 59 15.70 -16.84 50.30
CA ILE C 59 14.59 -15.93 50.04
C ILE C 59 14.37 -15.88 48.54
N VAL C 60 13.15 -16.20 48.11
CA VAL C 60 12.75 -16.04 46.72
C VAL C 60 11.61 -15.05 46.69
N GLY C 61 11.28 -14.58 45.48
CA GLY C 61 10.21 -13.61 45.36
C GLY C 61 10.12 -13.09 43.94
N ASP C 62 9.27 -12.09 43.77
CA ASP C 62 9.01 -11.54 42.45
C ASP C 62 8.36 -10.18 42.59
N LEU C 63 8.25 -9.48 41.47
CA LEU C 63 7.59 -8.19 41.38
C LEU C 63 6.59 -8.24 40.24
N ARG C 64 5.31 -8.19 40.57
CA ARG C 64 4.24 -8.25 39.57
C ARG C 64 4.12 -6.88 38.92
N VAL C 65 4.85 -6.68 37.83
CA VAL C 65 4.94 -5.37 37.20
C VAL C 65 4.50 -5.44 35.74
N ASN C 66 5.22 -6.20 34.93
CA ASN C 66 4.94 -6.24 33.50
C ASN C 66 5.51 -7.54 32.94
N ASP C 67 4.88 -8.03 31.87
CA ASP C 67 5.25 -9.30 31.27
C ASP C 67 4.78 -10.46 32.14
N ASN C 68 4.24 -10.17 33.32
CA ASN C 68 3.71 -11.18 34.22
C ASN C 68 2.38 -10.78 34.85
N ALA C 69 1.87 -9.58 34.55
CA ALA C 69 0.59 -9.10 35.06
C ALA C 69 -0.47 -9.04 33.97
N ILE C 70 -0.34 -9.85 32.93
CA ILE C 70 -1.29 -9.86 31.83
C ILE C 70 -2.35 -10.93 32.12
N PRO C 71 -3.62 -10.57 32.23
CA PRO C 71 -4.65 -11.58 32.51
C PRO C 71 -4.80 -12.58 31.37
N TYR C 72 -5.26 -13.76 31.73
CA TYR C 72 -5.56 -14.83 30.77
C TYR C 72 -7.06 -14.93 30.60
N TYR C 73 -7.52 -14.84 29.36
CA TYR C 73 -8.93 -14.90 29.02
C TYR C 73 -9.26 -16.26 28.42
N TYR C 74 -10.36 -16.85 28.89
CA TYR C 74 -10.90 -18.09 28.32
C TYR C 74 -12.38 -17.81 28.09
N PRO C 75 -12.72 -17.21 26.95
CA PRO C 75 -14.10 -16.79 26.71
C PRO C 75 -14.92 -17.84 25.96
N THR C 76 -16.20 -17.54 25.84
CA THR C 76 -17.18 -18.33 25.11
C THR C 76 -17.91 -17.40 24.16
N PRO C 77 -18.48 -17.91 23.08
CA PRO C 77 -19.08 -17.01 22.09
C PRO C 77 -20.05 -16.00 22.66
N SER C 78 -20.82 -16.37 23.69
CA SER C 78 -21.71 -15.41 24.32
C SER C 78 -20.93 -14.28 24.97
N PHE C 79 -19.81 -14.60 25.62
CA PHE C 79 -19.01 -13.63 26.37
C PHE C 79 -17.65 -13.48 25.71
N ASN C 80 -17.41 -12.31 25.11
CA ASN C 80 -16.12 -12.03 24.50
C ASN C 80 -15.21 -11.32 25.49
N GLU C 81 -13.98 -11.03 25.06
CA GLU C 81 -12.99 -10.48 25.97
C GLU C 81 -13.43 -9.12 26.51
N GLU C 82 -13.93 -8.25 25.63
CA GLU C 82 -14.35 -6.93 26.09
C GLU C 82 -15.49 -7.02 27.08
N TYR C 83 -16.47 -7.90 26.81
CA TYR C 83 -17.58 -8.08 27.74
C TYR C 83 -17.08 -8.46 29.11
N ILE C 84 -16.22 -9.48 29.18
CA ILE C 84 -15.70 -9.95 30.46
C ILE C 84 -14.94 -8.83 31.17
N LYS C 85 -14.03 -8.18 30.45
CA LYS C 85 -13.20 -7.15 31.07
C LYS C 85 -14.06 -6.04 31.66
N ASN C 86 -14.97 -5.49 30.86
CA ASN C 86 -15.80 -4.39 31.33
C ASN C 86 -16.65 -4.82 32.51
N ASN C 87 -17.30 -5.98 32.41
CA ASN C 87 -18.22 -6.38 33.47
C ASN C 87 -17.49 -6.60 34.78
N ILE C 88 -16.34 -7.28 34.75
CA ILE C 88 -15.62 -7.51 36.00
C ILE C 88 -15.04 -6.22 36.54
N GLN C 89 -14.47 -5.38 35.68
CA GLN C 89 -13.84 -4.16 36.18
C GLN C 89 -14.87 -3.23 36.79
N THR C 90 -16.08 -3.19 36.24
CA THR C 90 -17.11 -2.31 36.79
C THR C 90 -17.47 -2.70 38.22
N VAL C 91 -17.58 -3.99 38.48
CA VAL C 91 -18.04 -4.47 39.79
C VAL C 91 -16.87 -4.76 40.72
N PHE C 92 -15.86 -5.49 40.24
CA PHE C 92 -14.74 -5.89 41.06
C PHE C 92 -13.52 -5.01 40.76
N ALA C 93 -12.39 -5.37 41.35
CA ALA C 93 -11.20 -4.55 41.27
C ALA C 93 -10.79 -4.30 39.83
N ASN C 94 -10.41 -3.06 39.54
CA ASN C 94 -9.93 -2.68 38.21
C ASN C 94 -8.47 -3.09 38.10
N PHE C 95 -8.19 -4.13 37.31
CA PHE C 95 -6.84 -4.64 37.18
C PHE C 95 -6.06 -3.96 36.08
N THR C 96 -6.74 -3.35 35.11
CA THR C 96 -6.04 -2.68 34.02
C THR C 96 -5.19 -1.53 34.56
N GLU C 97 -5.74 -0.74 35.46
CA GLU C 97 -4.98 0.35 36.07
C GLU C 97 -3.84 -0.20 36.94
N ALA C 98 -4.12 -1.24 37.73
CA ALA C 98 -3.12 -1.80 38.63
C ALA C 98 -2.01 -2.53 37.90
N ASN C 99 -2.19 -2.85 36.62
CA ASN C 99 -1.18 -3.60 35.88
C ASN C 99 0.12 -2.82 35.71
N GLN C 100 0.14 -1.52 35.97
CA GLN C 100 1.32 -0.70 35.77
C GLN C 100 2.04 -0.35 37.06
N ILE C 101 1.45 -0.64 38.22
CA ILE C 101 2.03 -0.28 39.51
C ILE C 101 2.71 -1.53 40.07
N PRO C 102 4.04 -1.59 40.14
CA PRO C 102 4.69 -2.81 40.63
C PRO C 102 4.32 -3.12 42.08
N ILE C 103 4.16 -4.41 42.36
CA ILE C 103 3.97 -4.93 43.70
C ILE C 103 4.89 -6.13 43.87
N GLY C 104 5.59 -6.19 45.00
CA GLY C 104 6.58 -7.22 45.24
C GLY C 104 6.17 -8.15 46.37
N PHE C 105 6.51 -9.42 46.22
CA PHE C 105 6.29 -10.41 47.28
C PHE C 105 7.53 -11.28 47.42
N GLU C 106 7.71 -11.84 48.61
CA GLU C 106 8.90 -12.63 48.90
C GLU C 106 8.60 -13.64 50.00
N PHE C 107 9.12 -14.85 49.80
CA PHE C 107 9.07 -15.92 50.78
C PHE C 107 10.49 -16.21 51.27
N SER C 108 10.66 -16.31 52.58
CA SER C 108 11.94 -16.66 53.19
C SER C 108 11.79 -17.94 53.99
N LYS C 109 12.80 -18.80 53.92
CA LYS C 109 12.75 -20.08 54.61
C LYS C 109 14.13 -20.47 55.09
N THR C 110 14.21 -21.03 56.29
CA THR C 110 15.47 -21.43 56.91
C THR C 110 15.58 -22.94 56.92
N ALA C 111 16.69 -23.46 56.41
CA ALA C 111 16.91 -24.89 56.41
C ALA C 111 17.41 -25.36 57.78
N PRO C 112 17.21 -26.62 58.13
CA PRO C 112 17.70 -27.12 59.42
C PRO C 112 19.22 -27.26 59.46
N SER C 113 19.75 -27.68 60.61
CA SER C 113 21.19 -27.72 60.79
C SER C 113 21.84 -28.69 59.81
N ASN C 114 21.33 -29.92 59.72
CA ASN C 114 21.91 -30.96 58.87
C ASN C 114 20.78 -31.59 58.05
N LYS C 115 20.51 -31.00 56.89
CA LYS C 115 19.51 -31.53 55.95
C LYS C 115 19.51 -30.62 54.73
N ASN C 116 18.71 -30.99 53.74
CA ASN C 116 18.55 -30.21 52.53
C ASN C 116 17.08 -29.84 52.35
N LEU C 117 16.85 -28.65 51.79
CA LEU C 117 15.51 -28.14 51.55
C LEU C 117 15.39 -27.70 50.11
N TYR C 118 14.25 -28.01 49.49
CA TYR C 118 13.95 -27.58 48.13
C TYR C 118 12.64 -26.81 48.16
N MET C 119 12.63 -25.62 47.57
CA MET C 119 11.45 -24.76 47.58
C MET C 119 11.25 -24.18 46.19
N TYR C 120 10.04 -24.29 45.66
CA TYR C 120 9.75 -23.80 44.32
C TYR C 120 8.54 -22.87 44.35
N LEU C 121 8.55 -21.92 43.42
CA LEU C 121 7.61 -20.81 43.41
C LEU C 121 6.68 -20.92 42.20
N GLN C 122 5.42 -20.53 42.41
CA GLN C 122 4.46 -20.39 41.32
C GLN C 122 3.64 -19.14 41.57
N TYR C 123 2.84 -18.76 40.58
CA TYR C 123 1.98 -17.60 40.68
C TYR C 123 0.57 -18.00 41.10
N THR C 124 -0.09 -17.12 41.86
CA THR C 124 -1.48 -17.28 42.24
C THR C 124 -2.32 -16.27 41.49
N TYR C 125 -3.49 -16.71 41.05
CA TYR C 125 -4.35 -15.91 40.20
C TYR C 125 -5.73 -15.73 40.83
N ILE C 126 -6.32 -14.58 40.60
CA ILE C 126 -7.71 -14.34 40.94
C ILE C 126 -8.58 -14.86 39.80
N ARG C 127 -9.59 -15.65 40.14
CA ARG C 127 -10.44 -16.30 39.15
C ARG C 127 -11.79 -15.62 39.12
N TYR C 128 -12.18 -15.13 37.95
CA TYR C 128 -13.50 -14.55 37.73
C TYR C 128 -14.23 -15.38 36.69
N GLU C 129 -15.53 -15.59 36.91
CA GLU C 129 -16.36 -16.29 35.94
C GLU C 129 -17.58 -15.47 35.61
N ILE C 130 -17.95 -15.47 34.32
CA ILE C 130 -19.23 -14.96 33.85
C ILE C 130 -20.02 -16.14 33.32
N ILE C 131 -21.26 -16.29 33.80
CA ILE C 131 -22.06 -17.47 33.51
C ILE C 131 -23.43 -17.05 33.01
N LYS C 132 -24.13 -18.01 32.39
CA LYS C 132 -25.47 -17.80 31.84
C LYS C 132 -26.35 -18.91 32.39
N VAL C 133 -26.98 -18.67 33.54
CA VAL C 133 -27.80 -19.69 34.18
C VAL C 133 -29.08 -19.88 33.37
N LEU C 134 -29.64 -21.09 33.46
CA LEU C 134 -30.91 -21.41 32.82
C LEU C 134 -31.50 -22.63 33.50
N GLN C 135 -32.70 -22.49 34.06
CA GLN C 135 -33.38 -23.59 34.73
C GLN C 135 -32.49 -24.20 35.81
N HIS C 136 -31.82 -23.35 36.59
CA HIS C 136 -30.95 -23.79 37.68
C HIS C 136 -29.80 -24.65 37.17
N GLU C 137 -29.37 -24.41 35.92
CA GLU C 137 -28.28 -25.17 35.34
C GLU C 137 -27.41 -24.23 34.52
N ILE C 138 -26.11 -24.33 34.72
CA ILE C 138 -25.15 -23.49 34.02
C ILE C 138 -24.98 -24.01 32.60
N ILE C 139 -25.04 -23.12 31.62
CA ILE C 139 -24.92 -23.50 30.22
C ILE C 139 -23.87 -22.66 29.52
N GLU C 140 -23.01 -22.00 30.29
CA GLU C 140 -21.92 -21.23 29.73
C GLU C 140 -21.03 -20.76 30.87
N ARG C 141 -19.74 -20.57 30.57
CA ARG C 141 -18.78 -20.15 31.59
C ARG C 141 -17.58 -19.56 30.89
N ALA C 142 -17.35 -18.28 31.10
CA ALA C 142 -16.15 -17.59 30.62
C ALA C 142 -15.29 -17.22 31.82
N VAL C 143 -13.99 -17.46 31.71
CA VAL C 143 -13.08 -17.38 32.85
C VAL C 143 -12.01 -16.33 32.58
N LEU C 144 -11.68 -15.56 33.61
CA LEU C 144 -10.58 -14.61 33.59
C LEU C 144 -9.65 -14.92 34.75
N TYR C 145 -8.35 -15.05 34.46
CA TYR C 145 -7.34 -15.24 35.48
C TYR C 145 -6.47 -14.00 35.54
N VAL C 146 -6.46 -13.34 36.69
CA VAL C 146 -5.72 -12.10 36.90
C VAL C 146 -4.55 -12.40 37.83
N PRO C 147 -3.30 -12.26 37.40
CA PRO C 147 -2.17 -12.52 38.31
C PRO C 147 -2.25 -11.59 39.51
N SER C 148 -2.09 -12.17 40.69
CA SER C 148 -2.15 -11.42 41.94
C SER C 148 -0.86 -11.50 42.76
N LEU C 149 -0.40 -12.72 43.07
CA LEU C 149 0.76 -12.92 43.91
C LEU C 149 1.30 -14.32 43.68
N GLY C 150 2.25 -14.74 44.51
CA GLY C 150 2.89 -16.03 44.39
C GLY C 150 2.63 -16.95 45.57
N TYR C 151 3.13 -18.18 45.41
CA TYR C 151 3.00 -19.23 46.40
C TYR C 151 4.22 -20.12 46.31
N VAL C 152 4.86 -20.36 47.45
CA VAL C 152 6.09 -21.14 47.52
C VAL C 152 5.80 -22.43 48.27
N LYS C 153 6.21 -23.54 47.67
CA LYS C 153 6.05 -24.86 48.24
C LYS C 153 7.42 -25.42 48.55
N SER C 154 7.61 -25.89 49.79
CA SER C 154 8.91 -26.31 50.29
C SER C 154 8.84 -27.71 50.82
N ILE C 155 9.99 -28.38 50.84
CA ILE C 155 10.09 -29.73 51.40
C ILE C 155 11.54 -30.00 51.78
N GLU C 156 11.72 -30.54 52.98
CA GLU C 156 13.03 -30.99 53.42
C GLU C 156 13.19 -32.45 53.01
N PHE C 157 14.33 -32.76 52.39
CA PHE C 157 14.55 -34.06 51.79
C PHE C 157 15.93 -34.57 52.12
N ASN C 158 16.15 -35.85 51.83
CA ASN C 158 17.45 -36.50 51.89
C ASN C 158 17.64 -37.25 50.57
N PRO C 159 18.89 -37.49 50.18
CA PRO C 159 19.12 -38.13 48.87
C PRO C 159 18.43 -39.47 48.77
N GLY C 160 17.85 -39.74 47.61
CA GLY C 160 17.21 -41.01 47.34
C GLY C 160 15.75 -41.08 47.71
N GLU C 161 15.24 -40.11 48.47
CA GLU C 161 13.85 -40.13 48.88
C GLU C 161 12.94 -40.00 47.65
N LYS C 162 11.80 -40.69 47.69
CA LYS C 162 10.81 -40.64 46.63
C LYS C 162 9.71 -39.67 47.02
N ILE C 163 9.47 -38.68 46.18
CA ILE C 163 8.49 -37.64 46.47
C ILE C 163 7.19 -37.96 45.77
N ASN C 164 6.08 -37.77 46.48
CA ASN C 164 4.77 -37.96 45.85
C ASN C 164 4.64 -37.04 44.65
N LYS C 165 4.12 -37.60 43.55
CA LYS C 165 3.97 -36.81 42.33
C LYS C 165 3.08 -35.59 42.56
N ASP C 166 2.18 -35.65 43.54
CA ASP C 166 1.31 -34.52 43.81
C ASP C 166 2.08 -33.29 44.26
N PHE C 167 3.30 -33.47 44.77
CA PHE C 167 4.07 -32.33 45.25
C PHE C 167 4.56 -31.45 44.10
N TYR C 168 4.91 -32.04 42.97
CA TYR C 168 5.42 -31.28 41.84
C TYR C 168 4.32 -30.92 40.85
N PHE C 169 3.51 -31.91 40.44
CA PHE C 169 2.60 -31.77 39.32
C PHE C 169 1.18 -31.54 39.80
N LEU C 170 0.46 -30.67 39.10
CA LEU C 170 -0.94 -30.40 39.37
C LEU C 170 -1.74 -30.70 38.10
N THR C 171 -2.75 -31.56 38.24
CA THR C 171 -3.55 -31.96 37.10
C THR C 171 -4.75 -31.06 36.85
N ASN C 172 -5.26 -30.38 37.87
CA ASN C 172 -6.39 -29.49 37.73
C ASN C 172 -6.19 -28.27 38.62
N ASP C 173 -6.83 -27.17 38.23
CA ASP C 173 -6.76 -25.95 39.02
C ASP C 173 -7.47 -26.15 40.36
N LYS C 174 -7.02 -25.40 41.36
CA LYS C 174 -7.61 -25.50 42.69
C LYS C 174 -7.39 -24.20 43.44
N CYS C 175 -8.16 -24.01 44.50
CA CYS C 175 -8.08 -22.82 45.34
C CYS C 175 -7.45 -23.20 46.66
N ILE C 176 -6.16 -22.87 46.82
CA ILE C 176 -5.49 -23.15 48.09
C ILE C 176 -6.08 -22.32 49.21
N LEU C 177 -6.61 -21.15 48.89
CA LEU C 177 -7.25 -20.30 49.89
C LEU C 177 -8.70 -20.74 50.09
N ASN C 178 -9.43 -20.03 50.95
CA ASN C 178 -10.82 -20.33 51.18
C ASN C 178 -11.65 -20.07 49.93
N GLU C 179 -12.51 -21.03 49.59
CA GLU C 179 -13.35 -20.89 48.42
C GLU C 179 -14.45 -19.85 48.68
N GLN C 180 -14.90 -19.21 47.61
CA GLN C 180 -15.97 -18.23 47.70
C GLN C 180 -16.67 -18.15 46.36
N PHE C 181 -17.90 -17.65 46.38
CA PHE C 181 -18.72 -17.56 45.17
C PHE C 181 -19.48 -16.24 45.15
N LEU C 182 -18.79 -15.14 45.45
CA LEU C 182 -19.41 -13.82 45.36
C LEU C 182 -19.91 -13.59 43.93
N TYR C 183 -21.13 -13.09 43.80
CA TYR C 183 -21.73 -12.91 42.49
C TYR C 183 -22.63 -11.68 42.50
N LYS C 184 -22.91 -11.17 41.30
CA LYS C 184 -23.79 -10.02 41.12
C LYS C 184 -24.49 -10.15 39.78
N LYS C 185 -25.80 -10.31 39.79
CA LYS C 185 -26.55 -10.46 38.55
C LYS C 185 -26.43 -9.19 37.70
N ILE C 186 -26.43 -9.39 36.39
CA ILE C 186 -26.35 -8.28 35.44
C ILE C 186 -27.78 -7.82 35.12
N LEU C 187 -28.00 -6.52 35.23
CA LEU C 187 -29.30 -5.94 34.93
C LEU C 187 -29.64 -6.12 33.45
N ARG C 208 -26.46 14.16 65.47
CA ARG C 208 -25.85 14.95 66.54
C ARG C 208 -25.96 16.44 66.23
N VAL C 209 -25.66 17.26 67.23
CA VAL C 209 -25.70 18.72 67.09
C VAL C 209 -24.29 19.23 66.88
N LEU C 210 -24.09 19.98 65.81
CA LEU C 210 -22.77 20.54 65.50
C LEU C 210 -22.77 22.01 65.84
N PRO C 211 -22.12 22.44 66.93
CA PRO C 211 -22.11 23.86 67.30
C PRO C 211 -20.99 24.63 66.63
N TYR C 212 -21.11 24.80 65.31
CA TYR C 212 -20.12 25.51 64.51
C TYR C 212 -20.67 26.85 64.07
N SER C 213 -19.80 27.64 63.44
CA SER C 213 -20.14 28.96 62.94
C SER C 213 -20.22 28.93 61.42
N ASN C 214 -21.07 29.80 60.88
CA ASN C 214 -21.24 29.86 59.43
C ASN C 214 -19.90 29.99 58.75
N GLY C 215 -19.56 29.00 57.94
CA GLY C 215 -18.29 29.00 57.25
C GLY C 215 -17.90 27.59 56.82
N LEU C 216 -16.69 27.50 56.30
CA LEU C 216 -16.15 26.23 55.82
C LEU C 216 -15.47 25.47 56.94
N TYR C 217 -15.36 24.15 56.75
CA TYR C 217 -14.65 23.28 57.67
C TYR C 217 -14.11 22.09 56.90
N VAL C 218 -13.09 21.46 57.45
CA VAL C 218 -12.52 20.24 56.91
C VAL C 218 -12.43 19.23 58.04
N ILE C 219 -13.02 18.05 57.84
CA ILE C 219 -13.08 17.03 58.87
C ILE C 219 -12.30 15.82 58.36
N ASN C 220 -11.21 15.50 59.05
CA ASN C 220 -10.51 14.24 58.82
C ASN C 220 -11.19 13.16 59.64
N LYS C 221 -11.78 12.18 58.96
CA LYS C 221 -12.57 11.16 59.62
C LYS C 221 -11.78 9.91 59.99
N GLY C 222 -10.52 9.81 59.60
CA GLY C 222 -9.66 8.72 60.00
C GLY C 222 -8.96 8.09 58.82
N ASP C 223 -8.24 7.01 59.13
CA ASP C 223 -7.45 6.28 58.15
C ASP C 223 -7.87 4.82 58.17
N GLY C 224 -7.66 4.16 57.03
CA GLY C 224 -7.98 2.74 56.91
C GLY C 224 -9.32 2.49 56.24
N TYR C 225 -9.63 3.28 55.22
CA TYR C 225 -10.87 3.11 54.47
C TYR C 225 -10.59 2.23 53.25
N ILE C 226 -11.44 1.22 53.05
CA ILE C 226 -11.29 0.27 51.95
C ILE C 226 -12.65 0.08 51.29
N ARG C 227 -12.65 0.04 49.96
CA ARG C 227 -13.88 -0.18 49.23
C ARG C 227 -14.33 -1.63 49.42
N THR C 228 -15.62 -1.84 49.20
CA THR C 228 -16.22 -3.16 49.40
C THR C 228 -15.89 -4.08 48.24
N ASN C 229 -16.12 -5.37 48.45
CA ASN C 229 -15.93 -6.39 47.42
C ASN C 229 -14.46 -6.57 47.06
N ASP C 230 -13.56 -6.35 48.02
CA ASP C 230 -12.13 -6.54 47.78
C ASP C 230 -11.67 -5.74 46.56
N LYS C 231 -12.25 -4.55 46.41
CA LYS C 231 -11.91 -3.71 45.27
C LYS C 231 -10.55 -3.03 45.42
N ASP C 232 -10.03 -2.97 46.64
CA ASP C 232 -8.75 -2.34 46.93
C ASP C 232 -7.79 -3.34 47.57
N LEU C 233 -7.72 -4.54 47.01
CA LEU C 233 -6.93 -5.63 47.57
C LEU C 233 -5.60 -5.71 46.83
N ILE C 234 -4.50 -5.48 47.56
CA ILE C 234 -3.19 -5.71 46.99
C ILE C 234 -2.99 -7.19 46.69
N GLY C 235 -3.35 -8.05 47.63
CA GLY C 235 -3.30 -9.48 47.37
C GLY C 235 -3.19 -10.30 48.64
N THR C 236 -3.32 -11.61 48.46
CA THR C 236 -3.32 -12.57 49.55
C THR C 236 -2.13 -13.51 49.42
N LEU C 237 -1.54 -13.84 50.56
CA LEU C 237 -0.37 -14.71 50.63
C LEU C 237 -0.65 -15.83 51.62
N LEU C 238 -0.33 -17.06 51.22
CA LEU C 238 -0.42 -18.22 52.08
C LEU C 238 1.00 -18.59 52.52
N ILE C 239 1.26 -18.53 53.82
CA ILE C 239 2.56 -18.84 54.37
C ILE C 239 2.47 -20.19 55.07
N GLU C 240 3.29 -21.13 54.63
CA GLU C 240 3.33 -22.45 55.24
C GLU C 240 4.11 -22.40 56.55
N ALA C 241 3.98 -23.46 57.34
CA ALA C 241 4.62 -23.50 58.65
C ALA C 241 6.12 -23.35 58.50
N GLY C 242 6.70 -22.48 59.33
CA GLY C 242 8.14 -22.29 59.36
C GLY C 242 8.67 -21.25 58.40
N SER C 243 7.84 -20.71 57.51
CA SER C 243 8.27 -19.72 56.54
C SER C 243 7.91 -18.30 56.98
N SER C 244 8.20 -17.33 56.13
CA SER C 244 7.89 -15.94 56.42
C SER C 244 7.57 -15.17 55.14
N GLY C 245 6.30 -14.83 54.95
CA GLY C 245 5.89 -14.07 53.78
C GLY C 245 6.14 -12.58 53.93
N SER C 246 6.05 -11.88 52.80
CA SER C 246 6.24 -10.44 52.79
C SER C 246 5.55 -9.82 51.59
N ILE C 247 4.84 -8.72 51.82
CA ILE C 247 4.21 -7.95 50.76
C ILE C 247 4.70 -6.51 50.87
N ILE C 248 5.25 -5.98 49.78
CA ILE C 248 5.89 -4.67 49.80
C ILE C 248 5.35 -3.82 48.67
N GLN C 249 5.07 -2.56 48.97
CA GLN C 249 4.75 -1.57 47.95
C GLN C 249 5.95 -0.65 47.81
N PRO C 250 6.88 -0.92 46.90
CA PRO C 250 8.14 -0.16 46.88
C PRO C 250 8.04 1.23 46.28
N ARG C 251 6.86 1.64 45.83
CA ARG C 251 6.69 2.95 45.20
C ARG C 251 7.65 3.10 44.02
N LEU C 252 7.86 2.02 43.28
CA LEU C 252 8.69 2.12 42.08
C LEU C 252 8.08 3.09 41.08
N ARG C 253 6.76 3.19 41.06
CA ARG C 253 6.04 4.23 40.35
C ARG C 253 5.23 5.02 41.37
N ASN C 254 5.36 6.34 41.33
CA ASN C 254 4.80 7.18 42.38
C ASN C 254 3.31 7.47 42.19
N THR C 255 2.69 6.96 41.14
CA THR C 255 1.30 7.29 40.86
C THR C 255 0.38 6.74 41.95
N THR C 256 -0.79 7.35 42.06
CA THR C 256 -1.82 6.91 43.00
C THR C 256 -3.17 7.23 42.40
N ARG C 257 -4.23 6.71 43.04
CA ARG C 257 -5.59 6.81 42.53
C ARG C 257 -6.50 7.36 43.61
N PRO C 258 -6.41 8.65 43.91
CA PRO C 258 -7.35 9.27 44.85
C PRO C 258 -8.75 9.32 44.26
N LEU C 259 -9.74 9.28 45.16
CA LEU C 259 -11.14 9.24 44.76
C LEU C 259 -11.85 10.49 45.28
N PHE C 260 -12.71 11.06 44.42
CA PHE C 260 -13.39 12.31 44.69
C PHE C 260 -14.89 12.12 44.51
N THR C 261 -15.68 12.76 45.37
CA THR C 261 -17.13 12.65 45.31
C THR C 261 -17.72 13.89 45.96
N THR C 262 -18.39 14.73 45.16
CA THR C 262 -18.95 15.98 45.63
C THR C 262 -20.46 15.95 45.42
N SER C 263 -21.17 16.64 46.32
CA SER C 263 -22.62 16.75 46.21
C SER C 263 -23.07 17.91 45.32
N ASN C 264 -22.14 18.74 44.87
CA ASN C 264 -22.48 19.86 43.99
C ASN C 264 -21.22 20.29 43.25
N ASP C 265 -21.19 20.08 41.94
CA ASP C 265 -20.04 20.48 41.15
C ASP C 265 -19.84 21.99 41.13
N ALA C 266 -20.84 22.77 41.54
CA ALA C 266 -20.75 24.21 41.60
C ALA C 266 -20.08 24.63 42.90
N LYS C 267 -19.04 25.46 42.80
CA LYS C 267 -18.32 25.97 43.96
C LYS C 267 -17.39 24.92 44.54
N PHE C 268 -17.46 23.68 44.05
CA PHE C 268 -16.60 22.61 44.51
C PHE C 268 -16.05 21.86 43.30
N SER C 269 -14.82 21.40 43.43
CA SER C 269 -14.17 20.64 42.37
C SER C 269 -12.90 20.03 42.96
N GLN C 270 -12.30 19.11 42.21
CA GLN C 270 -11.06 18.49 42.67
C GLN C 270 -10.02 19.55 42.99
N GLN C 271 -9.84 20.52 42.08
CA GLN C 271 -8.87 21.58 42.33
C GLN C 271 -9.26 22.42 43.55
N TYR C 272 -10.54 22.76 43.67
CA TYR C 272 -10.99 23.58 44.78
C TYR C 272 -10.76 22.88 46.11
N THR C 273 -11.18 21.62 46.20
CA THR C 273 -11.01 20.89 47.45
C THR C 273 -9.53 20.67 47.75
N GLU C 274 -8.72 20.41 46.71
CA GLU C 274 -7.28 20.23 46.94
C GLU C 274 -6.66 21.52 47.48
N GLU C 275 -7.04 22.66 46.92
CA GLU C 275 -6.52 23.93 47.43
C GLU C 275 -6.97 24.18 48.86
N ARG C 276 -8.22 23.87 49.16
CA ARG C 276 -8.71 24.06 50.52
C ARG C 276 -7.97 23.15 51.50
N LEU C 277 -7.69 21.91 51.11
CA LEU C 277 -6.91 21.02 51.96
C LEU C 277 -5.50 21.55 52.16
N LYS C 278 -4.86 22.02 51.09
CA LYS C 278 -3.53 22.60 51.23
C LYS C 278 -3.56 23.77 52.20
N ASP C 279 -4.61 24.58 52.14
CA ASP C 279 -4.75 25.67 53.11
C ASP C 279 -4.92 25.12 54.52
N ALA C 280 -5.69 24.05 54.68
CA ALA C 280 -6.01 23.54 56.00
C ALA C 280 -4.90 22.64 56.55
N PHE C 281 -4.63 21.53 55.87
CA PHE C 281 -3.67 20.55 56.35
C PHE C 281 -2.32 20.63 55.66
N ASN C 282 -2.13 21.57 54.74
CA ASN C 282 -0.85 21.74 54.06
C ASN C 282 -0.47 20.54 53.21
N VAL C 283 -1.47 19.81 52.69
CA VAL C 283 -1.18 18.69 51.81
C VAL C 283 -0.51 19.23 50.55
N GLN C 284 0.69 18.71 50.25
CA GLN C 284 1.44 19.12 49.09
C GLN C 284 1.28 18.17 47.92
N LEU C 285 1.27 16.86 48.19
CA LEU C 285 1.15 15.85 47.15
C LEU C 285 -0.18 15.14 47.30
N PHE C 286 -0.94 15.07 46.20
CA PHE C 286 -2.24 14.41 46.19
C PHE C 286 -2.20 13.12 45.39
N ASN C 287 -1.80 13.17 44.13
CA ASN C 287 -1.74 11.99 43.27
C ASN C 287 -0.33 11.41 43.18
N THR C 288 0.49 11.63 44.20
CA THR C 288 1.86 11.17 44.19
C THR C 288 2.26 10.78 45.60
N SER C 289 3.30 9.95 45.70
CA SER C 289 3.80 9.54 47.00
C SER C 289 5.10 8.78 46.82
N THR C 290 5.97 8.89 47.82
CA THR C 290 7.25 8.18 47.83
C THR C 290 7.45 7.40 49.12
N SER C 291 6.37 7.11 49.84
CA SER C 291 6.43 6.36 51.09
C SER C 291 6.09 4.91 50.84
N LEU C 292 6.91 4.01 51.36
CA LEU C 292 6.77 2.58 51.15
C LEU C 292 6.12 1.94 52.37
N PHE C 293 5.31 0.92 52.13
CA PHE C 293 4.73 0.12 53.21
C PHE C 293 4.95 -1.35 52.91
N LYS C 294 5.40 -2.09 53.92
CA LYS C 294 5.71 -3.51 53.79
C LYS C 294 5.17 -4.24 55.00
N PHE C 295 4.60 -5.42 54.77
CA PHE C 295 4.04 -6.26 55.81
C PHE C 295 4.74 -7.61 55.79
N VAL C 296 5.14 -8.09 56.96
CA VAL C 296 5.85 -9.34 57.11
C VAL C 296 5.17 -10.15 58.21
N GLU C 297 4.94 -11.43 57.94
CA GLU C 297 4.36 -12.34 58.92
C GLU C 297 5.14 -13.65 58.91
N GLU C 298 5.55 -14.10 60.09
CA GLU C 298 6.29 -15.36 60.25
C GLU C 298 5.35 -16.40 60.83
N ALA C 299 4.96 -17.37 60.02
CA ALA C 299 4.03 -18.38 60.46
C ALA C 299 4.69 -19.28 61.51
N PRO C 300 3.91 -19.80 62.47
CA PRO C 300 4.50 -20.67 63.50
C PRO C 300 4.96 -22.00 62.90
N SER C 301 5.50 -22.88 63.74
CA SER C 301 6.03 -24.14 63.27
C SER C 301 4.98 -25.23 63.12
N ASN C 302 3.73 -24.97 63.50
CA ASN C 302 2.69 -25.99 63.47
C ASN C 302 1.37 -25.44 62.95
N LYS C 303 1.42 -24.55 61.95
CA LYS C 303 0.21 -23.99 61.38
C LYS C 303 0.55 -23.27 60.09
N ASN C 304 -0.49 -22.85 59.38
CA ASN C 304 -0.36 -22.06 58.16
C ASN C 304 -1.13 -20.77 58.33
N ILE C 305 -0.63 -19.70 57.71
CA ILE C 305 -1.21 -18.37 57.90
C ILE C 305 -1.63 -17.82 56.54
N CYS C 306 -2.62 -16.93 56.55
CA CYS C 306 -3.08 -16.28 55.33
C CYS C 306 -3.15 -14.78 55.57
N ILE C 307 -2.28 -14.02 54.92
CA ILE C 307 -2.23 -12.58 55.10
C ILE C 307 -2.79 -11.89 53.88
N LYS C 308 -3.74 -10.98 54.09
CA LYS C 308 -4.35 -10.19 53.03
C LYS C 308 -3.89 -8.75 53.18
N ALA C 309 -3.43 -8.17 52.07
CA ALA C 309 -2.97 -6.78 52.05
C ALA C 309 -3.88 -5.97 51.14
N TYR C 310 -4.40 -4.87 51.68
CA TYR C 310 -5.25 -3.94 50.95
C TYR C 310 -4.59 -2.56 50.92
N ASN C 311 -5.00 -1.76 49.96
CA ASN C 311 -4.69 -0.34 49.96
C ASN C 311 -5.72 0.42 50.78
N THR C 312 -5.27 1.38 51.57
CA THR C 312 -6.14 2.12 52.47
C THR C 312 -6.33 3.55 51.96
N TYR C 313 -7.29 4.24 52.59
CA TYR C 313 -7.60 5.62 52.25
C TYR C 313 -7.90 6.40 53.53
N GLU C 314 -7.73 7.71 53.43
CA GLU C 314 -8.05 8.65 54.50
C GLU C 314 -9.14 9.58 54.01
N LYS C 315 -10.17 9.77 54.82
CA LYS C 315 -11.38 10.47 54.41
C LYS C 315 -11.34 11.91 54.89
N TYR C 316 -11.49 12.84 53.96
CA TYR C 316 -11.57 14.27 54.23
C TYR C 316 -12.93 14.76 53.75
N GLU C 317 -13.74 15.28 54.67
CA GLU C 317 -15.05 15.82 54.35
C GLU C 317 -14.96 17.34 54.37
N LEU C 318 -15.36 17.97 53.27
CA LEU C 318 -15.30 19.42 53.11
C LEU C 318 -16.72 19.97 53.16
N ILE C 319 -17.19 20.23 54.38
CA ILE C 319 -18.55 20.72 54.58
C ILE C 319 -18.60 22.23 54.38
N ASP C 320 -19.81 22.78 54.29
CA ASP C 320 -20.05 24.21 54.13
C ASP C 320 -21.20 24.61 55.03
N TYR C 321 -21.16 24.12 56.28
CA TYR C 321 -22.21 24.39 57.29
C TYR C 321 -22.65 25.81 57.22
N GLN C 322 -23.96 26.09 57.27
CA GLN C 322 -24.38 27.49 57.30
C GLN C 322 -25.75 27.43 57.97
N ASN C 323 -25.88 28.03 59.14
CA ASN C 323 -27.13 28.02 59.87
C ASN C 323 -27.57 26.60 60.18
N SER C 325 -26.98 23.05 59.96
CA SER C 325 -27.57 22.64 58.69
C SER C 325 -26.53 22.60 57.57
N ILE C 326 -26.01 21.40 57.28
CA ILE C 326 -25.03 21.26 56.22
C ILE C 326 -25.67 21.66 54.90
N VAL C 327 -24.95 22.44 54.10
CA VAL C 327 -25.46 22.92 52.81
C VAL C 327 -24.77 22.17 51.68
N ASN C 328 -23.51 21.80 51.88
CA ASN C 328 -22.77 21.07 50.86
C ASN C 328 -21.79 20.13 51.55
N LYS C 329 -21.35 19.13 50.79
CA LYS C 329 -20.43 18.13 51.31
C LYS C 329 -19.62 17.55 50.17
N ALA C 330 -18.34 17.32 50.42
CA ALA C 330 -17.44 16.64 49.48
C ALA C 330 -16.65 15.59 50.25
N GLU C 331 -16.25 14.54 49.54
CA GLU C 331 -15.49 13.45 50.14
C GLU C 331 -14.24 13.22 49.32
N TYR C 332 -13.08 13.37 49.97
CA TYR C 332 -11.78 13.14 49.35
C TYR C 332 -11.10 11.98 50.05
N TYR C 333 -10.69 10.97 49.28
CA TYR C 333 -10.09 9.76 49.82
C TYR C 333 -8.62 9.74 49.39
N LEU C 334 -7.76 10.25 50.27
CA LEU C 334 -6.33 10.31 49.98
C LEU C 334 -5.68 8.97 50.32
N PRO C 335 -4.94 8.36 49.39
CA PRO C 335 -4.35 7.05 49.68
C PRO C 335 -3.48 7.07 50.92
N SER C 336 -3.64 6.05 51.76
CA SER C 336 -2.82 5.83 52.94
C SER C 336 -1.82 4.70 52.64
N LEU C 337 -1.18 4.18 53.69
CA LEU C 337 -0.13 3.19 53.54
C LEU C 337 -0.61 1.77 53.80
N GLY C 338 -1.85 1.45 53.45
CA GLY C 338 -2.30 0.08 53.38
C GLY C 338 -2.77 -0.50 54.70
N TYR C 339 -3.37 -1.69 54.60
CA TYR C 339 -3.92 -2.40 55.75
C TYR C 339 -3.65 -3.89 55.57
N CYS C 340 -3.44 -4.59 56.67
CA CYS C 340 -3.10 -6.01 56.65
C CYS C 340 -4.01 -6.78 57.59
N GLU C 341 -4.62 -7.84 57.07
CA GLU C 341 -5.46 -8.75 57.85
C GLU C 341 -4.80 -10.12 57.87
N VAL C 342 -4.95 -10.82 58.99
CA VAL C 342 -4.25 -12.08 59.23
C VAL C 342 -5.28 -13.13 59.62
N THR C 343 -5.56 -14.06 58.71
CA THR C 343 -6.35 -15.24 59.02
C THR C 343 -5.42 -16.33 59.56
N ASN C 344 -5.69 -16.75 60.80
CA ASN C 344 -4.82 -17.73 61.45
C ASN C 344 -4.77 -19.04 60.66
N ALA C 345 -5.86 -19.36 59.96
CA ALA C 345 -5.89 -20.54 59.12
C ALA C 345 -7.21 -20.60 58.36
N PRO C 346 -7.24 -21.18 57.17
CA PRO C 346 -8.52 -21.31 56.46
C PRO C 346 -9.49 -22.17 57.25
N SER C 347 -10.77 -21.82 57.17
CA SER C 347 -11.79 -22.61 57.84
C SER C 347 -11.83 -24.01 57.25
N PRO C 348 -12.15 -25.02 58.06
CA PRO C 348 -12.23 -26.38 57.53
C PRO C 348 -13.24 -26.48 56.41
N GLU C 349 -12.89 -27.24 55.37
CA GLU C 349 -13.74 -27.35 54.20
C GLU C 349 -15.08 -27.97 54.56
N SER C 350 -16.13 -27.15 54.55
CA SER C 350 -17.49 -27.62 54.86
C SER C 350 -18.42 -27.47 53.67
N GLU C 351 -18.51 -26.27 53.08
CA GLU C 351 -19.38 -26.04 51.94
C GLU C 351 -19.11 -24.65 51.39
N VAL C 352 -19.16 -24.52 50.07
CA VAL C 352 -18.97 -23.23 49.41
C VAL C 352 -20.34 -22.56 49.38
N VAL C 353 -20.62 -21.77 50.42
CA VAL C 353 -21.91 -21.10 50.54
C VAL C 353 -21.91 -19.89 49.60
N LYS C 354 -22.88 -19.84 48.71
CA LYS C 354 -22.99 -18.73 47.77
C LYS C 354 -23.29 -17.44 48.53
N THR C 355 -22.82 -16.33 47.98
CA THR C 355 -23.01 -15.02 48.59
C THR C 355 -23.06 -13.97 47.50
N GLN C 356 -23.74 -12.87 47.78
CA GLN C 356 -23.89 -11.77 46.84
C GLN C 356 -23.02 -10.59 47.26
N VAL C 357 -22.62 -9.80 46.26
CA VAL C 357 -21.73 -8.68 46.53
C VAL C 357 -22.44 -7.64 47.36
N ALA C 358 -21.72 -7.03 48.30
CA ALA C 358 -22.26 -5.93 49.07
C ALA C 358 -22.41 -4.69 48.21
N GLU C 359 -23.33 -3.81 48.60
CA GLU C 359 -23.52 -2.57 47.87
C GLU C 359 -22.25 -1.73 47.92
N ASP C 360 -21.98 -1.00 46.85
CA ASP C 360 -20.77 -0.19 46.76
C ASP C 360 -20.69 0.78 47.93
N GLY C 361 -19.54 0.83 48.57
CA GLY C 361 -19.37 1.69 49.73
C GLY C 361 -17.96 1.60 50.25
N PHE C 362 -17.81 1.97 51.53
CA PHE C 362 -16.53 1.95 52.20
C PHE C 362 -16.66 1.29 53.56
N ILE C 363 -15.56 0.71 54.04
CA ILE C 363 -15.46 0.18 55.39
C ILE C 363 -14.19 0.73 56.02
N GLN C 364 -14.29 1.19 57.26
CA GLN C 364 -13.15 1.73 57.98
C GLN C 364 -12.56 0.66 58.90
N ASN C 365 -11.25 0.45 58.80
CA ASN C 365 -10.56 -0.52 59.63
C ASN C 365 -9.62 0.11 60.65
N GLY C 366 -9.22 1.37 60.46
CA GLY C 366 -8.36 2.04 61.41
C GLY C 366 -9.15 2.69 62.51
N PRO C 367 -8.43 3.34 63.43
CA PRO C 367 -9.09 3.97 64.58
C PRO C 367 -10.02 5.09 64.13
N GLU C 368 -11.10 5.26 64.89
CA GLU C 368 -12.07 6.30 64.58
C GLU C 368 -11.58 7.65 65.08
N GLU C 369 -11.67 8.66 64.23
CA GLU C 369 -11.28 10.00 64.60
C GLU C 369 -12.09 11.02 63.79
N GLU C 370 -12.16 12.24 64.33
CA GLU C 370 -12.84 13.34 63.66
C GLU C 370 -12.10 14.61 64.04
N ILE C 371 -11.18 15.04 63.18
CA ILE C 371 -10.38 16.25 63.42
C ILE C 371 -10.95 17.35 62.55
N VAL C 372 -11.43 18.42 63.18
CA VAL C 372 -12.09 19.52 62.48
C VAL C 372 -11.15 20.71 62.43
N VAL C 373 -11.02 21.29 61.24
CA VAL C 373 -10.14 22.44 61.01
C VAL C 373 -10.91 23.48 60.21
N GLY C 374 -10.95 24.71 60.71
CA GLY C 374 -11.57 25.78 59.96
C GLY C 374 -10.73 26.20 58.77
N VAL C 375 -11.35 26.96 57.86
CA VAL C 375 -10.68 27.37 56.64
C VAL C 375 -11.22 28.72 56.20
N ILE C 376 -10.35 29.54 55.63
CA ILE C 376 -10.74 30.85 55.12
C ILE C 376 -11.43 30.67 53.77
N ASP C 377 -12.61 31.24 53.64
CA ASP C 377 -13.32 31.20 52.36
C ASP C 377 -12.61 32.11 51.37
N PRO C 378 -12.13 31.61 50.24
CA PRO C 378 -11.34 32.48 49.34
C PRO C 378 -12.11 33.67 48.81
N SER C 379 -13.44 33.57 48.72
CA SER C 379 -14.23 34.68 48.20
C SER C 379 -14.03 35.95 49.01
N GLU C 380 -14.09 35.83 50.33
CA GLU C 380 -13.92 37.00 51.19
C GLU C 380 -12.49 37.52 51.11
N ASN C 381 -12.36 38.85 51.14
CA ASN C 381 -11.06 39.50 51.10
C ASN C 381 -10.53 39.69 52.52
N ILE C 382 -9.21 39.63 52.64
CA ILE C 382 -8.52 39.77 53.92
C ILE C 382 -7.52 40.91 53.79
N GLN C 383 -7.67 41.92 54.65
CA GLN C 383 -6.77 43.07 54.68
C GLN C 383 -5.81 42.91 55.85
N GLU C 384 -4.51 42.96 55.57
CA GLU C 384 -3.48 42.78 56.56
C GLU C 384 -3.06 44.14 57.12
N ILE C 385 -2.88 44.20 58.44
CA ILE C 385 -2.48 45.42 59.12
C ILE C 385 -0.97 45.35 59.33
N ASN C 386 -0.24 46.29 58.74
CA ASN C 386 1.22 46.27 58.81
C ASN C 386 1.78 46.65 60.17
N THR C 387 0.95 47.14 61.10
CA THR C 387 1.42 47.58 62.41
C THR C 387 0.78 46.77 63.52
N ALA C 388 1.58 46.45 64.54
CA ALA C 388 1.06 45.72 65.68
C ALA C 388 0.13 46.61 66.48
N ILE C 389 -0.87 45.99 67.12
CA ILE C 389 -1.98 46.70 67.73
C ILE C 389 -1.71 46.84 69.23
N SER C 390 -1.80 48.08 69.71
CA SER C 390 -1.68 48.40 71.12
C SER C 390 -3.05 48.69 71.72
N ASP C 391 -3.06 49.08 72.99
CA ASP C 391 -4.32 49.41 73.65
C ASP C 391 -4.97 50.63 73.02
N ASN C 392 -6.29 50.66 73.02
CA ASN C 392 -7.06 51.80 72.52
C ASN C 392 -6.69 52.12 71.07
N TYR C 393 -7.00 51.16 70.19
CA TYR C 393 -6.75 51.29 68.77
C TYR C 393 -8.07 51.46 68.02
N THR C 394 -8.00 52.10 66.86
CA THR C 394 -9.16 52.29 66.00
C THR C 394 -8.80 51.92 64.57
N TYR C 395 -9.73 51.24 63.89
CA TYR C 395 -9.54 50.83 62.51
C TYR C 395 -10.76 51.24 61.70
N ASN C 396 -10.52 51.95 60.60
CA ASN C 396 -11.60 52.46 59.77
C ASN C 396 -12.00 51.39 58.75
N ILE C 397 -13.27 51.01 58.76
CA ILE C 397 -13.80 50.01 57.84
C ILE C 397 -13.54 50.48 56.42
N PRO C 398 -12.63 49.83 55.68
CA PRO C 398 -12.31 50.23 54.31
C PRO C 398 -12.08 49.05 53.38
N ASN C 402 -18.78 46.56 49.34
CA ASN C 402 -19.58 47.43 50.19
C ASN C 402 -20.24 46.64 51.32
N ASN C 403 -21.33 45.96 51.00
CA ASN C 403 -22.07 45.16 51.97
C ASN C 403 -21.58 43.72 52.03
N ASN C 404 -20.54 43.37 51.28
CA ASN C 404 -20.02 42.02 51.31
C ASN C 404 -19.17 41.79 52.56
N PRO C 405 -19.11 40.56 53.05
CA PRO C 405 -18.25 40.27 54.20
C PRO C 405 -16.78 40.35 53.82
N PHE C 406 -15.94 40.58 54.84
CA PHE C 406 -14.51 40.73 54.60
C PHE C 406 -13.75 40.26 55.84
N TYR C 407 -12.42 40.23 55.72
CA TYR C 407 -11.53 39.74 56.76
C TYR C 407 -10.50 40.80 57.08
N ILE C 408 -10.06 40.83 58.34
CA ILE C 408 -8.96 41.68 58.77
C ILE C 408 -8.04 40.85 59.65
N LEU C 409 -6.74 40.94 59.41
CA LEU C 409 -5.75 40.17 60.14
C LEU C 409 -4.98 41.10 61.07
N PHE C 410 -4.79 40.67 62.31
CA PHE C 410 -4.17 41.53 63.31
C PHE C 410 -3.47 40.69 64.36
N THR C 411 -2.53 41.33 65.06
CA THR C 411 -1.85 40.75 66.21
C THR C 411 -1.65 41.83 67.26
N VAL C 412 -1.63 41.42 68.52
CA VAL C 412 -1.50 42.33 69.63
C VAL C 412 -0.03 42.56 69.95
N ASN C 413 0.25 43.63 70.69
CA ASN C 413 1.61 43.93 71.11
C ASN C 413 1.98 43.29 72.45
N THR C 414 0.99 42.99 73.29
CA THR C 414 1.26 42.35 74.56
C THR C 414 0.05 41.53 74.95
N THR C 415 0.30 40.34 75.48
CA THR C 415 -0.77 39.43 75.80
C THR C 415 -1.76 40.08 76.77
N GLY C 416 -3.04 39.89 76.50
CA GLY C 416 -4.05 40.45 77.38
C GLY C 416 -5.44 40.22 76.82
N ILE C 417 -6.43 40.70 77.57
CA ILE C 417 -7.83 40.61 77.20
C ILE C 417 -8.23 41.91 76.50
N TYR C 418 -8.86 41.77 75.34
CA TYR C 418 -9.22 42.91 74.51
C TYR C 418 -10.72 42.85 74.20
N LYS C 419 -11.33 44.04 74.12
CA LYS C 419 -12.73 44.19 73.77
C LYS C 419 -12.82 44.80 72.39
N ILE C 420 -13.54 44.14 71.49
CA ILE C 420 -13.74 44.60 70.12
C ILE C 420 -15.22 44.93 69.96
N ASN C 421 -15.50 46.19 69.60
CA ASN C 421 -16.85 46.65 69.37
C ASN C 421 -16.81 47.70 68.26
N ALA C 422 -17.78 47.63 67.35
CA ALA C 422 -17.84 48.54 66.23
C ALA C 422 -18.74 49.72 66.56
N GLN C 423 -18.83 50.66 65.62
CA GLN C 423 -19.68 51.84 65.82
C GLN C 423 -21.11 51.40 66.11
N ASN C 424 -21.65 51.89 67.23
CA ASN C 424 -23.00 51.54 67.69
C ASN C 424 -23.11 50.09 68.11
N ASN C 425 -21.99 49.42 68.37
CA ASN C 425 -21.98 48.03 68.80
C ASN C 425 -22.61 47.11 67.76
N LEU C 426 -22.56 47.49 66.49
CA LEU C 426 -23.09 46.69 65.40
C LEU C 426 -22.33 47.06 64.15
N PRO C 427 -22.17 46.13 63.19
CA PRO C 427 -22.69 44.75 63.17
C PRO C 427 -21.87 43.79 64.02
N SER C 428 -22.44 42.64 64.37
CA SER C 428 -21.70 41.63 65.10
C SER C 428 -20.58 41.07 64.25
N LEU C 429 -19.51 40.62 64.90
CA LEU C 429 -18.30 40.18 64.21
C LEU C 429 -17.94 38.77 64.64
N LYS C 430 -17.06 38.15 63.86
CA LYS C 430 -16.52 36.84 64.17
C LYS C 430 -15.03 36.97 64.41
N ILE C 431 -14.50 36.23 65.39
CA ILE C 431 -13.09 36.27 65.74
C ILE C 431 -12.55 34.84 65.72
N TYR C 432 -11.58 34.60 64.84
CA TYR C 432 -10.89 33.32 64.69
C TYR C 432 -9.43 33.48 65.07
N GLU C 433 -8.84 32.38 65.55
CA GLU C 433 -7.43 32.31 65.87
C GLU C 433 -6.71 31.49 64.79
N ALA C 434 -5.56 31.98 64.35
CA ALA C 434 -4.77 31.25 63.37
C ALA C 434 -4.00 30.13 64.05
N ILE C 435 -4.03 28.94 63.44
CA ILE C 435 -3.38 27.77 64.04
C ILE C 435 -1.92 27.74 63.61
N GLY C 436 -1.03 27.59 64.58
CA GLY C 436 0.38 27.44 64.31
C GLY C 436 1.15 28.73 64.10
N SER C 437 0.48 29.88 64.16
CA SER C 437 1.18 31.15 64.00
C SER C 437 1.98 31.48 65.24
N GLY C 438 3.01 32.31 65.07
CA GLY C 438 3.87 32.73 66.15
C GLY C 438 5.01 31.80 66.46
N ASN C 439 5.11 30.66 65.77
CA ASN C 439 6.22 29.74 65.93
C ASN C 439 7.19 29.82 64.76
N ARG C 440 7.25 30.98 64.11
CA ARG C 440 8.01 31.16 62.88
C ARG C 440 8.41 32.63 62.78
N ASN C 441 8.53 33.12 61.55
CA ASN C 441 8.92 34.52 61.31
C ASN C 441 8.42 35.54 62.32
N PHE C 442 9.34 36.28 62.94
CA PHE C 442 9.01 37.23 64.00
C PHE C 442 9.73 38.56 63.82
N GLN C 443 8.96 39.63 63.61
CA GLN C 443 9.48 40.99 63.55
C GLN C 443 8.84 41.83 64.63
N SER C 444 9.67 42.41 65.50
CA SER C 444 9.15 43.19 66.61
C SER C 444 8.36 44.39 66.11
N GLY C 445 7.20 44.61 66.71
CA GLY C 445 6.38 45.76 66.35
C GLY C 445 5.95 45.77 64.90
N ASN C 446 5.53 44.63 64.37
CA ASN C 446 5.07 44.54 62.99
C ASN C 446 4.49 43.16 62.77
N LEU C 447 3.64 43.06 61.75
CA LEU C 447 2.98 41.79 61.42
C LEU C 447 3.72 41.12 60.28
N CYS C 448 4.22 39.91 60.53
CA CYS C 448 4.86 39.08 59.52
C CYS C 448 4.01 37.82 59.39
N ASP C 449 3.00 37.89 58.53
CA ASP C 449 2.09 36.76 58.37
C ASP C 449 2.79 35.55 57.80
N ASP C 450 2.37 34.37 58.24
CA ASP C 450 2.88 33.11 57.73
C ASP C 450 1.96 32.49 56.68
N ASP C 451 0.92 33.22 56.25
CA ASP C 451 -0.05 32.72 55.28
C ASP C 451 -0.84 31.53 55.82
N ILE C 452 -0.88 31.37 57.14
CA ILE C 452 -1.62 30.26 57.75
C ILE C 452 -3.10 30.51 57.52
N LYS C 453 -3.74 29.65 56.72
CA LYS C 453 -5.15 29.77 56.41
C LYS C 453 -6.03 28.92 57.31
N ALA C 454 -5.45 28.19 58.26
CA ALA C 454 -6.23 27.37 59.18
C ALA C 454 -6.68 28.25 60.35
N ILE C 455 -7.98 28.47 60.44
CA ILE C 455 -8.57 29.37 61.42
C ILE C 455 -9.40 28.56 62.39
N ASN C 456 -9.16 28.75 63.69
CA ASN C 456 -9.92 28.09 64.74
C ASN C 456 -10.86 29.11 65.37
N TYR C 457 -12.15 28.81 65.35
CA TYR C 457 -13.16 29.76 65.84
C TYR C 457 -12.91 30.09 67.31
N ILE C 458 -12.90 31.38 67.62
CA ILE C 458 -12.80 31.83 69.01
C ILE C 458 -14.19 32.23 69.48
N THR C 459 -14.79 33.23 68.82
CA THR C 459 -16.08 33.69 69.29
C THR C 459 -16.73 34.61 68.26
N GLY C 460 -18.04 34.50 68.13
CA GLY C 460 -18.78 35.31 67.18
C GLY C 460 -20.25 35.08 67.32
N PHE C 461 -21.02 35.78 66.50
CA PHE C 461 -22.48 35.67 66.51
C PHE C 461 -22.98 35.93 65.10
N ASP C 462 -23.34 34.86 64.39
CA ASP C 462 -23.86 34.97 63.03
C ASP C 462 -22.82 35.58 62.10
N PRO C 464 -27.46 38.23 62.87
CA PRO C 464 -27.41 39.14 61.72
C PRO C 464 -27.46 40.60 62.14
N ASN C 465 -28.67 41.12 62.39
CA ASN C 465 -28.85 42.50 62.80
C ASN C 465 -28.53 42.73 64.26
N ALA C 466 -28.39 41.67 65.06
CA ALA C 466 -28.13 41.82 66.48
C ALA C 466 -26.82 42.57 66.70
N LYS C 467 -26.85 43.52 67.63
CA LYS C 467 -25.67 44.30 67.98
C LYS C 467 -25.01 43.71 69.21
N SER C 468 -23.71 43.46 69.13
CA SER C 468 -22.98 42.85 70.23
C SER C 468 -21.50 43.20 70.09
N TYR C 469 -20.77 43.03 71.19
CA TYR C 469 -19.33 43.27 71.22
C TYR C 469 -18.64 42.11 71.90
N LEU C 470 -17.44 41.80 71.43
CA LEU C 470 -16.72 40.61 71.85
C LEU C 470 -15.59 40.95 72.81
N VAL C 471 -15.27 39.99 73.69
CA VAL C 471 -14.15 40.09 74.61
C VAL C 471 -13.35 38.80 74.49
N VAL C 472 -12.06 38.92 74.18
CA VAL C 472 -11.23 37.75 73.89
C VAL C 472 -9.82 37.96 74.45
N LEU C 473 -9.22 36.88 74.90
CA LEU C 473 -7.84 36.89 75.37
C LEU C 473 -6.91 36.53 74.23
N LEU C 474 -5.94 37.39 73.96
CA LEU C 474 -5.02 37.23 72.85
C LEU C 474 -3.58 37.25 73.34
N ASN C 475 -2.74 36.42 72.73
CA ASN C 475 -1.32 36.35 73.04
C ASN C 475 -0.52 37.20 72.05
N LYS C 476 0.69 37.55 72.45
CA LYS C 476 1.51 38.45 71.64
C LYS C 476 1.87 37.82 70.30
N ASP C 477 2.22 36.53 70.30
CA ASP C 477 2.75 35.91 69.09
C ASP C 477 1.65 35.56 68.09
N LYS C 478 0.59 34.91 68.56
CA LYS C 478 -0.40 34.36 67.65
C LYS C 478 -1.08 35.46 66.85
N ASN C 479 -1.37 35.15 65.58
CA ASN C 479 -2.14 36.05 64.72
C ASN C 479 -3.62 35.69 64.80
N TYR C 480 -4.47 36.68 64.57
CA TYR C 480 -5.91 36.52 64.69
C TYR C 480 -6.61 37.15 63.49
N TYR C 481 -7.70 36.52 63.06
CA TYR C 481 -8.54 37.04 62.00
C TYR C 481 -9.88 37.50 62.58
N ILE C 482 -10.44 38.56 62.01
CA ILE C 482 -11.78 39.02 62.35
C ILE C 482 -12.57 39.10 61.06
N ARG C 483 -13.71 38.42 61.02
CA ARG C 483 -14.62 38.46 59.89
C ARG C 483 -15.76 39.43 60.18
N VAL C 484 -15.95 40.37 59.27
CA VAL C 484 -16.98 41.41 59.40
C VAL C 484 -17.98 41.28 58.26
N PRO C 485 -19.26 41.00 58.53
CA PRO C 485 -20.26 41.02 57.45
C PRO C 485 -20.65 42.45 57.09
N GLN C 486 -21.50 42.60 56.08
CA GLN C 486 -21.99 43.92 55.67
C GLN C 486 -20.84 44.85 55.30
N SER C 489 -24.44 50.68 52.29
CA SER C 489 -23.14 51.15 52.75
C SER C 489 -23.27 52.49 53.48
N ASN C 490 -23.66 52.42 54.74
CA ASN C 490 -23.81 53.61 55.57
C ASN C 490 -22.43 54.05 56.08
N ILE C 491 -22.41 54.98 57.02
CA ILE C 491 -21.15 55.44 57.61
C ILE C 491 -20.29 54.28 58.07
N GLU C 492 -18.98 54.40 57.85
CA GLU C 492 -18.05 53.33 58.19
C GLU C 492 -18.18 52.98 59.66
N ASN C 493 -18.31 51.68 59.94
CA ASN C 493 -18.42 51.19 61.32
C ASN C 493 -17.02 50.83 61.79
N GLN C 494 -16.29 51.84 62.28
CA GLN C 494 -14.93 51.63 62.72
C GLN C 494 -14.87 50.60 63.84
N ILE C 495 -13.89 49.71 63.78
CA ILE C 495 -13.67 48.70 64.80
C ILE C 495 -12.72 49.26 65.84
N LYS C 496 -13.14 49.23 67.11
CA LYS C 496 -12.37 49.79 68.21
C LYS C 496 -11.84 48.66 69.08
N PHE C 497 -10.53 48.68 69.34
CA PHE C 497 -9.89 47.72 70.22
C PHE C 497 -9.57 48.41 71.53
N LYS C 498 -10.01 47.81 72.64
CA LYS C 498 -9.73 48.32 73.98
C LYS C 498 -9.09 47.22 74.79
N ARG C 499 -7.94 47.50 75.38
CA ARG C 499 -7.25 46.56 76.25
C ARG C 499 -7.79 46.72 77.66
N GLU C 500 -8.76 45.87 78.01
CA GLU C 500 -9.39 45.98 79.32
C GLU C 500 -8.35 45.90 80.43
N GLU C 501 -8.42 46.84 81.36
CA GLU C 501 -7.48 46.89 82.48
C GLU C 501 -7.98 46.05 83.66
N GLY C 502 -8.18 44.75 83.43
CA GLY C 502 -8.63 43.87 84.48
C GLY C 502 -10.01 44.23 85.01
N ASP C 503 -10.92 44.63 84.13
CA ASP C 503 -12.29 44.98 84.51
C ASP C 503 -13.29 43.91 84.07
N LEU C 504 -13.30 43.55 82.79
CA LEU C 504 -14.22 42.56 82.25
C LEU C 504 -13.59 41.17 82.17
N ARG C 505 -12.58 40.89 83.00
CA ARG C 505 -11.93 39.59 82.96
C ARG C 505 -12.89 38.44 83.25
N ASN C 506 -13.94 38.68 84.03
CA ASN C 506 -14.89 37.62 84.32
C ASN C 506 -15.56 37.11 83.06
N LEU C 507 -15.98 38.03 82.19
CA LEU C 507 -16.59 37.67 80.90
C LEU C 507 -15.51 37.48 79.83
N MET C 508 -14.64 36.52 80.09
CA MET C 508 -13.51 36.25 79.20
C MET C 508 -13.95 35.34 78.06
N ASN C 509 -13.54 35.70 76.83
CA ASN C 509 -13.83 34.90 75.64
C ASN C 509 -15.34 34.70 75.48
N SER C 510 -16.04 35.81 75.31
CA SER C 510 -17.48 35.76 75.15
C SER C 510 -17.96 37.00 74.41
N SER C 511 -19.12 36.89 73.77
CA SER C 511 -19.74 37.98 73.05
C SER C 511 -20.95 38.46 73.85
N VAL C 512 -20.93 39.73 74.25
CA VAL C 512 -22.03 40.34 74.98
C VAL C 512 -22.97 40.98 73.97
N ASN C 513 -24.25 40.58 74.04
CA ASN C 513 -25.28 41.13 73.16
C ASN C 513 -25.99 42.29 73.85
N ILE C 514 -26.15 43.39 73.11
CA ILE C 514 -26.77 44.59 73.65
C ILE C 514 -28.28 44.49 73.52
N ILE C 515 -28.93 43.98 74.57
CA ILE C 515 -30.38 43.84 74.58
C ILE C 515 -30.95 44.42 75.87
N HIS C 524 -40.62 37.69 77.20
CA HIS C 524 -39.48 38.28 76.54
C HIS C 524 -38.34 37.27 76.42
N TYR C 525 -38.23 36.63 75.26
CA TYR C 525 -37.21 35.64 74.99
C TYR C 525 -36.33 36.11 73.84
N TYR C 526 -35.13 35.54 73.77
CA TYR C 526 -34.17 35.89 72.73
C TYR C 526 -33.22 34.74 72.53
N THR C 527 -33.00 34.35 71.28
CA THR C 527 -32.13 33.23 70.93
C THR C 527 -31.06 33.69 69.95
N ARG C 528 -29.90 33.04 70.02
CA ARG C 528 -28.78 33.37 69.15
C ARG C 528 -27.92 32.13 68.98
N GLN C 529 -27.05 32.16 67.97
CA GLN C 529 -26.18 31.03 67.69
C GLN C 529 -25.44 30.59 68.95
N SER C 530 -25.71 29.37 69.38
CA SER C 530 -25.15 28.88 70.62
C SER C 530 -23.70 28.42 70.42
N PRO C 531 -22.87 28.48 71.46
CA PRO C 531 -21.53 27.93 71.38
C PRO C 531 -21.48 26.48 71.87
N ASP C 532 -20.31 25.87 71.69
CA ASP C 532 -20.12 24.50 72.11
C ASP C 532 -20.11 24.42 73.64
N VAL C 533 -20.39 23.23 74.16
CA VAL C 533 -20.37 23.02 75.60
C VAL C 533 -19.01 23.45 76.15
N HIS C 534 -19.04 23.98 77.37
CA HIS C 534 -17.89 24.51 78.09
C HIS C 534 -17.52 25.91 77.62
N ASP C 535 -18.22 26.47 76.63
CA ASP C 535 -18.00 27.84 76.19
C ASP C 535 -18.91 28.79 76.97
N TYR C 536 -18.74 30.09 76.72
CA TYR C 536 -19.45 31.12 77.46
C TYR C 536 -20.22 32.03 76.51
N ILE C 537 -21.43 32.41 76.94
CA ILE C 537 -22.22 33.42 76.26
C ILE C 537 -22.68 34.43 77.32
N SER C 538 -22.93 35.66 76.89
CA SER C 538 -23.25 36.73 77.82
C SER C 538 -24.25 37.68 77.18
N TYR C 539 -25.11 38.26 78.04
CA TYR C 539 -26.08 39.24 77.61
C TYR C 539 -26.11 40.38 78.60
N GLU C 540 -26.23 41.60 78.09
CA GLU C 540 -26.36 42.80 78.91
C GLU C 540 -27.81 43.24 78.91
N PHE C 541 -28.46 43.15 80.06
CA PHE C 541 -29.87 43.51 80.17
C PHE C 541 -30.15 44.20 81.50
N ILE C 555 -39.04 39.14 86.11
CA ILE C 555 -37.68 38.99 86.63
C ILE C 555 -37.30 37.51 86.63
N ARG C 556 -37.44 36.87 85.48
CA ARG C 556 -37.14 35.46 85.33
C ARG C 556 -36.27 35.25 84.09
N LEU C 557 -35.38 34.26 84.17
CA LEU C 557 -34.51 33.92 83.06
C LEU C 557 -34.19 32.44 83.13
N TYR C 558 -34.28 31.75 81.98
CA TYR C 558 -34.04 30.33 81.92
C TYR C 558 -33.51 29.97 80.54
N THR C 559 -33.33 28.67 80.31
CA THR C 559 -32.87 28.14 79.03
C THR C 559 -33.96 27.27 78.43
N SER C 560 -34.06 27.30 77.10
CA SER C 560 -35.10 26.53 76.41
C SER C 560 -34.69 25.07 76.25
N TYR C 561 -33.59 24.82 75.57
CA TYR C 561 -33.11 23.47 75.31
C TYR C 561 -31.66 23.25 75.73
N ASN C 562 -30.82 24.27 75.62
CA ASN C 562 -29.41 24.14 75.98
C ASN C 562 -29.23 24.40 77.46
N GLN C 563 -28.57 23.48 78.15
CA GLN C 563 -28.33 23.59 79.58
C GLN C 563 -26.85 23.35 79.90
N THR C 567 -22.77 34.04 86.96
CA THR C 567 -23.85 34.33 86.03
C THR C 567 -24.29 35.78 86.16
N LEU C 568 -25.03 36.08 87.23
CA LEU C 568 -25.51 37.44 87.45
C LEU C 568 -24.37 38.34 87.91
N PHE C 569 -24.10 39.39 87.15
CA PHE C 569 -23.06 40.35 87.47
C PHE C 569 -23.65 41.76 87.46
N ARG C 570 -23.27 42.56 88.46
CA ARG C 570 -23.73 43.93 88.59
C ARG C 570 -22.69 44.87 88.00
N VAL C 571 -23.13 45.79 87.16
CA VAL C 571 -22.25 46.74 86.50
C VAL C 571 -22.34 48.07 87.23
N THR C 572 -21.21 48.78 87.29
CA THR C 572 -21.12 50.07 87.96
C THR C 572 -21.17 51.24 86.99
N GLU C 573 -21.45 50.97 85.71
CA GLU C 573 -21.52 52.04 84.71
C GLU C 573 -20.18 52.75 84.60
N TYR C 578 -17.28 51.82 85.36
CA TYR C 578 -17.36 50.56 84.63
C TYR C 578 -16.88 49.40 85.50
N ASN C 579 -17.18 49.48 86.79
CA ASN C 579 -16.79 48.42 87.72
C ASN C 579 -17.70 47.21 87.53
N LEU C 580 -17.38 46.14 88.26
CA LEU C 580 -18.15 44.90 88.17
C LEU C 580 -18.24 44.27 89.56
N ILE C 581 -19.33 43.55 89.79
CA ILE C 581 -19.58 42.87 91.04
C ILE C 581 -20.19 41.49 90.73
N ASN C 582 -20.36 40.68 91.76
CA ASN C 582 -20.94 39.35 91.65
C ASN C 582 -22.30 39.38 92.33
N ILE C 583 -23.36 39.36 91.53
CA ILE C 583 -24.72 39.41 92.08
C ILE C 583 -25.22 38.02 92.43
N GLN C 584 -25.17 37.11 91.46
CA GLN C 584 -25.64 35.75 91.66
C GLN C 584 -24.66 34.78 91.01
N GLN C 585 -24.70 33.53 91.47
CA GLN C 585 -23.82 32.49 90.95
C GLN C 585 -24.55 31.15 91.04
N ASN C 586 -24.03 30.18 90.29
CA ASN C 586 -24.63 28.85 90.24
C ASN C 586 -26.09 28.92 89.80
N LEU C 587 -26.36 29.80 88.84
CA LEU C 587 -27.71 29.99 88.33
C LEU C 587 -27.95 28.99 87.20
N ASN C 588 -28.75 27.96 87.49
CA ASN C 588 -29.04 26.91 86.51
C ASN C 588 -30.12 27.41 85.56
N LEU C 589 -29.70 27.79 84.35
CA LEU C 589 -30.66 28.26 83.35
C LEU C 589 -31.68 27.18 82.98
N LEU C 590 -31.36 25.91 83.21
CA LEU C 590 -32.29 24.82 82.91
C LEU C 590 -33.18 24.54 84.11
N ASN C 591 -33.88 25.58 84.54
CA ASN C 591 -34.80 25.52 85.68
C ASN C 591 -36.20 26.00 85.34
N SER C 592 -36.33 27.00 84.47
CA SER C 592 -37.59 27.58 84.03
C SER C 592 -38.23 28.45 85.11
N THR C 593 -37.65 28.53 86.31
CA THR C 593 -38.19 29.34 87.40
C THR C 593 -37.03 30.06 88.07
N LYS C 594 -36.95 31.38 87.88
CA LYS C 594 -35.86 32.18 88.43
C LYS C 594 -36.47 33.43 89.06
N SER C 595 -36.62 33.40 90.38
CA SER C 595 -37.12 34.54 91.16
C SER C 595 -36.00 34.95 92.11
N ILE C 596 -35.16 35.87 91.65
CA ILE C 596 -34.00 36.32 92.43
C ILE C 596 -34.31 37.66 93.08
N ARG C 597 -34.73 38.63 92.27
CA ARG C 597 -34.98 39.97 92.77
C ARG C 597 -33.77 40.48 93.54
N LEU C 598 -32.57 40.20 93.03
CA LEU C 598 -31.35 40.57 93.73
C LEU C 598 -31.26 42.08 93.89
N LEU C 599 -30.80 42.51 95.07
CA LEU C 599 -30.61 43.93 95.35
C LEU C 599 -29.28 44.40 94.80
N ASN C 600 -29.25 44.76 93.51
CA ASN C 600 -28.03 45.22 92.87
C ASN C 600 -27.68 46.64 93.31
N ILE C 603 -29.37 47.63 84.61
CA ILE C 603 -28.07 47.27 84.05
C ILE C 603 -27.50 46.07 84.78
N TYR C 604 -27.42 44.94 84.08
CA TYR C 604 -26.88 43.71 84.66
C TYR C 604 -26.36 42.84 83.53
N ILE C 605 -25.53 41.86 83.90
CA ILE C 605 -24.92 40.95 82.94
C ILE C 605 -25.32 39.53 83.32
N LEU C 606 -25.89 38.80 82.36
CA LEU C 606 -26.23 37.40 82.54
C LEU C 606 -25.28 36.56 81.72
N LYS C 607 -24.53 35.68 82.39
CA LYS C 607 -23.55 34.83 81.76
C LYS C 607 -23.99 33.38 81.87
N VAL C 608 -23.96 32.67 80.73
CA VAL C 608 -24.37 31.28 80.66
C VAL C 608 -23.23 30.47 80.07
N GLU C 609 -22.88 29.37 80.73
CA GLU C 609 -21.88 28.43 80.24
C GLU C 609 -22.59 27.16 79.79
N VAL C 610 -22.48 26.85 78.49
CA VAL C 610 -23.19 25.70 77.95
C VAL C 610 -22.65 24.42 78.58
N THR C 611 -23.55 23.57 79.06
CA THR C 611 -23.19 22.30 79.66
C THR C 611 -23.69 21.10 78.88
N GLU C 612 -24.70 21.26 78.02
CA GLU C 612 -25.21 20.17 77.21
C GLU C 612 -25.86 20.79 75.97
N LEU C 613 -25.17 20.69 74.83
CA LEU C 613 -25.64 21.29 73.59
C LEU C 613 -26.79 20.45 73.04
N ASN C 614 -27.94 20.56 73.72
CA ASN C 614 -29.12 19.81 73.34
C ASN C 614 -29.84 20.40 72.13
N ASN C 615 -29.50 21.62 71.74
CA ASN C 615 -30.14 22.26 70.59
C ASN C 615 -29.12 23.16 69.89
N TYR C 616 -29.39 23.44 68.62
CA TYR C 616 -28.49 24.28 67.85
C TYR C 616 -28.41 25.69 68.44
N ASN C 617 -29.53 26.25 68.86
CA ASN C 617 -29.60 27.59 69.40
C ASN C 617 -30.00 27.55 70.88
N ILE C 618 -29.50 28.52 71.64
CA ILE C 618 -29.82 28.68 73.05
C ILE C 618 -30.55 29.99 73.22
N LYS C 619 -31.71 29.94 73.88
CA LYS C 619 -32.57 31.11 74.07
C LYS C 619 -32.70 31.42 75.54
N LEU C 620 -32.64 32.71 75.88
CA LEU C 620 -32.79 33.19 77.24
C LEU C 620 -34.18 33.78 77.40
N HIS C 621 -35.02 33.10 78.17
CA HIS C 621 -36.39 33.55 78.40
C HIS C 621 -36.77 33.38 79.87
N THR D 22 58.79 -26.91 40.71
CA THR D 22 58.28 -27.65 41.85
C THR D 22 56.89 -28.21 41.56
N ILE D 23 56.76 -28.94 40.44
CA ILE D 23 55.51 -29.55 40.03
C ILE D 23 55.77 -31.00 39.68
N ASP D 24 54.74 -31.83 39.86
CA ASP D 24 54.85 -33.27 39.60
C ASP D 24 54.42 -33.62 38.18
N LEU D 25 53.57 -32.81 37.57
CA LEU D 25 53.03 -33.14 36.25
C LEU D 25 54.15 -33.24 35.22
N ALA D 26 53.84 -33.86 34.10
CA ALA D 26 54.80 -34.05 33.03
C ALA D 26 54.97 -32.77 32.22
N ASP D 27 56.02 -32.74 31.40
CA ASP D 27 56.31 -31.58 30.59
C ASP D 27 55.13 -31.26 29.68
N GLY D 28 54.80 -29.97 29.58
CA GLY D 28 53.70 -29.55 28.74
C GLY D 28 52.95 -28.36 29.32
N ASN D 29 51.91 -27.91 28.63
CA ASN D 29 51.10 -26.81 29.10
C ASN D 29 49.99 -27.30 30.02
N TYR D 30 49.57 -26.43 30.93
CA TYR D 30 48.52 -26.77 31.89
C TYR D 30 47.71 -25.52 32.21
N VAL D 31 46.41 -25.71 32.38
CA VAL D 31 45.50 -24.69 32.87
C VAL D 31 45.14 -25.05 34.31
N VAL D 32 45.29 -24.09 35.21
CA VAL D 32 45.12 -24.33 36.64
C VAL D 32 44.11 -23.32 37.17
N SER D 33 43.22 -23.80 38.03
CA SER D 33 42.30 -22.95 38.79
C SER D 33 42.67 -23.05 40.26
N ARG D 34 42.92 -21.91 40.89
CA ARG D 34 43.35 -21.86 42.28
C ARG D 34 42.19 -21.60 43.23
N GLY D 35 40.96 -21.56 42.73
CA GLY D 35 39.80 -21.34 43.56
C GLY D 35 39.53 -19.87 43.83
N ASP D 36 38.33 -19.61 44.31
CA ASP D 36 37.90 -18.26 44.63
C ASP D 36 38.39 -17.88 46.02
N GLY D 37 38.45 -16.57 46.27
CA GLY D 37 38.85 -16.07 47.57
C GLY D 37 40.24 -15.48 47.59
N TRP D 38 40.61 -14.78 46.53
CA TRP D 38 41.91 -14.14 46.40
C TRP D 38 41.75 -12.64 46.54
N ILE D 39 42.63 -12.03 47.34
CA ILE D 39 42.61 -10.59 47.60
C ILE D 39 43.92 -10.01 47.10
N LEU D 40 43.84 -8.92 46.34
CA LEU D 40 45.02 -8.29 45.78
C LEU D 40 45.68 -7.38 46.82
N SER D 41 46.91 -6.98 46.53
CA SER D 41 47.69 -6.15 47.43
C SER D 41 47.41 -4.68 47.17
N ARG D 42 47.59 -3.86 48.21
CA ARG D 42 47.39 -2.41 48.12
C ARG D 42 45.98 -2.07 47.65
N GLN D 43 44.99 -2.89 48.02
CA GLN D 43 43.61 -2.67 47.60
C GLN D 43 42.66 -2.91 48.76
N ASN D 44 43.13 -2.78 49.99
CA ASN D 44 42.33 -3.14 51.15
C ASN D 44 41.19 -2.15 51.37
N GLN D 45 41.52 -0.89 51.61
CA GLN D 45 40.54 0.14 51.97
C GLN D 45 40.10 0.97 50.78
N ILE D 46 40.06 0.37 49.59
CA ILE D 46 39.65 1.12 48.41
C ILE D 46 38.19 1.53 48.51
N LEU D 47 37.32 0.61 48.93
CA LEU D 47 35.90 0.88 48.96
C LEU D 47 35.45 1.61 50.22
N GLY D 48 36.34 1.86 51.16
CA GLY D 48 36.00 2.55 52.38
C GLY D 48 35.51 1.60 53.46
N GLY D 49 35.33 2.16 54.66
CA GLY D 49 34.93 1.38 55.82
C GLY D 49 33.77 2.03 56.55
N SER D 50 33.27 1.29 57.53
CA SER D 50 32.14 1.70 58.35
C SER D 50 32.50 1.55 59.82
N VAL D 51 31.93 2.42 60.65
CA VAL D 51 32.20 2.46 62.08
C VAL D 51 30.88 2.31 62.83
N ILE D 52 30.82 1.33 63.72
CA ILE D 52 29.67 1.12 64.59
C ILE D 52 30.17 1.23 66.03
N SER D 53 29.23 1.45 66.94
CA SER D 53 29.60 1.61 68.34
C SER D 53 28.39 1.40 69.23
N ASN D 54 28.65 0.96 70.46
CA ASN D 54 27.62 0.83 71.50
C ASN D 54 26.43 0.01 71.00
N GLY D 55 26.75 -1.14 70.40
CA GLY D 55 25.73 -2.05 69.94
C GLY D 55 25.07 -1.70 68.64
N SER D 56 25.52 -0.66 67.95
CA SER D 56 24.94 -0.31 66.66
C SER D 56 25.22 -1.42 65.65
N THR D 57 24.32 -1.54 64.68
CA THR D 57 24.41 -2.57 63.65
C THR D 57 24.77 -1.91 62.33
N GLY D 58 25.77 -2.48 61.64
CA GLY D 58 26.23 -1.93 60.38
C GLY D 58 26.14 -2.92 59.25
N ILE D 59 25.58 -2.49 58.12
CA ILE D 59 25.47 -3.29 56.91
C ILE D 59 26.17 -2.55 55.79
N VAL D 60 27.09 -3.24 55.10
CA VAL D 60 27.77 -2.70 53.92
C VAL D 60 27.60 -3.72 52.80
N GLY D 61 27.12 -3.24 51.65
CA GLY D 61 26.87 -4.10 50.51
C GLY D 61 27.50 -3.54 49.25
N ASP D 62 27.49 -4.37 48.21
CA ASP D 62 28.06 -3.96 46.94
C ASP D 62 27.39 -4.74 45.81
N LEU D 63 27.51 -4.19 44.61
CA LEU D 63 26.97 -4.76 43.40
C LEU D 63 28.07 -4.83 42.35
N ARG D 64 28.06 -5.87 41.54
CA ARG D 64 29.09 -6.11 40.53
C ARG D 64 28.42 -6.27 39.16
N VAL D 65 28.51 -5.26 38.30
CA VAL D 65 27.86 -5.27 37.02
C VAL D 65 28.68 -5.04 35.76
N ASN D 66 29.36 -3.89 35.68
CA ASN D 66 30.19 -3.61 34.50
C ASN D 66 31.51 -2.89 34.69
N ASP D 67 31.75 -2.33 35.87
CA ASP D 67 32.95 -1.53 36.11
C ASP D 67 33.87 -2.15 37.15
N ASN D 68 33.33 -2.62 38.27
CA ASN D 68 34.08 -3.42 39.22
C ASN D 68 34.13 -4.88 38.81
N ALA D 69 33.85 -5.19 37.54
CA ALA D 69 33.89 -6.54 37.02
C ALA D 69 34.90 -6.69 35.88
N ILE D 70 35.88 -5.82 35.81
CA ILE D 70 36.89 -5.84 34.75
C ILE D 70 37.96 -6.86 35.13
N PRO D 71 38.14 -7.93 34.36
CA PRO D 71 39.21 -8.88 34.69
C PRO D 71 40.58 -8.26 34.54
N TYR D 72 41.53 -8.76 35.32
CA TYR D 72 42.92 -8.31 35.28
C TYR D 72 43.78 -9.41 34.68
N TYR D 73 44.40 -9.11 33.54
CA TYR D 73 45.29 -10.06 32.88
C TYR D 73 46.74 -9.78 33.26
N TYR D 74 47.53 -10.85 33.31
CA TYR D 74 48.97 -10.75 33.46
C TYR D 74 49.55 -11.86 32.60
N PRO D 75 49.74 -11.60 31.30
CA PRO D 75 50.20 -12.64 30.39
C PRO D 75 51.71 -12.73 30.28
N THR D 76 52.18 -13.63 29.42
CA THR D 76 53.60 -13.79 29.13
C THR D 76 53.78 -13.81 27.62
N PRO D 77 55.02 -13.75 27.13
CA PRO D 77 55.19 -13.79 25.66
C PRO D 77 54.61 -15.02 25.02
N SER D 78 54.61 -16.16 25.71
CA SER D 78 54.06 -17.38 25.14
C SER D 78 52.54 -17.32 25.07
N PHE D 79 51.89 -16.86 26.13
CA PHE D 79 50.43 -16.84 26.24
C PHE D 79 49.96 -15.41 26.21
N ASN D 80 49.22 -15.04 25.17
CA ASN D 80 48.65 -13.71 25.05
C ASN D 80 47.30 -13.67 25.78
N GLU D 81 46.65 -12.50 25.74
CA GLU D 81 45.38 -12.35 26.42
C GLU D 81 44.31 -13.26 25.82
N GLU D 82 44.23 -13.30 24.48
CA GLU D 82 43.23 -14.13 23.84
C GLU D 82 43.46 -15.61 24.14
N TYR D 83 44.72 -16.05 24.12
CA TYR D 83 45.01 -17.45 24.42
C TYR D 83 44.60 -17.81 25.84
N ILE D 84 44.87 -16.92 26.80
CA ILE D 84 44.47 -17.18 28.19
C ILE D 84 42.96 -17.22 28.31
N LYS D 85 42.27 -16.27 27.66
CA LYS D 85 40.82 -16.18 27.79
C LYS D 85 40.14 -17.41 27.20
N ASN D 86 40.51 -17.78 25.98
CA ASN D 86 39.80 -18.86 25.29
C ASN D 86 39.93 -20.18 26.03
N ASN D 87 41.15 -20.50 26.49
CA ASN D 87 41.38 -21.78 27.14
C ASN D 87 40.58 -21.89 28.44
N ILE D 88 40.59 -20.83 29.26
CA ILE D 88 39.95 -20.91 30.56
C ILE D 88 38.44 -21.02 30.41
N GLN D 89 37.85 -20.19 29.56
CA GLN D 89 36.40 -20.19 29.40
C GLN D 89 35.89 -21.51 28.85
N THR D 90 36.74 -22.30 28.21
CA THR D 90 36.31 -23.59 27.71
C THR D 90 36.17 -24.63 28.82
N VAL D 91 36.98 -24.54 29.86
CA VAL D 91 36.99 -25.54 30.91
C VAL D 91 36.33 -25.04 32.19
N PHE D 92 36.35 -23.74 32.47
CA PHE D 92 35.82 -23.19 33.70
C PHE D 92 34.67 -22.23 33.37
N ALA D 93 34.17 -21.56 34.40
CA ALA D 93 33.03 -20.66 34.21
C ALA D 93 33.35 -19.59 33.18
N ASN D 94 32.41 -19.36 32.27
CA ASN D 94 32.56 -18.31 31.27
C ASN D 94 32.38 -16.95 31.93
N PHE D 95 33.48 -16.34 32.37
CA PHE D 95 33.37 -15.11 33.14
C PHE D 95 32.91 -13.94 32.27
N THR D 96 33.12 -14.01 30.95
CA THR D 96 32.69 -12.91 30.09
C THR D 96 31.18 -12.74 30.16
N GLU D 97 30.43 -13.82 30.02
CA GLU D 97 28.98 -13.75 30.06
C GLU D 97 28.42 -13.76 31.49
N ALA D 98 29.24 -14.12 32.48
CA ALA D 98 28.78 -14.12 33.86
C ALA D 98 28.91 -12.75 34.52
N ASN D 99 29.90 -11.96 34.12
CA ASN D 99 30.04 -10.61 34.65
C ASN D 99 29.03 -9.65 34.05
N GLN D 100 28.30 -10.05 33.00
CA GLN D 100 27.27 -9.19 32.45
C GLN D 100 26.07 -9.09 33.37
N ILE D 101 25.77 -10.16 34.10
CA ILE D 101 24.59 -10.23 34.94
C ILE D 101 24.94 -9.62 36.30
N PRO D 102 24.28 -8.54 36.72
CA PRO D 102 24.58 -7.98 38.04
C PRO D 102 24.33 -8.98 39.16
N ILE D 103 25.21 -8.95 40.16
CA ILE D 103 25.08 -9.78 41.35
C ILE D 103 25.47 -8.93 42.55
N GLY D 104 24.74 -9.09 43.65
CA GLY D 104 24.96 -8.31 44.84
C GLY D 104 25.42 -9.16 46.01
N PHE D 105 26.18 -8.55 46.91
CA PHE D 105 26.60 -9.24 48.12
C PHE D 105 26.61 -8.25 49.28
N GLU D 106 26.19 -8.72 50.45
CA GLU D 106 26.04 -7.88 51.62
C GLU D 106 26.60 -8.57 52.85
N PHE D 107 27.14 -7.74 53.76
CA PHE D 107 27.71 -8.20 55.02
C PHE D 107 27.08 -7.42 56.16
N SER D 108 27.06 -8.04 57.35
CA SER D 108 26.46 -7.41 58.51
C SER D 108 27.27 -7.76 59.75
N LYS D 109 27.63 -6.75 60.52
CA LYS D 109 28.37 -6.94 61.77
C LYS D 109 27.72 -6.10 62.86
N THR D 110 27.69 -6.66 64.07
CA THR D 110 27.13 -5.99 65.23
C THR D 110 28.24 -5.71 66.23
N ALA D 111 28.40 -4.45 66.59
CA ALA D 111 29.45 -4.09 67.53
C ALA D 111 29.06 -4.50 68.95
N PRO D 112 30.02 -4.90 69.78
CA PRO D 112 29.69 -5.22 71.18
C PRO D 112 29.35 -3.98 71.98
N SER D 113 28.96 -4.17 73.24
CA SER D 113 28.64 -3.04 74.11
C SER D 113 29.92 -2.42 74.66
N ASN D 114 29.88 -1.10 74.84
CA ASN D 114 31.03 -0.36 75.38
C ASN D 114 32.28 -0.61 74.55
N LYS D 115 32.12 -0.61 73.23
CA LYS D 115 33.24 -0.79 72.32
C LYS D 115 32.85 -0.26 70.95
N ASN D 116 33.87 0.04 70.15
CA ASN D 116 33.69 0.52 68.79
C ASN D 116 34.26 -0.50 67.81
N LEU D 117 33.62 -0.61 66.66
CA LEU D 117 34.00 -1.60 65.65
C LEU D 117 34.19 -0.89 64.31
N TYR D 118 35.32 -1.14 63.67
CA TYR D 118 35.62 -0.63 62.34
C TYR D 118 35.73 -1.79 61.38
N MET D 119 34.98 -1.73 60.28
CA MET D 119 34.94 -2.82 59.32
C MET D 119 35.08 -2.26 57.91
N TYR D 120 36.04 -2.79 57.15
CA TYR D 120 36.28 -2.35 55.79
C TYR D 120 36.14 -3.51 54.82
N LEU D 121 35.69 -3.19 53.61
CA LEU D 121 35.33 -4.17 52.60
C LEU D 121 36.31 -4.11 51.44
N GLN D 122 36.56 -5.27 50.83
CA GLN D 122 37.41 -5.33 49.64
C GLN D 122 36.90 -6.43 48.73
N TYR D 123 37.27 -6.32 47.46
CA TYR D 123 36.85 -7.31 46.48
C TYR D 123 37.64 -8.60 46.66
N THR D 124 37.07 -9.69 46.13
CA THR D 124 37.74 -10.98 46.07
C THR D 124 37.70 -11.49 44.63
N TYR D 125 38.80 -12.06 44.18
CA TYR D 125 38.95 -12.49 42.80
C TYR D 125 39.21 -13.99 42.74
N ILE D 126 38.98 -14.55 41.55
CA ILE D 126 39.34 -15.93 41.24
C ILE D 126 40.62 -15.89 40.43
N ARG D 127 41.57 -16.75 40.79
CA ARG D 127 42.92 -16.73 40.23
C ARG D 127 43.08 -17.93 39.30
N TYR D 128 43.12 -17.67 38.00
CA TYR D 128 43.34 -18.70 36.99
C TYR D 128 44.74 -18.57 36.42
N GLU D 129 45.51 -19.65 36.48
CA GLU D 129 46.88 -19.66 36.00
C GLU D 129 47.00 -20.55 34.76
N ILE D 130 47.99 -20.22 33.93
CA ILE D 130 48.38 -21.07 32.82
C ILE D 130 49.89 -21.22 32.88
N ILE D 131 50.36 -22.47 32.90
CA ILE D 131 51.76 -22.75 33.16
C ILE D 131 52.30 -23.70 32.10
N LYS D 132 53.63 -23.73 32.01
CA LYS D 132 54.36 -24.60 31.09
C LYS D 132 55.44 -25.32 31.89
N VAL D 133 55.24 -26.60 32.14
CA VAL D 133 56.17 -27.40 32.94
C VAL D 133 57.20 -28.05 32.02
N LEU D 134 58.43 -28.17 32.53
CA LEU D 134 59.51 -28.80 31.80
C LEU D 134 60.50 -29.34 32.82
N GLN D 135 60.64 -30.67 32.89
CA GLN D 135 61.55 -31.32 33.82
C GLN D 135 61.08 -31.14 35.26
N HIS D 136 59.76 -31.19 35.47
CA HIS D 136 59.18 -31.12 36.81
C HIS D 136 59.51 -29.79 37.49
N GLU D 137 59.37 -28.71 36.73
CA GLU D 137 59.60 -27.37 37.26
C GLU D 137 58.91 -26.37 36.36
N ILE D 138 58.04 -25.54 36.94
CA ILE D 138 57.33 -24.53 36.17
C ILE D 138 58.34 -23.52 35.64
N ILE D 139 58.31 -23.28 34.33
CA ILE D 139 59.23 -22.36 33.69
C ILE D 139 58.51 -21.16 33.09
N GLU D 140 57.25 -20.93 33.48
CA GLU D 140 56.48 -19.82 32.96
C GLU D 140 55.12 -19.83 33.65
N ARG D 141 54.48 -18.67 33.67
CA ARG D 141 53.17 -18.56 34.32
C ARG D 141 52.46 -17.30 33.87
N ALA D 142 51.19 -17.43 33.51
CA ALA D 142 50.31 -16.30 33.23
C ALA D 142 49.14 -16.36 34.21
N VAL D 143 48.71 -15.20 34.70
CA VAL D 143 47.75 -15.13 35.79
C VAL D 143 46.60 -14.21 35.41
N LEU D 144 45.38 -14.67 35.64
CA LEU D 144 44.17 -13.90 35.37
C LEU D 144 43.35 -13.80 36.65
N TYR D 145 42.94 -12.60 37.00
CA TYR D 145 42.12 -12.33 38.17
C TYR D 145 40.71 -11.97 37.68
N VAL D 146 39.73 -12.76 38.07
CA VAL D 146 38.34 -12.58 37.64
C VAL D 146 37.54 -12.10 38.85
N PRO D 147 36.94 -10.92 38.80
CA PRO D 147 36.15 -10.46 39.95
C PRO D 147 35.03 -11.43 40.27
N SER D 148 34.94 -11.82 41.55
CA SER D 148 33.93 -12.77 42.01
C SER D 148 32.98 -12.17 43.02
N LEU D 149 33.47 -11.70 44.16
CA LEU D 149 32.63 -11.22 45.25
C LEU D 149 33.52 -10.42 46.19
N GLY D 150 32.99 -10.05 47.36
CA GLY D 150 33.70 -9.24 48.31
C GLY D 150 34.04 -9.98 49.59
N TYR D 151 34.55 -9.22 50.56
CA TYR D 151 35.00 -9.76 51.83
C TYR D 151 35.21 -8.61 52.82
N VAL D 152 34.74 -8.78 54.05
CA VAL D 152 34.73 -7.72 55.07
C VAL D 152 35.68 -8.12 56.18
N LYS D 153 36.56 -7.20 56.57
CA LYS D 153 37.49 -7.39 57.67
C LYS D 153 37.19 -6.36 58.74
N SER D 154 37.05 -6.82 59.98
CA SER D 154 36.59 -5.97 61.08
C SER D 154 37.55 -6.06 62.25
N ILE D 155 37.51 -5.04 63.10
CA ILE D 155 38.33 -5.00 64.31
C ILE D 155 37.68 -4.05 65.30
N GLU D 156 37.74 -4.42 66.58
CA GLU D 156 37.28 -3.55 67.67
C GLU D 156 38.47 -2.78 68.20
N PHE D 157 38.39 -1.46 68.14
CA PHE D 157 39.51 -0.59 68.49
C PHE D 157 39.07 0.44 69.53
N ASN D 158 39.89 0.60 70.56
CA ASN D 158 39.70 1.73 71.47
C ASN D 158 40.37 2.97 70.88
N PRO D 159 39.86 4.16 71.19
CA PRO D 159 40.47 5.37 70.62
C PRO D 159 41.93 5.50 71.01
N GLY D 160 42.74 5.95 70.05
CA GLY D 160 44.15 6.22 70.29
C GLY D 160 45.07 5.02 70.18
N GLU D 161 44.53 3.82 70.03
CA GLU D 161 45.37 2.64 69.92
C GLU D 161 46.10 2.62 68.59
N LYS D 162 47.25 1.95 68.57
CA LYS D 162 48.05 1.80 67.36
C LYS D 162 47.85 0.39 66.81
N ILE D 163 47.45 0.29 65.56
CA ILE D 163 47.15 -0.98 64.92
C ILE D 163 48.33 -1.41 64.09
N ASN D 164 48.49 -2.72 63.94
CA ASN D 164 49.53 -3.26 63.07
C ASN D 164 49.22 -2.92 61.62
N LYS D 165 50.26 -2.56 60.86
CA LYS D 165 50.06 -2.23 59.46
C LYS D 165 49.50 -3.39 58.66
N ASP D 166 49.72 -4.62 59.12
CA ASP D 166 49.22 -5.78 58.39
C ASP D 166 47.70 -5.74 58.25
N PHE D 167 47.00 -5.18 59.24
CA PHE D 167 45.55 -5.11 59.17
C PHE D 167 45.09 -4.22 58.02
N TYR D 168 45.74 -3.07 57.83
CA TYR D 168 45.33 -2.15 56.78
C TYR D 168 45.93 -2.52 55.44
N PHE D 169 47.22 -2.85 55.41
CA PHE D 169 47.98 -2.99 54.18
C PHE D 169 48.32 -4.45 53.92
N LEU D 170 48.13 -4.87 52.67
CA LEU D 170 48.52 -6.19 52.21
C LEU D 170 49.57 -5.97 51.14
N THR D 171 50.74 -6.55 51.32
CA THR D 171 51.86 -6.36 50.40
C THR D 171 52.07 -7.60 49.51
N ASN D 172 51.16 -8.56 49.60
CA ASN D 172 51.23 -9.78 48.82
C ASN D 172 49.88 -10.48 48.71
N ASP D 173 49.54 -10.89 47.49
CA ASP D 173 48.26 -11.57 47.28
C ASP D 173 48.18 -12.74 48.23
N LYS D 174 46.96 -13.03 48.70
CA LYS D 174 46.69 -14.11 49.59
C LYS D 174 45.46 -14.93 49.31
N CYS D 175 45.46 -16.18 49.76
CA CYS D 175 44.33 -17.09 49.59
C CYS D 175 43.73 -17.23 50.97
N ILE D 176 42.47 -16.84 51.11
CA ILE D 176 41.79 -16.82 52.40
C ILE D 176 40.66 -17.84 52.46
N LEU D 177 39.91 -18.00 51.37
CA LEU D 177 38.79 -18.91 51.36
C LEU D 177 39.26 -20.34 51.63
N ASN D 178 40.08 -20.89 50.75
CA ASN D 178 40.60 -22.23 50.92
C ASN D 178 41.56 -22.54 49.77
N GLU D 179 42.72 -23.11 50.12
CA GLU D 179 43.68 -23.48 49.09
C GLU D 179 43.08 -24.52 48.15
N GLN D 180 43.30 -24.33 46.86
CA GLN D 180 42.77 -25.23 45.85
C GLN D 180 43.68 -25.22 44.64
N PHE D 181 43.70 -26.32 43.91
CA PHE D 181 44.57 -26.45 42.73
C PHE D 181 43.95 -27.50 41.82
N LEU D 182 43.30 -27.04 40.75
CA LEU D 182 42.66 -27.91 39.77
C LEU D 182 43.37 -27.74 38.44
N TYR D 183 44.01 -28.81 37.96
CA TYR D 183 44.86 -28.73 36.79
C TYR D 183 44.27 -29.44 35.58
N LYS D 184 44.47 -28.83 34.40
CA LYS D 184 44.19 -29.43 33.11
C LYS D 184 45.24 -29.32 32.02
N LYS D 185 45.71 -30.45 31.50
CA LYS D 185 46.69 -30.43 30.43
C LYS D 185 45.93 -29.95 29.20
N ILE D 186 46.62 -29.18 28.35
CA ILE D 186 46.02 -28.59 27.16
C ILE D 186 46.44 -29.48 25.98
N LEU D 187 45.57 -30.43 25.64
CA LEU D 187 45.82 -31.24 24.46
C LEU D 187 45.71 -30.38 23.21
N GLU D 188 46.68 -30.52 22.31
CA GLU D 188 46.71 -29.75 21.07
C GLU D 188 45.63 -30.24 20.10
N GLN D 207 18.02 -50.01 31.61
CA GLN D 207 17.64 -51.36 31.99
C GLN D 207 16.29 -51.39 32.69
N ARG D 208 15.57 -50.27 32.61
CA ARG D 208 14.25 -50.16 33.23
C ARG D 208 13.16 -50.56 32.25
N VAL D 209 12.02 -50.94 32.80
CA VAL D 209 10.86 -51.34 31.99
C VAL D 209 9.90 -50.16 31.96
N LEU D 210 9.79 -49.51 30.81
CA LEU D 210 8.94 -48.33 30.64
C LEU D 210 7.73 -48.69 29.81
N PRO D 211 6.53 -48.81 30.39
CA PRO D 211 5.34 -49.19 29.61
C PRO D 211 4.62 -47.98 29.02
N TYR D 212 5.33 -47.26 28.15
CA TYR D 212 4.78 -46.08 27.48
C TYR D 212 4.40 -46.44 26.06
N SER D 213 3.23 -45.96 25.64
CA SER D 213 2.82 -46.16 24.26
C SER D 213 3.67 -45.29 23.32
N ASN D 214 3.72 -45.71 22.07
CA ASN D 214 4.51 -44.97 21.08
C ASN D 214 4.02 -43.53 20.99
N GLY D 215 4.96 -42.60 21.00
CA GLY D 215 4.63 -41.18 20.92
C GLY D 215 5.63 -40.35 21.69
N LEU D 216 5.49 -39.05 21.55
CA LEU D 216 6.38 -38.12 22.25
C LEU D 216 6.07 -38.10 23.75
N TYR D 217 7.09 -37.80 24.53
CA TYR D 217 6.95 -37.64 25.97
C TYR D 217 7.94 -36.59 26.43
N VAL D 218 7.55 -35.80 27.41
CA VAL D 218 8.43 -34.82 28.04
C VAL D 218 8.55 -35.20 29.50
N ILE D 219 9.77 -35.44 29.96
CA ILE D 219 10.03 -35.93 31.31
C ILE D 219 10.79 -34.84 32.06
N ASN D 220 10.28 -34.48 33.22
CA ASN D 220 10.95 -33.54 34.11
C ASN D 220 11.82 -34.35 35.06
N LYS D 221 13.13 -34.35 34.81
CA LYS D 221 14.04 -35.19 35.60
C LYS D 221 14.50 -34.51 36.88
N GLY D 222 14.07 -33.29 37.16
CA GLY D 222 14.30 -32.68 38.45
C GLY D 222 15.03 -31.35 38.33
N ASP D 223 15.06 -30.66 39.46
CA ASP D 223 15.69 -29.34 39.60
C ASP D 223 16.97 -29.47 40.41
N GLY D 224 17.80 -28.44 40.32
CA GLY D 224 19.03 -28.38 41.09
C GLY D 224 20.26 -28.86 40.36
N TYR D 225 20.19 -29.10 39.06
CA TYR D 225 21.35 -29.54 38.32
C TYR D 225 22.37 -28.42 38.18
N ILE D 226 23.65 -28.78 38.28
CA ILE D 226 24.74 -27.81 38.14
C ILE D 226 25.87 -28.46 37.35
N ARG D 227 26.53 -27.68 36.51
CA ARG D 227 27.65 -28.20 35.75
C ARG D 227 28.84 -28.46 36.67
N THR D 228 29.78 -29.26 36.17
CA THR D 228 30.94 -29.65 36.95
C THR D 228 32.01 -28.56 36.92
N ASN D 229 33.03 -28.74 37.75
CA ASN D 229 34.19 -27.85 37.81
C ASN D 229 33.78 -26.42 38.11
N ASP D 230 32.71 -26.23 38.89
CA ASP D 230 32.27 -24.91 39.30
C ASP D 230 32.05 -24.01 38.09
N LYS D 231 31.51 -24.59 37.02
CA LYS D 231 31.17 -23.81 35.83
C LYS D 231 29.92 -22.98 36.01
N ASP D 232 29.18 -23.18 37.10
CA ASP D 232 27.95 -22.43 37.38
C ASP D 232 28.01 -21.74 38.73
N LEU D 233 29.21 -21.44 39.22
CA LEU D 233 29.39 -20.87 40.55
C LEU D 233 29.14 -19.37 40.48
N ILE D 234 28.07 -18.90 41.12
CA ILE D 234 27.86 -17.47 41.24
C ILE D 234 28.98 -16.85 42.06
N GLY D 235 29.34 -17.47 43.16
CA GLY D 235 30.49 -17.00 43.91
C GLY D 235 30.53 -17.54 45.32
N THR D 236 31.69 -17.36 45.95
CA THR D 236 31.94 -17.77 47.32
C THR D 236 32.01 -16.55 48.22
N LEU D 237 31.65 -16.73 49.48
CA LEU D 237 31.59 -15.63 50.42
C LEU D 237 31.95 -16.15 51.82
N LEU D 238 32.88 -15.46 52.48
CA LEU D 238 33.39 -15.89 53.77
C LEU D 238 32.81 -14.99 54.86
N ILE D 239 31.97 -15.56 55.72
CA ILE D 239 31.37 -14.83 56.83
C ILE D 239 32.21 -15.11 58.08
N GLU D 240 32.73 -14.05 58.68
CA GLU D 240 33.50 -14.18 59.91
C GLU D 240 32.59 -14.43 61.10
N ALA D 241 33.19 -14.87 62.19
CA ALA D 241 32.43 -15.18 63.40
C ALA D 241 31.67 -13.94 63.87
N GLY D 242 30.41 -14.14 64.24
CA GLY D 242 29.58 -13.07 64.74
C GLY D 242 28.99 -12.17 63.68
N SER D 243 29.24 -12.43 62.41
CA SER D 243 28.74 -11.62 61.31
C SER D 243 27.66 -12.39 60.56
N SER D 244 27.15 -11.76 59.50
CA SER D 244 26.19 -12.40 58.61
C SER D 244 26.50 -11.98 57.19
N GLY D 245 26.19 -12.87 56.24
CA GLY D 245 26.48 -12.60 54.85
C GLY D 245 25.31 -13.00 53.97
N SER D 246 25.28 -12.42 52.78
CA SER D 246 24.17 -12.65 51.86
C SER D 246 24.60 -12.43 50.42
N ILE D 247 24.09 -13.27 49.53
CA ILE D 247 24.31 -13.17 48.10
C ILE D 247 22.96 -13.03 47.42
N ILE D 248 22.83 -12.05 46.52
CA ILE D 248 21.57 -11.66 45.94
C ILE D 248 21.67 -11.74 44.42
N GLN D 249 20.70 -12.40 43.78
CA GLN D 249 20.47 -12.24 42.35
C GLN D 249 19.32 -11.27 42.18
N PRO D 250 19.57 -9.97 42.06
CA PRO D 250 18.46 -9.01 42.04
C PRO D 250 17.66 -8.99 40.76
N ARG D 251 18.06 -9.75 39.74
CA ARG D 251 17.37 -9.77 38.46
C ARG D 251 17.23 -8.35 37.90
N LEU D 252 18.30 -7.57 38.00
CA LEU D 252 18.34 -6.28 37.33
C LEU D 252 18.32 -6.44 35.82
N ARG D 253 18.68 -7.62 35.31
CA ARG D 253 18.65 -7.91 33.89
C ARG D 253 17.96 -9.25 33.69
N ASN D 254 17.02 -9.30 32.75
CA ASN D 254 16.27 -10.52 32.51
C ASN D 254 17.10 -11.64 31.90
N THR D 255 18.29 -11.34 31.39
CA THR D 255 19.04 -12.32 30.61
C THR D 255 19.36 -13.56 31.45
N THR D 256 19.29 -14.72 30.80
CA THR D 256 19.69 -15.97 31.42
C THR D 256 20.05 -16.96 30.30
N ARG D 257 20.83 -17.97 30.67
CA ARG D 257 21.40 -18.90 29.70
C ARG D 257 20.88 -20.32 29.90
N PRO D 258 19.99 -20.81 29.07
CA PRO D 258 19.62 -22.22 29.09
C PRO D 258 20.67 -23.06 28.37
N LEU D 259 20.48 -24.37 28.38
CA LEU D 259 21.37 -25.27 27.67
C LEU D 259 20.55 -26.32 26.93
N PHE D 260 21.11 -26.82 25.84
CA PHE D 260 20.39 -27.74 24.95
C PHE D 260 21.36 -28.77 24.42
N THR D 261 20.91 -30.03 24.36
CA THR D 261 21.74 -31.11 23.83
C THR D 261 20.82 -32.14 23.19
N THR D 262 20.84 -32.22 21.87
CA THR D 262 20.00 -33.16 21.14
C THR D 262 20.82 -34.36 20.65
N SER D 263 20.10 -35.38 20.18
CA SER D 263 20.71 -36.51 19.51
C SER D 263 20.46 -36.55 18.02
N ASN D 264 19.42 -35.87 17.54
CA ASN D 264 19.14 -35.77 16.11
C ASN D 264 18.55 -34.38 15.87
N ASP D 265 19.39 -33.44 15.44
CA ASP D 265 18.94 -32.07 15.23
C ASP D 265 17.92 -31.96 14.10
N ALA D 266 17.76 -32.99 13.27
CA ALA D 266 16.78 -32.92 12.20
C ALA D 266 15.37 -32.80 12.76
N LYS D 267 15.05 -33.59 13.79
CA LYS D 267 13.74 -33.57 14.42
C LYS D 267 13.72 -32.73 15.69
N PHE D 268 14.64 -32.99 16.61
CA PHE D 268 14.68 -32.29 17.90
C PHE D 268 15.62 -31.09 17.78
N SER D 269 15.09 -30.01 17.22
CA SER D 269 15.80 -28.75 17.16
C SER D 269 15.61 -27.99 18.47
N GLN D 270 16.38 -26.90 18.64
CA GLN D 270 16.21 -26.08 19.84
C GLN D 270 14.85 -25.38 19.82
N GLN D 271 14.49 -24.77 18.70
CA GLN D 271 13.19 -24.13 18.58
C GLN D 271 12.06 -25.15 18.60
N TYR D 272 12.34 -26.41 18.28
CA TYR D 272 11.32 -27.45 18.31
C TYR D 272 11.10 -27.95 19.74
N THR D 273 12.19 -28.23 20.46
CA THR D 273 12.06 -28.69 21.83
C THR D 273 11.36 -27.65 22.69
N GLU D 274 11.75 -26.38 22.56
CA GLU D 274 11.12 -25.33 23.34
C GLU D 274 9.63 -25.25 23.06
N GLU D 275 9.22 -25.54 21.83
CA GLU D 275 7.79 -25.51 21.51
C GLU D 275 7.04 -26.63 22.21
N ARG D 276 7.65 -27.82 22.29
CA ARG D 276 6.99 -28.93 22.97
C ARG D 276 6.92 -28.72 24.46
N LEU D 277 7.91 -28.04 25.04
CA LEU D 277 7.82 -27.72 26.47
C LEU D 277 6.63 -26.83 26.75
N LYS D 278 6.38 -25.84 25.90
CA LYS D 278 5.20 -24.99 26.08
C LYS D 278 3.92 -25.79 25.97
N ASP D 279 3.93 -26.87 25.19
CA ASP D 279 2.73 -27.70 25.05
C ASP D 279 2.42 -28.42 26.35
N ALA D 280 3.44 -29.03 26.97
CA ALA D 280 3.20 -29.86 28.14
C ALA D 280 3.12 -29.03 29.41
N PHE D 281 4.20 -28.33 29.76
CA PHE D 281 4.29 -27.60 31.02
C PHE D 281 4.00 -26.11 30.86
N ASN D 282 3.60 -25.66 29.68
CA ASN D 282 3.24 -24.26 29.46
C ASN D 282 4.38 -23.33 29.89
N VAL D 283 5.61 -23.70 29.53
CA VAL D 283 6.77 -22.86 29.80
C VAL D 283 6.79 -21.73 28.78
N GLN D 284 6.69 -20.49 29.26
CA GLN D 284 6.62 -19.32 28.39
C GLN D 284 7.96 -18.60 28.26
N LEU D 285 8.66 -18.38 29.37
CA LEU D 285 9.91 -17.64 29.38
C LEU D 285 11.08 -18.61 29.38
N PHE D 286 11.90 -18.57 28.33
CA PHE D 286 13.07 -19.41 28.21
C PHE D 286 14.35 -18.61 28.43
N ASN D 287 14.56 -17.54 27.66
CA ASN D 287 15.78 -16.75 27.72
C ASN D 287 15.70 -15.60 28.71
N THR D 288 14.56 -15.42 29.38
CA THR D 288 14.36 -14.33 30.31
C THR D 288 13.91 -14.89 31.66
N SER D 289 13.82 -14.00 32.65
CA SER D 289 13.41 -14.40 33.98
C SER D 289 13.22 -13.14 34.81
N THR D 290 12.30 -13.21 35.78
CA THR D 290 12.01 -12.10 36.67
C THR D 290 11.84 -12.57 38.10
N SER D 291 12.51 -13.66 38.46
CA SER D 291 12.42 -14.23 39.81
C SER D 291 13.73 -13.99 40.53
N LEU D 292 13.65 -13.39 41.71
CA LEU D 292 14.82 -13.08 42.52
C LEU D 292 15.08 -14.18 43.52
N PHE D 293 16.35 -14.45 43.80
CA PHE D 293 16.71 -15.39 44.85
C PHE D 293 17.89 -14.86 45.65
N LYS D 294 17.77 -15.00 46.97
CA LYS D 294 18.77 -14.60 47.94
C LYS D 294 19.25 -15.81 48.73
N PHE D 295 20.46 -15.71 49.26
CA PHE D 295 21.01 -16.73 50.13
C PHE D 295 21.69 -16.03 51.29
N VAL D 296 21.20 -16.26 52.51
CA VAL D 296 21.64 -15.56 53.70
C VAL D 296 22.14 -16.57 54.71
N GLU D 297 23.30 -16.30 55.30
CA GLU D 297 23.87 -17.14 56.34
C GLU D 297 24.27 -16.27 57.52
N GLU D 298 23.86 -16.68 58.71
CA GLU D 298 24.21 -16.00 59.96
C GLU D 298 25.18 -16.91 60.71
N ALA D 299 26.47 -16.63 60.58
CA ALA D 299 27.48 -17.50 61.17
C ALA D 299 27.43 -17.42 62.69
N PRO D 300 27.82 -18.50 63.38
CA PRO D 300 27.85 -18.46 64.84
C PRO D 300 28.98 -17.58 65.36
N SER D 301 29.13 -17.52 66.69
CA SER D 301 30.16 -16.70 67.31
C SER D 301 31.45 -17.46 67.58
N ASN D 302 31.55 -18.71 67.14
CA ASN D 302 32.71 -19.55 67.40
C ASN D 302 33.65 -19.66 66.22
N LYS D 303 33.14 -19.98 65.04
CA LYS D 303 33.97 -20.20 63.86
C LYS D 303 33.36 -19.51 62.64
N ASN D 304 34.24 -19.09 61.74
CA ASN D 304 33.79 -18.51 60.47
C ASN D 304 33.25 -19.61 59.57
N ILE D 305 32.51 -19.19 58.54
CA ILE D 305 31.87 -20.11 57.62
C ILE D 305 32.05 -19.61 56.19
N CYS D 306 31.98 -20.53 55.23
CA CYS D 306 32.01 -20.20 53.82
C CYS D 306 30.68 -20.61 53.19
N ILE D 307 30.12 -19.74 52.37
CA ILE D 307 28.87 -20.00 51.68
C ILE D 307 29.12 -19.84 50.19
N LYS D 308 28.78 -20.86 49.42
CA LYS D 308 29.01 -20.88 47.98
C LYS D 308 27.67 -20.95 47.28
N ALA D 309 27.47 -20.04 46.32
CA ALA D 309 26.23 -19.97 45.56
C ALA D 309 26.51 -20.31 44.11
N TYR D 310 25.75 -21.27 43.59
CA TYR D 310 25.77 -21.66 42.19
C TYR D 310 24.45 -21.30 41.53
N ASN D 311 24.49 -21.14 40.21
CA ASN D 311 23.27 -21.15 39.42
C ASN D 311 22.87 -22.60 39.17
N THR D 312 21.56 -22.82 39.01
CA THR D 312 21.00 -24.15 38.90
C THR D 312 20.12 -24.25 37.66
N TYR D 313 19.91 -25.47 37.20
CA TYR D 313 19.07 -25.75 36.06
C TYR D 313 18.07 -26.86 36.39
N GLU D 314 16.93 -26.78 35.73
CA GLU D 314 15.92 -27.85 35.76
C GLU D 314 16.03 -28.63 34.46
N LYS D 315 16.03 -29.95 34.57
CA LYS D 315 16.30 -30.82 33.44
C LYS D 315 15.00 -31.37 32.87
N TYR D 316 14.79 -31.16 31.57
CA TYR D 316 13.69 -31.76 30.84
C TYR D 316 14.25 -32.67 29.78
N GLU D 317 13.62 -33.83 29.60
CA GLU D 317 14.00 -34.79 28.57
C GLU D 317 12.83 -34.97 27.62
N LEU D 318 13.08 -34.79 26.33
CA LEU D 318 12.10 -35.00 25.27
C LEU D 318 12.49 -36.25 24.51
N ILE D 319 11.67 -37.27 24.57
CA ILE D 319 11.99 -38.58 24.00
C ILE D 319 11.01 -38.89 22.89
N ASP D 320 11.28 -40.00 22.18
CA ASP D 320 10.37 -40.52 21.16
C ASP D 320 10.36 -42.04 21.34
N TYR D 321 9.43 -42.52 22.15
CA TYR D 321 9.36 -43.93 22.48
C TYR D 321 8.74 -44.70 21.31
N GLN D 322 9.34 -45.83 20.96
CA GLN D 322 8.87 -46.64 19.85
C GLN D 322 9.13 -48.11 20.14
N ASN D 323 8.06 -48.90 20.22
CA ASN D 323 8.16 -50.36 20.36
C ASN D 323 9.12 -50.75 21.48
N GLY D 324 9.16 -49.94 22.53
CA GLY D 324 9.98 -50.27 23.68
C GLY D 324 11.43 -49.86 23.53
N SER D 325 11.67 -48.69 22.94
CA SER D 325 13.04 -48.22 22.74
C SER D 325 13.02 -46.74 22.40
N ILE D 326 13.90 -45.98 23.05
CA ILE D 326 14.07 -44.58 22.70
C ILE D 326 14.86 -44.47 21.40
N VAL D 327 14.37 -43.63 20.48
CA VAL D 327 15.05 -43.41 19.23
C VAL D 327 15.60 -41.99 19.11
N ASN D 328 15.00 -41.02 19.78
CA ASN D 328 15.49 -39.65 19.78
C ASN D 328 15.28 -39.06 21.17
N LYS D 329 16.34 -38.49 21.73
CA LYS D 329 16.27 -37.85 23.04
C LYS D 329 16.95 -36.50 22.98
N ALA D 330 16.34 -35.51 23.63
CA ALA D 330 16.90 -34.17 23.72
C ALA D 330 16.80 -33.69 25.16
N GLU D 331 17.91 -33.24 25.71
CA GLU D 331 17.95 -32.72 27.08
C GLU D 331 17.98 -31.20 27.03
N TYR D 332 17.11 -30.58 27.81
CA TYR D 332 16.99 -29.12 27.87
C TYR D 332 17.11 -28.70 29.33
N TYR D 333 18.08 -27.84 29.61
CA TYR D 333 18.35 -27.38 30.97
C TYR D 333 17.91 -25.93 31.07
N LEU D 334 16.83 -25.69 31.81
CA LEU D 334 16.26 -24.35 31.96
C LEU D 334 16.79 -23.70 33.22
N PRO D 335 17.22 -22.43 33.18
CA PRO D 335 17.79 -21.82 34.39
C PRO D 335 16.81 -21.86 35.55
N SER D 336 17.35 -22.08 36.75
CA SER D 336 16.58 -22.19 37.97
C SER D 336 17.05 -21.12 38.97
N LEU D 337 16.61 -21.25 40.22
CA LEU D 337 16.81 -20.22 41.23
C LEU D 337 17.97 -20.53 42.18
N GLY D 338 19.03 -21.15 41.68
CA GLY D 338 20.28 -21.21 42.42
C GLY D 338 20.35 -22.35 43.43
N TYR D 339 21.54 -22.49 44.00
CA TYR D 339 21.83 -23.53 44.99
C TYR D 339 22.90 -23.02 45.93
N CYS D 340 22.77 -23.35 47.21
CA CYS D 340 23.62 -22.81 48.26
C CYS D 340 24.25 -23.93 49.05
N GLU D 341 25.56 -23.86 49.24
CA GLU D 341 26.32 -24.85 50.00
C GLU D 341 27.09 -24.16 51.11
N VAL D 342 27.01 -24.70 52.32
CA VAL D 342 27.67 -24.12 53.49
C VAL D 342 28.78 -25.08 53.92
N THR D 343 29.99 -24.53 54.12
CA THR D 343 31.15 -25.32 54.48
C THR D 343 31.90 -24.65 55.63
N ASN D 344 32.32 -25.45 56.61
CA ASN D 344 33.20 -24.94 57.64
C ASN D 344 34.63 -24.92 57.15
N ALA D 345 35.28 -23.77 57.25
CA ALA D 345 36.66 -23.65 56.78
C ALA D 345 37.57 -24.50 57.65
N PRO D 346 38.58 -25.18 57.07
CA PRO D 346 39.48 -25.99 57.88
C PRO D 346 40.60 -25.17 58.52
N GLU D 351 48.17 -31.04 51.97
CA GLU D 351 47.81 -29.62 52.03
C GLU D 351 47.33 -29.14 50.67
N VAL D 352 48.25 -29.01 49.72
CA VAL D 352 47.88 -28.52 48.39
C VAL D 352 46.90 -29.49 47.73
N VAL D 353 47.25 -30.77 47.71
CA VAL D 353 46.36 -31.80 47.17
C VAL D 353 46.05 -31.49 45.71
N LYS D 354 47.06 -31.61 44.85
CA LYS D 354 46.86 -31.38 43.42
C LYS D 354 45.77 -32.29 42.90
N THR D 355 44.84 -31.73 42.13
CA THR D 355 43.67 -32.45 41.66
C THR D 355 43.42 -32.11 40.20
N GLN D 356 42.88 -33.10 39.47
CA GLN D 356 42.56 -32.93 38.06
C GLN D 356 41.09 -32.55 37.92
N VAL D 357 40.80 -31.74 36.90
CA VAL D 357 39.42 -31.29 36.68
C VAL D 357 38.53 -32.49 36.40
N ALA D 358 37.31 -32.44 36.91
CA ALA D 358 36.36 -33.51 36.68
C ALA D 358 35.88 -33.50 35.24
N GLU D 359 35.45 -34.67 34.76
CA GLU D 359 34.95 -34.77 33.40
C GLU D 359 33.68 -33.94 33.24
N ASP D 360 33.52 -33.35 32.05
CA ASP D 360 32.36 -32.50 31.80
C ASP D 360 31.08 -33.27 32.01
N GLY D 361 30.11 -32.62 32.66
CA GLY D 361 28.84 -33.26 32.94
C GLY D 361 28.01 -32.41 33.88
N PHE D 362 26.96 -33.01 34.42
CA PHE D 362 26.06 -32.35 35.34
C PHE D 362 25.97 -33.18 36.62
N ILE D 363 25.63 -32.49 37.71
CA ILE D 363 25.42 -33.11 39.01
C ILE D 363 24.09 -32.62 39.56
N GLN D 364 23.29 -33.54 40.08
CA GLN D 364 21.99 -33.21 40.65
C GLN D 364 22.12 -32.97 42.15
N ASN D 365 21.62 -31.83 42.61
CA ASN D 365 21.62 -31.50 44.03
C ASN D 365 20.22 -31.49 44.64
N GLY D 366 19.18 -31.47 43.81
CA GLY D 366 17.82 -31.46 44.30
C GLY D 366 17.27 -32.85 44.50
N PRO D 367 16.00 -32.94 44.90
CA PRO D 367 15.40 -34.25 45.15
C PRO D 367 15.19 -35.04 43.88
N GLU D 368 15.19 -36.36 44.03
CA GLU D 368 14.88 -37.23 42.90
C GLU D 368 13.47 -36.96 42.41
N GLU D 369 13.32 -36.82 41.10
CA GLU D 369 12.04 -36.46 40.51
C GLU D 369 11.95 -37.05 39.11
N GLU D 370 10.75 -37.48 38.74
CA GLU D 370 10.51 -38.04 37.41
C GLU D 370 9.02 -37.87 37.11
N ILE D 371 8.70 -36.85 36.32
CA ILE D 371 7.32 -36.54 35.92
C ILE D 371 7.22 -36.76 34.43
N VAL D 372 6.40 -37.73 34.01
CA VAL D 372 6.24 -38.08 32.60
C VAL D 372 4.92 -37.52 32.11
N VAL D 373 4.98 -36.76 31.02
CA VAL D 373 3.81 -36.13 30.42
C VAL D 373 3.83 -36.40 28.93
N GLY D 374 2.76 -37.00 28.41
CA GLY D 374 2.64 -37.17 26.98
C GLY D 374 2.38 -35.85 26.29
N VAL D 375 2.58 -35.86 24.98
CA VAL D 375 2.42 -34.64 24.17
C VAL D 375 1.91 -35.04 22.80
N ILE D 376 1.06 -34.19 22.23
CA ILE D 376 0.54 -34.41 20.89
C ILE D 376 1.65 -34.23 19.88
N ASP D 377 1.74 -35.13 18.92
CA ASP D 377 2.69 -34.96 17.82
C ASP D 377 2.17 -33.89 16.87
N PRO D 378 2.90 -32.80 16.66
CA PRO D 378 2.37 -31.74 15.77
C PRO D 378 2.19 -32.21 14.34
N SER D 379 2.96 -33.21 13.89
CA SER D 379 2.84 -33.67 12.52
C SER D 379 1.46 -34.23 12.24
N GLU D 380 0.93 -35.04 13.15
CA GLU D 380 -0.40 -35.62 12.94
C GLU D 380 -1.46 -34.54 12.99
N ASN D 381 -2.38 -34.56 12.03
CA ASN D 381 -3.45 -33.58 11.99
C ASN D 381 -4.37 -33.76 13.20
N ILE D 382 -5.28 -32.79 13.37
CA ILE D 382 -6.19 -32.79 14.51
C ILE D 382 -7.60 -32.44 14.05
N GLN D 383 -8.44 -33.45 13.87
CA GLN D 383 -9.85 -33.23 13.57
C GLN D 383 -10.63 -33.09 14.87
N GLU D 384 -11.65 -32.24 14.84
CA GLU D 384 -12.44 -31.92 16.02
C GLU D 384 -13.90 -32.27 15.77
N ILE D 385 -14.54 -32.86 16.78
CA ILE D 385 -15.96 -33.15 16.75
C ILE D 385 -16.66 -32.10 17.61
N ASN D 386 -17.46 -31.24 16.98
CA ASN D 386 -18.02 -30.09 17.68
C ASN D 386 -19.21 -30.46 18.55
N THR D 387 -19.95 -31.50 18.19
CA THR D 387 -21.17 -31.87 18.89
C THR D 387 -20.85 -32.89 19.97
N ALA D 388 -21.34 -32.65 21.18
CA ALA D 388 -21.11 -33.59 22.27
C ALA D 388 -21.84 -34.90 22.00
N ILE D 389 -21.18 -36.01 22.32
CA ILE D 389 -21.76 -37.33 22.12
C ILE D 389 -22.75 -37.61 23.24
N SER D 390 -23.99 -37.92 22.87
CA SER D 390 -25.02 -38.17 23.87
C SER D 390 -25.18 -39.65 24.17
N ASP D 391 -25.63 -40.43 23.20
CA ASP D 391 -25.80 -41.88 23.38
C ASP D 391 -25.35 -42.73 22.21
N ASN D 392 -25.13 -42.16 21.02
CA ASN D 392 -24.76 -42.95 19.86
C ASN D 392 -24.31 -42.02 18.73
N TYR D 393 -23.14 -42.29 18.16
CA TYR D 393 -22.58 -41.47 17.11
C TYR D 393 -21.93 -42.34 16.06
N THR D 394 -21.97 -41.87 14.82
CA THR D 394 -21.25 -42.49 13.70
C THR D 394 -20.40 -41.41 13.05
N TYR D 395 -19.10 -41.65 12.98
CA TYR D 395 -18.15 -40.68 12.47
C TYR D 395 -17.54 -41.20 11.17
N ASN D 396 -17.67 -40.43 10.10
CA ASN D 396 -17.10 -40.77 8.81
C ASN D 396 -15.77 -40.04 8.66
N ILE D 397 -14.68 -40.81 8.58
CA ILE D 397 -13.34 -40.23 8.53
C ILE D 397 -13.21 -39.39 7.28
N PRO D 398 -12.84 -38.11 7.39
CA PRO D 398 -12.71 -37.27 6.21
C PRO D 398 -11.55 -37.69 5.33
N GLY D 399 -11.66 -37.35 4.04
CA GLY D 399 -10.60 -37.65 3.10
C GLY D 399 -9.38 -36.77 3.24
N ILE D 400 -9.50 -35.63 3.92
CA ILE D 400 -8.36 -34.74 4.10
C ILE D 400 -7.25 -35.45 4.85
N VAL D 401 -7.59 -36.46 5.66
CA VAL D 401 -6.58 -37.21 6.39
C VAL D 401 -5.63 -37.92 5.44
N ASN D 402 -6.07 -38.16 4.20
CA ASN D 402 -5.28 -38.83 3.16
C ASN D 402 -4.58 -40.10 3.62
N ASN D 403 -5.35 -40.95 4.31
CA ASN D 403 -4.84 -42.26 4.76
C ASN D 403 -3.58 -42.10 5.59
N ASN D 404 -3.56 -41.09 6.47
CA ASN D 404 -2.44 -40.83 7.34
C ASN D 404 -2.92 -40.76 8.78
N PRO D 405 -2.06 -41.05 9.75
CA PRO D 405 -2.49 -41.00 11.15
C PRO D 405 -2.85 -39.59 11.57
N PHE D 406 -3.79 -39.49 12.51
CA PHE D 406 -4.24 -38.19 12.96
C PHE D 406 -4.96 -38.34 14.30
N TYR D 407 -5.48 -37.23 14.79
CA TYR D 407 -6.15 -37.17 16.10
C TYR D 407 -7.58 -36.67 15.92
N ILE D 408 -8.49 -37.29 16.65
CA ILE D 408 -9.88 -36.87 16.71
C ILE D 408 -10.14 -36.33 18.11
N LEU D 409 -10.50 -35.06 18.20
CA LEU D 409 -10.78 -34.40 19.48
C LEU D 409 -12.29 -34.39 19.70
N PHE D 410 -12.71 -34.87 20.86
CA PHE D 410 -14.13 -35.02 21.14
C PHE D 410 -14.37 -34.97 22.63
N THR D 411 -15.65 -34.85 23.00
CA THR D 411 -16.07 -34.90 24.39
C THR D 411 -17.51 -35.37 24.44
N VAL D 412 -17.93 -35.83 25.62
CA VAL D 412 -19.25 -36.40 25.79
C VAL D 412 -20.20 -35.33 26.33
N ASN D 413 -21.49 -35.59 26.17
CA ASN D 413 -22.52 -34.73 26.74
C ASN D 413 -22.96 -35.19 28.12
N THR D 414 -22.49 -36.34 28.58
CA THR D 414 -22.87 -36.85 29.89
C THR D 414 -21.91 -37.96 30.33
N THR D 415 -21.43 -37.89 31.57
CA THR D 415 -20.47 -38.87 32.06
C THR D 415 -21.05 -40.27 31.93
N GLY D 416 -20.17 -41.22 31.61
CA GLY D 416 -20.59 -42.60 31.48
C GLY D 416 -19.52 -43.44 30.81
N ILE D 417 -19.82 -44.72 30.70
CA ILE D 417 -18.90 -45.69 30.10
C ILE D 417 -19.30 -45.86 28.64
N TYR D 418 -18.33 -45.66 27.75
CA TYR D 418 -18.56 -45.69 26.32
C TYR D 418 -17.72 -46.77 25.66
N LYS D 419 -18.28 -47.39 24.64
CA LYS D 419 -17.60 -48.36 23.81
C LYS D 419 -17.29 -47.71 22.47
N ILE D 420 -16.02 -47.70 22.10
CA ILE D 420 -15.53 -47.08 20.87
C ILE D 420 -14.89 -48.15 20.01
N ASN D 421 -15.33 -48.26 18.76
CA ASN D 421 -14.79 -49.26 17.85
C ASN D 421 -14.78 -48.68 16.45
N ALA D 422 -14.46 -49.52 15.47
CA ALA D 422 -14.44 -49.12 14.07
C ALA D 422 -15.05 -50.24 13.23
N GLN D 423 -15.44 -49.89 12.01
CA GLN D 423 -16.04 -50.86 11.11
C GLN D 423 -15.13 -52.07 10.97
N ASN D 424 -15.69 -53.26 11.19
CA ASN D 424 -14.96 -54.52 11.19
C ASN D 424 -13.95 -54.60 12.33
N ASN D 425 -14.00 -53.67 13.28
CA ASN D 425 -13.12 -53.64 14.44
C ASN D 425 -11.66 -53.40 14.09
N LEU D 426 -11.39 -52.87 12.89
CA LEU D 426 -10.02 -52.56 12.49
C LEU D 426 -9.96 -51.14 11.94
N PRO D 427 -8.86 -50.42 12.17
CA PRO D 427 -7.67 -50.79 12.95
C PRO D 427 -7.86 -50.57 14.43
N SER D 428 -6.95 -51.04 15.28
CA SER D 428 -7.04 -50.78 16.70
C SER D 428 -6.73 -49.32 16.99
N LEU D 429 -7.36 -48.79 18.04
CA LEU D 429 -7.30 -47.37 18.37
C LEU D 429 -6.58 -47.15 19.68
N LYS D 430 -6.12 -45.92 19.88
CA LYS D 430 -5.54 -45.45 21.12
C LYS D 430 -6.28 -44.21 21.57
N ILE D 431 -6.55 -44.10 22.86
CA ILE D 431 -7.32 -42.99 23.40
C ILE D 431 -6.53 -42.31 24.49
N TYR D 432 -6.46 -40.98 24.43
CA TYR D 432 -5.79 -40.16 25.42
C TYR D 432 -6.76 -39.16 26.01
N GLU D 433 -6.46 -38.70 27.23
CA GLU D 433 -7.25 -37.69 27.92
C GLU D 433 -6.41 -36.44 28.08
N ALA D 434 -6.96 -35.30 27.67
CA ALA D 434 -6.28 -34.03 27.87
C ALA D 434 -6.16 -33.71 29.34
N ILE D 435 -5.01 -33.17 29.73
CA ILE D 435 -4.76 -32.85 31.13
C ILE D 435 -5.33 -31.47 31.44
N GLY D 436 -6.11 -31.38 32.51
CA GLY D 436 -6.69 -30.11 32.91
C GLY D 436 -7.65 -29.53 31.92
N SER D 437 -8.42 -30.36 31.23
CA SER D 437 -9.41 -29.90 30.29
C SER D 437 -10.76 -29.73 30.98
N GLY D 438 -11.61 -28.90 30.38
CA GLY D 438 -12.94 -28.69 30.93
C GLY D 438 -12.94 -28.14 32.33
N ASN D 439 -11.88 -27.45 32.73
CA ASN D 439 -11.80 -26.83 34.04
C ASN D 439 -12.10 -25.34 34.01
N ARG D 440 -11.85 -24.67 32.88
CA ARG D 440 -12.04 -23.22 32.79
C ARG D 440 -13.32 -22.85 32.05
N ASN D 441 -13.42 -23.19 30.76
CA ASN D 441 -14.51 -22.73 29.92
C ASN D 441 -15.42 -23.88 29.55
N PHE D 442 -16.71 -23.73 29.84
CA PHE D 442 -17.71 -24.75 29.62
C PHE D 442 -18.89 -24.25 28.80
N GLN D 443 -19.24 -25.01 27.75
CA GLN D 443 -20.39 -24.70 26.91
C GLN D 443 -21.19 -25.97 26.68
N SER D 444 -22.36 -26.06 27.32
CA SER D 444 -23.16 -27.27 27.24
C SER D 444 -23.50 -27.58 25.79
N GLY D 445 -23.36 -28.86 25.42
CA GLY D 445 -23.66 -29.29 24.08
C GLY D 445 -22.49 -29.12 23.14
N ASN D 446 -22.06 -27.88 22.95
CA ASN D 446 -20.93 -27.60 22.07
C ASN D 446 -19.63 -28.01 22.75
N LEU D 447 -18.54 -27.92 21.99
CA LEU D 447 -17.20 -28.26 22.47
C LEU D 447 -16.35 -27.01 22.55
N CYS D 448 -15.63 -26.86 23.67
CA CYS D 448 -14.74 -25.73 23.88
C CYS D 448 -13.30 -26.23 23.76
N ASP D 449 -12.69 -25.98 22.60
CA ASP D 449 -11.35 -26.48 22.32
C ASP D 449 -10.34 -25.67 23.13
N ASP D 450 -9.87 -26.23 24.24
CA ASP D 450 -8.91 -25.55 25.09
C ASP D 450 -7.54 -25.45 24.46
N ASP D 451 -7.29 -26.15 23.36
CA ASP D 451 -5.99 -26.16 22.70
C ASP D 451 -4.91 -26.80 23.56
N ILE D 452 -5.30 -27.58 24.56
CA ILE D 452 -4.35 -28.22 25.45
C ILE D 452 -3.72 -29.40 24.75
N LYS D 453 -2.42 -29.57 24.94
CA LYS D 453 -1.65 -30.64 24.29
C LYS D 453 -1.01 -31.60 25.27
N ALA D 454 -1.19 -31.41 26.57
CA ALA D 454 -0.63 -32.33 27.58
C ALA D 454 -1.61 -33.48 27.74
N ILE D 455 -1.35 -34.58 27.06
CA ILE D 455 -2.26 -35.71 27.01
C ILE D 455 -1.80 -36.78 27.99
N ASN D 456 -2.73 -37.64 28.38
CA ASN D 456 -2.46 -38.75 29.29
C ASN D 456 -2.97 -40.02 28.65
N TYR D 457 -2.09 -41.01 28.49
CA TYR D 457 -2.51 -42.28 27.91
C TYR D 457 -3.57 -42.93 28.79
N ILE D 458 -4.53 -43.58 28.14
CA ILE D 458 -5.56 -44.32 28.87
C ILE D 458 -5.48 -45.79 28.47
N THR D 459 -5.62 -46.07 27.18
CA THR D 459 -5.58 -47.44 26.69
C THR D 459 -5.54 -47.44 25.17
N GLY D 460 -5.34 -48.63 24.61
CA GLY D 460 -5.22 -48.81 23.18
C GLY D 460 -3.98 -49.59 22.81
N PHE D 461 -3.90 -50.05 21.57
CA PHE D 461 -2.77 -50.82 21.08
C PHE D 461 -2.16 -50.13 19.87
N ASP D 462 -0.84 -50.01 19.85
CA ASP D 462 -0.15 -49.37 18.73
C ASP D 462 -0.12 -50.23 17.48
N SER D 463 -0.37 -51.54 17.61
CA SER D 463 -0.34 -52.41 16.44
C SER D 463 -1.53 -52.10 15.54
N PRO D 464 -1.31 -51.82 14.25
CA PRO D 464 -2.42 -51.52 13.35
C PRO D 464 -3.04 -52.73 12.66
N ASN D 465 -2.39 -53.90 12.74
CA ASN D 465 -2.92 -55.10 12.11
C ASN D 465 -3.92 -55.85 12.97
N ALA D 466 -4.03 -55.52 14.25
CA ALA D 466 -4.92 -56.22 15.16
C ALA D 466 -6.31 -55.58 15.14
N LYS D 467 -7.30 -56.36 15.59
CA LYS D 467 -8.68 -55.92 15.68
C LYS D 467 -9.10 -55.88 17.14
N SER D 468 -9.64 -54.75 17.57
CA SER D 468 -10.03 -54.57 18.96
C SER D 468 -10.95 -53.36 19.06
N TYR D 469 -11.53 -53.19 20.24
CA TYR D 469 -12.29 -51.99 20.56
C TYR D 469 -11.98 -51.59 22.00
N LEU D 470 -12.55 -50.46 22.42
CA LEU D 470 -12.21 -49.86 23.71
C LEU D 470 -13.49 -49.68 24.52
N VAL D 471 -13.39 -49.89 25.84
CA VAL D 471 -14.47 -49.57 26.77
C VAL D 471 -13.86 -48.69 27.84
N VAL D 472 -14.25 -47.41 27.86
CA VAL D 472 -13.59 -46.43 28.69
C VAL D 472 -14.63 -45.54 29.37
N LEU D 473 -14.29 -45.06 30.55
CA LEU D 473 -15.16 -44.17 31.31
C LEU D 473 -14.81 -42.72 30.96
N LEU D 474 -15.73 -42.03 30.29
CA LEU D 474 -15.54 -40.65 29.89
C LEU D 474 -16.41 -39.74 30.76
N ASN D 475 -15.91 -38.54 31.02
CA ASN D 475 -16.56 -37.58 31.88
C ASN D 475 -17.03 -36.38 31.06
N LYS D 476 -18.17 -35.82 31.46
CA LYS D 476 -18.65 -34.60 30.83
C LYS D 476 -17.69 -33.42 30.99
N ASP D 477 -17.55 -32.63 29.93
CA ASP D 477 -16.66 -31.48 29.93
C ASP D 477 -15.22 -31.91 30.22
N LYS D 478 -14.68 -32.73 29.31
CA LYS D 478 -13.29 -33.14 29.39
C LYS D 478 -12.85 -33.51 27.99
N ASN D 479 -11.84 -32.81 27.47
CA ASN D 479 -11.38 -33.05 26.11
C ASN D 479 -10.66 -34.38 26.01
N TYR D 480 -10.97 -35.13 24.96
CA TYR D 480 -10.39 -36.45 24.74
C TYR D 480 -9.90 -36.57 23.30
N TYR D 481 -8.80 -37.29 23.12
CA TYR D 481 -8.19 -37.49 21.81
C TYR D 481 -8.22 -38.98 21.46
N ILE D 482 -8.45 -39.26 20.18
CA ILE D 482 -8.34 -40.62 19.63
C ILE D 482 -7.33 -40.57 18.51
N ARG D 483 -6.25 -41.36 18.64
CA ARG D 483 -5.20 -41.36 17.63
C ARG D 483 -5.49 -42.48 16.64
N VAL D 484 -5.97 -42.10 15.45
CA VAL D 484 -6.18 -43.05 14.36
C VAL D 484 -4.83 -43.28 13.68
N PRO D 485 -4.37 -44.52 13.56
CA PRO D 485 -3.04 -44.77 13.00
C PRO D 485 -3.07 -44.70 11.47
N GLN D 486 -1.91 -44.99 10.87
CA GLN D 486 -1.74 -44.91 9.42
C GLN D 486 -2.50 -46.07 8.79
N THR D 487 -3.74 -45.80 8.37
CA THR D 487 -4.51 -46.79 7.65
C THR D 487 -4.01 -46.91 6.21
N SER D 488 -4.26 -48.06 5.61
CA SER D 488 -3.83 -48.34 4.25
C SER D 488 -4.97 -48.55 3.27
N SER D 489 -5.98 -49.33 3.66
CA SER D 489 -7.09 -49.61 2.74
C SER D 489 -7.86 -48.34 2.43
N ASN D 490 -8.23 -48.19 1.16
CA ASN D 490 -9.05 -47.06 0.75
C ASN D 490 -10.51 -47.23 1.13
N ILE D 491 -10.90 -48.40 1.62
CA ILE D 491 -12.29 -48.60 2.03
C ILE D 491 -12.66 -47.60 3.09
N GLU D 492 -13.86 -47.02 2.95
CA GLU D 492 -14.32 -45.98 3.88
C GLU D 492 -14.45 -46.56 5.28
N ASN D 493 -13.62 -46.09 6.20
CA ASN D 493 -13.67 -46.52 7.58
C ASN D 493 -14.64 -45.65 8.37
N GLN D 494 -15.00 -46.11 9.57
CA GLN D 494 -15.95 -45.41 10.40
C GLN D 494 -15.62 -45.66 11.86
N ILE D 495 -15.80 -44.64 12.69
CA ILE D 495 -15.61 -44.74 14.14
C ILE D 495 -16.98 -44.75 14.79
N LYS D 496 -17.28 -45.82 15.52
CA LYS D 496 -18.58 -46.00 16.14
C LYS D 496 -18.46 -45.82 17.65
N PHE D 497 -19.33 -44.98 18.21
CA PHE D 497 -19.45 -44.77 19.64
C PHE D 497 -20.79 -45.30 20.12
N LYS D 498 -20.80 -45.96 21.27
CA LYS D 498 -22.03 -46.42 21.88
C LYS D 498 -21.95 -46.21 23.38
N ARG D 499 -23.05 -45.79 23.99
CA ARG D 499 -23.10 -45.62 25.44
C ARG D 499 -23.55 -46.93 26.06
N GLU D 500 -22.59 -47.80 26.35
CA GLU D 500 -22.88 -49.13 26.89
C GLU D 500 -23.21 -48.98 28.36
N GLU D 501 -24.50 -49.07 28.70
CA GLU D 501 -24.97 -48.96 30.07
C GLU D 501 -25.24 -50.31 30.72
N GLY D 502 -24.95 -51.41 30.03
CA GLY D 502 -25.25 -52.74 30.53
C GLY D 502 -24.11 -53.36 31.30
N ASP D 503 -24.04 -54.69 31.24
CA ASP D 503 -23.02 -55.42 31.99
C ASP D 503 -21.61 -55.16 31.46
N LEU D 504 -21.49 -54.63 30.24
CA LEU D 504 -20.17 -54.35 29.68
C LEU D 504 -19.42 -53.30 30.49
N ARG D 505 -20.12 -52.55 31.34
CA ARG D 505 -19.45 -51.52 32.13
C ARG D 505 -18.40 -52.11 33.06
N ASN D 506 -18.43 -53.42 33.31
CA ASN D 506 -17.44 -54.04 34.18
C ASN D 506 -16.02 -53.86 33.62
N LEU D 507 -15.91 -53.62 32.31
CA LEU D 507 -14.60 -53.45 31.66
C LEU D 507 -14.24 -51.97 31.59
N MET D 508 -14.10 -51.35 32.75
CA MET D 508 -13.76 -49.93 32.80
C MET D 508 -12.31 -49.73 32.36
N ASN D 509 -12.12 -48.87 31.36
CA ASN D 509 -10.79 -48.53 30.86
C ASN D 509 -10.02 -49.78 30.43
N SER D 510 -10.59 -50.48 29.44
CA SER D 510 -9.99 -51.71 28.94
C SER D 510 -10.04 -51.74 27.42
N SER D 511 -8.97 -52.22 26.81
CA SER D 511 -8.89 -52.37 25.36
C SER D 511 -9.15 -53.83 25.03
N VAL D 512 -10.41 -54.14 24.73
CA VAL D 512 -10.78 -55.51 24.42
C VAL D 512 -10.22 -55.88 23.06
N ASN D 513 -9.59 -57.05 22.98
CA ASN D 513 -8.99 -57.55 21.75
C ASN D 513 -9.73 -58.82 21.34
N ILE D 514 -10.20 -58.86 20.09
CA ILE D 514 -10.98 -59.98 19.59
C ILE D 514 -9.98 -61.00 19.06
N ILE D 515 -9.65 -61.98 19.90
CA ILE D 515 -8.70 -63.04 19.51
C ILE D 515 -9.54 -64.14 18.87
N ASP D 516 -9.80 -63.98 17.58
CA ASP D 516 -10.58 -64.93 16.82
C ASP D 516 -9.65 -65.90 16.10
N ASN D 517 -10.21 -66.75 15.25
CA ASN D 517 -9.48 -67.73 14.43
C ASN D 517 -8.94 -68.88 15.26
N LEU D 518 -9.35 -69.02 16.52
CA LEU D 518 -8.88 -70.14 17.34
C LEU D 518 -9.32 -71.46 16.72
N ASN D 519 -8.38 -72.40 16.64
CA ASN D 519 -8.66 -73.71 16.07
C ASN D 519 -7.46 -74.63 16.22
N HIS D 524 -1.31 -71.78 20.65
CA HIS D 524 -1.87 -70.43 20.77
C HIS D 524 -0.92 -69.53 21.55
N TYR D 525 -0.47 -68.46 20.90
CA TYR D 525 0.49 -67.54 21.51
C TYR D 525 0.21 -66.15 20.96
N TYR D 526 -0.58 -65.37 21.71
CA TYR D 526 -1.01 -64.04 21.28
C TYR D 526 -0.28 -63.07 22.20
N THR D 527 0.44 -62.13 21.62
CA THR D 527 1.21 -61.14 22.37
C THR D 527 0.77 -59.76 21.97
N ARG D 528 0.79 -58.82 22.91
CA ARG D 528 0.35 -57.44 22.64
C ARG D 528 1.22 -56.57 23.54
N GLN D 529 0.96 -55.28 23.51
CA GLN D 529 1.68 -54.35 24.37
C GLN D 529 1.16 -54.46 25.80
N SER D 530 2.08 -54.53 26.75
CA SER D 530 1.70 -54.73 28.14
C SER D 530 1.23 -53.42 28.76
N PRO D 531 0.03 -53.36 29.32
CA PRO D 531 -0.38 -52.15 30.05
C PRO D 531 0.48 -51.94 31.28
N ASP D 532 0.56 -50.69 31.73
CA ASP D 532 1.30 -50.37 32.94
C ASP D 532 0.66 -51.05 34.13
N VAL D 533 1.24 -50.87 35.32
CA VAL D 533 0.72 -51.53 36.51
C VAL D 533 -0.71 -51.05 36.78
N HIS D 534 -1.56 -51.97 37.23
CA HIS D 534 -2.94 -51.72 37.61
C HIS D 534 -3.84 -51.39 36.43
N ASP D 535 -3.38 -51.61 35.21
CA ASP D 535 -4.21 -51.42 34.02
C ASP D 535 -4.66 -52.77 33.50
N TYR D 536 -5.86 -52.79 32.92
CA TYR D 536 -6.53 -54.03 32.55
C TYR D 536 -6.54 -54.19 31.04
N ILE D 537 -6.38 -55.42 30.58
CA ILE D 537 -6.44 -55.79 29.16
C ILE D 537 -7.32 -57.01 29.03
N SER D 538 -8.16 -57.03 28.01
CA SER D 538 -9.18 -58.07 27.85
C SER D 538 -9.06 -58.75 26.49
N TYR D 539 -9.32 -60.05 26.46
CA TYR D 539 -9.34 -60.84 25.25
C TYR D 539 -10.71 -61.49 25.11
N GLU D 540 -11.37 -61.28 23.98
CA GLU D 540 -12.67 -61.87 23.69
C GLU D 540 -12.49 -62.92 22.60
N PHE D 541 -13.01 -64.12 22.86
CA PHE D 541 -12.86 -65.21 21.91
C PHE D 541 -14.08 -66.12 21.96
N THR D 542 -14.40 -66.73 20.83
CA THR D 542 -15.48 -67.70 20.72
C THR D 542 -14.90 -69.10 20.66
N ILE D 543 -15.34 -69.96 21.57
CA ILE D 543 -14.86 -71.34 21.62
C ILE D 543 -15.31 -72.06 20.35
N PRO D 544 -14.52 -73.01 19.83
CA PRO D 544 -14.91 -73.72 18.60
C PRO D 544 -16.08 -74.68 18.80
N ASN D 546 -20.10 -75.94 16.50
CA ASN D 546 -21.21 -76.83 16.80
C ASN D 546 -21.70 -76.61 18.23
N PHE D 547 -21.99 -75.36 18.57
CA PHE D 547 -22.44 -75.04 19.91
C PHE D 547 -23.80 -75.68 20.18
N ASN D 548 -23.87 -76.46 21.26
CA ASN D 548 -25.12 -77.12 21.64
C ASN D 548 -25.36 -77.07 23.15
N ASN D 549 -24.56 -76.31 23.90
CA ASN D 549 -24.64 -76.18 25.35
C ASN D 549 -24.19 -77.46 26.05
N LYS D 550 -23.72 -78.47 25.32
CA LYS D 550 -23.27 -79.72 25.91
C LYS D 550 -21.79 -79.97 25.69
N ASP D 551 -21.30 -79.84 24.46
CA ASP D 551 -19.89 -80.05 24.19
C ASP D 551 -19.04 -79.08 25.00
N THR D 552 -17.96 -79.60 25.58
CA THR D 552 -17.09 -78.80 26.43
C THR D 552 -15.66 -79.26 26.24
N SER D 553 -14.73 -78.37 26.60
CA SER D 553 -13.31 -78.65 26.45
C SER D 553 -12.53 -77.88 27.51
N ASN D 554 -11.31 -78.34 27.74
CA ASN D 554 -10.42 -77.70 28.71
C ASN D 554 -9.56 -76.66 28.02
N ILE D 555 -9.43 -75.49 28.65
CA ILE D 555 -8.65 -74.37 28.13
C ILE D 555 -7.65 -73.96 29.20
N ARG D 556 -6.44 -73.63 28.76
CA ARG D 556 -5.34 -73.24 29.64
C ARG D 556 -4.99 -71.78 29.35
N LEU D 557 -5.01 -70.96 30.40
CA LEU D 557 -4.69 -69.54 30.29
C LEU D 557 -3.58 -69.21 31.29
N TYR D 558 -2.47 -68.70 30.78
CA TYR D 558 -1.35 -68.33 31.63
C TYR D 558 -0.52 -67.27 30.92
N THR D 559 0.17 -66.45 31.72
CA THR D 559 0.98 -65.35 31.22
C THR D 559 2.45 -65.73 31.32
N SER D 560 3.19 -65.51 30.24
CA SER D 560 4.59 -65.91 30.19
C SER D 560 5.42 -65.16 31.23
N TYR D 561 5.46 -63.84 31.14
CA TYR D 561 6.36 -63.02 31.93
C TYR D 561 5.67 -62.28 33.07
N ASN D 562 4.59 -61.56 32.78
CA ASN D 562 3.96 -60.70 33.77
C ASN D 562 2.82 -61.42 34.46
N GLN D 563 2.83 -61.38 35.79
CA GLN D 563 1.77 -62.00 36.58
C GLN D 563 0.65 -61.01 36.84
N GLY D 564 -0.58 -61.48 36.72
CA GLY D 564 -1.74 -60.63 36.95
C GLY D 564 -2.95 -61.46 37.28
N ILE D 565 -3.84 -60.87 38.07
CA ILE D 565 -5.09 -61.52 38.47
C ILE D 565 -6.18 -61.07 37.52
N GLY D 566 -6.90 -62.03 36.92
CA GLY D 566 -7.93 -61.72 35.97
C GLY D 566 -9.19 -62.53 36.24
N THR D 567 -10.28 -62.09 35.59
CA THR D 567 -11.57 -62.74 35.70
C THR D 567 -12.07 -63.10 34.31
N LEU D 568 -12.81 -64.20 34.24
CA LEU D 568 -13.38 -64.69 32.99
C LEU D 568 -14.89 -64.53 33.04
N PHE D 569 -15.47 -63.98 31.98
CA PHE D 569 -16.91 -63.78 31.86
C PHE D 569 -17.43 -64.51 30.63
N ARG D 570 -18.66 -64.99 30.73
CA ARG D 570 -19.32 -65.69 29.63
C ARG D 570 -20.33 -64.76 28.98
N VAL D 571 -20.26 -64.65 27.66
CA VAL D 571 -21.17 -63.77 26.93
C VAL D 571 -22.55 -64.40 26.87
N THR D 572 -23.58 -63.56 26.81
CA THR D 572 -24.95 -64.01 26.72
C THR D 572 -25.65 -63.63 25.42
N GLU D 573 -25.18 -62.59 24.73
CA GLU D 573 -25.79 -62.18 23.47
C GLU D 573 -27.26 -61.84 23.66
N TYR D 578 -23.94 -59.34 25.36
CA TYR D 578 -24.97 -58.54 26.04
C TYR D 578 -24.76 -58.56 27.55
N ASN D 579 -25.14 -59.67 28.17
CA ASN D 579 -25.01 -59.84 29.62
C ASN D 579 -23.83 -60.77 29.91
N LEU D 580 -23.00 -60.38 30.86
CA LEU D 580 -21.82 -61.13 31.24
C LEU D 580 -22.02 -61.71 32.64
N ILE D 581 -21.80 -63.01 32.77
CA ILE D 581 -21.92 -63.72 34.04
C ILE D 581 -20.53 -64.22 34.42
N ASN D 582 -20.09 -63.90 35.63
CA ASN D 582 -18.76 -64.30 36.07
C ASN D 582 -18.63 -65.82 36.08
N ILE D 583 -17.50 -66.30 35.58
CA ILE D 583 -17.19 -67.73 35.56
C ILE D 583 -15.95 -68.06 36.36
N GLN D 584 -15.29 -67.08 36.95
CA GLN D 584 -14.10 -67.30 37.76
C GLN D 584 -13.77 -65.98 38.45
N GLN D 585 -12.65 -65.97 39.18
CA GLN D 585 -12.22 -64.76 39.86
C GLN D 585 -10.86 -65.02 40.48
N ASN D 586 -10.05 -63.95 40.57
CA ASN D 586 -8.72 -64.03 41.17
C ASN D 586 -7.90 -65.15 40.53
N LEU D 587 -7.97 -65.25 39.21
CA LEU D 587 -7.26 -66.29 38.48
C LEU D 587 -5.86 -65.79 38.15
N ASN D 588 -4.87 -66.22 38.93
CA ASN D 588 -3.49 -65.83 38.68
C ASN D 588 -3.04 -66.39 37.34
N LEU D 589 -2.21 -65.61 36.63
CA LEU D 589 -1.73 -65.99 35.31
C LEU D 589 -0.21 -66.10 35.23
N LEU D 590 0.48 -66.14 36.38
CA LEU D 590 1.94 -66.23 36.40
C LEU D 590 2.34 -67.67 36.08
N ASN D 591 2.21 -68.02 34.80
CA ASN D 591 2.56 -69.35 34.31
C ASN D 591 1.77 -70.43 35.04
N SER D 592 0.53 -70.13 35.41
CA SER D 592 -0.30 -71.10 36.11
C SER D 592 -0.65 -72.27 35.19
N THR D 593 -0.68 -73.47 35.77
CA THR D 593 -1.03 -74.68 35.04
C THR D 593 -2.51 -75.03 35.14
N LYS D 594 -3.31 -74.20 35.81
CA LYS D 594 -4.72 -74.51 35.98
C LYS D 594 -5.43 -74.52 34.63
N SER D 595 -6.48 -75.35 34.54
CA SER D 595 -7.29 -75.46 33.34
C SER D 595 -8.75 -75.23 33.71
N ILE D 596 -9.51 -74.68 32.76
CA ILE D 596 -10.91 -74.35 32.97
C ILE D 596 -11.73 -75.08 31.91
N ARG D 597 -12.81 -75.73 32.35
CA ARG D 597 -13.71 -76.41 31.43
C ARG D 597 -14.76 -75.43 30.94
N LEU D 598 -14.86 -75.26 29.62
CA LEU D 598 -15.78 -74.32 29.01
C LEU D 598 -16.54 -74.99 27.88
N LEU D 599 -17.81 -74.65 27.77
CA LEU D 599 -18.65 -75.20 26.71
C LEU D 599 -18.24 -74.63 25.35
N ASN D 600 -18.23 -75.50 24.34
CA ASN D 600 -17.86 -75.07 23.01
C ASN D 600 -18.96 -74.21 22.39
N GLY D 601 -18.54 -73.26 21.55
CA GLY D 601 -19.47 -72.39 20.87
C GLY D 601 -19.94 -71.19 21.66
N ALA D 602 -19.39 -70.96 22.85
CA ALA D 602 -19.79 -69.85 23.70
C ALA D 602 -18.70 -68.79 23.70
N ILE D 603 -19.12 -67.52 23.53
CA ILE D 603 -18.18 -66.41 23.50
C ILE D 603 -17.83 -66.03 24.94
N TYR D 604 -16.54 -65.95 25.23
CA TYR D 604 -16.04 -65.58 26.54
C TYR D 604 -15.09 -64.39 26.42
N ILE D 605 -14.94 -63.68 27.53
CA ILE D 605 -14.04 -62.54 27.63
C ILE D 605 -13.22 -62.69 28.90
N LEU D 606 -11.90 -62.74 28.76
CA LEU D 606 -10.99 -62.86 29.89
C LEU D 606 -10.27 -61.54 30.07
N LYS D 607 -10.43 -60.92 31.24
CA LYS D 607 -9.81 -59.64 31.56
C LYS D 607 -8.73 -59.87 32.60
N VAL D 608 -7.53 -59.39 32.32
CA VAL D 608 -6.37 -59.57 33.19
C VAL D 608 -5.79 -58.20 33.51
N GLU D 609 -5.46 -58.00 34.79
CA GLU D 609 -4.75 -56.81 35.22
C GLU D 609 -3.26 -57.06 35.12
N VAL D 610 -2.44 -56.17 35.67
CA VAL D 610 -0.99 -56.30 35.66
C VAL D 610 -0.53 -56.20 37.11
N THR D 611 -0.39 -57.34 37.79
CA THR D 611 0.06 -57.33 39.17
C THR D 611 1.51 -56.91 39.27
N GLU D 612 2.38 -57.45 38.41
CA GLU D 612 3.80 -57.14 38.42
C GLU D 612 4.29 -57.07 36.99
N LEU D 613 5.06 -56.03 36.68
CA LEU D 613 5.57 -55.80 35.34
C LEU D 613 7.05 -56.19 35.29
N ASN D 614 7.40 -57.09 34.36
CA ASN D 614 8.78 -57.47 34.15
C ASN D 614 9.15 -57.58 32.67
N ASN D 615 8.21 -57.37 31.76
CA ASN D 615 8.49 -57.43 30.34
C ASN D 615 7.63 -56.42 29.62
N TYR D 616 8.16 -55.88 28.51
CA TYR D 616 7.42 -54.87 27.77
C TYR D 616 6.15 -55.44 27.16
N ASN D 617 6.21 -56.66 26.63
CA ASN D 617 5.07 -57.26 25.96
C ASN D 617 4.34 -58.22 26.89
N ILE D 618 3.09 -58.51 26.54
CA ILE D 618 2.24 -59.45 27.27
C ILE D 618 1.84 -60.55 26.31
N LYS D 619 2.06 -61.80 26.73
CA LYS D 619 1.78 -62.97 25.92
C LYS D 619 0.76 -63.84 26.63
N LEU D 620 -0.30 -64.20 25.91
CA LEU D 620 -1.36 -65.06 26.42
C LEU D 620 -1.41 -66.35 25.61
N HIS D 621 -1.68 -67.46 26.29
CA HIS D 621 -1.78 -68.77 25.66
C HIS D 621 -3.23 -69.24 25.73
N ILE D 622 -3.64 -70.00 24.70
CA ILE D 622 -4.99 -70.53 24.64
C ILE D 622 -4.97 -71.90 23.98
N THR E 22 16.18 36.82 76.70
CA THR E 22 15.97 35.65 75.83
C THR E 22 17.21 35.35 75.01
N ILE E 23 18.25 36.18 75.16
CA ILE E 23 19.51 35.98 74.46
C ILE E 23 20.62 36.70 75.20
N ASP E 24 21.75 36.00 75.42
CA ASP E 24 22.90 36.57 76.10
C ASP E 24 24.01 36.98 75.13
N LEU E 25 23.74 36.96 73.83
CA LEU E 25 24.76 37.31 72.85
C LEU E 25 24.89 38.82 72.71
N ALA E 26 25.95 39.24 72.04
CA ALA E 26 26.19 40.65 71.79
C ALA E 26 25.17 41.10 70.73
N ASP E 27 24.94 42.40 70.68
CA ASP E 27 24.01 42.95 69.71
C ASP E 27 24.56 42.76 68.31
N GLY E 28 23.68 42.52 67.35
CA GLY E 28 24.08 42.36 65.96
C GLY E 28 23.25 41.23 65.40
N ASN E 29 23.63 40.79 64.21
CA ASN E 29 22.91 39.74 63.49
C ASN E 29 23.64 38.40 63.65
N TYR E 30 22.85 37.35 63.85
CA TYR E 30 23.38 36.01 64.09
C TYR E 30 22.60 34.99 63.27
N VAL E 31 23.22 33.85 63.03
CA VAL E 31 22.59 32.72 62.35
C VAL E 31 22.66 31.52 63.28
N VAL E 32 21.53 30.83 63.45
CA VAL E 32 21.37 29.79 64.46
C VAL E 32 20.85 28.53 63.79
N SER E 33 21.29 27.39 64.30
CA SER E 33 20.78 26.08 63.92
C SER E 33 20.26 25.38 65.16
N ARG E 34 19.03 24.88 65.08
CA ARG E 34 18.39 24.18 66.18
C ARG E 34 18.46 22.66 66.03
N GLY E 35 19.14 22.16 65.01
CA GLY E 35 19.27 20.74 64.80
C GLY E 35 18.06 20.15 64.11
N ASP E 36 18.21 18.90 63.68
CA ASP E 36 17.12 18.19 63.03
C ASP E 36 16.09 17.74 64.05
N GLY E 37 15.06 17.07 63.58
CA GLY E 37 14.02 16.55 64.45
C GLY E 37 12.84 17.47 64.67
N TRP E 38 12.68 18.51 63.86
CA TRP E 38 11.56 19.43 64.00
C TRP E 38 10.41 18.94 63.15
N ILE E 39 9.22 18.88 63.74
CA ILE E 39 8.00 18.43 63.07
C ILE E 39 7.04 19.60 62.99
N LEU E 40 6.49 19.83 61.80
CA LEU E 40 5.59 20.95 61.57
C LEU E 40 4.20 20.65 62.12
N SER E 41 3.34 21.66 62.06
CA SER E 41 1.97 21.54 62.55
C SER E 41 1.02 21.28 61.40
N ARG E 42 -0.08 20.59 61.70
CA ARG E 42 -1.15 20.28 60.76
C ARG E 42 -0.68 19.38 59.62
N GLN E 43 0.52 18.80 59.73
CA GLN E 43 1.09 17.97 58.68
C GLN E 43 1.28 16.52 59.12
N ASN E 44 0.50 16.07 60.11
CA ASN E 44 0.76 14.77 60.72
C ASN E 44 0.47 13.63 59.75
N GLN E 45 -0.78 13.53 59.29
CA GLN E 45 -1.23 12.37 58.53
C GLN E 45 -1.23 12.59 57.02
N ILE E 46 -0.68 13.70 56.54
CA ILE E 46 -0.74 13.99 55.11
C ILE E 46 0.01 12.94 54.29
N LEU E 47 0.90 12.18 54.92
CA LEU E 47 1.63 11.11 54.23
C LEU E 47 0.97 9.75 54.39
N GLY E 48 -0.20 9.69 55.03
CA GLY E 48 -0.91 8.44 55.17
C GLY E 48 -0.40 7.62 56.35
N GLY E 49 -1.05 6.47 56.54
CA GLY E 49 -0.74 5.59 57.64
C GLY E 49 -1.01 4.15 57.26
N SER E 50 -0.72 3.25 58.21
CA SER E 50 -0.86 1.82 58.00
C SER E 50 -1.51 1.18 59.22
N VAL E 51 -2.18 0.06 58.98
CA VAL E 51 -2.88 -0.69 60.01
C VAL E 51 -2.33 -2.11 60.03
N ILE E 52 -2.01 -2.60 61.22
CA ILE E 52 -1.44 -3.92 61.41
C ILE E 52 -2.36 -4.74 62.32
N SER E 53 -2.39 -6.05 62.08
CA SER E 53 -3.27 -6.94 62.83
C SER E 53 -2.51 -8.14 63.38
N ASN E 54 -3.00 -8.66 64.51
CA ASN E 54 -2.42 -9.84 65.13
C ASN E 54 -0.90 -9.71 65.23
N GLY E 55 -0.16 -10.77 64.90
CA GLY E 55 1.28 -10.78 65.04
C GLY E 55 2.04 -10.26 63.85
N SER E 56 1.36 -9.71 62.84
CA SER E 56 2.06 -9.21 61.66
C SER E 56 2.97 -8.04 62.04
N THR E 57 4.04 -7.89 61.28
CA THR E 57 5.02 -6.83 61.47
C THR E 57 4.96 -5.87 60.30
N GLY E 58 4.80 -4.58 60.59
CA GLY E 58 4.65 -3.55 59.58
C GLY E 58 5.88 -2.66 59.51
N ILE E 59 6.34 -2.43 58.29
CA ILE E 59 7.51 -1.60 58.02
C ILE E 59 7.09 -0.49 57.07
N VAL E 60 7.36 0.75 57.47
CA VAL E 60 7.05 1.93 56.66
C VAL E 60 8.27 2.83 56.61
N GLY E 61 8.55 3.39 55.45
CA GLY E 61 9.71 4.25 55.31
C GLY E 61 9.64 5.03 54.03
N ASP E 62 10.75 5.72 53.74
CA ASP E 62 10.85 6.53 52.53
C ASP E 62 12.23 6.37 51.92
N LEU E 63 12.29 6.62 50.61
CA LEU E 63 13.54 6.54 49.85
C LEU E 63 13.45 7.59 48.75
N ARG E 64 14.15 8.70 48.93
CA ARG E 64 14.11 9.83 48.01
C ARG E 64 15.45 9.97 47.30
N VAL E 65 15.41 10.36 46.03
CA VAL E 65 16.62 10.71 45.29
C VAL E 65 17.19 12.05 45.72
N ASN E 66 16.45 12.83 46.49
CA ASN E 66 16.82 14.17 46.95
C ASN E 66 16.93 15.17 45.81
N ASP E 67 16.66 14.76 44.57
CA ASP E 67 16.72 15.69 43.45
C ASP E 67 15.69 16.81 43.61
N ASN E 68 14.48 16.46 44.03
CA ASN E 68 13.41 17.43 44.26
C ASN E 68 13.46 17.88 45.71
N ALA E 69 13.88 19.12 45.93
CA ALA E 69 13.96 19.71 47.26
C ALA E 69 12.98 20.87 47.37
N ILE E 70 12.28 20.94 48.50
CA ILE E 70 11.30 21.99 48.73
C ILE E 70 11.52 22.58 50.12
N PRO E 71 12.62 23.29 50.35
CA PRO E 71 12.77 23.97 51.64
C PRO E 71 11.69 25.02 51.84
N TYR E 72 11.22 25.15 53.08
CA TYR E 72 10.16 26.09 53.41
C TYR E 72 10.77 27.34 54.02
N TYR E 73 10.57 28.47 53.36
CA TYR E 73 11.13 29.73 53.81
C TYR E 73 10.08 30.52 54.60
N TYR E 74 10.57 31.39 55.48
CA TYR E 74 9.70 32.30 56.24
C TYR E 74 10.52 33.54 56.53
N PRO E 75 10.56 34.50 55.59
CA PRO E 75 11.51 35.61 55.72
C PRO E 75 10.96 36.80 56.48
N THR E 76 11.78 37.84 56.58
CA THR E 76 11.43 39.11 57.19
C THR E 76 11.92 40.22 56.27
N PRO E 77 11.39 41.44 56.44
CA PRO E 77 11.85 42.56 55.61
C PRO E 77 13.36 42.60 55.42
N SER E 78 14.11 42.51 56.51
CA SER E 78 15.56 42.61 56.42
C SER E 78 16.18 41.33 55.86
N PHE E 79 15.62 40.18 56.19
CA PHE E 79 16.16 38.88 55.80
C PHE E 79 15.32 38.34 54.64
N ASN E 80 15.85 38.46 53.43
CA ASN E 80 15.19 37.94 52.25
C ASN E 80 15.71 36.54 51.92
N GLU E 81 15.12 35.93 50.89
CA GLU E 81 15.47 34.55 50.55
C GLU E 81 16.94 34.42 50.21
N GLU E 82 17.46 35.32 49.37
CA GLU E 82 18.87 35.25 49.01
C GLU E 82 19.75 35.43 50.24
N TYR E 83 19.40 36.38 51.10
CA TYR E 83 20.17 36.59 52.32
C TYR E 83 20.23 35.32 53.15
N ILE E 84 19.07 34.68 53.36
CA ILE E 84 19.03 33.47 54.18
C ILE E 84 19.88 32.38 53.54
N LYS E 85 19.67 32.14 52.25
CA LYS E 85 20.38 31.06 51.58
C LYS E 85 21.88 31.26 51.65
N ASN E 86 22.35 32.46 51.34
CA ASN E 86 23.78 32.72 51.35
C ASN E 86 24.34 32.58 52.76
N ASN E 87 23.73 33.25 53.74
CA ASN E 87 24.27 33.24 55.09
C ASN E 87 24.18 31.86 55.72
N ILE E 88 23.31 30.98 55.22
CA ILE E 88 23.21 29.64 55.77
C ILE E 88 24.21 28.69 55.11
N GLN E 89 24.20 28.63 53.78
CA GLN E 89 25.14 27.76 53.09
C GLN E 89 26.58 28.22 53.28
N THR E 90 26.79 29.44 53.75
CA THR E 90 28.15 29.89 54.03
C THR E 90 28.79 29.07 55.14
N VAL E 91 28.01 28.62 56.12
CA VAL E 91 28.53 27.89 57.28
C VAL E 91 28.05 26.44 57.29
N PHE E 92 26.73 26.24 57.31
CA PHE E 92 26.17 24.91 57.42
C PHE E 92 26.11 24.23 56.05
N ALA E 93 25.55 23.02 56.03
CA ALA E 93 25.56 22.21 54.81
C ALA E 93 24.78 22.88 53.70
N ASN E 94 25.34 22.85 52.49
CA ASN E 94 24.63 23.35 51.33
C ASN E 94 23.45 22.44 50.98
N PHE E 95 22.34 23.04 50.59
CA PHE E 95 21.12 22.31 50.26
C PHE E 95 20.61 22.60 48.87
N THR E 96 21.34 23.36 48.05
CA THR E 96 20.91 23.67 46.69
C THR E 96 21.52 22.70 45.69
N GLU E 97 22.86 22.64 45.62
CA GLU E 97 23.54 21.74 44.71
C GLU E 97 23.99 20.46 45.39
N ALA E 98 24.31 20.51 46.69
CA ALA E 98 24.66 19.32 47.43
C ALA E 98 23.45 18.49 47.83
N ASN E 99 22.23 19.02 47.63
CA ASN E 99 21.01 18.26 47.92
C ASN E 99 20.69 17.31 46.78
N GLN E 100 21.65 16.44 46.49
CA GLN E 100 21.52 15.45 45.44
C GLN E 100 21.73 14.02 45.92
N ILE E 101 22.46 13.84 47.02
CA ILE E 101 22.65 12.47 47.55
C ILE E 101 21.29 11.92 47.97
N PRO E 102 20.92 10.71 47.56
CA PRO E 102 19.64 10.14 47.99
C PRO E 102 19.66 9.85 49.49
N ILE E 103 18.46 9.84 50.07
CA ILE E 103 18.30 9.51 51.48
C ILE E 103 17.23 8.43 51.61
N GLY E 104 17.30 7.70 52.72
CA GLY E 104 16.34 6.64 52.96
C GLY E 104 16.25 6.25 54.42
N PHE E 105 15.03 6.04 54.90
CA PHE E 105 14.83 5.65 56.29
C PHE E 105 13.68 4.66 56.38
N GLU E 106 13.69 3.88 57.45
CA GLU E 106 12.64 2.89 57.66
C GLU E 106 12.38 2.68 59.14
N PHE E 107 11.11 2.41 59.47
CA PHE E 107 10.69 2.05 60.82
C PHE E 107 9.87 0.77 60.73
N SER E 108 10.01 -0.08 61.73
CA SER E 108 9.29 -1.35 61.77
C SER E 108 8.76 -1.60 63.17
N LYS E 109 7.51 -2.08 63.23
CA LYS E 109 6.84 -2.40 64.48
C LYS E 109 6.12 -3.73 64.36
N THR E 110 6.22 -4.52 65.42
CA THR E 110 5.51 -5.80 65.52
C THR E 110 4.31 -5.64 66.44
N ALA E 111 3.13 -5.99 65.92
CA ALA E 111 1.91 -5.84 66.69
C ALA E 111 1.78 -6.97 67.73
N PRO E 112 1.02 -6.73 68.80
CA PRO E 112 0.86 -7.78 69.83
C PRO E 112 0.07 -8.97 69.32
N SER E 113 -0.12 -9.96 70.19
CA SER E 113 -0.80 -11.19 69.77
C SER E 113 -2.24 -10.91 69.34
N ASN E 114 -3.00 -10.23 70.18
CA ASN E 114 -4.42 -9.96 69.94
C ASN E 114 -4.68 -8.47 70.14
N LYS E 115 -4.52 -7.70 69.06
CA LYS E 115 -4.79 -6.27 69.08
C LYS E 115 -4.49 -5.74 67.68
N ASN E 116 -4.79 -4.47 67.46
CA ASN E 116 -4.54 -3.81 66.20
C ASN E 116 -3.69 -2.57 66.43
N LEU E 117 -2.78 -2.30 65.49
CA LEU E 117 -1.83 -1.21 65.58
C LEU E 117 -2.06 -0.23 64.43
N TYR E 118 -1.97 1.06 64.73
CA TYR E 118 -2.04 2.11 63.73
C TYR E 118 -0.75 2.91 63.76
N MET E 119 -0.12 3.04 62.60
CA MET E 119 1.12 3.79 62.46
C MET E 119 0.92 4.94 61.48
N TYR E 120 1.42 6.12 61.80
CA TYR E 120 1.37 7.23 60.87
C TYR E 120 2.71 7.95 60.87
N LEU E 121 3.14 8.35 59.68
CA LEU E 121 4.48 8.85 59.43
C LEU E 121 4.43 10.31 59.00
N GLN E 122 5.45 11.07 59.40
CA GLN E 122 5.60 12.45 58.97
C GLN E 122 7.08 12.74 58.75
N TYR E 123 7.36 13.83 58.06
CA TYR E 123 8.74 14.22 57.83
C TYR E 123 9.29 14.99 59.02
N THR E 124 10.61 14.97 59.16
CA THR E 124 11.32 15.78 60.14
C THR E 124 12.21 16.78 59.40
N TYR E 125 12.33 17.98 59.95
CA TYR E 125 13.05 19.06 59.30
C TYR E 125 14.11 19.64 60.23
N ILE E 126 15.14 20.20 59.61
CA ILE E 126 16.11 21.03 60.31
C ILE E 126 15.63 22.47 60.24
N ARG E 127 15.67 23.16 61.37
CA ARG E 127 15.21 24.54 61.48
C ARG E 127 16.42 25.46 61.60
N TYR E 128 16.65 26.25 60.58
CA TYR E 128 17.66 27.30 60.59
C TYR E 128 16.98 28.64 60.83
N GLU E 129 17.68 29.55 61.49
CA GLU E 129 17.14 30.85 61.81
C GLU E 129 18.19 31.92 61.62
N ILE E 130 17.73 33.12 61.30
CA ILE E 130 18.58 34.31 61.29
C ILE E 130 17.89 35.36 62.16
N ILE E 131 18.63 35.92 63.12
CA ILE E 131 18.04 36.81 64.10
C ILE E 131 18.87 38.08 64.20
N LYS E 132 18.22 39.14 64.67
CA LYS E 132 18.84 40.44 64.87
C LYS E 132 18.59 40.85 66.31
N VAL E 133 19.65 40.84 67.13
CA VAL E 133 19.53 41.10 68.56
C VAL E 133 19.96 42.53 68.84
N LEU E 134 19.08 43.29 69.49
CA LEU E 134 19.36 44.64 69.95
C LEU E 134 18.96 44.75 71.41
N GLN E 135 19.86 45.29 72.23
CA GLN E 135 19.60 45.45 73.66
C GLN E 135 19.30 44.11 74.32
N HIS E 136 19.97 43.06 73.85
CA HIS E 136 19.85 41.72 74.43
C HIS E 136 18.40 41.23 74.38
N GLU E 137 17.84 41.26 73.18
CA GLU E 137 16.48 40.76 72.97
C GLU E 137 16.28 40.52 71.48
N ILE E 138 15.69 39.37 71.13
CA ILE E 138 15.45 39.04 69.73
C ILE E 138 14.32 39.91 69.21
N ILE E 139 14.64 40.82 68.30
CA ILE E 139 13.66 41.75 67.75
C ILE E 139 13.26 41.41 66.33
N GLU E 140 13.95 40.49 65.67
CA GLU E 140 13.58 40.06 64.33
C GLU E 140 14.07 38.64 64.12
N ARG E 141 13.24 37.81 63.50
CA ARG E 141 13.56 36.40 63.31
C ARG E 141 13.03 35.93 61.98
N ALA E 142 13.86 35.17 61.25
CA ALA E 142 13.47 34.52 60.02
C ALA E 142 13.73 33.02 60.15
N VAL E 143 12.98 32.21 59.41
CA VAL E 143 13.02 30.77 59.59
C VAL E 143 13.19 30.06 58.26
N LEU E 144 13.86 28.93 58.30
CA LEU E 144 14.04 28.06 57.14
C LEU E 144 13.94 26.62 57.59
N TYR E 145 13.12 25.83 56.90
CA TYR E 145 12.94 24.42 57.20
C TYR E 145 13.48 23.58 56.05
N VAL E 146 14.39 22.66 56.36
CA VAL E 146 15.05 21.82 55.38
C VAL E 146 14.68 20.37 55.67
N PRO E 147 14.13 19.62 54.72
CA PRO E 147 13.71 18.24 55.02
C PRO E 147 14.89 17.38 55.50
N SER E 148 14.61 16.52 56.48
CA SER E 148 15.63 15.61 57.00
C SER E 148 14.94 14.43 57.68
N LEU E 149 14.90 13.29 56.98
CA LEU E 149 14.38 12.06 57.56
C LEU E 149 12.93 12.20 58.01
N GLY E 150 12.46 11.28 58.86
CA GLY E 150 11.09 11.30 59.30
C GLY E 150 10.87 10.77 60.71
N TYR E 151 9.60 10.62 61.08
CA TYR E 151 9.22 10.21 62.42
C TYR E 151 7.89 9.49 62.35
N VAL E 152 7.77 8.39 63.09
CA VAL E 152 6.59 7.51 63.02
C VAL E 152 5.97 7.43 64.40
N LYS E 153 4.66 7.58 64.47
CA LYS E 153 3.91 7.46 65.72
C LYS E 153 2.94 6.28 65.60
N SER E 154 2.94 5.44 66.63
CA SER E 154 2.16 4.21 66.63
C SER E 154 1.28 4.16 67.87
N ILE E 155 0.13 3.50 67.72
CA ILE E 155 -0.80 3.34 68.83
C ILE E 155 -1.57 2.04 68.65
N GLU E 156 -1.71 1.30 69.74
CA GLU E 156 -2.49 0.06 69.75
C GLU E 156 -3.91 0.37 70.20
N PHE E 157 -4.89 0.02 69.37
CA PHE E 157 -6.27 0.42 69.59
C PHE E 157 -7.20 -0.77 69.43
N ASN E 158 -8.13 -0.92 70.36
CA ASN E 158 -9.26 -1.81 70.16
C ASN E 158 -10.38 -1.07 69.44
N PRO E 159 -11.23 -1.78 68.72
CA PRO E 159 -12.28 -1.10 67.95
C PRO E 159 -13.17 -0.24 68.85
N GLY E 160 -13.47 0.97 68.37
CA GLY E 160 -14.30 1.89 69.11
C GLY E 160 -13.59 2.69 70.18
N GLU E 161 -12.31 2.44 70.41
CA GLU E 161 -11.57 3.18 71.42
C GLU E 161 -11.49 4.65 71.04
N LYS E 162 -11.62 5.52 72.03
CA LYS E 162 -11.52 6.97 71.82
C LYS E 162 -10.06 7.39 71.90
N ILE E 163 -9.62 8.13 70.89
CA ILE E 163 -8.23 8.57 70.80
C ILE E 163 -8.16 10.07 71.06
N ASN E 164 -7.21 10.47 71.90
CA ASN E 164 -7.00 11.89 72.16
C ASN E 164 -6.56 12.60 70.89
N LYS E 165 -7.16 13.75 70.62
CA LYS E 165 -6.89 14.45 69.36
C LYS E 165 -5.41 14.83 69.24
N ASP E 166 -4.73 15.03 70.37
CA ASP E 166 -3.33 15.44 70.31
C ASP E 166 -2.46 14.40 69.64
N PHE E 167 -2.89 13.15 69.57
CA PHE E 167 -2.10 12.12 68.91
C PHE E 167 -2.17 12.25 67.39
N TYR E 168 -3.26 12.79 66.87
CA TYR E 168 -3.42 12.99 65.42
C TYR E 168 -3.00 14.38 64.98
N PHE E 169 -3.34 15.41 65.75
CA PHE E 169 -3.16 16.80 65.33
C PHE E 169 -2.12 17.46 66.20
N LEU E 170 -1.12 18.06 65.56
CA LEU E 170 -0.11 18.87 66.23
C LEU E 170 -0.35 20.32 65.85
N THR E 171 -0.54 21.17 66.87
CA THR E 171 -0.89 22.57 66.66
C THR E 171 0.28 23.51 66.93
N ASN E 172 1.50 23.00 66.92
CA ASN E 172 2.67 23.84 67.12
C ASN E 172 3.92 23.02 66.83
N ASP E 173 4.91 23.66 66.23
CA ASP E 173 6.16 22.98 65.92
C ASP E 173 6.88 22.60 67.20
N LYS E 174 7.47 21.41 67.22
CA LYS E 174 8.15 20.89 68.41
C LYS E 174 9.43 20.19 68.00
N CYS E 175 10.37 20.11 68.93
CA CYS E 175 11.62 19.39 68.74
C CYS E 175 11.47 18.01 69.36
N ILE E 176 11.67 16.97 68.54
CA ILE E 176 11.50 15.60 68.99
C ILE E 176 12.85 15.03 69.43
N LEU E 177 13.80 15.01 68.50
CA LEU E 177 15.07 14.32 68.76
C LEU E 177 16.05 15.21 69.50
N ASN E 178 16.52 16.27 68.87
CA ASN E 178 17.63 17.07 69.37
C ASN E 178 17.17 18.49 69.65
N GLU E 179 17.51 18.99 70.84
CA GLU E 179 17.27 20.37 71.23
C GLU E 179 18.62 21.04 71.41
N GLN E 180 19.09 21.73 70.38
CA GLN E 180 20.41 22.34 70.37
C GLN E 180 20.32 23.78 69.90
N PHE E 181 21.43 24.50 70.04
CA PHE E 181 21.49 25.91 69.67
C PHE E 181 22.94 26.21 69.26
N LEU E 182 23.20 26.13 67.95
CA LEU E 182 24.53 26.38 67.40
C LEU E 182 24.48 27.69 66.62
N TYR E 183 25.17 28.71 67.12
CA TYR E 183 25.07 30.06 66.57
C TYR E 183 26.40 30.51 66.01
N LYS E 184 26.32 31.46 65.07
CA LYS E 184 27.50 32.09 64.48
C LYS E 184 27.16 33.53 64.13
N LYS E 185 28.10 34.44 64.38
CA LYS E 185 27.87 35.85 64.11
C LYS E 185 27.88 36.10 62.60
N ILE E 186 26.87 36.83 62.12
CA ILE E 186 26.75 37.15 60.70
C ILE E 186 27.36 38.54 60.51
N LEU E 187 28.66 38.58 60.24
CA LEU E 187 29.37 39.84 60.06
C LEU E 187 29.56 40.15 58.59
N ARG E 208 56.86 15.80 64.00
CA ARG E 208 57.56 14.55 63.71
C ARG E 208 58.65 14.79 62.68
N VAL E 209 59.60 13.85 62.61
CA VAL E 209 60.70 13.90 61.66
C VAL E 209 60.54 12.72 60.72
N LEU E 210 60.55 12.99 59.41
CA LEU E 210 60.33 11.96 58.40
C LEU E 210 61.66 11.58 57.78
N PRO E 211 62.19 10.35 58.02
CA PRO E 211 63.42 9.91 57.35
C PRO E 211 63.18 9.41 55.92
N TYR E 212 62.43 10.19 55.15
CA TYR E 212 62.08 9.82 53.79
C TYR E 212 63.08 10.41 52.80
N SER E 213 62.92 10.03 51.54
CA SER E 213 63.78 10.47 50.45
C SER E 213 63.01 11.35 49.49
N ASN E 214 63.75 12.10 48.68
CA ASN E 214 63.14 12.99 47.72
C ASN E 214 62.22 12.20 46.79
N GLY E 215 61.02 12.72 46.57
CA GLY E 215 60.08 12.09 45.67
C GLY E 215 58.65 12.16 46.16
N LEU E 216 57.71 11.72 45.31
CA LEU E 216 56.31 11.75 45.68
C LEU E 216 56.02 10.72 46.76
N TYR E 217 54.92 10.95 47.49
CA TYR E 217 54.45 10.01 48.48
C TYR E 217 52.94 10.15 48.61
N VAL E 218 52.27 9.04 48.88
CA VAL E 218 50.83 9.01 49.11
C VAL E 218 50.61 8.39 50.48
N ILE E 219 49.91 9.11 51.35
CA ILE E 219 49.68 8.68 52.72
C ILE E 219 48.19 8.54 52.93
N ASN E 220 47.76 7.32 53.27
CA ASN E 220 46.39 7.10 53.74
C ASN E 220 46.37 7.43 55.23
N LYS E 221 45.74 8.54 55.60
CA LYS E 221 45.78 9.03 56.97
C LYS E 221 44.63 8.53 57.82
N GLY E 222 43.72 7.73 57.26
CA GLY E 222 42.70 7.11 58.07
C GLY E 222 41.33 7.11 57.42
N ASP E 223 40.32 6.66 58.17
CA ASP E 223 38.96 6.57 57.70
C ASP E 223 38.03 7.12 58.77
N GLY E 224 36.84 7.56 58.34
CA GLY E 224 35.86 8.10 59.25
C GLY E 224 35.87 9.61 59.37
N TYR E 225 36.57 10.32 58.48
CA TYR E 225 36.61 11.77 58.55
C TYR E 225 35.22 12.35 58.25
N ILE E 226 34.84 13.35 59.04
CA ILE E 226 33.58 14.04 58.85
C ILE E 226 33.82 15.53 58.99
N ARG E 227 33.13 16.32 58.18
CA ARG E 227 33.22 17.76 58.29
C ARG E 227 32.55 18.23 59.58
N THR E 228 33.04 19.35 60.10
CA THR E 228 32.53 19.88 61.35
C THR E 228 31.16 20.53 61.15
N ASN E 229 30.49 20.81 62.27
CA ASN E 229 29.20 21.49 62.27
C ASN E 229 28.14 20.68 61.52
N ASP E 230 28.23 19.36 61.60
CA ASP E 230 27.21 18.47 61.04
C ASP E 230 26.95 18.78 59.57
N LYS E 231 28.02 19.05 58.82
CA LYS E 231 27.89 19.29 57.40
C LYS E 231 27.76 18.00 56.60
N ASP E 232 28.09 16.86 57.20
CA ASP E 232 27.93 15.56 56.55
C ASP E 232 26.81 14.74 57.17
N LEU E 233 26.11 15.28 58.17
CA LEU E 233 25.09 14.53 58.90
C LEU E 233 24.00 14.01 57.97
N ILE E 234 23.87 12.68 57.87
CA ILE E 234 22.71 12.11 57.19
C ILE E 234 21.45 12.45 57.97
N GLY E 235 21.50 12.31 59.28
CA GLY E 235 20.39 12.71 60.12
C GLY E 235 20.28 11.84 61.36
N THR E 236 19.29 12.17 62.17
CA THR E 236 19.05 11.48 63.43
C THR E 236 17.64 10.89 63.43
N LEU E 237 17.51 9.70 64.01
CA LEU E 237 16.25 8.98 64.10
C LEU E 237 15.97 8.63 65.54
N LEU E 238 14.70 8.82 65.94
CA LEU E 238 14.22 8.51 67.28
C LEU E 238 13.28 7.31 67.16
N ILE E 239 13.76 6.15 67.60
CA ILE E 239 12.98 4.92 67.58
C ILE E 239 12.36 4.74 68.95
N GLU E 240 11.02 4.64 68.98
CA GLU E 240 10.31 4.44 70.23
C GLU E 240 10.57 3.04 70.77
N ALA E 241 10.31 2.88 72.07
CA ALA E 241 10.53 1.59 72.71
C ALA E 241 9.73 0.50 72.02
N GLY E 242 10.37 -0.64 71.80
CA GLY E 242 9.72 -1.78 71.17
C GLY E 242 9.68 -1.75 69.65
N SER E 243 10.25 -0.74 69.02
CA SER E 243 10.28 -0.62 67.57
C SER E 243 11.70 -0.85 67.08
N SER E 244 11.86 -0.80 65.76
CA SER E 244 13.18 -0.83 65.15
C SER E 244 13.25 0.22 64.04
N GLY E 245 14.45 0.73 63.81
CA GLY E 245 14.65 1.76 62.82
C GLY E 245 15.93 1.52 62.04
N SER E 246 15.95 2.06 60.82
CA SER E 246 17.08 1.86 59.93
C SER E 246 17.27 3.10 59.07
N ILE E 247 18.53 3.49 58.89
CA ILE E 247 18.93 4.57 58.01
C ILE E 247 19.75 3.95 56.88
N ILE E 248 19.38 4.23 55.63
CA ILE E 248 20.02 3.67 54.47
C ILE E 248 20.68 4.80 53.69
N GLN E 249 21.81 4.49 53.05
CA GLN E 249 22.54 5.48 52.24
C GLN E 249 22.81 4.88 50.87
N PRO E 250 21.82 4.88 49.98
CA PRO E 250 22.07 4.42 48.61
C PRO E 250 22.96 5.39 47.85
N ARG E 251 23.52 4.90 46.75
CA ARG E 251 24.45 5.68 45.95
C ARG E 251 24.16 5.47 44.48
N LEU E 252 24.01 6.57 43.74
CA LEU E 252 23.82 6.48 42.29
C LEU E 252 25.17 6.35 41.60
N ARG E 253 25.19 5.54 40.54
CA ARG E 253 26.43 5.35 39.78
C ARG E 253 27.03 6.64 39.24
N ASN E 254 28.34 6.79 39.39
CA ASN E 254 29.06 7.96 38.90
C ASN E 254 28.41 9.25 39.38
N THR E 255 28.05 9.27 40.66
CA THR E 255 27.41 10.43 41.26
C THR E 255 27.98 10.73 42.64
N THR E 256 29.26 10.44 42.84
CA THR E 256 29.92 10.63 44.12
C THR E 256 30.87 11.82 44.04
N ARG E 257 30.82 12.68 45.05
CA ARG E 257 31.61 13.91 45.07
C ARG E 257 32.68 13.82 46.14
N PRO E 258 33.95 13.70 45.79
CA PRO E 258 35.02 13.79 46.79
C PRO E 258 35.34 15.25 47.10
N LEU E 259 36.31 15.45 47.99
CA LEU E 259 36.74 16.80 48.35
C LEU E 259 38.23 16.92 48.08
N PHE E 260 38.62 17.92 47.31
CA PHE E 260 39.99 18.09 46.85
C PHE E 260 40.50 19.45 47.29
N THR E 261 41.69 19.47 47.91
CA THR E 261 42.29 20.73 48.35
C THR E 261 43.77 20.68 48.04
N THR E 262 44.22 21.50 47.10
CA THR E 262 45.61 21.49 46.64
C THR E 262 46.27 22.83 46.95
N SER E 263 47.55 22.77 47.33
CA SER E 263 48.33 23.97 47.56
C SER E 263 49.01 24.48 46.30
N ASN E 264 48.95 23.74 45.20
CA ASN E 264 49.52 24.17 43.93
C ASN E 264 48.77 23.44 42.81
N ASP E 265 47.82 24.12 42.19
CA ASP E 265 47.04 23.51 41.13
C ASP E 265 47.87 23.18 39.90
N ALA E 266 49.07 23.76 39.77
CA ALA E 266 49.89 23.50 38.60
C ALA E 266 50.43 22.07 38.61
N LYS E 267 50.96 21.62 39.75
CA LYS E 267 51.55 20.29 39.84
C LYS E 267 50.55 19.26 40.30
N PHE E 268 49.89 19.49 41.44
CA PHE E 268 48.96 18.53 42.02
C PHE E 268 47.54 18.92 41.58
N SER E 269 47.23 18.62 40.34
CA SER E 269 45.87 18.77 39.83
C SER E 269 45.02 17.57 40.28
N GLN E 270 43.71 17.73 40.16
CA GLN E 270 42.82 16.64 40.55
C GLN E 270 43.05 15.41 39.71
N GLN E 271 43.23 15.58 38.40
CA GLN E 271 43.55 14.44 37.54
C GLN E 271 44.89 13.83 37.94
N TYR E 272 45.89 14.67 38.20
CA TYR E 272 47.21 14.17 38.56
C TYR E 272 47.16 13.39 39.87
N THR E 273 46.50 13.95 40.88
CA THR E 273 46.43 13.26 42.16
C THR E 273 45.60 12.00 42.06
N GLU E 274 44.54 12.02 41.25
CA GLU E 274 43.76 10.79 41.05
C GLU E 274 44.60 9.71 40.40
N GLU E 275 45.39 10.07 39.38
CA GLU E 275 46.25 9.08 38.73
C GLU E 275 47.28 8.53 39.70
N ARG E 276 47.89 9.40 40.52
CA ARG E 276 48.85 8.90 41.50
C ARG E 276 48.18 8.01 42.54
N LEU E 277 46.96 8.35 42.94
CA LEU E 277 46.23 7.50 43.87
C LEU E 277 45.96 6.13 43.26
N LYS E 278 45.56 6.09 41.99
CA LYS E 278 45.35 4.80 41.34
C LYS E 278 46.65 4.02 41.28
N ASP E 279 47.76 4.68 40.95
CA ASP E 279 49.04 3.99 40.88
C ASP E 279 49.42 3.40 42.23
N ALA E 280 49.25 4.16 43.31
CA ALA E 280 49.71 3.71 44.61
C ALA E 280 48.79 2.64 45.20
N PHE E 281 47.47 2.84 45.06
CA PHE E 281 46.49 1.98 45.73
C PHE E 281 45.43 1.41 44.82
N ASN E 282 45.38 1.82 43.55
CA ASN E 282 44.32 1.42 42.64
C ASN E 282 42.98 2.06 43.01
N VAL E 283 43.02 3.28 43.54
CA VAL E 283 41.81 4.00 43.91
C VAL E 283 41.09 4.44 42.64
N GLN E 284 39.79 4.15 42.58
CA GLN E 284 38.95 4.58 41.47
C GLN E 284 37.64 5.09 42.04
N LEU E 285 37.21 6.26 41.59
CA LEU E 285 36.00 6.87 42.13
C LEU E 285 34.78 6.03 41.79
N PHE E 286 34.78 5.37 40.63
CA PHE E 286 33.56 4.75 40.13
C PHE E 286 33.09 3.61 41.04
N ASN E 287 34.02 2.94 41.71
CA ASN E 287 33.68 1.82 42.56
C ASN E 287 33.05 2.19 43.89
N THR E 288 33.13 3.46 44.30
CA THR E 288 32.44 3.90 45.51
C THR E 288 31.00 4.30 45.24
N SER E 289 30.57 4.32 43.98
CA SER E 289 29.21 4.69 43.63
C SER E 289 28.26 3.51 43.59
N THR E 290 28.78 2.28 43.47
CA THR E 290 27.95 1.09 43.46
C THR E 290 27.73 0.50 44.85
N SER E 291 28.37 1.06 45.87
CA SER E 291 28.25 0.53 47.22
C SER E 291 26.98 1.07 47.88
N LEU E 292 26.74 0.62 49.12
CA LEU E 292 25.61 1.06 49.90
C LEU E 292 25.79 0.56 51.32
N PHE E 293 25.39 1.38 52.29
CA PHE E 293 25.48 1.00 53.69
C PHE E 293 24.19 1.39 54.41
N LYS E 294 24.04 0.82 55.60
CA LYS E 294 22.79 0.94 56.35
C LYS E 294 23.09 0.70 57.82
N PHE E 295 22.42 1.45 58.68
CA PHE E 295 22.55 1.31 60.13
C PHE E 295 21.18 0.98 60.71
N VAL E 296 21.15 -0.02 61.60
CA VAL E 296 19.91 -0.53 62.18
C VAL E 296 20.02 -0.48 63.69
N GLU E 297 18.92 -0.13 64.35
CA GLU E 297 18.87 -0.10 65.81
C GLU E 297 17.47 -0.47 66.27
N GLU E 298 17.38 -1.40 67.22
CA GLU E 298 16.12 -1.85 67.79
C GLU E 298 16.05 -1.39 69.23
N ALA E 299 15.13 -0.48 69.52
CA ALA E 299 14.99 0.03 70.88
C ALA E 299 14.38 -1.03 71.79
N PRO E 300 14.80 -1.08 73.06
CA PRO E 300 14.17 -2.03 73.99
C PRO E 300 12.76 -1.58 74.37
N SER E 301 12.12 -2.32 75.28
CA SER E 301 10.79 -1.95 75.75
C SER E 301 10.83 -0.93 76.88
N ASN E 302 12.02 -0.56 77.37
CA ASN E 302 12.13 0.36 78.48
C ASN E 302 12.21 1.82 78.02
N LYS E 303 13.20 2.14 77.19
CA LYS E 303 13.44 3.50 76.76
C LYS E 303 13.51 3.55 75.23
N ASN E 304 13.65 4.76 74.69
CA ASN E 304 13.79 4.97 73.27
C ASN E 304 15.27 4.98 72.88
N ILE E 305 15.53 4.90 71.58
CA ILE E 305 16.88 4.88 71.04
C ILE E 305 17.02 5.98 70.01
N CYS E 306 18.04 6.81 70.16
CA CYS E 306 18.35 7.86 69.20
C CYS E 306 19.64 7.48 68.46
N ILE E 307 19.56 7.40 67.14
CA ILE E 307 20.71 7.04 66.31
C ILE E 307 21.01 8.20 65.37
N LYS E 308 22.26 8.65 65.37
CA LYS E 308 22.70 9.75 64.54
C LYS E 308 23.71 9.22 63.52
N ALA E 309 23.50 9.54 62.25
CA ALA E 309 24.31 8.99 61.17
C ALA E 309 24.88 10.11 60.31
N TYR E 310 26.19 10.05 60.07
CA TYR E 310 26.91 10.95 59.19
C TYR E 310 27.52 10.19 58.03
N ASN E 311 27.80 10.91 56.94
CA ASN E 311 28.67 10.41 55.89
C ASN E 311 30.12 10.63 56.27
N THR E 312 30.99 9.71 55.87
CA THR E 312 32.39 9.74 56.23
C THR E 312 33.26 9.89 54.99
N TYR E 313 34.56 10.06 55.21
CA TYR E 313 35.52 10.23 54.14
C TYR E 313 36.82 9.53 54.51
N GLU E 314 37.61 9.24 53.48
CA GLU E 314 38.94 8.68 53.62
C GLU E 314 39.95 9.70 53.11
N LYS E 315 40.95 10.00 53.94
CA LYS E 315 41.88 11.10 53.69
C LYS E 315 43.17 10.55 53.08
N TYR E 316 43.52 11.06 51.90
CA TYR E 316 44.77 10.71 51.23
C TYR E 316 45.57 12.00 51.04
N GLU E 317 46.77 12.05 51.59
CA GLU E 317 47.66 13.18 51.43
C GLU E 317 48.73 12.82 50.42
N LEU E 318 48.78 13.58 49.32
CA LEU E 318 49.82 13.43 48.31
C LEU E 318 50.85 14.53 48.54
N ILE E 319 52.10 14.14 48.74
CA ILE E 319 53.14 15.10 49.11
C ILE E 319 54.37 14.92 48.24
N ASP E 320 55.14 16.00 48.11
CA ASP E 320 56.45 15.98 47.50
C ASP E 320 57.47 16.37 48.58
N TYR E 321 58.50 15.54 48.74
CA TYR E 321 59.39 15.68 49.88
C TYR E 321 60.79 16.07 49.45
N GLN E 322 60.90 17.01 48.51
CA GLN E 322 62.20 17.43 48.02
C GLN E 322 62.97 18.18 49.10
N ASN E 323 64.27 17.88 49.22
CA ASN E 323 65.19 18.60 50.09
C ASN E 323 64.83 18.46 51.57
N GLY E 324 63.94 17.53 51.91
CA GLY E 324 63.55 17.29 53.28
C GLY E 324 62.31 18.05 53.73
N SER E 325 61.93 19.10 53.03
CA SER E 325 60.71 19.84 53.34
C SER E 325 59.56 19.26 52.52
N ILE E 326 58.41 19.94 52.54
CA ILE E 326 57.26 19.57 51.73
C ILE E 326 56.95 20.75 50.83
N VAL E 327 57.49 20.72 49.61
CA VAL E 327 57.30 21.83 48.69
C VAL E 327 55.83 21.95 48.28
N ASN E 328 55.15 20.82 48.11
CA ASN E 328 53.75 20.82 47.71
C ASN E 328 53.01 19.74 48.48
N LYS E 329 51.70 19.93 48.59
CA LYS E 329 50.85 18.98 49.29
C LYS E 329 49.43 19.10 48.77
N ALA E 330 48.71 17.98 48.82
CA ALA E 330 47.33 17.95 48.38
C ALA E 330 46.56 16.96 49.23
N GLU E 331 45.32 17.30 49.56
CA GLU E 331 44.44 16.43 50.35
C GLU E 331 43.26 16.01 49.49
N TYR E 332 43.00 14.70 49.48
CA TYR E 332 41.92 14.12 48.68
C TYR E 332 41.07 13.27 49.60
N TYR E 333 39.79 13.63 49.73
CA TYR E 333 38.85 12.95 50.61
C TYR E 333 37.88 12.18 49.74
N LEU E 334 37.95 10.85 49.84
CA LEU E 334 37.17 9.90 49.04
C LEU E 334 35.97 9.42 49.86
N PRO E 335 34.77 9.36 49.29
CA PRO E 335 33.61 8.96 50.09
C PRO E 335 33.80 7.60 50.74
N SER E 336 33.46 7.51 52.02
CA SER E 336 33.52 6.28 52.79
C SER E 336 32.11 5.72 52.99
N LEU E 337 31.98 4.73 53.87
CA LEU E 337 30.71 4.06 54.10
C LEU E 337 29.98 4.57 55.34
N GLY E 338 30.30 5.78 55.80
CA GLY E 338 29.51 6.44 56.82
C GLY E 338 29.91 6.05 58.25
N TYR E 339 29.37 6.82 59.19
CA TYR E 339 29.65 6.63 60.61
C TYR E 339 28.35 6.85 61.38
N CYS E 340 28.21 6.14 62.49
CA CYS E 340 26.99 6.17 63.27
C CYS E 340 27.31 6.23 64.76
N GLU E 341 26.39 6.81 65.52
CA GLU E 341 26.51 6.84 66.97
C GLU E 341 25.11 6.78 67.57
N VAL E 342 25.05 6.42 68.85
CA VAL E 342 23.80 6.27 69.57
C VAL E 342 23.78 7.30 70.70
N THR E 343 22.74 8.13 70.71
CA THR E 343 22.53 9.09 71.78
C THR E 343 21.59 8.48 72.81
N ASN E 344 21.24 9.27 73.83
CA ASN E 344 20.32 8.81 74.87
C ASN E 344 19.65 10.04 75.48
N ALA E 345 18.39 10.28 75.11
CA ALA E 345 17.64 11.41 75.63
C ALA E 345 16.56 10.92 76.60
N VAL E 352 19.33 23.30 76.66
CA VAL E 352 19.37 24.37 75.69
C VAL E 352 20.60 25.24 75.89
N VAL E 353 21.77 24.59 76.00
CA VAL E 353 23.02 25.31 76.20
C VAL E 353 23.52 25.81 74.84
N LYS E 354 23.75 27.11 74.74
CA LYS E 354 24.22 27.69 73.49
C LYS E 354 25.66 27.26 73.21
N THR E 355 25.96 27.06 71.93
CA THR E 355 27.30 26.69 71.49
C THR E 355 27.68 27.49 70.26
N GLN E 356 28.97 27.68 70.07
CA GLN E 356 29.48 28.43 68.93
C GLN E 356 29.91 27.48 67.82
N VAL E 357 29.64 27.88 66.58
CA VAL E 357 30.01 27.05 65.44
C VAL E 357 31.52 26.90 65.40
N ALA E 358 31.98 25.66 65.29
CA ALA E 358 33.41 25.38 65.26
C ALA E 358 34.02 25.82 63.93
N GLU E 359 35.32 26.09 63.96
CA GLU E 359 36.01 26.49 62.74
C GLU E 359 36.01 25.35 61.73
N ASP E 360 36.05 25.73 60.45
CA ASP E 360 36.01 24.74 59.38
C ASP E 360 37.16 23.76 59.52
N GLY E 361 36.85 22.48 59.40
CA GLY E 361 37.88 21.46 59.54
C GLY E 361 37.27 20.08 59.45
N PHE E 362 38.08 19.08 59.79
CA PHE E 362 37.66 17.68 59.74
C PHE E 362 37.91 17.03 61.09
N ILE E 363 37.06 16.06 61.42
CA ILE E 363 37.16 15.30 62.66
C ILE E 363 37.20 13.82 62.29
N GLN E 364 38.15 13.09 62.86
CA GLN E 364 38.33 11.67 62.55
C GLN E 364 37.71 10.84 63.66
N ASN E 365 36.75 9.99 63.29
CA ASN E 365 36.13 9.06 64.22
C ASN E 365 36.67 7.64 64.11
N GLY E 366 37.45 7.34 63.07
CA GLY E 366 37.98 6.02 62.88
C GLY E 366 39.31 5.81 63.59
N PRO E 367 39.88 4.62 63.46
CA PRO E 367 41.16 4.33 64.13
C PRO E 367 42.30 5.11 63.51
N GLU E 368 43.30 5.41 64.34
CA GLU E 368 44.49 6.07 63.85
C GLU E 368 45.18 5.19 62.81
N GLU E 369 45.54 5.79 61.68
CA GLU E 369 46.14 5.03 60.58
C GLU E 369 46.99 5.96 59.74
N GLU E 370 48.13 5.43 59.28
CA GLU E 370 49.01 6.19 58.39
C GLU E 370 49.79 5.18 57.56
N ILE E 371 49.36 4.98 56.32
CA ILE E 371 50.00 4.04 55.40
C ILE E 371 50.68 4.86 54.31
N VAL E 372 52.00 4.74 54.21
CA VAL E 372 52.80 5.53 53.28
C VAL E 372 53.26 4.65 52.13
N VAL E 373 53.00 5.09 50.90
CA VAL E 373 53.43 4.37 49.70
C VAL E 373 54.09 5.37 48.77
N GLY E 374 55.31 5.05 48.33
CA GLY E 374 55.95 5.86 47.31
C GLY E 374 55.41 5.55 45.93
N VAL E 375 55.68 6.47 45.00
CA VAL E 375 55.23 6.33 43.62
C VAL E 375 56.32 6.83 42.69
N ILE E 376 56.47 6.15 41.56
CA ILE E 376 57.47 6.56 40.58
C ILE E 376 57.04 7.88 39.95
N ASP E 377 57.94 8.84 39.93
CA ASP E 377 57.61 10.14 39.38
C ASP E 377 57.32 10.00 37.88
N PRO E 378 56.14 10.40 37.41
CA PRO E 378 55.86 10.27 35.97
C PRO E 378 56.77 11.13 35.11
N SER E 379 57.36 12.18 35.65
CA SER E 379 58.22 13.04 34.86
C SER E 379 59.39 12.26 34.29
N GLU E 380 60.02 11.42 35.09
CA GLU E 380 61.12 10.59 34.61
C GLU E 380 60.58 9.44 33.76
N ASN E 381 61.46 8.89 32.94
CA ASN E 381 61.14 7.75 32.09
C ASN E 381 61.73 6.48 32.68
N ILE E 382 61.09 5.34 32.38
CA ILE E 382 61.47 4.06 32.93
C ILE E 382 61.92 3.15 31.81
N GLN E 383 63.12 2.58 31.96
CA GLN E 383 63.65 1.59 31.04
C GLN E 383 63.85 0.27 31.78
N GLU E 384 63.74 -0.83 31.06
CA GLU E 384 63.77 -2.16 31.64
C GLU E 384 64.91 -2.97 31.04
N ILE E 385 65.57 -3.75 31.89
CA ILE E 385 66.63 -4.67 31.47
C ILE E 385 66.03 -6.06 31.43
N ASN E 386 65.78 -6.58 30.23
CA ASN E 386 65.06 -7.84 30.11
C ASN E 386 65.82 -9.00 30.75
N THR E 387 67.09 -9.16 30.39
CA THR E 387 67.88 -10.25 30.94
C THR E 387 68.16 -10.01 32.42
N ALA E 388 68.03 -11.06 33.22
CA ALA E 388 68.32 -10.96 34.64
C ALA E 388 69.83 -10.90 34.88
N ILE E 389 70.22 -10.32 36.00
CA ILE E 389 71.62 -10.21 36.40
C ILE E 389 72.01 -11.53 37.05
N SER E 390 72.92 -12.27 36.42
CA SER E 390 73.30 -13.59 36.94
C SER E 390 74.34 -13.46 38.03
N ASP E 391 75.56 -13.06 37.68
CA ASP E 391 76.63 -12.89 38.65
C ASP E 391 77.40 -11.59 38.41
N ASN E 392 77.11 -10.91 37.31
CA ASN E 392 77.77 -9.66 36.99
C ASN E 392 77.09 -9.04 35.78
N TYR E 393 77.00 -7.72 35.78
CA TYR E 393 76.37 -7.01 34.67
C TYR E 393 76.95 -5.61 34.56
N THR E 394 77.03 -5.12 33.32
CA THR E 394 77.49 -3.77 33.02
C THR E 394 76.48 -3.17 32.06
N TYR E 395 75.47 -2.50 32.61
CA TYR E 395 74.40 -1.91 31.80
C TYR E 395 74.83 -0.54 31.29
N ASN E 396 74.77 -0.35 29.98
CA ASN E 396 75.12 0.93 29.37
C ASN E 396 73.90 1.85 29.42
N ILE E 397 74.09 3.04 29.99
CA ILE E 397 72.96 3.97 30.12
C ILE E 397 72.48 4.39 28.73
N PRO E 398 71.17 4.31 28.44
CA PRO E 398 70.64 4.69 27.13
C PRO E 398 70.57 6.20 26.95
N ASN E 402 69.34 11.74 26.61
CA ASN E 402 68.52 11.86 27.81
C ASN E 402 69.01 13.01 28.69
N ASN E 403 70.06 12.73 29.47
CA ASN E 403 70.64 13.71 30.38
C ASN E 403 69.62 14.16 31.44
N ASN E 404 68.63 13.32 31.71
CA ASN E 404 67.60 13.60 32.70
C ASN E 404 67.45 12.39 33.61
N PRO E 405 66.93 12.59 34.82
CA PRO E 405 66.78 11.45 35.73
C PRO E 405 65.81 10.42 35.19
N PHE E 406 66.07 9.15 35.50
CA PHE E 406 65.27 8.07 34.96
C PHE E 406 65.32 6.86 35.89
N TYR E 407 64.52 5.86 35.56
CA TYR E 407 64.40 4.63 36.34
C TYR E 407 64.86 3.44 35.51
N ILE E 408 65.53 2.50 36.16
CA ILE E 408 65.93 1.24 35.55
C ILE E 408 65.28 0.12 36.35
N LEU E 409 64.50 -0.71 35.68
CA LEU E 409 63.76 -1.79 36.32
C LEU E 409 64.44 -3.12 36.03
N PHE E 410 64.71 -3.90 37.08
CA PHE E 410 65.46 -5.15 36.91
C PHE E 410 65.01 -6.15 37.95
N THR E 411 65.35 -7.42 37.71
CA THR E 411 65.08 -8.50 38.63
C THR E 411 66.31 -9.38 38.75
N VAL E 412 66.41 -10.09 39.87
CA VAL E 412 67.56 -10.92 40.19
C VAL E 412 67.21 -12.37 39.87
N ASN E 413 68.08 -13.03 39.13
CA ASN E 413 67.87 -14.43 38.77
C ASN E 413 68.18 -15.38 39.92
N THR E 414 68.81 -14.91 40.99
CA THR E 414 69.11 -15.75 42.13
C THR E 414 69.23 -14.87 43.37
N THR E 415 68.70 -15.35 44.49
CA THR E 415 68.77 -14.58 45.73
C THR E 415 70.20 -14.49 46.22
N GLY E 416 70.57 -13.31 46.71
CA GLY E 416 71.90 -13.09 47.22
C GLY E 416 72.18 -11.62 47.40
N ILE E 417 73.31 -11.34 48.03
CA ILE E 417 73.74 -9.97 48.28
C ILE E 417 74.53 -9.49 47.08
N TYR E 418 74.11 -8.38 46.49
CA TYR E 418 74.74 -7.80 45.31
C TYR E 418 75.43 -6.50 45.69
N LYS E 419 76.09 -5.88 44.70
CA LYS E 419 76.78 -4.61 44.88
C LYS E 419 76.55 -3.76 43.65
N ILE E 420 75.80 -2.67 43.81
CA ILE E 420 75.41 -1.80 42.71
C ILE E 420 76.21 -0.51 42.80
N ASN E 421 76.80 -0.10 41.69
CA ASN E 421 77.56 1.13 41.62
C ASN E 421 77.81 1.48 40.16
N ALA E 422 77.73 2.76 39.83
CA ALA E 422 77.96 3.22 38.47
C ALA E 422 79.45 3.44 38.25
N GLN E 423 79.81 3.85 37.03
CA GLN E 423 81.20 4.09 36.71
C GLN E 423 81.79 5.15 37.63
N ASN E 424 82.96 4.86 38.19
CA ASN E 424 83.67 5.74 39.11
C ASN E 424 82.89 6.02 40.38
N ASN E 425 81.77 5.31 40.61
CA ASN E 425 80.94 5.50 41.81
C ASN E 425 80.54 6.96 41.98
N LEU E 426 80.56 7.72 40.89
CA LEU E 426 80.28 9.14 40.97
C LEU E 426 78.80 9.41 41.22
N PRO E 427 77.90 8.99 40.30
CA PRO E 427 76.49 9.31 40.48
C PRO E 427 75.77 8.36 41.42
N SER E 428 75.84 8.63 42.72
CA SER E 428 75.18 7.78 43.71
C SER E 428 73.74 7.52 43.31
N LEU E 429 73.37 6.24 43.24
CA LEU E 429 72.06 5.82 42.79
C LEU E 429 71.21 5.33 43.96
N LYS E 430 69.89 5.35 43.75
CA LYS E 430 68.93 4.89 44.73
C LYS E 430 68.22 3.66 44.21
N ILE E 431 68.08 2.64 45.06
CA ILE E 431 67.50 1.36 44.68
C ILE E 431 66.24 1.14 45.51
N TYR E 432 65.13 0.86 44.83
CA TYR E 432 63.85 0.58 45.48
C TYR E 432 63.39 -0.83 45.12
N GLU E 433 62.25 -1.22 45.69
CA GLU E 433 61.60 -2.48 45.40
C GLU E 433 60.13 -2.22 45.10
N ALA E 434 59.64 -2.82 44.03
CA ALA E 434 58.22 -2.70 43.69
C ALA E 434 57.39 -3.62 44.57
N ILE E 435 56.27 -3.12 45.05
CA ILE E 435 55.40 -3.90 45.92
C ILE E 435 54.45 -4.74 45.08
N GLY E 436 54.22 -5.97 45.50
CA GLY E 436 53.33 -6.88 44.80
C GLY E 436 53.98 -7.74 43.74
N SER E 437 55.25 -7.51 43.43
CA SER E 437 55.93 -8.31 42.42
C SER E 437 56.28 -9.69 42.98
N GLY E 438 56.38 -10.66 42.09
CA GLY E 438 56.75 -12.01 42.47
C GLY E 438 55.61 -12.93 42.81
N ASN E 439 54.39 -12.57 42.45
CA ASN E 439 53.24 -13.44 42.69
C ASN E 439 52.47 -13.68 41.39
N ARG E 440 52.54 -12.71 40.49
CA ARG E 440 51.84 -12.77 39.21
C ARG E 440 52.77 -13.38 38.16
N ASN E 441 52.44 -13.19 36.88
CA ASN E 441 53.15 -13.83 35.76
C ASN E 441 54.65 -13.96 35.97
N PHE E 442 55.16 -15.17 35.73
CA PHE E 442 56.57 -15.50 35.88
C PHE E 442 57.17 -15.97 34.57
N GLN E 443 58.46 -15.68 34.37
CA GLN E 443 59.18 -16.16 33.21
C GLN E 443 60.66 -16.25 33.54
N SER E 444 61.22 -17.46 33.47
CA SER E 444 62.64 -17.63 33.76
C SER E 444 63.48 -16.89 32.73
N GLY E 445 64.49 -16.18 33.22
CA GLY E 445 65.40 -15.47 32.34
C GLY E 445 64.81 -14.25 31.67
N ASN E 446 63.74 -13.68 32.20
CA ASN E 446 63.15 -12.49 31.62
C ASN E 446 62.48 -11.69 32.71
N LEU E 447 62.28 -10.40 32.44
CA LEU E 447 61.62 -9.49 33.37
C LEU E 447 60.16 -9.33 32.96
N CYS E 448 59.25 -9.71 33.85
CA CYS E 448 57.82 -9.60 33.61
C CYS E 448 57.32 -8.35 34.31
N ASP E 449 56.96 -7.33 33.52
CA ASP E 449 56.51 -6.06 34.07
C ASP E 449 55.04 -6.15 34.44
N ASP E 450 54.76 -6.06 35.75
CA ASP E 450 53.39 -6.05 36.24
C ASP E 450 52.80 -4.65 36.31
N ASP E 451 53.54 -3.63 35.88
CA ASP E 451 53.12 -2.24 35.90
C ASP E 451 53.06 -1.66 37.31
N ILE E 452 53.53 -2.40 38.32
CA ILE E 452 53.47 -1.90 39.69
C ILE E 452 54.36 -0.68 39.82
N LYS E 453 53.84 0.35 40.49
CA LYS E 453 54.59 1.59 40.71
C LYS E 453 54.59 2.00 42.18
N ALA E 454 54.29 1.08 43.09
CA ALA E 454 54.27 1.37 44.52
C ALA E 454 55.67 1.17 45.07
N ILE E 455 56.53 2.16 44.80
CA ILE E 455 57.91 2.10 45.24
C ILE E 455 57.98 2.17 46.76
N ASN E 456 58.96 1.45 47.32
CA ASN E 456 59.26 1.50 48.74
C ASN E 456 60.77 1.67 48.90
N TYR E 457 61.18 2.64 49.72
CA TYR E 457 62.59 2.97 49.84
C TYR E 457 63.36 1.84 50.52
N ILE E 458 64.62 1.68 50.10
CA ILE E 458 65.52 0.69 50.68
C ILE E 458 66.77 1.37 51.17
N THR E 459 67.53 1.98 50.26
CA THR E 459 68.76 2.68 50.62
C THR E 459 69.29 3.47 49.43
N GLY E 460 69.98 4.56 49.72
CA GLY E 460 70.55 5.40 48.67
C GLY E 460 70.60 6.84 49.12
N PHE E 461 71.09 7.68 48.21
CA PHE E 461 71.26 9.10 48.49
C PHE E 461 70.77 9.93 47.32
N ASP E 462 70.45 11.19 47.60
CA ASP E 462 70.00 12.14 46.59
C ASP E 462 71.01 13.28 46.39
N SER E 463 72.29 13.02 46.65
CA SER E 463 73.34 14.02 46.49
C SER E 463 74.25 13.62 45.35
N PRO E 464 74.11 14.21 44.17
CA PRO E 464 74.97 13.81 43.05
C PRO E 464 76.45 14.03 43.32
N ASN E 465 76.81 15.04 44.11
CA ASN E 465 78.22 15.30 44.37
C ASN E 465 78.88 14.13 45.09
N ALA E 466 78.19 13.56 46.08
CA ALA E 466 78.77 12.46 46.84
C ALA E 466 78.96 11.23 45.97
N LYS E 467 80.02 10.47 46.27
CA LYS E 467 80.34 9.24 45.57
C LYS E 467 80.16 8.06 46.53
N SER E 468 79.37 7.08 46.13
CA SER E 468 79.07 5.93 46.98
C SER E 468 78.62 4.78 46.11
N TYR E 469 78.58 3.59 46.72
CA TYR E 469 78.07 2.39 46.07
C TYR E 469 77.14 1.67 47.03
N LEU E 470 76.22 0.88 46.46
CA LEU E 470 75.16 0.25 47.21
C LEU E 470 75.43 -1.24 47.39
N VAL E 471 75.17 -1.73 48.60
CA VAL E 471 75.21 -3.16 48.91
C VAL E 471 73.86 -3.51 49.52
N VAL E 472 73.12 -4.42 48.86
CA VAL E 472 71.76 -4.72 49.25
C VAL E 472 71.43 -6.16 48.89
N LEU E 473 70.49 -6.73 49.63
CA LEU E 473 70.03 -8.10 49.42
C LEU E 473 68.83 -8.09 48.49
N LEU E 474 68.86 -8.94 47.47
CA LEU E 474 67.81 -9.03 46.48
C LEU E 474 67.14 -10.39 46.53
N ASN E 475 65.81 -10.39 46.53
CA ASN E 475 65.05 -11.63 46.45
C ASN E 475 64.86 -12.03 44.99
N LYS E 476 64.93 -13.33 44.71
CA LYS E 476 64.83 -13.80 43.34
C LYS E 476 63.48 -13.44 42.73
N ASP E 477 62.41 -13.62 43.48
CA ASP E 477 61.06 -13.37 42.98
C ASP E 477 60.57 -12.00 43.44
N LYS E 478 61.12 -10.97 42.78
CA LYS E 478 60.71 -9.60 43.05
C LYS E 478 61.41 -8.68 42.04
N ASN E 479 60.80 -7.53 41.80
CA ASN E 479 61.37 -6.53 40.91
C ASN E 479 61.90 -5.35 41.72
N TYR E 480 62.90 -4.69 41.17
CA TYR E 480 63.55 -3.57 41.84
C TYR E 480 63.78 -2.43 40.85
N TYR E 481 63.76 -1.21 41.38
CA TYR E 481 63.96 0.01 40.62
C TYR E 481 65.24 0.69 41.07
N ILE E 482 65.97 1.28 40.13
CA ILE E 482 67.14 2.09 40.42
C ILE E 482 66.91 3.47 39.79
N ARG E 483 67.06 4.52 40.59
CA ARG E 483 66.83 5.88 40.12
C ARG E 483 68.17 6.54 39.80
N VAL E 484 68.42 6.80 38.53
CA VAL E 484 69.60 7.54 38.10
C VAL E 484 69.24 9.02 38.10
N PRO E 485 69.97 9.86 38.84
CA PRO E 485 69.62 11.30 38.89
C PRO E 485 70.01 12.03 37.61
N GLN E 486 69.81 13.36 37.61
CA GLN E 486 70.11 14.19 36.44
C GLN E 486 71.63 14.44 36.38
N THR E 487 72.35 13.38 36.01
CA THR E 487 73.80 13.50 35.88
C THR E 487 74.18 14.51 34.80
N SER E 488 73.54 14.41 33.64
CA SER E 488 73.77 15.33 32.53
C SER E 488 75.26 15.41 32.19
N SER E 489 75.80 14.27 31.79
CA SER E 489 77.20 14.15 31.42
C SER E 489 77.27 13.50 30.04
N ASN E 490 78.50 13.20 29.60
CA ASN E 490 78.74 12.56 28.31
C ASN E 490 79.73 11.41 28.44
N ILE E 491 79.60 10.61 29.51
CA ILE E 491 80.47 9.47 29.73
C ILE E 491 79.65 8.19 29.74
N GLU E 492 78.33 8.32 29.85
CA GLU E 492 77.42 7.18 29.87
C GLU E 492 77.86 6.18 30.94
N ASN E 493 78.00 6.68 32.16
CA ASN E 493 78.45 5.85 33.27
C ASN E 493 77.66 4.55 33.33
N GLN E 494 78.35 3.43 33.15
CA GLN E 494 77.70 2.14 33.16
C GLN E 494 77.30 1.74 34.57
N ILE E 495 76.10 1.20 34.70
CA ILE E 495 75.63 0.67 35.98
C ILE E 495 76.21 -0.73 36.15
N LYS E 496 76.88 -0.96 37.28
CA LYS E 496 77.60 -2.20 37.54
C LYS E 496 76.89 -3.01 38.59
N PHE E 497 76.67 -4.30 38.30
CA PHE E 497 76.13 -5.26 39.24
C PHE E 497 77.13 -6.38 39.43
N LYS E 498 77.30 -6.83 40.68
CA LYS E 498 78.24 -7.90 40.98
C LYS E 498 77.78 -8.62 42.23
N ARG E 499 77.55 -9.92 42.12
CA ARG E 499 77.18 -10.71 43.28
C ARG E 499 78.31 -10.73 44.29
N GLU E 500 77.96 -10.85 45.56
CA GLU E 500 78.93 -10.84 46.65
C GLU E 500 78.64 -12.00 47.59
N GLU E 501 79.70 -12.71 47.99
CA GLU E 501 79.60 -13.79 48.95
C GLU E 501 80.60 -13.68 50.08
N GLY E 502 81.49 -12.70 50.03
CA GLY E 502 82.52 -12.52 51.05
C GLY E 502 82.06 -11.64 52.19
N ASP E 503 83.02 -10.97 52.83
CA ASP E 503 82.71 -10.12 53.97
C ASP E 503 81.76 -8.98 53.61
N LEU E 504 81.67 -8.62 52.33
CA LEU E 504 80.76 -7.56 51.92
C LEU E 504 79.31 -7.87 52.30
N ARG E 505 78.96 -9.15 52.42
CA ARG E 505 77.60 -9.51 52.83
C ARG E 505 77.27 -9.00 54.22
N ASN E 506 78.28 -8.73 55.05
CA ASN E 506 78.01 -8.21 56.38
C ASN E 506 77.30 -6.86 56.31
N LEU E 507 77.75 -5.97 55.42
CA LEU E 507 77.12 -4.67 55.22
C LEU E 507 75.97 -4.85 54.25
N MET E 508 74.86 -5.36 54.77
CA MET E 508 73.68 -5.69 53.97
C MET E 508 72.66 -4.57 54.07
N ASN E 509 72.13 -4.14 52.93
CA ASN E 509 71.10 -3.11 52.86
C ASN E 509 71.59 -1.81 53.52
N SER E 510 72.72 -1.33 53.02
CA SER E 510 73.31 -0.09 53.52
C SER E 510 74.31 0.43 52.49
N SER E 511 74.19 1.70 52.15
CA SER E 511 75.10 2.30 51.19
C SER E 511 76.49 2.46 51.81
N VAL E 512 77.48 2.64 50.94
CA VAL E 512 78.86 2.87 51.37
C VAL E 512 79.36 4.13 50.68
N ASN E 513 79.82 5.09 51.48
CA ASN E 513 80.37 6.36 50.97
C ASN E 513 81.89 6.29 50.88
N ILE E 514 82.42 6.47 49.68
CA ILE E 514 83.88 6.48 49.48
C ILE E 514 84.30 7.93 49.69
N ILE E 515 84.40 8.31 50.95
CA ILE E 515 84.73 9.70 51.30
C ILE E 515 86.14 10.10 50.88
N HIS E 524 87.13 17.89 59.12
CA HIS E 524 86.83 16.58 58.56
C HIS E 524 85.46 16.11 59.03
N TYR E 525 84.45 16.23 58.18
CA TYR E 525 83.09 15.80 58.55
C TYR E 525 82.25 15.56 57.31
N TYR E 526 81.37 14.56 57.35
CA TYR E 526 80.52 14.17 56.24
C TYR E 526 79.07 14.18 56.71
N THR E 527 78.21 14.90 55.99
CA THR E 527 76.79 14.99 56.30
C THR E 527 75.98 14.32 55.19
N ARG E 528 75.01 13.49 55.58
CA ARG E 528 74.18 12.77 54.63
C ARG E 528 72.76 12.70 55.16
N GLN E 529 71.88 12.07 54.39
CA GLN E 529 70.49 11.93 54.78
C GLN E 529 70.35 10.78 55.77
N SER E 530 69.86 11.09 56.97
CA SER E 530 69.83 10.10 58.03
C SER E 530 68.92 8.94 57.65
N PRO E 531 69.35 7.69 57.82
CA PRO E 531 68.44 6.56 57.59
C PRO E 531 67.37 6.48 58.67
N ASP E 532 66.28 5.80 58.32
CA ASP E 532 65.19 5.61 59.27
C ASP E 532 65.65 4.73 60.44
N VAL E 533 64.79 4.62 61.44
CA VAL E 533 65.09 3.78 62.59
C VAL E 533 65.41 2.36 62.13
N HIS E 534 66.31 1.70 62.85
CA HIS E 534 66.65 0.30 62.60
C HIS E 534 67.15 0.09 61.17
N ASP E 535 67.87 1.06 60.63
CA ASP E 535 68.53 0.95 59.34
C ASP E 535 70.03 0.95 59.55
N TYR E 536 70.77 0.91 58.44
CA TYR E 536 72.23 0.85 58.48
C TYR E 536 72.83 1.86 57.53
N ILE E 537 73.85 2.57 57.99
CA ILE E 537 74.67 3.45 57.18
C ILE E 537 76.12 3.03 57.31
N SER E 538 76.79 2.82 56.18
CA SER E 538 78.17 2.37 56.15
C SER E 538 79.03 3.46 55.52
N TYR E 539 80.15 3.76 56.17
CA TYR E 539 81.11 4.74 55.69
C TYR E 539 82.42 4.04 55.39
N GLU E 540 82.91 4.21 54.16
CA GLU E 540 84.12 3.53 53.71
C GLU E 540 85.23 4.55 53.51
N PHE E 541 86.30 4.44 54.30
CA PHE E 541 87.46 5.35 54.22
C PHE E 541 88.61 4.77 55.05
N ILE E 543 92.70 6.99 56.24
CA ILE E 543 93.87 7.22 57.13
C ILE E 543 94.98 7.89 56.31
N PRO E 544 95.09 9.23 56.25
CA PRO E 544 96.22 9.86 55.57
C PRO E 544 97.54 9.49 56.23
N GLY E 545 98.55 9.23 55.42
CA GLY E 545 99.86 8.84 55.92
C GLY E 545 100.38 7.58 55.28
N ASN E 546 101.69 7.42 55.25
CA ASN E 546 102.29 6.23 54.66
C ASN E 546 102.03 5.00 55.53
N PHE E 547 101.92 3.85 54.88
CA PHE E 547 101.68 2.59 55.56
C PHE E 547 103.02 2.02 56.04
N ASN E 548 103.29 2.13 57.34
CA ASN E 548 104.53 1.65 57.92
C ASN E 548 104.31 0.60 59.01
N ASN E 549 103.07 0.25 59.31
CA ASN E 549 102.78 -0.74 60.34
C ASN E 549 102.42 -2.09 59.71
N SER E 553 98.02 6.93 64.81
CA SER E 553 97.17 7.97 64.22
C SER E 553 95.78 7.95 64.87
N ASN E 554 95.72 8.36 66.13
CA ASN E 554 94.45 8.39 66.84
C ASN E 554 93.46 9.33 66.16
N ILE E 555 92.24 8.85 65.97
CA ILE E 555 91.17 9.62 65.36
C ILE E 555 89.90 9.41 66.17
N ARG E 556 89.13 10.47 66.34
CA ARG E 556 87.86 10.43 67.07
C ARG E 556 86.72 10.51 66.07
N LEU E 557 85.91 9.45 66.02
CA LEU E 557 84.73 9.39 65.17
C LEU E 557 83.49 9.51 66.04
N TYR E 558 82.62 10.46 65.70
CA TYR E 558 81.43 10.72 66.52
C TYR E 558 80.34 11.32 65.65
N THR E 559 79.16 11.46 66.24
CA THR E 559 77.97 11.97 65.55
C THR E 559 77.49 13.24 66.24
N SER E 560 77.06 14.22 65.43
CA SER E 560 76.65 15.51 65.98
C SER E 560 75.46 15.36 66.91
N TYR E 561 74.32 14.93 66.37
CA TYR E 561 73.08 14.85 67.12
C TYR E 561 72.41 13.48 67.04
N ASN E 562 72.45 12.82 65.89
CA ASN E 562 71.75 11.56 65.73
C ASN E 562 72.34 10.49 66.65
N GLN E 563 71.46 9.72 67.28
CA GLN E 563 71.89 8.66 68.18
C GLN E 563 72.30 7.42 67.41
N ILE E 565 73.87 2.79 67.52
CA ILE E 565 75.10 2.05 67.81
C ILE E 565 76.11 2.28 66.69
N GLY E 566 77.03 1.35 66.52
CA GLY E 566 78.04 1.48 65.48
C GLY E 566 78.88 0.22 65.40
N THR E 567 79.57 0.09 64.27
CA THR E 567 80.44 -1.05 64.03
C THR E 567 81.60 -0.58 63.16
N LEU E 568 82.81 -0.63 63.71
CA LEU E 568 84.03 -0.20 63.01
C LEU E 568 84.68 -1.43 62.38
N PHE E 569 84.68 -1.48 61.05
CA PHE E 569 85.24 -2.61 60.31
C PHE E 569 86.68 -2.26 59.93
N ARG E 570 87.63 -2.93 60.57
CA ARG E 570 89.06 -2.74 60.27
C ARG E 570 89.42 -3.67 59.13
N VAL E 571 89.41 -3.13 57.91
CA VAL E 571 89.73 -3.91 56.72
C VAL E 571 91.24 -4.03 56.57
N TYR E 578 88.88 -9.53 49.57
CA TYR E 578 88.33 -8.36 50.23
C TYR E 578 87.68 -8.73 51.56
N ASN E 579 88.34 -9.61 52.31
CA ASN E 579 87.82 -10.06 53.60
C ASN E 579 88.18 -9.05 54.67
N LEU E 580 87.20 -8.24 55.09
CA LEU E 580 87.42 -7.23 56.10
C LEU E 580 87.34 -7.85 57.50
N ILE E 581 87.74 -7.06 58.50
CA ILE E 581 87.74 -7.49 59.89
C ILE E 581 87.07 -6.42 60.74
N ASN E 582 86.59 -6.84 61.91
CA ASN E 582 85.94 -5.95 62.84
C ASN E 582 86.95 -5.34 63.80
N ILE E 583 86.64 -4.13 64.27
CA ILE E 583 87.51 -3.41 65.19
C ILE E 583 86.74 -3.10 66.47
N GLN E 584 85.66 -2.35 66.34
CA GLN E 584 84.85 -1.93 67.49
C GLN E 584 83.38 -2.09 67.17
N GLN E 585 82.57 -2.22 68.22
CA GLN E 585 81.14 -2.39 68.07
C GLN E 585 80.43 -1.77 69.27
N ASN E 586 79.15 -1.47 69.08
CA ASN E 586 78.31 -0.89 70.12
C ASN E 586 78.91 0.40 70.66
N LEU E 587 79.08 1.37 69.76
CA LEU E 587 79.64 2.67 70.07
C LEU E 587 78.57 3.74 69.88
N ASN E 588 78.34 4.53 70.92
CA ASN E 588 77.37 5.63 70.87
C ASN E 588 78.00 6.76 70.06
N LEU E 589 77.68 6.80 68.77
CA LEU E 589 78.27 7.80 67.89
C LEU E 589 77.90 9.21 68.34
N LEU E 590 76.65 9.41 68.72
CA LEU E 590 76.22 10.73 69.19
C LEU E 590 76.99 11.11 70.45
N ASN E 591 77.63 12.27 70.41
CA ASN E 591 78.43 12.76 71.54
C ASN E 591 79.52 11.75 71.91
N SER E 592 80.01 11.01 70.93
CA SER E 592 81.04 10.02 71.18
C SER E 592 82.36 10.71 71.51
N THR E 593 83.03 10.21 72.55
CA THR E 593 84.32 10.76 72.97
C THR E 593 85.47 9.79 72.78
N LYS E 594 85.20 8.51 72.56
CA LYS E 594 86.27 7.53 72.40
C LYS E 594 87.03 7.77 71.11
N SER E 595 88.33 7.53 71.15
CA SER E 595 89.20 7.64 69.98
C SER E 595 89.87 6.30 69.70
N ILE E 596 90.13 6.03 68.43
CA ILE E 596 90.70 4.77 68.00
C ILE E 596 91.96 5.05 67.17
N ARG E 597 92.99 4.25 67.37
CA ARG E 597 94.24 4.38 66.62
C ARG E 597 94.20 3.42 65.45
N LEU E 598 94.26 3.96 64.24
CA LEU E 598 94.22 3.18 63.01
C LEU E 598 95.50 3.41 62.22
N LEU E 599 96.09 2.32 61.72
CA LEU E 599 97.31 2.42 60.95
C LEU E 599 97.07 3.24 59.68
N ASN E 600 97.99 4.17 59.41
CA ASN E 600 97.87 5.01 58.23
C ASN E 600 97.98 4.17 56.97
N GLY E 601 97.27 4.59 55.92
CA GLY E 601 97.30 3.88 54.66
C GLY E 601 96.51 2.59 54.65
N ALA E 602 95.56 2.42 55.57
CA ALA E 602 94.73 1.23 55.63
C ALA E 602 93.27 1.62 55.48
N ILE E 603 92.55 0.86 54.66
CA ILE E 603 91.14 1.14 54.39
C ILE E 603 90.30 0.58 55.53
N TYR E 604 89.37 1.40 56.03
CA TYR E 604 88.46 1.00 57.09
C TYR E 604 87.04 1.26 56.64
N ILE E 605 86.10 0.51 57.24
CA ILE E 605 84.67 0.66 56.96
C ILE E 605 83.97 0.92 58.29
N LEU E 606 83.13 1.94 58.32
CA LEU E 606 82.40 2.33 59.52
C LEU E 606 80.92 1.99 59.32
N LYS E 607 80.54 0.79 59.71
CA LYS E 607 79.14 0.38 59.64
C LYS E 607 78.41 0.90 60.87
N VAL E 608 77.36 1.70 60.64
CA VAL E 608 76.62 2.36 61.70
C VAL E 608 75.13 2.13 61.47
N GLU E 609 74.41 1.80 62.53
CA GLU E 609 72.98 1.57 62.49
C GLU E 609 72.27 2.66 63.29
N VAL E 610 71.29 3.31 62.67
CA VAL E 610 70.56 4.38 63.34
C VAL E 610 69.67 3.77 64.42
N THR E 611 69.87 4.20 65.66
CA THR E 611 69.10 3.68 66.79
C THR E 611 67.95 4.62 67.17
N GLU E 612 68.16 5.93 67.07
CA GLU E 612 67.12 6.90 67.40
C GLU E 612 67.34 8.12 66.52
N LEU E 613 66.39 8.39 65.62
CA LEU E 613 66.51 9.50 64.69
C LEU E 613 66.11 10.78 65.40
N ASN E 614 67.06 11.68 65.62
CA ASN E 614 66.81 12.96 66.25
C ASN E 614 66.97 14.14 65.29
N ASN E 615 67.46 13.91 64.07
CA ASN E 615 67.61 14.97 63.09
C ASN E 615 67.41 14.40 61.70
N TYR E 616 66.96 15.26 60.78
CA TYR E 616 66.74 14.82 59.41
C TYR E 616 68.04 14.38 58.75
N ASN E 617 69.13 15.12 58.99
CA ASN E 617 70.43 14.81 58.43
C ASN E 617 71.36 14.28 59.52
N ILE E 618 72.21 13.33 59.13
CA ILE E 618 73.18 12.72 60.04
C ILE E 618 74.57 13.18 59.62
N LYS E 619 75.30 13.75 60.56
CA LYS E 619 76.64 14.26 60.33
C LYS E 619 77.64 13.46 61.16
N LEU E 620 78.69 12.96 60.51
CA LEU E 620 79.75 12.21 61.17
C LEU E 620 81.02 13.05 61.14
N HIS E 621 81.61 13.24 62.33
CA HIS E 621 82.84 13.99 62.50
C HIS E 621 83.97 13.01 62.79
N ILE E 622 85.06 13.15 62.05
CA ILE E 622 86.26 12.33 62.24
C ILE E 622 87.40 13.26 62.64
N ASP E 623 87.97 13.02 63.81
CA ASP E 623 89.06 13.84 64.31
C ASP E 623 90.40 13.32 63.81
#